data_9C4G
#
_entry.id   9C4G
#
_cell.length_a   1.00
_cell.length_b   1.00
_cell.length_c   1.00
_cell.angle_alpha   90.00
_cell.angle_beta   90.00
_cell.angle_gamma   90.00
#
_symmetry.space_group_name_H-M   'P 1'
#
loop_
_entity.id
_entity.type
_entity.pdbx_description
1 polymer '50S ribosomal protein L2'
2 polymer '50S ribosomal protein L3'
3 polymer '50S ribosomal protein L4'
4 polymer '50S ribosomal protein L5'
5 polymer '50S ribosomal protein L6'
6 polymer '50S ribosomal protein L13'
7 polymer '50S ribosomal protein L14'
8 polymer '50S ribosomal protein L15'
9 polymer '50S ribosomal protein L16'
10 polymer 'Large ribosomal subunit protein bL17'
11 polymer '50S ribosomal protein L18'
12 polymer '50S ribosomal protein L19'
13 polymer '50S ribosomal protein L20'
14 polymer 'Large ribosomal subunit protein bL21'
15 polymer '50S ribosomal protein L22'
16 polymer '50S ribosomal protein L23'
17 polymer 'Large ribosomal subunit protein uL24'
18 polymer '50S ribosomal protein L25'
19 polymer '50S ribosomal protein L27'
20 polymer '50S ribosomal protein L28'
21 polymer '50S ribosomal protein L29'
22 polymer '50S ribosomal protein L30'
23 polymer '50S ribosomal protein L32'
24 polymer '50S ribosomal protein L33'
25 polymer '50S ribosomal protein L34'
26 polymer 'Large ribosomal subunit protein bL35'
27 polymer '50S ribosomal protein L31'
28 polymer '23S rRNA'
29 polymer '5S rRNA'
30 polymer '50S ribosomal protein bL37'
31 polymer '50S ribosomal protein L36'
32 non-polymer 'MAGNESIUM ION'
33 non-polymer 'ZINC ION'
34 non-polymer CLINDAMYCIN
35 water water
#
loop_
_entity_poly.entity_id
_entity_poly.type
_entity_poly.pdbx_seq_one_letter_code
_entity_poly.pdbx_strand_id
1 'polypeptide(L)'
;MGIRKYKPTTPGRRGSSVSDFVELTRSTPEKSLLVAKPKTGGRNNTGRITTRHIGGGHKQAYRIIDFKRYDKDGVPAKVA
HIEYDPNRTARIALLHYADGEKRYIIAPDGVGQGTVVVSGPEADIKPGNNLPLRNIPVGTTVHAVELRPGGGAKMGRSAG
ASVQLVAREGKYATVRLPSGEMRMVDIRCRATIGEVGNAEQININWGKAGRNRWKGIRPTVRGVVMNPIDHPHGGGEGRT
SGGRHPVSPWGKPEGRTRNKKKASSRLIVRRRKSGKKR
;
c
2 'polypeptide(L)'
;MTNERTVKGVLGTKLGMTQLWDEHNRLVPVTVIQAGPCVVTQVRTPETDGYSAVQLGYGAVKAKNVTKPEAGHFEKAGVT
PRRHLVELRTADASEYTLGQEIAADVFSESDFVDVTGTSKGKGTAGVMKRHGFGGLRATHGVHRKHRSPGSIGGCSTPGK
VIKGLRMAGRMGVERVTVQNLQVHSVDAERGIMLVRGAVPGPKGSLLVVRSAAKKAAKNGDAA
;
d
3 'polypeptide(L)'
;MNETKTIDVLDVKGKKAGSAELPGDLFDVNTNIPLIHQVVVAQLAAARQGTHATKTRGQVSGGGKKPWRQKGTGRARQGS
TRAPQWVGGGTVHGPQPRSYAQRTPKKMVGAALRGALSDMARDNRIFVVTSLVDGDKPSTKQAKAVLSGLAELRKVLVVL
DRSDEIDWLSVRNLSEVHVLAADQLNTYDVVNARTIVFSQAGLDAFVGARSANTQALSAEPEVPETNVADQHPYGEDSFR
GDNPPAGFDIKGNEDSMKFHEPSSPWYGRTIAEVWFRSAAAAEAAGFVNAVKSDSEKEDAK
;
e
4 'polypeptide(L)'
;MSTDAIAHEMPRLKKQYREQIRAAMQEEFGYRNPMLIPGLEKIVVNMGVGDAAHDSKVMDGAIRDITAITGQKPQVTKAR
KSIAQFKLREGQPIGCHVTLRGDRMWEFADRLLTLALPRIRDFRGLNSNQFDGKGNYTFGLSEQVMFLEIDQDKIDRIRG
MDITFVTTAQTNEEGKALLKHLGFPFKAKDDPKKAKTKRGPAYYAKKKKK
;
f
5 'polypeptide(L)'
;MSRIGRLPIAVPSGVEVKLDGQYVEVKGPKGTLNFTVREPITVSKNDEGAILVERPDDERENRSLHGLTRTLINNMVIGV
TEGYEKKLEIQGVGYRVLSKGPKQLEFNLGFSHPVIVDAPEGITFAVENPTKFSVQGIDKQVVGETAANIRKIRKPEPYK
GKGVRYEGENVRRKVGKAGK
;
g
6 'polypeptide(L)'
;MTTYSPKAGEVQRKWYVIDAEDIVLGRLATTAANLLRGKHKPQYAPHIDTGDFVVVVNASKIALTGKKATDSLRYDHSGR
PGGLRVTSIGEMLAKNPRRAVERAVWGMMPKNKLSRQQLKKLKVYGGPEHPHAAQNPQPYEITQIAQ
;
i
7 'polypeptide(L)'
;MIQQETRLKVADNTGAKELLCIRVLGGSKRRYAYLGDTIVCTVKDAIPGGNVKKGEVVKAVVVRTVKSHRRPDGSYIKFD
ENAAVLLKGDGEPRGTRIFGPIARELREKKFMRIVSLAPEVI
;
j
8 'polypeptide(L)'
;MAIELHDLKPAPGAHKAKTRVGRGEGSKGKTAGRGTKGTGARKNVPEFFAGGQMPIHMQAPKLGGFHNPFRTEYQVVNLD
KVEALFPKGGKITVDDLVSVGAVRDNELVKVLGTGELTVKVDLVVDAWSKSAQEKIEKAGGSVTKR
;
k
9 'polypeptide(L)'
;MLIPRRVKYRKQHHPKRTGAAKGGTQLAFGDYGIQATEGGYLTNRQIEAARIAMTRYIKRGGKVWINVYPDRPMTKHPAE
SRMGSGKGTPEWWIANIKPGRVLFELSGVPEDVAREAMRLAIHKLPMKARFISREGGDN
;
l
10 'polypeptide(L)'
;MPKPTKGPRLGGSPAHERIILRNLASQLFEHGRVVTTVTKAKRVRPLAEKLINRAKTDTVANRRFVNRTITDRGIVHILF
TEIGPRMEGRDGGYTRVTRIGIRKGDNAPMAVIEVISDKVAPKAPASAADAKAQINTATEAKDAEPEAGDAAVEHNAPAE
DAAAQAPVADEQEAAEADEKAEEKPEA
;
m
11 'polypeptide(L)'
;MASTLTVRKSLSDRAKARARRQARGRKKIFGTVERPRMVVTRSSKHVFVQVIDDVAGNTLVSASTMEAELREMSGDKTAK
AARVGTIIGERAKAAGITKVVFDKAGNQYHGRIAALADAAREAGLDF
;
n
12 'polypeptide(L)'
;MSNIIDEIDKASMRDDIPEFRPGDSVKVHVKVVEGSRTRVQVFSGIVISRTGGGVQESFTVRKLSFGTGVERTFPLHSPI
IDKIEVDRHGAVRRAKLYYLRGRRGKAAKIKERGSAR
;
o
13 'polypeptide(L)'
;MARVKRSVNAKKKRREVLDQASGYRGQRSRLYRKAKEQTLHSATYSFRDRRAKKGDFRSLWIQRINAASRAQGMTYNRFI
NGLKNAGVEVDRKMLAELAVSDINAFNSLVEVAKASQPQNAAA
;
p
14 'polypeptide(L)'
;MYAIVRSGGRQHKVAVGDVVEIDKVADEAGSSIELTPLLVVDGESVTSDKDALGKVKVTAEVLGETKGPKIRILKYKNKT
GYKKRQGHRQKYTQVKVTGIEG
;
q
15 'polypeptide(L)'
;MSKTERPSRRAALLGDRPGSYAIARHVRMSASKCRRVINLVRGMDAVDAVTMLKFQPQAAAEPIRKVIASAMANAEQTEG
LRADDLYISQAFVDEGITMRRIRPRAKGSASRILKRSAHITVVVEPKEARQARKKAKSGRPAAAAKSETEKGA
;
r
16 'polypeptide(L)'
;MSELKIRDPRDIILAPVVSEKSYGLLDQNTYTFVVKPTANKTEIKIAIEQIFGVKVTSVNTMNRKGKVRRTRTGVGKRPD
TKRAIVTVAEGDRIDIFTGPVA
;
s
17 'polypeptide(L)'
;MKSLKIKKGDRVKVIAGNDKGAIGEVLSVDPARERVVVEGVNIRKHHRRDMPTPQGGTTKGGIISSEAPIHVSNVQLVTK
IDGKDVVTRVGYRRVDVTKRRPDGSEYAAQRSVRYLKKEEAK
;
t
18 'polypeptide(L)'
;MADIIHLKAEQRTEFGKGAARRIRRDDKVPAVMYGHDHDPIHVTLDGHATLLALRTENPLLSIEIEGQKPMLALPKDVQR
DVLKGFVRHVDLLTVRRGEKVDVNVALRITGESAPGTIAMTEFNEIEVQADLLNIPEVIEIDVTGLEAGTTIYLGDLKLP
EGTSLLGDAEDVAATVAFPETEPVEDEESAGEDAQGESEEKAAKE
;
u
19 'polypeptide(L)'
;MAHKKGASSSRNGRDSNAQRLGVKRFGGQLVNAGEIIVRQRGTHFHPGDGVGRGGDDTLFALRDGNVEFGTRRGRRVVNV
TPVEAPVEA
;
v
20 'polypeptide(L)' MAAVCDICAKRPGFGHNVPWSKKKTNRRWSPNIQRVRVVENGTHKRMNVCTSCLKAGRVSR w
21 'polypeptide(L)' MPKLSAAELRQLSGEELRNKVRELKEELFGLRFQSATGQLENTARLREVRKDIARVYTVLQERNLNIVDDPDSTKEA x
22 'polypeptide(L)' MSKLKITQIKSGIATKPNHRETLRSLGLKRIGDTVIKEDRPEFRGMVRTVRHLVTMEEVD y
23 'polypeptide(L)' MAVPKRKMSRSNTRHRRSQWKTVATKLVTCANPACGEKHLPHTACPSCGGYGPRGDRRQVVEA z
24 'polypeptide(L)' MAKKSGDVRPKITLACTECKERNYITKKNRRNNPDRMEMAKFCPRCRKHTAHRETR 0
25 'polypeptide(L)' MKRTFQPSNRRRARNHGFRSRMSTRAGRSILAARRRKGRVNLSA 1
26 'polypeptide(L)' MPKMKSHSGTKKRFKVTGSGKVTARKAGKRHLNEHKSSRVTRRLTGETVLSKGEAAKVKKLLAGHPGR 2
27 'polypeptide(L)' MKQGIHPDYRETTVVCTCGNTFTTRSTSQSGTLNADVCSKCHPFYTGKQKILDAGGRVARFERRYGKKN 4
28 'polyribonucleotide'
;GCAAAGUUGUGUAGUGCGAUCGGUGGAUGCCUUGGCACCAAGAGCCGAUGAAGGACGUUGUGACCUGCGAUAAGCCCUGG
GGAGUUGGUGAGCGAGCUGUGAUCCGGGGGUGUCCGAAUGGGGAAACCUGGAAUGUCCGGAGUAGUGUCCGGUGGCCCUG
CCCUGAAUGUAUAGGGGUGUGGGUGGUAACGCGGGGAAGUGAAACAUCUUAGUACCCGUAGGAAGAGAAAACAAGUGUGA
UUCCGUGAGUAGUGGCGAGCGAAAGCGGAGGAGGCUAAACCGUGUGUGUGUUCAAGCCGGCAGGUGUUGCAUGUGCGGGG
UUGUGGGGGCCUUGUGGUUCUGCUGCCGCAGGAUUGGCCAGUGAGAAAUGUUGCGUGAAGGUGAAGCGUCUGGGAAGGCG
UACCGGAGUGGGUGAGAGUCCUGUAACUGUAAGCGUGGCACUGGUGUGGGGUUGCCCCGAGUAGCGUGGGACUCGUGGAA
UUUCGCGUGAAUCUGGCGGGACCACCCGUCAAGCCUAAAUACUCCUUGGUGACCGAUAGUGGAUGAGUACCGUGAGGGAA
GGGUGAAAAGUACCCCGGGAGGGGAGUGAAAGAGUUCCUGAAACCGGUCGCAUGCAAGCCGUCAGAGCCUGUGUGGUGAU
GGCGUGCCUUUUGAAGAAUGAGCCUGCGAGUUAGUGAUGCGUGGCGAGGUUAACCCGUGGUGGGGGAGUCGUAGCGAAAG
CGAGUCCGAUAAGGGCGUGAGUCGCGUGUUCUAGACCCGAAGCGGUGUGAUCUAUCCAUGGCCAGGAUGAAGCGUCGGUA
AGACGUCGUGGAGGUCCGAACCCACUUCAGUUGAAAAUGGAGGGGAUGAGUUGUGGAUAGGGGUGAAAGGCCAAUCAAAC
ACCGUGAUAGCUGGUUCUCCCCGAAAUGCAUUUAGGUGCAGCGUUGCGUGGUUCUUGUUGGAGGUAGAGCACUGGAUGGU
CUAGGGGGCUUAUCGGCUUACCGAAAUCAGCCAAACUCCGAAUGCUGGCAAGUGUAGCGUGGCAGUGAGACGGCGGG
(PSU)GAUAAGCUUCGUCGUCGAGAGGGAAACAGCCCAGAUCAUCAGCUAAGGCCCCUAAGUGGUGACUCAGUGGGAAAG
GAUGUGGAGUUGCGUAGACAACCAGGAGGUUGGCUUGGAAGCAGCCAUCCUUGAAAGAGUGCGUAAUAGCUCACUGGUCA
AGUGAUUCCGCGCCGAUAAUGUAGCGGGGCUUAAGUUAUCCGCCGAAGCUGUGGCAACCUGUGUGGUUGGGUAGGGGAGC
GUCGUGUCAGUGGUGAAGCUGCCGGGUGACUGUGUGGUGGAGUUGAUGCGAGUGAGAAUGCAGGCAUGAGUAGCGUGUGA
CGGGUGGGAAUCCCGUCCGCCGAUUAUCCAAGGGUUCCAGGGUCAAGUUUGUCUGCCCUGGGUGAGUCGGGUCCUAAGGC
GAGGCCGACAGGCGUAGUCGAUGGGUAACCAGUUGAUAUUCUGGUACCGGCUUGUCACCGUCCGUGUCGAGGUGUGUGAU
GCUAAGCAUGUGAGCUUGUCUUGGGAGUGUUUUUGAUGCUUCUGGGGUGGGUGAGUGUGUGAACCGAUCAUGUAGUAGGC
AAGCUGCGGAGGGACGCAGUGAGGUAGCUCAUCCCCGGUGAUGGUUGUCCGGGGCUAAGUGUGUGGACUGUCUGGUAGGU
AAAUCCGCUGGGCGUGAAGGUUGAGGCAUGAUGGGGAGCCCAUGGUUGUGGGUGAGUGAGUGAUCCUGUACUGUCGAGAA
AAGCUUCGUGAGCGAGGUGGCGGGUCCGCCCGUACCCUAAACCGACACUGGUGGAUAGGUAGAGUAUACCGAGGCGAUCG
AGUGAAUCGUGGUGAAGGAACUCGGCAAAAUGCCCCCGUAACUUUGGGAUAAGGGGGACCUGAGCUGUCGUGCACCCGUG
CGGUGUGGUGGCGGUGAGGGGCGCAGAGUCCAGGGGGAAACGACUGUUUACCAAAAACACAGGUCCGUGCGAAGUCGUAA
GACGAUGUAUACGGACUGACUCCU(2MG)CCCGGUGCUGGAAGGUUAAGGGGAACUGUGAGUGUAUGCGUAGCGGUGAAC
UUAAGCCCCAGUAAACGGCGGUGG(PSU)AAC(3TD)A(PSU)AACCAUCCUAAGGUAGCGAAA(5MU)UCCUUGUCGGG
UAAGUUCCGAC(5MC)UGCACGAAUGGAGUAACGAUUUCCCUACUGUCUCCACCAUGAACUCGGUGAAAUUGCAUUACGA
GUAAAGAUGCUCGUUACGCGCAGCAGGACGGAAAGACCCCGGGACCUUUACUAUAGUUUGGUAUUGGUGAUUGGGACGGU
UUGUGUAGGAUAGGUGGGAGACGUUGAUGCGGCCACGCUAGUGGUGGUGGAGUCGUUGGUGAAAUACCACUCUGAUUGUU
CUGGUUAUCUCACUGUGGACCGUGAUCCGGUUCAAGGACAGUGCCUGAUGGGUAGUUUGACUG(OMG)GGCGGUCGCCUC
CUAAAGGGUAACGGAGGCGCCCAAAGGUUCCCUCAGCCUGGUUGGUAAUCAGGUGGUGAGUGUAAGUGCACAAGGGGGCU
UGACUGUGAGACUGACAGGUCGAGCAGGGACGAAAGUCGGGACUAGUGAUCUGACGGUGGCUUGUGGAUGCGCCGUCACU
CAACGGAUAAAAGGUACCCCG(2MG)GGA(H2U)AACAGGC(PSU)GAUCUUGCCCGAGCGCUCAUAGCGACGGCAUGGU
UUGGCA(OMC)CUCG(2MA)(PSU)GUCGGCUCGUCGCAUCCUGGGGCUGGAGUCGGUCCCAAGGGUUGGGC(OMU)GUU
CGCCCAUUAAAGCGGCACGCGAGC(PSU)GGGUUCAGAACGUCGUGAGACAG(PSU)(PSU)CGGUCCCUAUCCGCUGCG
CGCGGAGGAAUCUUGAGAAGGGCUGUCUUUAGUACGAGAGGACCGAGACGGACUGACCUCUGGUGUGCCAGUUGUUCUGC
CAAGAGCAUGGCUGGUUGGCUACGUCGGGUUGUGAUAACCGCUGAAAGCAUCUAAGCGGGAAGCACGCUUCAAGAUAAGG
GUUCCCACAGGAGUGUUCCUGGUAAGGUCCCCGAGAGAUGAUCGGGUUGAUAGGCCAGACGUGGACGCAUCGUAAGGUGU
GGAGCUGACUGGUACUAAUAGACCGAGGACUUUCAUUAACA
;
a
29 'polyribonucleotide'
;UUUCCGGUGGCCAUAGUGGAAGGGAAACACCCGGUCCCAUUCCGAACCCGGUCGUUAAGCCUUCCAACGCUGAUGGUACU
GCACGAGGGAUCGUGUGGGAGAGUAAGACGCUGCCGGAAU
;
b
30 'polypeptide(L)' MGKTGRKRRARRKKGANHGKRPNA V
31 'polypeptide(L)' MKVQPSVKKICDKCKVIRRHGRVMVICDNPRHKQRQG 3
#
# COMPACT_ATOMS: atom_id res chain seq x y z
N GLY A 2 -58.27 3.81 61.96
CA GLY A 2 -58.23 2.62 61.13
C GLY A 2 -57.52 2.87 59.82
N ILE A 3 -57.96 2.19 58.76
CA ILE A 3 -57.38 2.31 57.43
C ILE A 3 -58.52 2.44 56.43
N ARG A 4 -58.47 3.51 55.64
CA ARG A 4 -59.45 3.76 54.58
C ARG A 4 -58.83 3.36 53.24
N LYS A 5 -59.39 2.32 52.63
CA LYS A 5 -58.90 1.87 51.32
C LYS A 5 -59.43 2.79 50.22
N TYR A 6 -58.57 3.12 49.26
CA TYR A 6 -58.95 3.96 48.15
C TYR A 6 -59.62 3.13 47.06
N LYS A 7 -60.62 3.71 46.42
CA LYS A 7 -61.22 3.08 45.25
C LYS A 7 -60.31 3.26 44.03
N PRO A 8 -60.27 2.27 43.14
CA PRO A 8 -59.32 2.33 42.01
C PRO A 8 -59.79 3.23 40.88
N THR A 9 -60.02 4.50 41.20
CA THR A 9 -60.44 5.46 40.18
C THR A 9 -59.31 5.79 39.22
N THR A 10 -58.07 5.64 39.66
CA THR A 10 -56.89 5.90 38.85
C THR A 10 -55.85 4.83 39.16
N PRO A 11 -54.91 4.59 38.26
CA PRO A 11 -53.72 3.82 38.63
C PRO A 11 -52.88 4.61 39.63
N GLY A 12 -52.15 3.87 40.46
CA GLY A 12 -51.40 4.49 41.53
C GLY A 12 -52.30 4.76 42.72
N ARG A 13 -53.60 4.71 42.48
CA ARG A 13 -54.63 4.78 43.50
C ARG A 13 -55.35 3.45 43.69
N ARG A 14 -54.98 2.44 42.90
CA ARG A 14 -55.70 1.18 42.83
C ARG A 14 -55.71 0.43 44.15
N GLY A 15 -54.55 -0.03 44.60
CA GLY A 15 -54.43 -0.75 45.85
C GLY A 15 -54.06 0.07 47.04
N SER A 16 -54.06 1.40 46.93
CA SER A 16 -53.55 2.27 47.97
C SER A 16 -54.58 2.47 49.08
N SER A 17 -54.08 2.80 50.27
CA SER A 17 -54.92 3.06 51.42
C SER A 17 -54.28 4.17 52.25
N VAL A 18 -55.10 4.80 53.09
CA VAL A 18 -54.68 5.94 53.89
C VAL A 18 -55.16 5.70 55.31
N SER A 19 -54.72 6.54 56.24
CA SER A 19 -55.33 6.58 57.56
C SER A 19 -56.62 7.38 57.52
N ASP A 20 -57.57 6.98 58.37
CA ASP A 20 -58.81 7.73 58.48
C ASP A 20 -58.70 8.89 59.45
N PHE A 21 -57.63 8.94 60.25
CA PHE A 21 -57.36 10.04 61.17
C PHE A 21 -58.51 10.25 62.14
N VAL A 22 -58.99 9.15 62.73
CA VAL A 22 -60.15 9.23 63.61
C VAL A 22 -59.72 9.53 65.05
N GLU A 23 -58.45 9.28 65.39
CA GLU A 23 -58.00 9.63 66.73
C GLU A 23 -57.79 11.13 66.88
N LEU A 24 -57.63 11.85 65.77
CA LEU A 24 -57.24 13.25 65.82
C LEU A 24 -58.42 14.10 66.28
N THR A 25 -58.25 14.75 67.44
CA THR A 25 -59.24 15.69 67.94
C THR A 25 -58.98 17.11 67.48
N ARG A 26 -57.92 17.34 66.74
CA ARG A 26 -57.48 18.68 66.36
C ARG A 26 -56.66 18.58 65.08
N SER A 27 -56.92 19.50 64.16
CA SER A 27 -56.26 19.50 62.86
C SER A 27 -55.08 20.46 62.79
N THR A 28 -54.76 21.14 63.89
CA THR A 28 -53.68 22.10 63.95
C THR A 28 -52.83 21.83 65.18
N PRO A 29 -51.55 22.20 65.15
CA PRO A 29 -50.69 22.00 66.31
C PRO A 29 -50.69 23.22 67.25
N GLU A 30 -50.02 23.05 68.39
CA GLU A 30 -49.79 24.14 69.31
C GLU A 30 -48.60 24.96 68.84
N LYS A 31 -48.82 26.28 68.68
CA LYS A 31 -47.81 27.13 68.06
C LYS A 31 -46.54 27.24 68.90
N SER A 32 -46.69 27.29 70.22
CA SER A 32 -45.54 27.51 71.09
C SER A 32 -44.61 26.31 71.18
N LEU A 33 -45.04 25.13 70.70
CA LEU A 33 -44.24 23.92 70.78
C LEU A 33 -43.69 23.49 69.43
N LEU A 34 -43.68 24.39 68.45
CA LEU A 34 -43.22 24.10 67.10
C LEU A 34 -41.89 24.80 66.85
N VAL A 35 -41.02 24.13 66.11
CA VAL A 35 -39.79 24.75 65.61
C VAL A 35 -39.65 24.46 64.13
N ALA A 36 -38.90 25.31 63.44
CA ALA A 36 -38.63 25.10 62.03
C ALA A 36 -37.69 23.91 61.85
N LYS A 37 -37.97 23.09 60.84
CA LYS A 37 -37.20 21.89 60.55
C LYS A 37 -36.83 21.86 59.07
N PRO A 38 -35.85 22.67 58.66
CA PRO A 38 -35.41 22.61 57.26
C PRO A 38 -34.80 21.25 56.93
N LYS A 39 -35.00 20.84 55.69
CA LYS A 39 -34.51 19.53 55.25
C LYS A 39 -33.00 19.55 55.08
N THR A 40 -32.42 18.36 55.07
CA THR A 40 -30.99 18.19 54.91
C THR A 40 -30.59 17.53 53.59
N GLY A 41 -31.48 16.74 52.99
CA GLY A 41 -31.14 16.04 51.78
C GLY A 41 -30.23 14.85 51.99
N GLY A 42 -30.07 14.41 53.24
CA GLY A 42 -29.08 13.40 53.54
C GLY A 42 -27.65 13.88 53.45
N ARG A 43 -27.44 15.19 53.61
CA ARG A 43 -26.15 15.80 53.37
C ARG A 43 -25.46 16.11 54.70
N ASN A 44 -24.14 15.93 54.71
CA ASN A 44 -23.32 16.12 55.88
C ASN A 44 -23.11 17.60 56.16
N ASN A 45 -22.28 17.88 57.17
CA ASN A 45 -21.73 19.22 57.33
C ASN A 45 -20.51 19.43 56.44
N THR A 46 -20.02 18.37 55.80
CA THR A 46 -19.11 18.48 54.67
C THR A 46 -19.85 18.78 53.37
N GLY A 47 -21.18 18.78 53.40
CA GLY A 47 -22.00 19.02 52.24
C GLY A 47 -22.25 17.82 51.36
N ARG A 48 -21.69 16.66 51.69
CA ARG A 48 -21.78 15.47 50.86
C ARG A 48 -22.93 14.58 51.32
N ILE A 49 -23.45 13.79 50.38
CA ILE A 49 -24.50 12.82 50.70
C ILE A 49 -23.90 11.73 51.57
N THR A 50 -24.36 11.64 52.82
CA THR A 50 -23.95 10.58 53.71
C THR A 50 -25.01 9.51 53.90
N THR A 51 -26.28 9.85 53.69
CA THR A 51 -27.38 8.90 53.63
C THR A 51 -28.11 9.09 52.31
N ARG A 52 -28.19 8.04 51.51
CA ARG A 52 -28.81 8.12 50.20
C ARG A 52 -30.33 8.08 50.30
N HIS A 53 -30.97 8.49 49.20
CA HIS A 53 -32.43 8.40 49.02
C HIS A 53 -33.19 9.29 49.98
N ILE A 54 -32.65 10.48 50.27
CA ILE A 54 -33.32 11.49 51.06
C ILE A 54 -33.33 12.79 50.28
N GLY A 55 -34.50 13.40 50.13
CA GLY A 55 -34.60 14.65 49.41
C GLY A 55 -36.02 15.04 49.07
N GLY A 56 -36.32 16.32 49.16
CA GLY A 56 -37.64 16.79 48.84
C GLY A 56 -38.66 16.34 49.86
N GLY A 57 -39.92 16.33 49.42
CA GLY A 57 -41.03 15.97 50.27
C GLY A 57 -41.76 17.21 50.76
N HIS A 58 -42.78 16.95 51.57
CA HIS A 58 -43.56 18.03 52.16
C HIS A 58 -42.76 18.74 53.24
N LYS A 59 -42.92 20.05 53.31
CA LYS A 59 -42.36 20.83 54.41
C LYS A 59 -42.99 20.38 55.72
N GLN A 60 -42.15 20.21 56.74
CA GLN A 60 -42.59 19.74 58.05
C GLN A 60 -42.02 20.62 59.15
N ALA A 61 -42.87 21.02 60.08
CA ALA A 61 -42.43 21.69 61.30
C ALA A 61 -42.30 20.66 62.41
N TYR A 62 -41.30 20.82 63.26
CA TYR A 62 -41.02 19.86 64.31
C TYR A 62 -41.81 20.20 65.57
N ARG A 63 -42.40 19.17 66.16
CA ARG A 63 -43.12 19.30 67.43
C ARG A 63 -42.19 18.85 68.56
N ILE A 64 -41.98 19.72 69.54
CA ILE A 64 -41.11 19.39 70.66
C ILE A 64 -41.82 18.37 71.54
N ILE A 65 -41.24 17.18 71.66
CA ILE A 65 -41.83 16.08 72.40
C ILE A 65 -41.13 15.97 73.75
N ASP A 66 -41.92 15.89 74.82
CA ASP A 66 -41.39 15.73 76.17
C ASP A 66 -40.96 14.28 76.36
N PHE A 67 -39.67 14.01 76.15
CA PHE A 67 -39.14 12.67 76.32
C PHE A 67 -38.55 12.44 77.71
N LYS A 68 -38.50 13.47 78.57
CA LYS A 68 -38.00 13.31 79.92
C LYS A 68 -39.13 12.95 80.90
N ARG A 69 -40.13 13.83 81.01
CA ARG A 69 -41.34 13.64 81.79
C ARG A 69 -41.11 13.60 83.30
N TYR A 70 -39.86 13.64 83.75
CA TYR A 70 -39.58 13.53 85.17
C TYR A 70 -39.35 14.88 85.83
N ASP A 71 -39.41 15.98 85.09
CA ASP A 71 -39.34 17.30 85.67
C ASP A 71 -40.71 17.85 86.05
N LYS A 72 -41.78 17.13 85.73
CA LYS A 72 -43.13 17.45 86.18
C LYS A 72 -43.71 16.31 87.00
N ASP A 73 -42.90 15.76 87.90
CA ASP A 73 -43.37 14.72 88.80
C ASP A 73 -44.38 15.29 89.78
N GLY A 74 -45.53 14.63 89.90
CA GLY A 74 -46.56 15.06 90.82
C GLY A 74 -47.50 16.12 90.29
N VAL A 75 -47.20 16.72 89.14
CA VAL A 75 -48.10 17.68 88.51
C VAL A 75 -48.98 16.92 87.53
N PRO A 76 -50.27 16.75 87.81
CA PRO A 76 -51.13 16.02 86.87
C PRO A 76 -51.32 16.80 85.56
N ALA A 77 -51.44 16.05 84.48
CA ALA A 77 -51.62 16.64 83.16
C ALA A 77 -52.87 16.05 82.52
N LYS A 78 -53.73 16.92 82.00
CA LYS A 78 -54.92 16.51 81.27
C LYS A 78 -54.58 16.38 79.79
N VAL A 79 -54.98 15.28 79.17
CA VAL A 79 -54.73 15.11 77.74
C VAL A 79 -55.68 16.03 76.99
N ALA A 80 -55.17 17.20 76.60
CA ALA A 80 -56.01 18.18 75.92
C ALA A 80 -56.33 17.73 74.50
N HIS A 81 -55.36 17.21 73.77
CA HIS A 81 -55.62 16.89 72.37
C HIS A 81 -54.81 15.68 71.93
N ILE A 82 -55.27 15.04 70.87
CA ILE A 82 -54.50 14.06 70.12
C ILE A 82 -54.37 14.58 68.69
N GLU A 83 -53.14 14.67 68.19
CA GLU A 83 -52.94 15.27 66.88
C GLU A 83 -51.86 14.57 66.09
N TYR A 84 -51.84 14.91 64.81
CA TYR A 84 -50.92 14.36 63.82
C TYR A 84 -49.53 14.93 64.01
N ASP A 85 -48.53 14.06 63.98
CA ASP A 85 -47.13 14.47 63.97
C ASP A 85 -46.51 14.03 62.66
N PRO A 86 -46.13 14.95 61.77
CA PRO A 86 -45.44 14.53 60.53
C PRO A 86 -44.08 13.90 60.78
N ASN A 87 -43.49 14.13 61.94
CA ASN A 87 -42.12 13.72 62.22
C ASN A 87 -42.00 12.29 62.73
N ARG A 88 -43.13 11.63 62.99
CA ARG A 88 -43.10 10.26 63.49
C ARG A 88 -44.34 9.53 63.00
N THR A 89 -44.30 8.21 63.10
CA THR A 89 -45.43 7.38 62.70
C THR A 89 -46.53 7.33 63.74
N ALA A 90 -46.26 7.79 64.96
CA ALA A 90 -47.24 7.80 66.03
C ALA A 90 -47.94 9.15 66.11
N ARG A 91 -49.10 9.15 66.75
CA ARG A 91 -49.79 10.39 67.07
C ARG A 91 -49.23 10.96 68.35
N ILE A 92 -49.43 12.26 68.56
CA ILE A 92 -48.89 12.93 69.75
C ILE A 92 -50.04 13.48 70.58
N ALA A 93 -49.93 13.33 71.88
CA ALA A 93 -50.89 13.86 72.84
C ALA A 93 -50.38 15.19 73.39
N LEU A 94 -51.20 16.22 73.26
CA LEU A 94 -50.95 17.53 73.85
C LEU A 94 -51.57 17.54 75.24
N LEU A 95 -50.70 17.68 76.25
CA LEU A 95 -51.05 17.65 77.66
C LEU A 95 -51.06 19.07 78.21
N HIS A 96 -52.12 19.40 78.96
CA HIS A 96 -52.20 20.62 79.74
C HIS A 96 -51.87 20.26 81.19
N TYR A 97 -50.64 20.55 81.60
CA TYR A 97 -50.28 20.33 83.00
C TYR A 97 -51.05 21.28 83.89
N ALA A 98 -51.34 20.83 85.11
CA ALA A 98 -52.16 21.65 86.00
C ALA A 98 -51.37 22.73 86.70
N ASP A 99 -50.52 23.43 85.96
CA ASP A 99 -49.90 24.66 86.43
C ASP A 99 -49.71 25.68 85.31
N GLY A 100 -50.17 25.38 84.10
CA GLY A 100 -50.06 26.31 82.99
C GLY A 100 -49.12 25.87 81.89
N GLU A 101 -48.28 24.88 82.13
CA GLU A 101 -47.37 24.40 81.09
C GLU A 101 -48.08 23.41 80.17
N LYS A 102 -47.75 23.48 78.89
CA LYS A 102 -48.31 22.60 77.87
C LYS A 102 -47.17 21.82 77.23
N ARG A 103 -47.39 20.53 77.01
CA ARG A 103 -46.31 19.71 76.48
C ARG A 103 -46.85 18.66 75.52
N TYR A 104 -45.95 18.12 74.70
CA TYR A 104 -46.25 17.06 73.76
C TYR A 104 -45.61 15.77 74.22
N ILE A 105 -46.37 14.67 74.18
CA ILE A 105 -45.81 13.35 74.40
C ILE A 105 -46.30 12.45 73.28
N ILE A 106 -45.68 11.27 73.18
CA ILE A 106 -46.14 10.28 72.22
C ILE A 106 -47.44 9.67 72.75
N ALA A 107 -48.48 9.73 71.94
CA ALA A 107 -49.81 9.31 72.39
C ALA A 107 -49.86 7.80 72.59
N PRO A 108 -50.14 7.31 73.79
CA PRO A 108 -50.22 5.87 74.01
C PRO A 108 -51.55 5.30 73.53
N ASP A 109 -51.56 3.98 73.39
CA ASP A 109 -52.75 3.28 72.93
C ASP A 109 -53.88 3.43 73.95
N GLY A 110 -55.02 3.94 73.51
CA GLY A 110 -56.20 4.05 74.33
C GLY A 110 -56.31 5.32 75.14
N VAL A 111 -55.28 6.18 75.13
CA VAL A 111 -55.34 7.44 75.84
C VAL A 111 -56.06 8.47 74.97
N GLY A 112 -57.24 8.90 75.42
CA GLY A 112 -58.07 9.82 74.68
C GLY A 112 -58.05 11.22 75.26
N GLN A 113 -58.83 12.09 74.64
CA GLN A 113 -58.94 13.47 75.08
C GLN A 113 -59.68 13.52 76.40
N GLY A 114 -58.95 13.74 77.50
CA GLY A 114 -59.58 13.88 78.79
C GLY A 114 -58.92 13.11 79.90
N THR A 115 -58.18 12.04 79.57
CA THR A 115 -57.52 11.26 80.59
C THR A 115 -56.45 12.10 81.28
N VAL A 116 -56.38 11.98 82.60
CA VAL A 116 -55.42 12.73 83.40
C VAL A 116 -54.21 11.83 83.63
N VAL A 117 -53.05 12.27 83.15
CA VAL A 117 -51.81 11.52 83.30
C VAL A 117 -50.96 12.22 84.35
N VAL A 118 -49.94 11.51 84.83
CA VAL A 118 -49.07 12.03 85.88
C VAL A 118 -47.78 11.23 85.86
N SER A 119 -46.71 11.84 86.35
CA SER A 119 -45.41 11.20 86.47
C SER A 119 -45.03 11.10 87.94
N GLY A 120 -43.99 10.33 88.22
CA GLY A 120 -43.48 10.19 89.56
C GLY A 120 -43.44 8.76 90.03
N PRO A 121 -42.67 8.51 91.10
CA PRO A 121 -42.61 7.14 91.66
C PRO A 121 -43.94 6.63 92.17
N GLU A 122 -44.79 7.51 92.71
CA GLU A 122 -46.06 7.09 93.31
C GLU A 122 -47.21 7.09 92.31
N ALA A 123 -46.93 7.32 91.03
CA ALA A 123 -47.97 7.43 90.03
C ALA A 123 -48.73 6.11 89.87
N ASP A 124 -50.00 6.24 89.47
CA ASP A 124 -50.82 5.07 89.22
C ASP A 124 -50.33 4.33 87.97
N ILE A 125 -50.54 3.02 87.94
CA ILE A 125 -50.13 2.20 86.80
C ILE A 125 -51.28 2.23 85.81
N LYS A 126 -51.33 3.30 85.02
CA LYS A 126 -52.31 3.52 83.97
C LYS A 126 -51.59 3.99 82.72
N PRO A 127 -52.09 3.65 81.54
CA PRO A 127 -51.46 4.14 80.30
C PRO A 127 -51.36 5.65 80.29
N GLY A 128 -50.18 6.16 79.94
CA GLY A 128 -49.89 7.57 79.98
C GLY A 128 -49.10 8.02 81.19
N ASN A 129 -49.00 7.18 82.22
CA ASN A 129 -48.25 7.53 83.42
C ASN A 129 -46.80 7.11 83.29
N ASN A 130 -45.91 8.01 83.67
CA ASN A 130 -44.46 7.78 83.59
C ASN A 130 -43.94 7.45 84.97
N LEU A 131 -43.29 6.30 85.10
CA LEU A 131 -42.77 5.83 86.38
C LEU A 131 -41.36 5.30 86.19
N PRO A 132 -40.56 5.31 87.26
CA PRO A 132 -39.31 4.55 87.23
C PRO A 132 -39.61 3.06 87.17
N LEU A 133 -38.71 2.31 86.53
CA LEU A 133 -38.94 0.89 86.34
C LEU A 133 -38.98 0.14 87.67
N ARG A 134 -38.43 0.72 88.73
CA ARG A 134 -38.52 0.08 90.05
C ARG A 134 -39.96 0.09 90.57
N ASN A 135 -40.71 1.14 90.27
CA ASN A 135 -42.09 1.28 90.73
C ASN A 135 -43.10 0.76 89.72
N ILE A 136 -42.65 0.00 88.73
CA ILE A 136 -43.52 -0.60 87.73
C ILE A 136 -43.60 -2.10 88.00
N PRO A 137 -44.80 -2.68 88.12
CA PRO A 137 -44.89 -4.12 88.35
C PRO A 137 -44.30 -4.92 87.20
N VAL A 138 -43.73 -6.07 87.54
CA VAL A 138 -43.12 -6.93 86.55
C VAL A 138 -44.20 -7.53 85.67
N GLY A 139 -43.99 -7.50 84.36
CA GLY A 139 -44.96 -7.95 83.39
C GLY A 139 -45.77 -6.86 82.73
N THR A 140 -45.60 -5.61 83.16
CA THR A 140 -46.33 -4.50 82.58
C THR A 140 -45.76 -4.16 81.20
N THR A 141 -46.65 -3.77 80.29
CA THR A 141 -46.26 -3.29 78.98
C THR A 141 -45.97 -1.79 79.07
N VAL A 142 -44.74 -1.40 78.73
CA VAL A 142 -44.34 0.00 78.80
C VAL A 142 -43.84 0.46 77.44
N HIS A 143 -43.50 1.74 77.34
CA HIS A 143 -42.92 2.31 76.14
C HIS A 143 -42.21 3.59 76.53
N ALA A 144 -41.46 4.14 75.59
CA ALA A 144 -40.65 5.34 75.82
C ALA A 144 -39.70 5.11 77.00
N VAL A 145 -38.91 4.04 76.89
CA VAL A 145 -38.06 3.56 77.97
C VAL A 145 -36.67 4.15 77.83
N GLU A 146 -36.15 4.71 78.91
CA GLU A 146 -34.81 5.27 78.93
C GLU A 146 -33.76 4.16 78.99
N LEU A 147 -32.57 4.46 78.47
CA LEU A 147 -31.45 3.52 78.52
C LEU A 147 -30.58 3.74 79.75
N ARG A 148 -30.40 4.99 80.16
CA ARG A 148 -29.71 5.37 81.37
C ARG A 148 -30.51 6.45 82.09
N PRO A 149 -30.52 6.44 83.42
CA PRO A 149 -31.42 7.33 84.17
C PRO A 149 -31.21 8.79 83.83
N GLY A 150 -32.33 9.49 83.60
CA GLY A 150 -32.31 10.90 83.29
C GLY A 150 -32.09 11.23 81.82
N GLY A 151 -31.75 10.23 81.00
CA GLY A 151 -31.36 10.52 79.62
C GLY A 151 -32.49 10.83 78.67
N GLY A 152 -33.72 10.45 79.01
CA GLY A 152 -34.84 10.62 78.11
C GLY A 152 -35.23 9.33 77.43
N ALA A 153 -36.44 9.32 76.89
CA ALA A 153 -37.01 8.11 76.29
C ALA A 153 -36.28 7.73 75.01
N LYS A 154 -35.89 6.47 74.89
CA LYS A 154 -35.22 6.07 73.68
C LYS A 154 -35.83 4.83 73.00
N MET A 155 -36.24 3.82 73.76
CA MET A 155 -36.74 2.59 73.19
C MET A 155 -38.26 2.53 73.26
N GLY A 156 -38.88 1.91 72.25
CA GLY A 156 -40.31 1.79 72.17
C GLY A 156 -41.02 3.11 71.94
N ARG A 157 -40.87 3.68 70.75
CA ARG A 157 -41.39 5.01 70.46
C ARG A 157 -42.22 5.12 69.20
N SER A 158 -42.08 4.20 68.23
CA SER A 158 -42.83 4.32 67.00
C SER A 158 -44.23 3.72 67.18
N ALA A 159 -45.05 3.82 66.13
CA ALA A 159 -46.43 3.37 66.22
C ALA A 159 -46.50 1.89 66.57
N GLY A 160 -47.36 1.55 67.51
CA GLY A 160 -47.54 0.18 67.95
C GLY A 160 -46.39 -0.40 68.74
N ALA A 161 -45.37 0.38 69.07
CA ALA A 161 -44.21 -0.15 69.77
C ALA A 161 -44.55 -0.42 71.23
N SER A 162 -43.88 -1.43 71.79
CA SER A 162 -44.18 -1.87 73.14
C SER A 162 -42.95 -2.51 73.74
N VAL A 163 -42.71 -2.24 75.02
CA VAL A 163 -41.63 -2.84 75.80
C VAL A 163 -42.26 -3.55 76.98
N GLN A 164 -41.85 -4.79 77.22
CA GLN A 164 -42.37 -5.60 78.30
C GLN A 164 -41.31 -5.76 79.38
N LEU A 165 -41.66 -5.45 80.61
CA LEU A 165 -40.76 -5.60 81.76
C LEU A 165 -40.86 -7.04 82.26
N VAL A 166 -39.80 -7.81 82.07
CA VAL A 166 -39.83 -9.23 82.35
C VAL A 166 -39.19 -9.59 83.71
N ALA A 167 -38.22 -8.81 84.19
CA ALA A 167 -37.60 -9.16 85.46
C ALA A 167 -37.04 -7.89 86.11
N ARG A 168 -36.82 -7.96 87.42
CA ARG A 168 -36.22 -6.85 88.15
C ARG A 168 -35.24 -7.36 89.20
N GLU A 169 -34.40 -8.32 88.85
CA GLU A 169 -33.47 -8.92 89.81
C GLU A 169 -32.29 -7.99 90.04
N GLY A 170 -32.33 -7.25 91.14
CA GLY A 170 -31.20 -6.43 91.55
C GLY A 170 -31.35 -4.96 91.25
N LYS A 171 -30.28 -4.34 90.78
CA LYS A 171 -30.30 -2.95 90.33
C LYS A 171 -30.75 -2.82 88.88
N TYR A 172 -30.83 -3.93 88.15
CA TYR A 172 -31.20 -3.94 86.74
C TYR A 172 -32.59 -4.53 86.55
N ALA A 173 -33.34 -3.95 85.63
CA ALA A 173 -34.61 -4.48 85.17
C ALA A 173 -34.41 -5.03 83.76
N THR A 174 -34.80 -6.28 83.56
CA THR A 174 -34.76 -6.93 82.25
C THR A 174 -36.07 -6.68 81.53
N VAL A 175 -35.98 -6.10 80.34
CA VAL A 175 -37.11 -5.70 79.52
C VAL A 175 -36.97 -6.37 78.16
N ARG A 176 -38.10 -6.58 77.49
CA ARG A 176 -38.13 -7.18 76.16
C ARG A 176 -38.41 -6.07 75.15
N LEU A 177 -37.43 -5.76 74.32
CA LEU A 177 -37.56 -4.70 73.33
C LEU A 177 -38.43 -5.16 72.18
N PRO A 178 -39.03 -4.22 71.44
CA PRO A 178 -39.91 -4.62 70.32
C PRO A 178 -39.22 -5.48 69.27
N SER A 179 -37.89 -5.55 69.26
CA SER A 179 -37.17 -6.43 68.34
C SER A 179 -37.07 -7.85 68.84
N GLY A 180 -37.51 -8.13 70.06
CA GLY A 180 -37.33 -9.43 70.65
C GLY A 180 -36.03 -9.59 71.39
N GLU A 181 -35.25 -8.52 71.55
CA GLU A 181 -34.01 -8.58 72.30
C GLU A 181 -34.30 -8.32 73.78
N MET A 182 -33.92 -9.27 74.63
CA MET A 182 -34.00 -9.07 76.07
C MET A 182 -32.78 -8.26 76.52
N ARG A 183 -33.02 -7.29 77.40
CA ARG A 183 -32.03 -6.29 77.73
C ARG A 183 -32.15 -5.94 79.21
N MET A 184 -31.09 -5.38 79.78
CA MET A 184 -31.11 -4.89 81.15
C MET A 184 -30.84 -3.40 81.18
N VAL A 185 -31.67 -2.66 81.91
CA VAL A 185 -31.47 -1.23 82.12
C VAL A 185 -31.64 -0.93 83.60
N ASP A 186 -30.99 0.12 84.07
CA ASP A 186 -31.06 0.49 85.47
C ASP A 186 -32.51 0.69 85.91
N ILE A 187 -32.86 0.17 87.08
CA ILE A 187 -34.22 0.29 87.59
C ILE A 187 -34.63 1.73 87.81
N ARG A 188 -33.68 2.65 87.79
CA ARG A 188 -33.97 4.08 87.88
C ARG A 188 -34.37 4.68 86.53
N CYS A 189 -34.33 3.90 85.46
CA CYS A 189 -34.77 4.39 84.16
C CYS A 189 -36.29 4.49 84.12
N ARG A 190 -36.78 5.52 83.45
CA ARG A 190 -38.21 5.80 83.39
C ARG A 190 -38.86 5.08 82.21
N ALA A 191 -40.18 4.92 82.31
CA ALA A 191 -40.96 4.34 81.24
C ALA A 191 -42.41 4.77 81.39
N THR A 192 -43.10 4.94 80.27
CA THR A 192 -44.52 5.29 80.26
C THR A 192 -45.35 4.02 80.11
N ILE A 193 -46.42 3.94 80.89
CA ILE A 193 -47.26 2.74 80.89
C ILE A 193 -48.08 2.67 79.61
N GLY A 194 -48.23 1.45 79.09
CA GLY A 194 -49.00 1.23 77.89
C GLY A 194 -48.11 0.98 76.68
N GLU A 195 -48.75 0.86 75.53
CA GLU A 195 -48.06 0.79 74.25
C GLU A 195 -48.36 2.05 73.45
N VAL A 196 -47.58 2.24 72.40
CA VAL A 196 -47.78 3.36 71.49
C VAL A 196 -49.00 3.08 70.61
N GLY A 197 -49.81 4.12 70.38
CA GLY A 197 -50.99 3.99 69.56
C GLY A 197 -50.64 3.98 68.08
N ASN A 198 -51.69 4.11 67.27
CA ASN A 198 -51.56 4.15 65.81
C ASN A 198 -50.93 2.87 65.28
N ALA A 199 -51.22 1.74 65.93
CA ALA A 199 -50.58 0.48 65.59
C ALA A 199 -50.98 -0.07 64.24
N GLU A 200 -52.01 0.47 63.62
CA GLU A 200 -52.50 -0.04 62.34
C GLU A 200 -51.88 0.66 61.14
N GLN A 201 -50.96 1.60 61.36
CA GLN A 201 -50.42 2.39 60.27
C GLN A 201 -49.45 1.61 59.39
N ILE A 202 -48.93 0.48 59.86
CA ILE A 202 -48.03 -0.33 59.04
C ILE A 202 -48.75 -1.02 57.90
N ASN A 203 -50.08 -1.04 57.93
CA ASN A 203 -50.89 -1.66 56.89
C ASN A 203 -51.29 -0.69 55.80
N ILE A 204 -50.79 0.55 55.84
CA ILE A 204 -51.07 1.51 54.78
C ILE A 204 -50.33 1.08 53.52
N ASN A 205 -51.05 1.06 52.40
CA ASN A 205 -50.46 0.86 51.09
C ASN A 205 -50.31 2.22 50.44
N TRP A 206 -49.07 2.63 50.19
CA TRP A 206 -48.84 3.96 49.63
C TRP A 206 -49.16 4.02 48.14
N GLY A 207 -49.23 2.87 47.48
CA GLY A 207 -49.88 2.75 46.19
C GLY A 207 -49.25 3.47 45.03
N LYS A 208 -48.28 4.36 45.25
CA LYS A 208 -47.97 5.37 44.26
C LYS A 208 -46.59 5.94 44.53
N ALA A 209 -45.78 6.07 43.48
CA ALA A 209 -44.41 6.55 43.63
C ALA A 209 -44.38 7.97 44.18
N GLY A 210 -45.35 8.80 43.80
CA GLY A 210 -45.38 10.16 44.28
C GLY A 210 -45.67 10.28 45.76
N ARG A 211 -46.32 9.27 46.34
CA ARG A 211 -46.60 9.31 47.77
C ARG A 211 -45.34 9.08 48.59
N ASN A 212 -44.45 8.21 48.11
CA ASN A 212 -43.13 8.10 48.74
C ASN A 212 -42.25 9.27 48.36
N ARG A 213 -42.48 9.89 47.20
CA ARG A 213 -41.70 11.06 46.81
C ARG A 213 -42.01 12.25 47.70
N TRP A 214 -43.26 12.42 48.11
CA TRP A 214 -43.60 13.53 48.97
C TRP A 214 -43.57 13.17 50.45
N LYS A 215 -43.14 11.96 50.79
CA LYS A 215 -42.70 11.64 52.14
C LYS A 215 -41.20 11.85 52.32
N GLY A 216 -40.51 12.37 51.30
CA GLY A 216 -39.11 12.67 51.40
C GLY A 216 -38.17 11.55 51.03
N ILE A 217 -38.60 10.60 50.20
CA ILE A 217 -37.80 9.45 49.82
C ILE A 217 -37.51 9.56 48.33
N ARG A 218 -36.23 9.57 47.97
CA ARG A 218 -35.79 9.59 46.60
C ARG A 218 -35.60 8.17 46.07
N PRO A 219 -35.69 7.98 44.75
CA PRO A 219 -35.67 6.62 44.19
C PRO A 219 -34.36 5.90 44.48
N THR A 220 -34.47 4.57 44.62
CA THR A 220 -33.34 3.70 44.91
C THR A 220 -33.01 2.90 43.66
N VAL A 221 -31.76 3.02 43.19
CA VAL A 221 -31.29 2.29 42.03
C VAL A 221 -30.54 1.05 42.51
N ARG A 222 -30.93 -0.11 41.99
CA ARG A 222 -30.25 -1.35 42.34
C ARG A 222 -28.82 -1.34 41.83
N GLY A 223 -27.90 -1.83 42.66
CA GLY A 223 -26.51 -1.87 42.26
C GLY A 223 -26.21 -2.78 41.11
N VAL A 224 -27.12 -3.71 40.80
CA VAL A 224 -26.88 -4.67 39.73
C VAL A 224 -27.10 -4.06 38.34
N VAL A 225 -27.81 -2.94 38.25
CA VAL A 225 -28.00 -2.25 36.98
C VAL A 225 -27.07 -1.04 36.85
N MET A 226 -25.96 -1.04 37.59
CA MET A 226 -24.98 0.02 37.55
C MET A 226 -23.79 -0.42 36.71
N ASN A 227 -22.77 0.40 36.68
CA ASN A 227 -21.50 0.06 36.05
C ASN A 227 -20.50 -0.33 37.12
N PRO A 228 -19.46 -1.10 36.77
CA PRO A 228 -18.53 -1.58 37.81
C PRO A 228 -17.82 -0.47 38.55
N ILE A 229 -17.69 0.72 37.96
CA ILE A 229 -17.09 1.83 38.67
C ILE A 229 -17.99 2.31 39.80
N ASP A 230 -19.31 2.19 39.62
CA ASP A 230 -20.27 2.68 40.61
C ASP A 230 -20.56 1.67 41.72
N HIS A 231 -20.72 0.40 41.38
CA HIS A 231 -21.13 -0.61 42.33
C HIS A 231 -20.31 -1.88 42.11
N PRO A 232 -19.99 -2.61 43.18
CA PRO A 232 -19.41 -3.94 43.00
C PRO A 232 -20.33 -4.91 42.28
N HIS A 233 -21.64 -4.66 42.27
CA HIS A 233 -22.59 -5.47 41.52
C HIS A 233 -22.76 -5.01 40.08
N GLY A 234 -22.20 -3.85 39.72
CA GLY A 234 -22.39 -3.32 38.39
C GLY A 234 -21.55 -4.03 37.35
N GLY A 235 -22.00 -3.91 36.10
CA GLY A 235 -21.31 -4.49 34.98
C GLY A 235 -21.97 -5.78 34.50
N GLY A 236 -21.54 -6.21 33.34
CA GLY A 236 -22.04 -7.44 32.75
C GLY A 236 -22.86 -7.17 31.49
N GLU A 237 -22.86 -8.14 30.59
CA GLU A 237 -23.63 -8.07 29.37
C GLU A 237 -25.03 -8.61 29.63
N GLY A 238 -26.04 -7.80 29.37
CA GLY A 238 -27.38 -8.20 29.72
C GLY A 238 -27.58 -8.18 31.23
N ARG A 239 -28.55 -8.94 31.68
CA ARG A 239 -28.86 -9.02 33.09
C ARG A 239 -27.97 -10.04 33.78
N THR A 240 -27.41 -9.66 34.92
CA THR A 240 -26.64 -10.54 35.78
C THR A 240 -27.14 -10.38 37.21
N SER A 241 -26.59 -11.20 38.11
CA SER A 241 -26.62 -10.89 39.52
C SER A 241 -25.42 -9.98 39.81
N GLY A 242 -25.06 -9.82 41.07
CA GLY A 242 -23.87 -9.04 41.35
C GLY A 242 -22.59 -9.60 40.76
N GLY A 243 -22.60 -10.85 40.32
CA GLY A 243 -21.41 -11.52 39.88
C GLY A 243 -20.52 -11.99 41.00
N ARG A 244 -21.00 -11.89 42.24
CA ARG A 244 -20.24 -12.20 43.44
C ARG A 244 -21.22 -12.22 44.59
N HIS A 245 -20.72 -12.58 45.77
CA HIS A 245 -21.56 -12.55 46.96
C HIS A 245 -22.05 -11.12 47.21
N PRO A 246 -23.30 -10.93 47.63
CA PRO A 246 -23.84 -9.58 47.74
C PRO A 246 -23.03 -8.72 48.72
N VAL A 247 -22.85 -7.46 48.32
CA VAL A 247 -22.11 -6.48 49.12
C VAL A 247 -22.87 -5.16 49.08
N SER A 248 -22.40 -4.21 49.86
CA SER A 248 -22.92 -2.85 49.84
C SER A 248 -22.29 -2.10 48.67
N PRO A 249 -22.72 -0.87 48.40
CA PRO A 249 -22.03 -0.05 47.38
C PRO A 249 -20.57 0.19 47.70
N TRP A 250 -20.15 -0.04 48.94
CA TRP A 250 -18.77 0.18 49.36
C TRP A 250 -18.01 -1.12 49.59
N GLY A 251 -18.54 -2.24 49.10
CA GLY A 251 -17.81 -3.49 49.12
C GLY A 251 -17.89 -4.28 50.41
N LYS A 252 -18.71 -3.85 51.36
CA LYS A 252 -18.79 -4.54 52.64
C LYS A 252 -19.65 -5.79 52.52
N PRO A 253 -19.14 -6.98 52.83
CA PRO A 253 -19.97 -8.18 52.76
C PRO A 253 -21.04 -8.17 53.84
N GLU A 254 -22.11 -8.90 53.56
CA GLU A 254 -23.19 -9.04 54.53
C GLU A 254 -22.69 -9.80 55.76
N GLY A 255 -23.27 -9.49 56.90
CA GLY A 255 -22.85 -10.09 58.15
C GLY A 255 -23.09 -9.12 59.29
N ARG A 256 -22.77 -9.60 60.49
CA ARG A 256 -23.02 -8.82 61.69
C ARG A 256 -22.08 -7.62 61.74
N THR A 257 -22.65 -6.44 62.03
CA THR A 257 -21.88 -5.21 62.04
C THR A 257 -21.79 -4.57 63.42
N ARG A 258 -22.54 -5.06 64.39
CA ARG A 258 -22.43 -4.54 65.76
C ARG A 258 -21.05 -4.83 66.33
N ASN A 259 -20.48 -3.84 67.00
CA ASN A 259 -19.20 -4.00 67.67
C ASN A 259 -19.35 -4.93 68.88
N LYS A 260 -18.52 -5.96 68.94
CA LYS A 260 -18.53 -6.89 70.07
C LYS A 260 -17.71 -6.41 71.26
N LYS A 261 -16.85 -5.40 71.07
CA LYS A 261 -16.13 -4.80 72.19
C LYS A 261 -16.93 -3.69 72.85
N LYS A 262 -18.14 -3.43 72.37
CA LYS A 262 -18.98 -2.40 72.95
C LYS A 262 -19.33 -2.74 74.39
N ALA A 263 -19.40 -1.71 75.23
CA ALA A 263 -19.56 -1.88 76.67
C ALA A 263 -20.97 -2.31 77.07
N SER A 264 -21.83 -2.67 76.12
CA SER A 264 -23.18 -3.13 76.44
C SER A 264 -23.15 -4.63 76.71
N SER A 265 -22.60 -4.99 77.86
CA SER A 265 -22.71 -6.34 78.41
C SER A 265 -24.03 -6.54 79.14
N ARG A 266 -25.01 -5.66 78.91
CA ARG A 266 -26.34 -5.75 79.47
C ARG A 266 -27.31 -6.40 78.49
N LEU A 267 -26.80 -7.19 77.56
CA LEU A 267 -27.62 -7.88 76.57
C LEU A 267 -27.83 -9.31 77.01
N ILE A 268 -29.10 -9.71 77.17
CA ILE A 268 -29.40 -11.06 77.63
C ILE A 268 -29.44 -12.03 76.45
N VAL A 269 -30.34 -11.79 75.50
CA VAL A 269 -30.45 -12.59 74.30
C VAL A 269 -30.55 -11.66 73.10
N ARG A 270 -29.92 -12.06 72.00
CA ARG A 270 -30.01 -11.31 70.76
C ARG A 270 -31.43 -11.35 70.21
N ARG A 271 -31.71 -10.46 69.26
CA ARG A 271 -33.09 -10.25 68.80
C ARG A 271 -33.65 -11.48 68.10
N ARG A 272 -32.83 -12.19 67.34
CA ARG A 272 -33.25 -13.41 66.63
C ARG A 272 -34.40 -13.10 65.66
N LYS A 273 -34.07 -12.30 64.64
CA LYS A 273 -35.06 -12.03 63.60
C LYS A 273 -35.30 -13.27 62.75
N SER A 274 -34.27 -13.72 62.04
CA SER A 274 -34.28 -14.91 61.21
C SER A 274 -35.52 -14.90 60.30
N GLY A 275 -36.07 -16.08 60.01
CA GLY A 275 -37.23 -16.19 59.14
C GLY A 275 -37.64 -17.62 58.86
N GLU B 4 -34.07 9.86 -56.59
CA GLU B 4 -34.45 8.57 -57.14
C GLU B 4 -35.97 8.42 -57.20
N ARG B 5 -36.65 9.07 -56.25
CA ARG B 5 -38.08 8.96 -56.11
C ARG B 5 -38.78 10.18 -56.69
N THR B 6 -40.00 9.96 -57.20
CA THR B 6 -40.85 11.02 -57.74
C THR B 6 -41.81 11.48 -56.65
N VAL B 7 -41.79 12.76 -56.33
CA VAL B 7 -42.58 13.33 -55.25
C VAL B 7 -43.37 14.53 -55.77
N LYS B 8 -44.66 14.56 -55.47
CA LYS B 8 -45.45 15.77 -55.59
C LYS B 8 -45.36 16.54 -54.28
N GLY B 9 -45.54 17.85 -54.35
CA GLY B 9 -45.40 18.64 -53.14
C GLY B 9 -46.04 20.01 -53.27
N VAL B 10 -46.34 20.58 -52.10
CA VAL B 10 -46.90 21.91 -51.99
C VAL B 10 -46.46 22.49 -50.65
N LEU B 11 -46.48 23.81 -50.54
CA LEU B 11 -46.17 24.50 -49.30
C LEU B 11 -47.45 25.11 -48.73
N GLY B 12 -47.54 25.14 -47.41
CA GLY B 12 -48.74 25.63 -46.78
C GLY B 12 -48.48 26.15 -45.38
N THR B 13 -49.55 26.63 -44.76
CA THR B 13 -49.52 27.17 -43.41
C THR B 13 -50.48 26.38 -42.53
N LYS B 14 -50.03 26.01 -41.34
CA LYS B 14 -50.91 25.36 -40.36
C LYS B 14 -51.88 26.39 -39.81
N LEU B 15 -53.18 26.10 -39.89
CA LEU B 15 -54.19 27.04 -39.43
C LEU B 15 -54.87 26.60 -38.14
N GLY B 16 -54.78 25.33 -37.78
CA GLY B 16 -55.44 24.81 -36.61
C GLY B 16 -56.01 23.44 -36.91
N MET B 17 -56.87 22.97 -36.02
CA MET B 17 -57.49 21.67 -36.16
C MET B 17 -58.98 21.77 -35.93
N THR B 18 -59.73 20.93 -36.64
CA THR B 18 -61.18 20.81 -36.48
C THR B 18 -61.51 19.32 -36.54
N GLN B 19 -62.79 19.00 -36.72
CA GLN B 19 -63.22 17.62 -36.82
C GLN B 19 -64.40 17.53 -37.79
N LEU B 20 -64.52 16.37 -38.43
CA LEU B 20 -65.67 16.05 -39.26
C LEU B 20 -66.04 14.60 -39.01
N TRP B 21 -67.16 14.19 -39.61
CA TRP B 21 -67.56 12.79 -39.63
C TRP B 21 -67.50 12.31 -41.08
N ASP B 22 -66.82 11.19 -41.31
CA ASP B 22 -66.69 10.66 -42.66
C ASP B 22 -67.97 9.92 -43.05
N GLU B 23 -67.91 9.18 -44.15
CA GLU B 23 -69.07 8.45 -44.64
C GLU B 23 -69.52 7.34 -43.70
N HIS B 24 -68.62 6.82 -42.85
CA HIS B 24 -68.97 5.80 -41.87
C HIS B 24 -69.36 6.39 -40.53
N ASN B 25 -69.63 7.69 -40.48
CA ASN B 25 -70.01 8.39 -39.24
C ASN B 25 -68.94 8.20 -38.17
N ARG B 26 -67.68 8.23 -38.56
CA ARG B 26 -66.55 8.19 -37.64
C ARG B 26 -65.94 9.58 -37.53
N LEU B 27 -65.73 10.04 -36.31
CA LEU B 27 -65.13 11.35 -36.09
C LEU B 27 -63.66 11.32 -36.46
N VAL B 28 -63.25 12.19 -37.38
CA VAL B 28 -61.88 12.29 -37.83
C VAL B 28 -61.33 13.64 -37.41
N PRO B 29 -60.14 13.70 -36.82
CA PRO B 29 -59.50 15.00 -36.58
C PRO B 29 -58.76 15.44 -37.84
N VAL B 30 -58.95 16.69 -38.23
CA VAL B 30 -58.34 17.22 -39.44
C VAL B 30 -57.53 18.46 -39.10
N THR B 31 -56.31 18.51 -39.60
CA THR B 31 -55.54 19.74 -39.63
C THR B 31 -55.91 20.51 -40.89
N VAL B 32 -56.15 21.82 -40.71
CA VAL B 32 -56.46 22.71 -41.80
C VAL B 32 -55.16 23.38 -42.23
N ILE B 33 -54.86 23.28 -43.52
CA ILE B 33 -53.62 23.79 -44.07
C ILE B 33 -53.96 24.76 -45.19
N GLN B 34 -53.57 26.02 -45.03
CA GLN B 34 -53.61 26.98 -46.13
C GLN B 34 -52.49 26.61 -47.08
N ALA B 35 -52.79 25.69 -47.99
CA ALA B 35 -51.81 25.21 -48.97
C ALA B 35 -51.90 26.12 -50.20
N GLY B 36 -51.49 27.37 -49.99
CA GLY B 36 -51.69 28.42 -50.95
C GLY B 36 -50.87 28.26 -52.20
N PRO B 37 -50.90 29.28 -53.07
CA PRO B 37 -50.20 29.19 -54.35
C PRO B 37 -48.69 29.15 -54.15
N CYS B 38 -48.06 28.13 -54.74
CA CYS B 38 -46.61 28.02 -54.80
C CYS B 38 -46.15 28.20 -56.23
N VAL B 39 -45.13 29.02 -56.43
CA VAL B 39 -44.54 29.22 -57.74
C VAL B 39 -43.20 28.53 -57.79
N VAL B 40 -42.85 28.04 -58.97
CA VAL B 40 -41.53 27.45 -59.19
C VAL B 40 -40.53 28.61 -59.33
N THR B 41 -39.72 28.82 -58.31
CA THR B 41 -38.76 29.90 -58.30
C THR B 41 -37.37 29.48 -58.78
N GLN B 42 -37.05 28.19 -58.70
CA GLN B 42 -35.80 27.72 -59.29
C GLN B 42 -35.95 26.24 -59.62
N VAL B 43 -35.25 25.79 -60.66
CA VAL B 43 -35.23 24.38 -61.04
C VAL B 43 -33.80 23.89 -61.00
N ARG B 44 -33.54 22.88 -60.18
CA ARG B 44 -32.23 22.29 -60.06
C ARG B 44 -32.14 21.07 -60.98
N THR B 45 -31.11 21.05 -61.81
CA THR B 45 -30.91 20.00 -62.79
C THR B 45 -29.58 19.30 -62.53
N PRO B 46 -29.45 18.03 -62.93
CA PRO B 46 -28.15 17.35 -62.79
C PRO B 46 -27.04 18.00 -63.57
N GLU B 47 -27.35 18.80 -64.60
CA GLU B 47 -26.31 19.41 -65.41
C GLU B 47 -25.63 20.56 -64.69
N THR B 48 -26.38 21.36 -63.95
CA THR B 48 -25.86 22.57 -63.32
C THR B 48 -25.65 22.41 -61.82
N ASP B 49 -26.61 21.83 -61.09
CA ASP B 49 -26.51 21.72 -59.65
C ASP B 49 -26.13 20.33 -59.17
N GLY B 50 -26.07 19.34 -60.06
CA GLY B 50 -25.69 18.00 -59.70
C GLY B 50 -26.83 17.13 -59.19
N TYR B 51 -28.01 17.70 -59.01
CA TYR B 51 -29.19 16.96 -58.56
C TYR B 51 -30.42 17.65 -59.13
N SER B 52 -31.53 16.92 -59.15
CA SER B 52 -32.80 17.43 -59.66
C SER B 52 -33.71 17.78 -58.51
N ALA B 53 -34.27 18.99 -58.54
CA ALA B 53 -35.19 19.43 -57.51
C ALA B 53 -35.95 20.65 -58.02
N VAL B 54 -36.99 21.03 -57.28
CA VAL B 54 -37.77 22.23 -57.59
C VAL B 54 -37.81 23.10 -56.35
N GLN B 55 -37.22 24.29 -56.44
CA GLN B 55 -37.30 25.29 -55.38
C GLN B 55 -38.57 26.11 -55.58
N LEU B 56 -39.54 25.89 -54.70
CA LEU B 56 -40.82 26.56 -54.71
C LEU B 56 -40.81 27.76 -53.77
N GLY B 57 -41.67 28.72 -54.07
CA GLY B 57 -41.85 29.89 -53.23
C GLY B 57 -43.30 30.01 -52.79
N TYR B 58 -43.49 30.33 -51.52
CA TYR B 58 -44.81 30.42 -50.93
C TYR B 58 -44.87 31.56 -49.93
N GLY B 59 -45.94 32.34 -49.97
CA GLY B 59 -46.18 33.34 -48.96
C GLY B 59 -46.20 34.77 -49.45
N ALA B 60 -46.89 35.64 -48.73
CA ALA B 60 -46.91 37.06 -49.04
C ALA B 60 -45.82 37.77 -48.25
N VAL B 61 -45.16 38.71 -48.90
CA VAL B 61 -44.05 39.45 -48.32
C VAL B 61 -44.19 40.92 -48.67
N LYS B 62 -43.87 41.80 -47.73
CA LYS B 62 -43.82 43.22 -48.02
C LYS B 62 -42.62 43.52 -48.92
N ALA B 63 -42.86 44.27 -50.00
CA ALA B 63 -41.79 44.57 -50.94
C ALA B 63 -40.62 45.30 -50.29
N LYS B 64 -40.89 46.11 -49.27
CA LYS B 64 -39.81 46.78 -48.55
C LYS B 64 -38.99 45.83 -47.69
N ASN B 65 -39.49 44.63 -47.43
CA ASN B 65 -38.75 43.63 -46.67
C ASN B 65 -37.97 42.67 -47.54
N VAL B 66 -38.07 42.77 -48.87
CA VAL B 66 -37.28 41.96 -49.79
C VAL B 66 -36.05 42.76 -50.17
N THR B 67 -34.92 42.09 -50.31
CA THR B 67 -33.66 42.75 -50.60
C THR B 67 -33.35 42.69 -52.09
N LYS B 68 -32.29 43.38 -52.49
CA LYS B 68 -31.86 43.35 -53.88
C LYS B 68 -31.45 41.95 -54.35
N PRO B 69 -30.69 41.16 -53.59
CA PRO B 69 -30.44 39.77 -54.03
C PRO B 69 -31.72 38.95 -54.18
N GLU B 70 -32.64 39.06 -53.22
CA GLU B 70 -33.89 38.32 -53.31
C GLU B 70 -34.75 38.82 -54.46
N ALA B 71 -34.78 40.14 -54.66
CA ALA B 71 -35.51 40.70 -55.79
C ALA B 71 -34.94 40.21 -57.10
N GLY B 72 -33.62 40.10 -57.21
CA GLY B 72 -33.01 39.59 -58.43
C GLY B 72 -33.31 38.12 -58.66
N HIS B 73 -33.30 37.32 -57.59
CA HIS B 73 -33.67 35.91 -57.72
C HIS B 73 -35.09 35.77 -58.24
N PHE B 74 -36.04 36.49 -57.64
CA PHE B 74 -37.42 36.41 -58.08
C PHE B 74 -37.61 36.98 -59.47
N GLU B 75 -36.85 38.03 -59.82
CA GLU B 75 -36.92 38.61 -61.16
C GLU B 75 -36.44 37.62 -62.22
N LYS B 76 -35.38 36.87 -61.91
CA LYS B 76 -34.96 35.80 -62.81
C LYS B 76 -36.03 34.73 -62.92
N ALA B 77 -36.67 34.39 -61.81
CA ALA B 77 -37.77 33.43 -61.88
C ALA B 77 -38.97 33.98 -62.63
N GLY B 78 -39.10 35.30 -62.68
CA GLY B 78 -40.25 35.91 -63.33
C GLY B 78 -41.50 35.97 -62.48
N VAL B 79 -41.36 35.86 -61.15
CA VAL B 79 -42.50 35.84 -60.25
C VAL B 79 -42.38 37.01 -59.28
N THR B 80 -43.46 37.26 -58.56
CA THR B 80 -43.41 38.22 -57.48
C THR B 80 -42.79 37.58 -56.23
N PRO B 81 -42.11 38.37 -55.40
CA PRO B 81 -41.38 37.79 -54.27
C PRO B 81 -42.29 37.03 -53.31
N ARG B 82 -41.79 35.90 -52.82
CA ARG B 82 -42.48 35.07 -51.84
C ARG B 82 -41.65 35.01 -50.56
N ARG B 83 -42.34 34.73 -49.45
CA ARG B 83 -41.67 34.76 -48.15
C ARG B 83 -40.78 33.53 -47.95
N HIS B 84 -41.24 32.36 -48.36
CA HIS B 84 -40.57 31.11 -48.07
C HIS B 84 -40.10 30.44 -49.36
N LEU B 85 -38.86 29.98 -49.36
CA LEU B 85 -38.31 29.20 -50.48
C LEU B 85 -37.95 27.83 -49.92
N VAL B 86 -38.55 26.78 -50.48
CA VAL B 86 -38.32 25.41 -50.03
C VAL B 86 -38.10 24.53 -51.24
N GLU B 87 -37.09 23.66 -51.18
CA GLU B 87 -36.81 22.75 -52.27
C GLU B 87 -37.49 21.41 -52.06
N LEU B 88 -38.04 20.88 -53.15
CA LEU B 88 -38.66 19.56 -53.22
C LEU B 88 -37.77 18.68 -54.08
N ARG B 89 -37.24 17.61 -53.51
CA ARG B 89 -36.42 16.65 -54.24
C ARG B 89 -37.33 15.68 -54.99
N THR B 90 -37.42 15.83 -56.30
CA THR B 90 -38.21 14.95 -57.13
C THR B 90 -37.42 14.59 -58.38
N ALA B 91 -37.60 13.34 -58.83
CA ALA B 91 -36.94 12.89 -60.03
C ALA B 91 -37.49 13.54 -61.29
N ASP B 92 -38.71 14.08 -61.24
CA ASP B 92 -39.30 14.76 -62.39
C ASP B 92 -39.27 16.27 -62.24
N ALA B 93 -38.19 16.83 -61.69
CA ALA B 93 -38.03 18.27 -61.65
C ALA B 93 -37.91 18.87 -63.04
N SER B 94 -37.62 18.05 -64.05
CA SER B 94 -37.50 18.54 -65.42
C SER B 94 -38.85 18.91 -66.01
N GLU B 95 -39.95 18.46 -65.40
CA GLU B 95 -41.28 18.80 -65.91
C GLU B 95 -41.79 20.14 -65.41
N TYR B 96 -41.06 20.80 -64.52
CA TYR B 96 -41.47 22.10 -64.01
C TYR B 96 -40.78 23.21 -64.78
N THR B 97 -41.50 24.31 -64.98
CA THR B 97 -40.95 25.49 -65.64
C THR B 97 -40.83 26.63 -64.65
N LEU B 98 -39.91 27.53 -64.93
CA LEU B 98 -39.69 28.68 -64.06
C LEU B 98 -40.91 29.58 -64.05
N GLY B 99 -41.44 29.87 -62.86
CA GLY B 99 -42.64 30.64 -62.72
C GLY B 99 -43.93 29.85 -62.75
N GLN B 100 -43.85 28.52 -62.82
CA GLN B 100 -45.04 27.69 -62.86
C GLN B 100 -45.81 27.78 -61.55
N GLU B 101 -47.13 27.80 -61.65
CA GLU B 101 -48.02 27.95 -60.50
C GLU B 101 -48.49 26.60 -60.01
N ILE B 102 -48.21 26.29 -58.75
CA ILE B 102 -48.54 25.01 -58.14
C ILE B 102 -49.54 25.26 -57.02
N ALA B 103 -50.74 24.70 -57.16
CA ALA B 103 -51.81 24.92 -56.22
C ALA B 103 -52.07 23.67 -55.39
N ALA B 104 -52.98 23.80 -54.42
CA ALA B 104 -53.26 22.71 -53.50
C ALA B 104 -53.89 21.51 -54.19
N ASP B 105 -54.45 21.67 -55.38
CA ASP B 105 -55.10 20.57 -56.08
C ASP B 105 -54.11 19.56 -56.65
N VAL B 106 -52.83 19.68 -56.29
CA VAL B 106 -51.85 18.65 -56.62
C VAL B 106 -52.24 17.33 -55.97
N PHE B 107 -52.96 17.39 -54.85
CA PHE B 107 -53.40 16.22 -54.11
C PHE B 107 -54.90 16.07 -54.22
N SER B 108 -55.37 14.84 -54.27
CA SER B 108 -56.79 14.54 -54.42
C SER B 108 -57.39 14.12 -53.07
N GLU B 109 -58.65 13.68 -53.09
CA GLU B 109 -59.44 13.50 -51.89
C GLU B 109 -59.07 12.26 -51.07
N SER B 110 -58.18 11.40 -51.57
CA SER B 110 -57.78 10.25 -50.77
C SER B 110 -56.28 9.99 -50.84
N ASP B 111 -55.48 10.98 -51.24
CA ASP B 111 -54.04 10.80 -51.30
C ASP B 111 -53.45 10.69 -49.91
N PHE B 112 -52.44 9.84 -49.78
CA PHE B 112 -51.65 9.75 -48.55
C PHE B 112 -50.44 10.65 -48.69
N VAL B 113 -50.18 11.46 -47.67
CA VAL B 113 -49.14 12.49 -47.75
C VAL B 113 -48.24 12.42 -46.52
N ASP B 114 -47.04 12.98 -46.70
CA ASP B 114 -46.07 13.19 -45.64
C ASP B 114 -46.07 14.68 -45.34
N VAL B 115 -46.22 15.06 -44.08
CA VAL B 115 -46.25 16.47 -43.71
C VAL B 115 -45.04 16.78 -42.85
N THR B 116 -44.24 17.75 -43.28
CA THR B 116 -43.01 18.12 -42.59
C THR B 116 -43.14 19.55 -42.06
N GLY B 117 -42.79 19.73 -40.78
CA GLY B 117 -42.80 21.05 -40.18
C GLY B 117 -41.87 21.09 -38.99
N THR B 118 -41.62 22.31 -38.52
CA THR B 118 -40.80 22.51 -37.32
C THR B 118 -41.71 22.48 -36.09
N SER B 119 -41.44 21.54 -35.19
CA SER B 119 -42.34 21.26 -34.08
C SER B 119 -42.31 22.38 -33.05
N LYS B 120 -43.30 22.35 -32.16
CA LYS B 120 -43.40 23.33 -31.09
C LYS B 120 -42.22 23.18 -30.12
N GLY B 121 -41.75 24.32 -29.62
CA GLY B 121 -40.62 24.32 -28.72
C GLY B 121 -41.02 24.33 -27.26
N LYS B 122 -40.18 23.71 -26.44
CA LYS B 122 -40.44 23.59 -25.02
C LYS B 122 -39.36 24.20 -24.15
N GLY B 123 -38.35 24.83 -24.75
CA GLY B 123 -37.25 25.35 -23.97
C GLY B 123 -36.37 24.21 -23.46
N THR B 124 -35.63 24.53 -22.40
CA THR B 124 -34.81 23.51 -21.75
C THR B 124 -35.70 22.61 -20.91
N ALA B 125 -35.83 21.36 -21.32
CA ALA B 125 -36.58 20.35 -20.60
C ALA B 125 -35.64 19.43 -19.84
N GLY B 126 -36.13 18.90 -18.74
CA GLY B 126 -35.38 17.93 -17.97
C GLY B 126 -35.41 16.55 -18.60
N VAL B 127 -34.71 15.62 -17.95
CA VAL B 127 -34.67 14.26 -18.44
C VAL B 127 -36.05 13.61 -18.35
N MET B 128 -36.87 14.04 -17.39
CA MET B 128 -38.15 13.40 -17.16
C MET B 128 -39.15 13.75 -18.26
N LYS B 129 -39.11 15.00 -18.75
CA LYS B 129 -40.04 15.43 -19.78
C LYS B 129 -39.51 15.13 -21.19
N ARG B 130 -38.24 15.44 -21.45
CA ARG B 130 -37.72 15.32 -22.82
C ARG B 130 -37.28 13.90 -23.17
N HIS B 131 -37.12 13.01 -22.20
CA HIS B 131 -36.65 11.66 -22.46
C HIS B 131 -37.45 10.58 -21.75
N GLY B 132 -38.56 10.93 -21.11
CA GLY B 132 -39.39 9.92 -20.48
C GLY B 132 -38.76 9.24 -19.29
N PHE B 133 -37.80 9.89 -18.64
CA PHE B 133 -37.16 9.30 -17.47
C PHE B 133 -38.14 9.16 -16.32
N GLY B 134 -37.95 8.12 -15.53
CA GLY B 134 -38.56 8.04 -14.22
C GLY B 134 -37.57 8.59 -13.22
N GLY B 135 -38.06 9.45 -12.33
CA GLY B 135 -37.18 9.99 -11.32
C GLY B 135 -37.05 9.01 -10.18
N LEU B 136 -37.19 9.51 -8.96
CA LEU B 136 -37.27 8.66 -7.77
C LEU B 136 -38.65 8.83 -7.16
N ARG B 137 -38.88 8.14 -6.04
CA ARG B 137 -40.18 8.21 -5.39
C ARG B 137 -40.38 9.59 -4.77
N ALA B 138 -41.65 9.94 -4.57
CA ALA B 138 -41.99 11.19 -3.92
C ALA B 138 -41.64 11.19 -2.44
N THR B 139 -41.57 10.01 -1.84
CA THR B 139 -41.33 9.86 -0.41
C THR B 139 -40.38 8.68 -0.23
N HIS B 140 -40.34 8.13 0.99
CA HIS B 140 -39.54 6.95 1.32
C HIS B 140 -38.06 7.30 1.37
N GLY B 141 -37.75 8.49 1.86
CA GLY B 141 -36.40 8.90 2.14
C GLY B 141 -35.74 9.72 1.05
N VAL B 142 -36.34 9.79 -0.14
CA VAL B 142 -35.67 10.41 -1.28
C VAL B 142 -35.26 11.83 -0.92
N HIS B 143 -33.99 12.15 -1.17
CA HIS B 143 -33.32 13.34 -0.65
C HIS B 143 -32.96 14.25 -1.81
N ARG B 144 -33.87 15.16 -2.16
CA ARG B 144 -33.60 16.25 -3.10
C ARG B 144 -33.26 15.75 -4.50
N LYS B 145 -33.78 14.58 -4.88
CA LYS B 145 -33.45 13.99 -6.18
C LYS B 145 -34.69 13.38 -6.81
N HIS B 146 -35.83 14.05 -6.69
CA HIS B 146 -37.09 13.48 -7.16
C HIS B 146 -37.15 13.38 -8.68
N ARG B 147 -36.67 14.40 -9.38
CA ARG B 147 -36.70 14.43 -10.84
C ARG B 147 -35.29 14.30 -11.43
N SER B 148 -34.48 13.45 -10.84
CA SER B 148 -33.06 13.35 -11.15
C SER B 148 -32.80 12.28 -12.21
N PRO B 149 -31.69 12.42 -12.96
CA PRO B 149 -31.37 11.41 -13.97
C PRO B 149 -30.86 10.10 -13.40
N GLY B 150 -30.58 10.02 -12.10
CA GLY B 150 -30.00 8.83 -11.54
C GLY B 150 -28.52 8.74 -11.83
N SER B 151 -28.05 7.53 -12.12
CA SER B 151 -26.66 7.35 -12.52
C SER B 151 -26.46 7.79 -13.96
N ILE B 152 -25.25 8.27 -14.27
CA ILE B 152 -24.89 8.69 -15.61
C ILE B 152 -23.73 7.90 -16.16
N GLY B 153 -23.37 6.80 -15.52
CA GLY B 153 -22.27 5.98 -15.98
C GLY B 153 -21.93 4.91 -14.97
N GLY B 154 -20.78 4.29 -15.18
CA GLY B 154 -20.35 3.22 -14.30
C GLY B 154 -19.37 3.66 -13.22
N CYS B 155 -18.10 3.31 -13.41
CA CYS B 155 -17.06 3.53 -12.42
C CYS B 155 -15.75 3.74 -13.17
N SER B 156 -14.62 3.47 -12.51
CA SER B 156 -13.31 3.50 -13.15
C SER B 156 -13.35 3.02 -14.60
N THR B 157 -14.06 1.93 -14.86
CA THR B 157 -14.22 1.44 -16.22
C THR B 157 -15.61 1.77 -16.72
N PRO B 158 -15.77 2.68 -17.69
CA PRO B 158 -14.78 3.64 -18.16
C PRO B 158 -14.85 4.88 -17.30
N GLY B 159 -13.76 5.60 -17.07
CA GLY B 159 -13.86 6.80 -16.27
C GLY B 159 -14.46 7.94 -17.04
N LYS B 160 -15.60 7.70 -17.68
CA LYS B 160 -16.21 8.68 -18.57
C LYS B 160 -17.69 8.41 -18.69
N VAL B 161 -18.42 9.46 -19.06
CA VAL B 161 -19.81 9.35 -19.48
C VAL B 161 -19.82 9.05 -20.97
N ILE B 162 -20.58 8.03 -21.37
CA ILE B 162 -20.58 7.62 -22.77
C ILE B 162 -21.26 8.69 -23.61
N LYS B 163 -20.85 8.76 -24.87
CA LYS B 163 -21.44 9.72 -25.80
C LYS B 163 -22.87 9.31 -26.11
N GLY B 164 -23.76 10.29 -26.20
CA GLY B 164 -25.15 10.03 -26.44
C GLY B 164 -25.99 9.70 -25.23
N LEU B 165 -25.46 9.87 -24.03
CA LEU B 165 -26.26 9.72 -22.83
C LEU B 165 -27.38 10.75 -22.83
N ARG B 166 -28.56 10.33 -22.40
CA ARG B 166 -29.74 11.20 -22.45
C ARG B 166 -29.76 12.11 -21.23
N MET B 167 -29.70 13.41 -21.46
CA MET B 167 -29.57 14.41 -20.42
C MET B 167 -30.56 15.53 -20.68
N ALA B 168 -30.68 16.46 -19.74
CA ALA B 168 -31.55 17.61 -19.94
C ALA B 168 -30.99 18.51 -21.03
N GLY B 169 -31.88 19.28 -21.65
CA GLY B 169 -31.47 20.15 -22.72
C GLY B 169 -32.68 20.70 -23.45
N ARG B 170 -32.41 21.53 -24.45
CA ARG B 170 -33.48 22.20 -25.15
C ARG B 170 -34.18 21.23 -26.10
N MET B 171 -35.50 21.17 -26.00
CA MET B 171 -36.31 20.23 -26.76
C MET B 171 -37.37 20.99 -27.55
N GLY B 172 -37.73 20.45 -28.71
CA GLY B 172 -38.65 21.12 -29.61
C GLY B 172 -37.93 21.90 -30.68
N VAL B 173 -38.72 22.60 -31.48
CA VAL B 173 -38.25 23.39 -32.63
C VAL B 173 -37.32 22.56 -33.50
N GLU B 174 -37.81 21.44 -34.03
CA GLU B 174 -37.01 20.60 -34.88
C GLU B 174 -37.86 20.07 -36.03
N ARG B 175 -37.18 19.68 -37.10
CA ARG B 175 -37.85 19.11 -38.26
C ARG B 175 -38.52 17.80 -37.88
N VAL B 176 -39.82 17.70 -38.15
CA VAL B 176 -40.61 16.51 -37.89
C VAL B 176 -41.44 16.21 -39.12
N THR B 177 -41.43 14.95 -39.55
CA THR B 177 -42.28 14.48 -40.63
C THR B 177 -43.27 13.47 -40.07
N VAL B 178 -44.55 13.69 -40.33
CA VAL B 178 -45.60 12.74 -40.02
C VAL B 178 -45.99 12.04 -41.31
N GLN B 179 -45.95 10.72 -41.30
CA GLN B 179 -46.08 9.90 -42.50
C GLN B 179 -47.48 9.30 -42.62
N ASN B 180 -47.90 9.08 -43.87
CA ASN B 180 -49.12 8.35 -44.21
C ASN B 180 -50.35 9.01 -43.61
N LEU B 181 -50.49 10.30 -43.85
CA LEU B 181 -51.67 11.06 -43.45
C LEU B 181 -52.60 11.17 -44.65
N GLN B 182 -53.87 10.83 -44.45
CA GLN B 182 -54.82 10.83 -45.55
C GLN B 182 -55.37 12.23 -45.78
N VAL B 183 -55.24 12.71 -47.02
CA VAL B 183 -55.88 13.96 -47.40
C VAL B 183 -57.39 13.77 -47.32
N HIS B 184 -58.04 14.50 -46.42
CA HIS B 184 -59.49 14.39 -46.35
C HIS B 184 -60.17 15.17 -47.47
N SER B 185 -59.74 16.41 -47.70
CA SER B 185 -60.38 17.19 -48.76
C SER B 185 -59.44 18.29 -49.23
N VAL B 186 -59.67 18.76 -50.45
CA VAL B 186 -58.93 19.87 -51.03
C VAL B 186 -59.93 20.85 -51.64
N ASP B 187 -59.89 22.10 -51.19
CA ASP B 187 -60.65 23.19 -51.78
C ASP B 187 -59.63 24.03 -52.54
N ALA B 188 -59.56 23.82 -53.87
CA ALA B 188 -58.48 24.37 -54.66
C ALA B 188 -58.64 25.87 -54.90
N GLU B 189 -59.88 26.36 -55.03
CA GLU B 189 -60.07 27.77 -55.34
C GLU B 189 -59.63 28.68 -54.20
N ARG B 190 -59.85 28.27 -52.95
CA ARG B 190 -59.38 29.05 -51.80
C ARG B 190 -58.11 28.46 -51.18
N GLY B 191 -57.53 27.44 -51.79
CA GLY B 191 -56.26 26.91 -51.32
C GLY B 191 -56.28 26.35 -49.92
N ILE B 192 -57.29 25.54 -49.61
CA ILE B 192 -57.45 24.96 -48.28
C ILE B 192 -57.34 23.44 -48.39
N MET B 193 -56.70 22.83 -47.41
CA MET B 193 -56.48 21.40 -47.40
C MET B 193 -56.84 20.84 -46.03
N LEU B 194 -57.73 19.86 -46.00
CA LEU B 194 -58.07 19.14 -44.76
C LEU B 194 -57.34 17.82 -44.80
N VAL B 195 -56.42 17.63 -43.85
CA VAL B 195 -55.58 16.44 -43.76
C VAL B 195 -55.91 15.73 -42.46
N ARG B 196 -56.15 14.42 -42.54
CA ARG B 196 -56.65 13.68 -41.38
C ARG B 196 -55.49 13.35 -40.44
N GLY B 197 -55.40 14.09 -39.33
CA GLY B 197 -54.43 13.82 -38.29
C GLY B 197 -53.86 15.10 -37.75
N ALA B 198 -52.78 14.97 -36.98
CA ALA B 198 -52.09 16.10 -36.39
C ALA B 198 -50.70 16.23 -37.01
N VAL B 199 -50.31 17.47 -37.32
CA VAL B 199 -49.05 17.74 -38.00
C VAL B 199 -48.15 18.57 -37.09
N PRO B 200 -46.83 18.52 -37.25
CA PRO B 200 -45.96 19.25 -36.33
C PRO B 200 -46.08 20.76 -36.47
N GLY B 201 -45.79 21.45 -35.37
CA GLY B 201 -45.66 22.88 -35.39
C GLY B 201 -46.82 23.61 -34.74
N PRO B 202 -46.61 24.88 -34.44
CA PRO B 202 -47.72 25.73 -33.97
C PRO B 202 -48.53 26.27 -35.14
N LYS B 203 -49.65 26.90 -34.80
CA LYS B 203 -50.49 27.52 -35.82
C LYS B 203 -49.75 28.66 -36.48
N GLY B 204 -49.83 28.72 -37.80
CA GLY B 204 -49.10 29.72 -38.57
C GLY B 204 -47.72 29.31 -39.01
N SER B 205 -47.32 28.06 -38.77
CA SER B 205 -45.99 27.59 -39.14
C SER B 205 -46.01 27.00 -40.55
N LEU B 206 -44.87 27.09 -41.22
CA LEU B 206 -44.77 26.59 -42.59
C LEU B 206 -44.73 25.07 -42.61
N LEU B 207 -45.52 24.48 -43.50
CA LEU B 207 -45.63 23.04 -43.67
C LEU B 207 -45.30 22.68 -45.10
N VAL B 208 -44.58 21.57 -45.28
CA VAL B 208 -44.31 21.00 -46.59
C VAL B 208 -45.14 19.73 -46.69
N VAL B 209 -46.08 19.69 -47.63
CA VAL B 209 -46.91 18.52 -47.86
C VAL B 209 -46.37 17.82 -49.10
N ARG B 210 -46.03 16.55 -48.97
CA ARG B 210 -45.44 15.78 -50.05
C ARG B 210 -46.16 14.46 -50.19
N SER B 211 -45.90 13.76 -51.28
CA SER B 211 -46.42 12.40 -51.45
C SER B 211 -45.81 11.48 -50.40
N ALA B 212 -46.62 10.53 -49.92
CA ALA B 212 -46.16 9.60 -48.91
C ALA B 212 -45.07 8.70 -49.49
N ALA B 213 -43.90 8.70 -48.83
CA ALA B 213 -42.76 7.92 -49.33
C ALA B 213 -43.05 6.43 -49.27
N LYS B 214 -43.70 5.97 -48.21
CA LYS B 214 -44.08 4.57 -48.07
C LYS B 214 -45.52 4.30 -48.47
N LYS B 215 -46.09 5.17 -49.31
CA LYS B 215 -47.43 5.00 -49.86
C LYS B 215 -48.48 5.00 -48.77
N ALA B 216 -48.52 3.95 -47.96
CA ALA B 216 -49.42 3.83 -46.82
C ALA B 216 -48.93 2.66 -45.97
N ALA B 217 -49.71 2.30 -44.96
CA ALA B 217 -49.37 1.18 -44.10
C ALA B 217 -50.12 -0.07 -44.52
N GLU C 3 71.52 30.18 17.76
CA GLU C 3 71.94 31.56 17.95
C GLU C 3 71.54 32.06 19.35
N THR C 4 72.56 32.29 20.19
CA THR C 4 72.29 32.76 21.55
C THR C 4 73.34 33.82 21.93
N LYS C 5 73.83 34.59 20.97
CA LYS C 5 74.81 35.62 21.26
C LYS C 5 74.16 36.79 22.00
N THR C 6 74.63 37.03 23.22
CA THR C 6 74.26 38.24 23.94
C THR C 6 74.96 39.42 23.28
N ILE C 7 74.22 40.52 23.12
CA ILE C 7 74.74 41.67 22.38
C ILE C 7 74.66 42.91 23.25
N ASP C 8 75.29 43.98 22.77
CA ASP C 8 75.36 45.24 23.49
C ASP C 8 74.60 46.30 22.71
N VAL C 9 73.75 47.06 23.39
CA VAL C 9 73.01 48.14 22.78
C VAL C 9 73.33 49.43 23.52
N LEU C 10 73.19 50.55 22.81
CA LEU C 10 73.58 51.85 23.31
C LEU C 10 72.44 52.44 24.13
N ASP C 11 72.64 52.56 25.43
CA ASP C 11 71.73 53.36 26.24
C ASP C 11 71.89 54.81 25.81
N VAL C 12 70.77 55.47 25.50
CA VAL C 12 70.79 56.73 24.75
C VAL C 12 70.57 57.93 25.67
N LYS C 13 69.39 58.03 26.27
CA LYS C 13 68.91 59.29 26.85
C LYS C 13 69.20 60.44 25.90
N GLY C 14 68.53 60.40 24.75
CA GLY C 14 68.70 61.44 23.76
C GLY C 14 69.98 61.35 22.96
N LYS C 15 71.13 61.47 23.62
CA LYS C 15 72.41 61.50 22.93
C LYS C 15 73.28 60.29 23.24
N LYS C 16 73.61 60.06 24.51
CA LYS C 16 74.52 58.96 24.85
C LYS C 16 74.55 58.77 26.36
N ALA C 17 74.67 57.51 26.76
CA ALA C 17 74.76 57.09 28.16
C ALA C 17 75.60 55.82 28.17
N GLY C 18 75.47 55.03 29.24
CA GLY C 18 76.16 53.76 29.30
C GLY C 18 75.67 52.76 28.26
N SER C 19 75.93 51.48 28.46
CA SER C 19 75.52 50.45 27.53
C SER C 19 74.74 49.37 28.26
N ALA C 20 73.90 48.64 27.53
CA ALA C 20 73.02 47.64 28.12
C ALA C 20 73.14 46.32 27.38
N GLU C 21 73.08 45.22 28.11
CA GLU C 21 73.21 43.89 27.54
C GLU C 21 71.83 43.33 27.18
N LEU C 22 71.74 42.75 25.98
CA LEU C 22 70.63 41.90 25.60
C LEU C 22 71.10 40.47 25.76
N PRO C 23 70.62 39.75 26.78
CA PRO C 23 71.32 38.54 27.27
C PRO C 23 71.35 37.34 26.34
N GLY C 24 70.78 37.42 25.16
CA GLY C 24 70.92 36.30 24.23
C GLY C 24 69.96 35.15 24.50
N ASP C 25 69.98 34.60 25.71
CA ASP C 25 68.99 33.57 26.06
C ASP C 25 67.57 34.08 25.84
N LEU C 26 67.38 35.39 26.03
CA LEU C 26 66.28 36.15 25.47
C LEU C 26 66.87 37.32 24.71
N PHE C 27 66.17 37.75 23.66
CA PHE C 27 66.60 38.70 22.62
C PHE C 27 67.47 38.07 21.54
N ASP C 28 67.82 36.78 21.64
CA ASP C 28 68.43 36.08 20.50
C ASP C 28 68.04 34.60 20.60
N VAL C 29 66.92 34.25 19.98
CA VAL C 29 66.44 32.88 19.89
C VAL C 29 65.60 32.77 18.63
N ASN C 30 65.21 31.54 18.32
CA ASN C 30 64.43 31.30 17.08
C ASN C 30 63.03 31.91 17.16
N THR C 31 62.63 32.64 16.13
CA THR C 31 61.26 33.12 16.01
C THR C 31 60.43 31.99 15.44
N ASN C 32 59.50 31.47 16.23
CA ASN C 32 58.70 30.31 15.85
C ASN C 32 57.30 30.81 15.52
N ILE C 33 57.01 30.95 14.24
CA ILE C 33 55.78 31.59 13.78
C ILE C 33 54.54 30.79 14.21
N PRO C 34 54.48 29.46 14.04
CA PRO C 34 53.32 28.73 14.57
C PRO C 34 53.14 28.88 16.07
N LEU C 35 54.22 28.85 16.84
CA LEU C 35 54.12 28.95 18.29
C LEU C 35 53.68 30.35 18.71
N ILE C 36 54.23 31.38 18.06
CA ILE C 36 53.81 32.75 18.35
C ILE C 36 52.36 32.95 17.96
N HIS C 37 51.93 32.34 16.85
CA HIS C 37 50.53 32.42 16.45
C HIS C 37 49.62 31.79 17.49
N GLN C 38 50.00 30.62 18.00
CA GLN C 38 49.20 29.99 19.04
C GLN C 38 49.11 30.85 20.28
N VAL C 39 50.23 31.44 20.71
CA VAL C 39 50.24 32.21 21.94
C VAL C 39 49.44 33.50 21.77
N VAL C 40 49.55 34.15 20.60
CA VAL C 40 48.81 35.37 20.35
C VAL C 40 47.31 35.09 20.26
N VAL C 41 46.94 33.97 19.62
CA VAL C 41 45.52 33.60 19.54
C VAL C 41 44.98 33.31 20.92
N ALA C 42 45.73 32.61 21.77
CA ALA C 42 45.30 32.39 23.14
C ALA C 42 45.14 33.70 23.90
N GLN C 43 46.07 34.64 23.69
CA GLN C 43 45.98 35.94 24.33
C GLN C 43 44.71 36.67 23.92
N LEU C 44 44.41 36.69 22.62
CA LEU C 44 43.22 37.36 22.14
C LEU C 44 41.95 36.63 22.53
N ALA C 45 42.04 35.32 22.81
CA ALA C 45 40.88 34.58 23.31
C ALA C 45 40.62 34.93 24.78
N ALA C 46 41.68 35.11 25.57
CA ALA C 46 41.51 35.48 26.97
C ALA C 46 40.93 36.87 27.13
N ALA C 47 41.05 37.73 26.11
CA ALA C 47 40.46 39.06 26.16
C ALA C 47 38.95 39.03 25.91
N ARG C 48 38.41 37.89 25.50
CA ARG C 48 37.00 37.82 25.14
C ARG C 48 36.12 37.85 26.38
N GLN C 49 35.16 38.77 26.40
CA GLN C 49 34.21 38.83 27.49
C GLN C 49 33.27 37.63 27.49
N GLY C 50 32.79 37.24 26.31
CA GLY C 50 31.96 36.06 26.20
C GLY C 50 30.58 36.18 26.81
N THR C 51 30.03 37.38 26.84
CA THR C 51 28.71 37.61 27.44
C THR C 51 27.64 37.63 26.36
N HIS C 52 27.40 36.45 25.80
CA HIS C 52 26.40 36.26 24.76
C HIS C 52 25.51 35.10 25.16
N ALA C 53 24.21 35.36 25.33
CA ALA C 53 23.27 34.33 25.73
C ALA C 53 22.00 34.41 24.90
N THR C 54 21.33 33.28 24.77
CA THR C 54 20.02 33.19 24.12
C THR C 54 19.10 32.36 25.00
N LYS C 55 17.81 32.41 24.68
CA LYS C 55 16.80 31.65 25.40
C LYS C 55 16.47 30.39 24.63
N THR C 56 16.49 29.25 25.32
CA THR C 56 16.02 28.00 24.74
C THR C 56 14.49 27.96 24.80
N ARG C 57 13.90 26.90 24.27
CA ARG C 57 12.44 26.82 24.24
C ARG C 57 11.84 26.75 25.64
N GLY C 58 12.59 26.26 26.63
CA GLY C 58 12.10 26.23 27.99
C GLY C 58 12.19 27.55 28.72
N GLN C 59 13.05 28.47 28.27
CA GLN C 59 13.23 29.75 28.94
C GLN C 59 12.38 30.87 28.35
N VAL C 60 11.75 30.66 27.21
CA VAL C 60 10.88 31.66 26.63
C VAL C 60 9.57 31.70 27.40
N SER C 61 8.99 32.90 27.53
CA SER C 61 7.79 33.07 28.32
C SER C 61 6.62 32.29 27.75
N GLY C 62 5.81 31.71 28.63
CA GLY C 62 4.65 30.97 28.17
C GLY C 62 5.02 29.66 27.53
N GLY C 63 4.18 29.23 26.60
CA GLY C 63 4.42 28.00 25.86
C GLY C 63 4.20 26.73 26.64
N GLY C 64 3.57 26.80 27.81
CA GLY C 64 3.38 25.61 28.61
C GLY C 64 2.40 24.62 28.00
N LYS C 65 1.29 25.11 27.46
CA LYS C 65 0.20 24.26 27.05
C LYS C 65 0.24 23.96 25.56
N LYS C 66 -0.34 22.82 25.19
CA LYS C 66 -0.44 22.43 23.79
C LYS C 66 -1.32 23.41 23.04
N PRO C 67 -0.86 23.98 21.92
CA PRO C 67 -1.67 24.99 21.22
C PRO C 67 -3.04 24.48 20.78
N TRP C 68 -3.13 23.24 20.32
CA TRP C 68 -4.40 22.66 19.90
C TRP C 68 -4.28 21.14 19.98
N ARG C 69 -5.37 20.46 19.63
CA ARG C 69 -5.44 19.01 19.74
C ARG C 69 -4.47 18.33 18.79
N GLN C 70 -4.04 17.12 19.18
CA GLN C 70 -3.12 16.36 18.35
C GLN C 70 -3.75 15.95 17.02
N LYS C 71 -5.03 15.57 17.05
CA LYS C 71 -5.71 15.06 15.88
C LYS C 71 -7.03 15.80 15.65
N GLY C 72 -7.41 15.90 14.38
CA GLY C 72 -8.75 16.33 13.99
C GLY C 72 -8.86 17.75 13.50
N THR C 73 -7.87 18.59 13.75
CA THR C 73 -7.97 20.01 13.41
C THR C 73 -7.54 20.32 11.98
N GLY C 74 -6.84 19.42 11.31
CA GLY C 74 -6.30 19.71 10.01
C GLY C 74 -5.03 20.53 10.01
N ARG C 75 -4.46 20.78 11.18
CA ARG C 75 -3.20 21.51 11.33
C ARG C 75 -2.09 20.55 11.70
N ALA C 76 -0.85 21.00 11.50
CA ALA C 76 0.31 20.22 11.91
C ALA C 76 0.36 20.07 13.42
N ARG C 77 1.02 19.00 13.87
CA ARG C 77 1.12 18.74 15.30
C ARG C 77 2.08 19.72 15.96
N GLN C 78 1.61 20.42 16.98
CA GLN C 78 2.42 21.33 17.74
C GLN C 78 2.26 21.04 19.22
N GLY C 79 3.36 21.16 19.97
CA GLY C 79 3.35 20.91 21.39
C GLY C 79 3.40 22.16 22.23
N SER C 80 3.94 23.23 21.66
CA SER C 80 4.05 24.50 22.37
C SER C 80 4.12 25.63 21.35
N THR C 81 3.83 26.83 21.83
CA THR C 81 3.96 28.04 21.01
C THR C 81 5.39 28.53 20.99
N ARG C 82 6.25 28.04 21.87
CA ARG C 82 7.64 28.46 21.93
C ARG C 82 8.57 27.43 21.33
N ALA C 83 8.05 26.53 20.51
CA ALA C 83 8.91 25.61 19.79
C ALA C 83 9.78 26.37 18.80
N PRO C 84 10.99 25.87 18.51
CA PRO C 84 11.98 26.68 17.78
C PRO C 84 11.57 27.07 16.36
N GLN C 85 10.63 26.38 15.74
CA GLN C 85 10.18 26.76 14.41
C GLN C 85 9.10 27.83 14.43
N TRP C 86 8.65 28.26 15.61
CA TRP C 86 7.66 29.31 15.74
C TRP C 86 8.34 30.68 15.77
N VAL C 87 7.67 31.66 15.17
CA VAL C 87 8.10 33.05 15.34
C VAL C 87 7.91 33.43 16.80
N GLY C 88 8.99 33.85 17.44
CA GLY C 88 8.96 34.12 18.86
C GLY C 88 9.30 32.94 19.74
N GLY C 89 9.62 31.79 19.16
CA GLY C 89 9.95 30.61 19.92
C GLY C 89 11.39 30.62 20.39
N GLY C 90 11.80 29.48 20.93
CA GLY C 90 13.14 29.37 21.46
C GLY C 90 14.19 29.23 20.38
N THR C 91 15.43 29.56 20.76
CA THR C 91 16.58 29.37 19.88
C THR C 91 17.23 28.04 20.20
N VAL C 92 17.64 27.31 19.16
CA VAL C 92 18.05 25.92 19.35
C VAL C 92 19.46 25.83 19.88
N HIS C 93 20.43 26.26 19.09
CA HIS C 93 21.84 26.15 19.44
C HIS C 93 22.51 27.52 19.41
N GLY C 94 21.79 28.52 19.90
CA GLY C 94 22.32 29.86 19.96
C GLY C 94 23.40 29.98 21.01
N PRO C 95 24.09 31.11 21.05
CA PRO C 95 25.18 31.26 22.01
C PRO C 95 24.69 31.29 23.45
N GLN C 96 25.52 30.75 24.33
CA GLN C 96 25.37 30.80 25.77
C GLN C 96 26.68 31.29 26.37
N PRO C 97 26.64 31.92 27.54
CA PRO C 97 27.87 32.53 28.08
C PRO C 97 28.98 31.50 28.26
N ARG C 98 30.19 31.91 27.93
CA ARG C 98 31.34 31.02 28.04
C ARG C 98 32.60 31.84 28.15
N SER C 99 33.68 31.17 28.57
CA SER C 99 35.01 31.75 28.64
C SER C 99 35.89 31.13 27.57
N TYR C 100 36.74 31.94 26.96
CA TYR C 100 37.58 31.49 25.87
C TYR C 100 39.05 31.34 26.26
N ALA C 101 39.39 31.58 27.52
CA ALA C 101 40.78 31.49 27.94
C ALA C 101 41.30 30.07 27.78
N GLN C 102 42.50 29.96 27.24
CA GLN C 102 43.13 28.67 26.96
C GLN C 102 44.27 28.42 27.94
N ARG C 103 44.50 27.15 28.26
CA ARG C 103 45.50 26.76 29.24
C ARG C 103 46.82 26.48 28.54
N THR C 104 47.36 27.52 27.92
CA THR C 104 48.61 27.40 27.19
C THR C 104 49.74 27.06 28.16
N PRO C 105 50.61 26.11 27.82
CA PRO C 105 51.75 25.82 28.69
C PRO C 105 52.66 27.03 28.84
N LYS C 106 53.27 27.15 30.03
CA LYS C 106 54.10 28.31 30.34
C LYS C 106 55.30 28.40 29.42
N LYS C 107 55.93 27.26 29.15
CA LYS C 107 57.13 27.24 28.30
C LYS C 107 56.81 27.82 26.93
N MET C 108 55.63 27.50 26.39
CA MET C 108 55.24 28.01 25.09
C MET C 108 55.08 29.53 25.11
N VAL C 109 54.45 30.06 26.16
CA VAL C 109 54.25 31.51 26.26
C VAL C 109 55.58 32.23 26.38
N GLY C 110 56.48 31.70 27.23
CA GLY C 110 57.78 32.32 27.39
C GLY C 110 58.61 32.26 26.11
N ALA C 111 58.60 31.12 25.44
CA ALA C 111 59.35 30.99 24.18
C ALA C 111 58.79 31.91 23.11
N ALA C 112 57.46 32.06 23.05
CA ALA C 112 56.86 32.95 22.06
C ALA C 112 57.24 34.40 22.32
N LEU C 113 57.21 34.83 23.59
CA LEU C 113 57.65 36.19 23.88
C LEU C 113 59.12 36.38 23.55
N ARG C 114 59.94 35.38 23.86
CA ARG C 114 61.36 35.43 23.52
C ARG C 114 61.57 35.60 22.02
N GLY C 115 60.90 34.77 21.23
CA GLY C 115 61.08 34.85 19.78
C GLY C 115 60.57 36.16 19.22
N ALA C 116 59.45 36.67 19.76
CA ALA C 116 58.93 37.95 19.32
C ALA C 116 59.92 39.08 19.62
N LEU C 117 60.56 39.05 20.80
CA LEU C 117 61.57 40.04 21.12
C LEU C 117 62.79 39.91 20.24
N SER C 118 63.22 38.67 19.97
CA SER C 118 64.42 38.45 19.18
C SER C 118 64.23 38.86 17.73
N ASP C 119 63.03 38.67 17.19
CA ASP C 119 62.76 39.04 15.81
C ASP C 119 63.11 40.50 15.55
N MET C 120 62.88 41.37 16.53
CA MET C 120 63.17 42.78 16.37
C MET C 120 64.40 43.24 17.16
N ALA C 121 65.04 42.34 17.89
CA ALA C 121 66.42 42.60 18.32
C ALA C 121 67.38 42.39 17.17
N ARG C 122 67.08 41.43 16.29
CA ARG C 122 67.86 41.22 15.08
C ARG C 122 67.53 42.26 14.00
N ASP C 123 66.40 42.94 14.13
CA ASP C 123 66.03 44.03 13.23
C ASP C 123 66.47 45.39 13.76
N ASN C 124 67.15 45.42 14.90
CA ASN C 124 67.67 46.65 15.50
C ASN C 124 66.57 47.68 15.76
N ARG C 125 65.44 47.22 16.29
CA ARG C 125 64.34 48.12 16.61
C ARG C 125 64.16 48.28 18.10
N ILE C 126 65.10 47.77 18.90
CA ILE C 126 65.05 47.87 20.36
C ILE C 126 65.99 48.99 20.81
N PHE C 127 65.46 49.93 21.57
CA PHE C 127 66.20 51.06 22.11
C PHE C 127 66.09 51.05 23.63
N VAL C 128 67.16 51.44 24.30
CA VAL C 128 67.18 51.58 25.74
C VAL C 128 67.50 53.02 26.08
N VAL C 129 66.67 53.64 26.93
CA VAL C 129 66.87 55.00 27.37
C VAL C 129 66.90 55.01 28.90
N THR C 130 67.51 56.05 29.46
CA THR C 130 67.43 56.22 30.90
C THR C 130 66.07 56.73 31.35
N SER C 131 65.51 57.68 30.61
CA SER C 131 64.17 58.21 30.86
C SER C 131 63.70 58.92 29.61
N LEU C 132 62.46 59.41 29.68
CA LEU C 132 61.87 60.15 28.58
C LEU C 132 61.52 61.58 28.94
N VAL C 133 61.66 61.97 30.21
CA VAL C 133 61.13 63.24 30.72
C VAL C 133 61.90 63.60 31.99
N ASP C 134 62.08 64.90 32.22
CA ASP C 134 62.66 65.44 33.46
C ASP C 134 61.61 66.25 34.20
N GLY C 135 61.36 65.93 35.47
CA GLY C 135 60.54 66.77 36.31
C GLY C 135 59.07 66.39 36.40
N ASP C 136 58.19 67.28 35.92
CA ASP C 136 56.76 67.03 35.87
C ASP C 136 56.43 66.17 34.65
N LYS C 137 55.14 66.09 34.32
CA LYS C 137 54.67 65.22 33.25
C LYS C 137 54.31 66.01 31.99
N PRO C 138 55.22 66.16 31.03
CA PRO C 138 54.82 66.62 29.70
C PRO C 138 54.61 65.48 28.73
N SER C 139 53.59 65.56 27.88
CA SER C 139 53.50 64.65 26.74
C SER C 139 54.35 65.14 25.57
N THR C 140 54.55 66.46 25.46
CA THR C 140 55.35 67.01 24.36
C THR C 140 56.79 66.54 24.44
N LYS C 141 57.39 66.58 25.63
CA LYS C 141 58.81 66.24 25.77
C LYS C 141 59.11 64.79 25.40
N GLN C 142 58.36 63.85 25.98
CA GLN C 142 58.67 62.47 25.62
C GLN C 142 58.15 62.11 24.24
N ALA C 143 57.20 62.86 23.70
CA ALA C 143 56.87 62.72 22.28
C ALA C 143 58.06 63.10 21.41
N LYS C 144 58.77 64.17 21.79
CA LYS C 144 60.01 64.51 21.10
C LYS C 144 61.08 63.45 21.30
N ALA C 145 61.16 62.89 22.51
CA ALA C 145 62.21 61.93 22.84
C ALA C 145 62.02 60.59 22.13
N VAL C 146 60.78 60.14 21.96
CA VAL C 146 60.55 58.84 21.33
C VAL C 146 60.88 58.86 19.84
N LEU C 147 61.33 59.99 19.32
CA LEU C 147 61.82 60.07 17.94
C LEU C 147 63.24 59.52 17.82
N SER C 148 63.40 58.29 18.32
CA SER C 148 64.45 57.42 17.85
C SER C 148 64.05 56.68 16.59
N GLY C 149 62.74 56.51 16.39
CA GLY C 149 62.17 56.12 15.12
C GLY C 149 60.92 56.95 14.87
N LEU C 150 60.23 56.64 13.77
CA LEU C 150 58.96 57.29 13.48
C LEU C 150 57.94 56.95 14.56
N ALA C 151 57.15 57.94 14.98
CA ALA C 151 56.17 57.70 16.04
C ALA C 151 55.01 56.89 15.47
N GLU C 152 55.22 55.57 15.40
CA GLU C 152 54.24 54.67 14.82
C GLU C 152 54.44 53.27 15.36
N LEU C 153 53.42 52.74 16.04
CA LEU C 153 53.44 51.39 16.62
C LEU C 153 54.68 51.17 17.48
N ARG C 154 54.87 52.07 18.43
CA ARG C 154 55.98 51.98 19.38
C ARG C 154 55.48 51.38 20.68
N LYS C 155 56.36 50.68 21.38
CA LYS C 155 56.03 50.12 22.69
C LYS C 155 57.08 50.56 23.70
N VAL C 156 56.63 51.22 24.76
CA VAL C 156 57.50 51.76 25.78
C VAL C 156 57.45 50.84 27.00
N LEU C 157 58.59 50.23 27.32
CA LEU C 157 58.72 49.30 28.42
C LEU C 157 59.32 50.01 29.62
N VAL C 158 58.49 50.36 30.59
CA VAL C 158 58.99 51.04 31.79
C VAL C 158 58.82 50.10 32.97
N VAL C 159 59.30 50.51 34.15
CA VAL C 159 59.40 49.63 35.31
C VAL C 159 58.37 50.05 36.34
N LEU C 160 57.66 49.07 36.90
CA LEU C 160 56.70 49.28 37.99
C LEU C 160 55.60 50.27 37.62
N ASP C 161 54.72 50.54 38.58
CA ASP C 161 53.71 51.58 38.45
C ASP C 161 54.12 52.88 39.12
N ARG C 162 55.25 52.89 39.81
CA ARG C 162 55.70 54.07 40.57
C ARG C 162 57.10 54.52 40.20
N SER C 163 57.99 53.59 39.84
CA SER C 163 59.36 53.97 39.51
C SER C 163 59.43 54.83 38.25
N ASP C 164 58.47 54.66 37.35
CA ASP C 164 58.35 55.47 36.14
C ASP C 164 56.95 56.07 36.04
N GLU C 165 56.48 56.68 37.12
CA GLU C 165 55.19 57.38 37.06
C GLU C 165 55.23 58.49 36.03
N ILE C 166 56.30 59.28 36.02
CA ILE C 166 56.39 60.41 35.10
C ILE C 166 56.44 59.94 33.65
N ASP C 167 57.25 58.93 33.36
CA ASP C 167 57.34 58.41 32.00
C ASP C 167 56.02 57.81 31.55
N TRP C 168 55.36 57.05 32.44
CA TRP C 168 54.08 56.43 32.10
C TRP C 168 53.04 57.50 31.78
N LEU C 169 52.91 58.49 32.66
CA LEU C 169 51.91 59.53 32.42
C LEU C 169 52.26 60.36 31.20
N SER C 170 53.55 60.50 30.89
CA SER C 170 53.95 61.23 29.69
C SER C 170 53.54 60.49 28.42
N VAL C 171 53.83 59.19 28.35
CA VAL C 171 53.52 58.42 27.14
C VAL C 171 52.08 57.94 27.07
N ARG C 172 51.29 58.17 28.12
CA ARG C 172 49.94 57.61 28.17
C ARG C 172 49.06 58.02 26.98
N ASN C 173 49.21 59.25 26.48
CA ASN C 173 48.26 59.81 25.53
C ASN C 173 48.75 59.86 24.09
N LEU C 174 49.84 59.16 23.77
CA LEU C 174 50.42 59.35 22.44
C LEU C 174 49.64 58.62 21.35
N SER C 175 48.96 57.52 21.70
CA SER C 175 48.02 56.80 20.83
C SER C 175 48.73 56.05 19.70
N GLU C 176 50.02 56.31 19.55
CA GLU C 176 50.90 55.48 18.74
C GLU C 176 51.93 54.78 19.62
N VAL C 177 51.81 54.95 20.92
CA VAL C 177 52.66 54.31 21.91
C VAL C 177 51.79 53.42 22.79
N HIS C 178 52.16 52.14 22.87
CA HIS C 178 51.62 51.24 23.87
C HIS C 178 52.65 51.12 24.99
N VAL C 179 52.25 51.46 26.20
CA VAL C 179 53.18 51.48 27.33
C VAL C 179 52.87 50.29 28.23
N LEU C 180 53.93 49.56 28.60
CA LEU C 180 53.81 48.38 29.44
C LEU C 180 54.79 48.49 30.59
N ALA C 181 54.48 47.76 31.65
CA ALA C 181 55.45 47.45 32.69
C ALA C 181 56.25 46.23 32.27
N ALA C 182 57.49 46.16 32.75
CA ALA C 182 58.38 45.08 32.34
C ALA C 182 57.88 43.71 32.77
N ASP C 183 57.15 43.63 33.88
CA ASP C 183 56.59 42.36 34.34
C ASP C 183 55.38 41.92 33.53
N GLN C 184 54.83 42.79 32.69
CA GLN C 184 53.66 42.48 31.87
C GLN C 184 54.01 42.39 30.39
N LEU C 185 55.24 42.01 30.06
CA LEU C 185 55.61 41.83 28.67
C LEU C 185 54.93 40.59 28.10
N ASN C 186 54.31 40.76 26.93
CA ASN C 186 53.50 39.72 26.31
C ASN C 186 53.76 39.70 24.81
N THR C 187 53.46 38.55 24.19
CA THR C 187 53.79 38.35 22.79
C THR C 187 52.98 39.27 21.88
N TYR C 188 51.71 39.49 22.20
CA TYR C 188 50.85 40.29 21.32
C TYR C 188 51.38 41.71 21.17
N ASP C 189 51.79 42.33 22.28
CA ASP C 189 52.24 43.72 22.24
C ASP C 189 53.61 43.84 21.60
N VAL C 190 54.42 42.78 21.63
CA VAL C 190 55.74 42.83 21.01
C VAL C 190 55.63 42.59 19.51
N VAL C 191 54.82 41.61 19.09
CA VAL C 191 54.60 41.39 17.67
C VAL C 191 53.84 42.57 17.05
N ASN C 192 53.02 43.25 17.85
CA ASN C 192 52.33 44.43 17.34
C ASN C 192 53.26 45.62 17.20
N ALA C 193 54.30 45.70 18.02
CA ALA C 193 55.16 46.88 18.01
C ALA C 193 56.10 46.89 16.82
N ARG C 194 56.43 48.10 16.36
CA ARG C 194 57.44 48.27 15.33
C ARG C 194 58.80 48.63 15.92
N THR C 195 58.82 49.33 17.06
CA THR C 195 59.99 49.48 17.92
C THR C 195 59.62 49.24 19.38
N ILE C 196 60.60 48.76 20.13
CA ILE C 196 60.55 48.71 21.58
C ILE C 196 61.55 49.73 22.10
N VAL C 197 61.10 50.59 22.99
CA VAL C 197 61.99 51.48 23.72
C VAL C 197 61.87 51.08 25.19
N PHE C 198 62.90 50.42 25.70
CA PHE C 198 63.00 50.15 27.12
C PHE C 198 63.48 51.40 27.84
N SER C 199 62.99 51.59 29.05
CA SER C 199 63.74 52.40 30.00
C SER C 199 64.85 51.54 30.59
N GLN C 200 65.89 52.21 31.09
CA GLN C 200 67.01 51.46 31.68
C GLN C 200 66.52 50.54 32.78
N ALA C 201 65.71 51.08 33.70
CA ALA C 201 65.21 50.29 34.81
C ALA C 201 64.17 49.27 34.35
N GLY C 202 63.41 49.59 33.30
CA GLY C 202 62.48 48.62 32.75
C GLY C 202 63.19 47.41 32.16
N LEU C 203 64.25 47.66 31.40
CA LEU C 203 65.07 46.57 30.89
C LEU C 203 65.72 45.78 32.02
N ASP C 204 66.18 46.49 33.07
CA ASP C 204 66.76 45.80 34.21
C ASP C 204 65.74 44.87 34.87
N ALA C 205 64.52 45.36 35.07
CA ALA C 205 63.48 44.54 35.68
C ALA C 205 63.15 43.32 34.81
N PHE C 206 63.00 43.53 33.51
CA PHE C 206 62.68 42.41 32.63
C PHE C 206 63.80 41.37 32.61
N VAL C 207 65.05 41.82 32.54
CA VAL C 207 66.17 40.89 32.45
C VAL C 207 66.35 40.14 33.77
N GLY C 208 66.19 40.84 34.89
CA GLY C 208 66.30 40.17 36.18
C GLY C 208 65.18 39.16 36.41
N ALA C 209 63.96 39.49 35.99
CA ALA C 209 62.81 38.61 36.22
C ALA C 209 63.00 37.29 35.49
N ARG C 210 63.29 37.33 34.19
CA ARG C 210 63.49 36.14 33.38
C ARG C 210 64.83 36.23 32.70
N SER C 211 65.66 35.20 32.89
CA SER C 211 66.98 35.12 32.26
C SER C 211 67.59 33.78 32.63
N ALA C 212 68.79 33.54 32.12
CA ALA C 212 69.55 32.36 32.49
C ALA C 212 70.19 32.55 33.86
N ALA D 7 43.26 -98.36 37.28
CA ALA D 7 44.70 -98.52 37.40
C ALA D 7 45.36 -98.40 36.03
N HIS D 8 46.60 -98.88 35.92
CA HIS D 8 47.32 -98.90 34.65
C HIS D 8 46.91 -100.15 33.90
N GLU D 9 45.79 -100.06 33.18
CA GLU D 9 45.33 -101.17 32.35
C GLU D 9 44.39 -100.59 31.30
N MET D 10 44.74 -100.75 30.02
CA MET D 10 43.90 -100.23 28.96
C MET D 10 42.52 -100.86 29.03
N PRO D 11 41.46 -100.07 28.87
CA PRO D 11 40.10 -100.64 28.96
C PRO D 11 39.90 -101.72 27.92
N ARG D 12 39.18 -102.77 28.33
CA ARG D 12 38.94 -103.92 27.45
C ARG D 12 38.32 -103.49 26.14
N LEU D 13 37.38 -102.53 26.18
CA LEU D 13 36.77 -102.03 24.96
C LEU D 13 37.81 -101.45 24.03
N LYS D 14 38.81 -100.75 24.58
CA LYS D 14 39.81 -100.10 23.74
C LYS D 14 40.70 -101.13 23.04
N LYS D 15 41.14 -102.15 23.76
CA LYS D 15 41.96 -103.19 23.15
C LYS D 15 41.18 -103.98 22.11
N GLN D 16 39.93 -104.31 22.42
CA GLN D 16 39.09 -105.01 21.46
C GLN D 16 38.87 -104.16 20.22
N TYR D 17 38.55 -102.88 20.42
CA TYR D 17 38.42 -101.94 19.31
C TYR D 17 39.66 -102.01 18.43
N ARG D 18 40.82 -101.67 19.00
CA ARG D 18 42.05 -101.65 18.22
C ARG D 18 42.18 -102.92 17.41
N GLU D 19 42.38 -104.06 18.08
CA GLU D 19 42.70 -105.26 17.32
C GLU D 19 41.57 -105.66 16.38
N GLN D 20 40.43 -106.08 16.96
CA GLN D 20 39.37 -106.66 16.15
C GLN D 20 38.83 -105.66 15.14
N ILE D 21 38.46 -104.47 15.61
CA ILE D 21 37.75 -103.53 14.75
C ILE D 21 38.67 -102.95 13.68
N ARG D 22 39.92 -102.63 14.03
CA ARG D 22 40.82 -102.14 12.99
C ARG D 22 41.07 -103.20 11.94
N ALA D 23 41.25 -104.46 12.35
CA ALA D 23 41.41 -105.52 11.36
C ALA D 23 40.17 -105.65 10.48
N ALA D 24 38.98 -105.61 11.10
CA ALA D 24 37.74 -105.78 10.36
C ALA D 24 37.52 -104.64 9.36
N MET D 25 37.77 -103.40 9.78
CA MET D 25 37.58 -102.28 8.86
C MET D 25 38.62 -102.28 7.75
N GLN D 26 39.86 -102.66 8.06
CA GLN D 26 40.87 -102.76 7.01
C GLN D 26 40.48 -103.82 5.99
N GLU D 27 39.95 -104.96 6.44
CA GLU D 27 39.60 -106.02 5.49
C GLU D 27 38.30 -105.75 4.75
N GLU D 28 37.36 -105.02 5.36
CA GLU D 28 36.04 -104.86 4.76
C GLU D 28 35.88 -103.58 3.95
N PHE D 29 36.52 -102.49 4.35
CA PHE D 29 36.46 -101.24 3.60
C PHE D 29 37.70 -100.96 2.78
N GLY D 30 38.86 -101.49 3.17
CA GLY D 30 40.03 -101.47 2.33
C GLY D 30 40.59 -100.10 2.01
N TYR D 31 40.74 -99.25 3.03
CA TYR D 31 41.30 -97.93 2.82
C TYR D 31 42.71 -98.01 2.29
N ARG D 32 43.07 -97.08 1.41
CA ARG D 32 44.40 -97.03 0.83
C ARG D 32 45.44 -96.40 1.75
N ASN D 33 45.02 -95.86 2.89
CA ASN D 33 45.94 -95.30 3.86
C ASN D 33 45.66 -95.90 5.23
N PRO D 34 46.71 -96.28 5.97
CA PRO D 34 46.48 -96.93 7.28
C PRO D 34 45.71 -96.06 8.26
N MET D 35 45.97 -94.75 8.30
CA MET D 35 45.26 -93.90 9.25
C MET D 35 44.03 -93.26 8.62
N LEU D 36 43.21 -94.10 7.99
CA LEU D 36 41.89 -93.73 7.51
C LEU D 36 40.77 -94.49 8.18
N ILE D 37 41.08 -95.58 8.88
CA ILE D 37 40.08 -96.40 9.57
C ILE D 37 39.38 -95.54 10.62
N PRO D 38 38.07 -95.45 10.61
CA PRO D 38 37.37 -94.58 11.55
C PRO D 38 37.51 -95.08 12.98
N GLY D 39 37.41 -94.14 13.91
CA GLY D 39 37.46 -94.46 15.32
C GLY D 39 36.54 -93.54 16.10
N LEU D 40 36.31 -93.89 17.35
CA LEU D 40 35.43 -93.11 18.20
C LEU D 40 36.15 -91.85 18.68
N GLU D 41 35.60 -90.68 18.33
CA GLU D 41 36.22 -89.43 18.73
C GLU D 41 35.78 -89.00 20.12
N LYS D 42 34.48 -89.00 20.39
CA LYS D 42 34.02 -88.59 21.70
C LYS D 42 32.60 -89.09 21.96
N ILE D 43 32.22 -89.06 23.24
CA ILE D 43 30.86 -89.32 23.67
C ILE D 43 30.33 -88.06 24.33
N VAL D 44 29.11 -87.67 23.97
CA VAL D 44 28.50 -86.47 24.53
C VAL D 44 27.18 -86.86 25.19
N VAL D 45 27.07 -86.63 26.49
CA VAL D 45 25.84 -86.89 27.22
C VAL D 45 25.17 -85.56 27.52
N ASN D 46 24.09 -85.25 26.80
CA ASN D 46 23.33 -84.03 27.03
C ASN D 46 22.13 -84.33 27.91
N MET D 47 21.69 -83.32 28.66
CA MET D 47 20.47 -83.40 29.44
C MET D 47 19.81 -82.03 29.37
N GLY D 48 18.68 -81.97 28.67
CA GLY D 48 17.86 -80.77 28.64
C GLY D 48 17.05 -80.70 29.91
N VAL D 49 17.31 -79.69 30.73
CA VAL D 49 16.80 -79.64 32.09
C VAL D 49 15.87 -78.43 32.11
N GLY D 50 15.27 -78.17 30.96
CA GLY D 50 14.43 -77.00 30.73
C GLY D 50 13.39 -76.71 31.80
N ASP D 51 12.98 -77.73 32.55
CA ASP D 51 12.11 -77.49 33.70
C ASP D 51 12.91 -77.19 34.96
N ALA D 52 13.83 -76.24 34.85
CA ALA D 52 14.61 -75.78 36.00
C ALA D 52 14.63 -74.26 36.11
N ALA D 53 13.71 -73.57 35.43
CA ALA D 53 13.57 -72.13 35.62
C ALA D 53 12.87 -71.79 36.92
N HIS D 54 12.12 -72.72 37.49
CA HIS D 54 11.32 -72.46 38.69
C HIS D 54 11.93 -73.02 39.97
N ASP D 55 12.96 -73.87 39.87
CA ASP D 55 13.60 -74.42 41.06
C ASP D 55 15.01 -74.88 40.70
N SER D 56 15.85 -74.98 41.71
CA SER D 56 17.27 -75.27 41.51
C SER D 56 17.71 -76.59 42.15
N LYS D 57 16.89 -77.21 42.99
CA LYS D 57 17.28 -78.47 43.62
C LYS D 57 17.22 -79.64 42.64
N VAL D 58 16.26 -79.61 41.72
CA VAL D 58 16.23 -80.60 40.65
C VAL D 58 17.53 -80.54 39.86
N MET D 59 18.16 -79.38 39.82
CA MET D 59 19.46 -79.29 39.15
C MET D 59 20.56 -79.94 39.97
N ASP D 60 20.51 -79.84 41.30
CA ASP D 60 21.42 -80.63 42.11
C ASP D 60 21.25 -82.11 41.80
N GLY D 61 20.00 -82.56 41.67
CA GLY D 61 19.76 -83.94 41.31
C GLY D 61 20.34 -84.30 39.94
N ALA D 62 20.14 -83.42 38.96
CA ALA D 62 20.67 -83.67 37.62
C ALA D 62 22.19 -83.76 37.64
N ILE D 63 22.85 -82.81 38.31
CA ILE D 63 24.30 -82.81 38.40
C ILE D 63 24.79 -84.10 39.04
N ARG D 64 24.16 -84.51 40.15
CA ARG D 64 24.58 -85.74 40.81
C ARG D 64 24.39 -86.95 39.91
N ASP D 65 23.23 -87.05 39.26
CA ASP D 65 22.92 -88.21 38.45
C ASP D 65 23.91 -88.34 37.30
N ILE D 66 24.11 -87.26 36.55
CA ILE D 66 24.98 -87.33 35.39
C ILE D 66 26.47 -87.35 35.76
N THR D 67 26.86 -86.81 36.92
CA THR D 67 28.23 -87.01 37.39
C THR D 67 28.48 -88.47 37.76
N ALA D 68 27.50 -89.11 38.41
CA ALA D 68 27.65 -90.53 38.73
C ALA D 68 27.64 -91.37 37.47
N ILE D 69 26.86 -90.97 36.46
CA ILE D 69 26.78 -91.72 35.21
C ILE D 69 28.09 -91.62 34.46
N THR D 70 28.64 -90.42 34.33
CA THR D 70 29.79 -90.18 33.46
C THR D 70 31.12 -90.20 34.18
N GLY D 71 31.18 -89.71 35.42
CA GLY D 71 32.41 -89.66 36.18
C GLY D 71 33.09 -88.31 36.24
N GLN D 72 32.49 -87.27 35.66
CA GLN D 72 33.05 -85.93 35.68
C GLN D 72 31.95 -84.89 35.83
N LYS D 73 32.34 -83.72 36.33
CA LYS D 73 31.40 -82.62 36.49
C LYS D 73 30.90 -82.14 35.13
N PRO D 74 29.62 -81.78 35.03
CA PRO D 74 29.05 -81.41 33.73
C PRO D 74 29.24 -79.95 33.35
N GLN D 75 29.07 -79.68 32.05
CA GLN D 75 28.98 -78.31 31.55
C GLN D 75 27.55 -77.84 31.71
N VAL D 76 27.30 -76.99 32.69
CA VAL D 76 25.98 -76.37 32.84
C VAL D 76 25.91 -75.20 31.88
N THR D 77 24.86 -75.18 31.05
CA THR D 77 24.73 -74.19 29.99
C THR D 77 23.58 -73.24 30.33
N LYS D 78 23.91 -71.95 30.38
CA LYS D 78 22.92 -70.91 30.61
C LYS D 78 22.08 -70.68 29.36
N ALA D 79 20.89 -70.14 29.57
CA ALA D 79 19.96 -69.92 28.46
C ALA D 79 20.52 -68.90 27.48
N ARG D 80 20.59 -69.28 26.21
CA ARG D 80 21.16 -68.41 25.19
C ARG D 80 20.34 -67.15 25.01
N LYS D 81 19.03 -67.29 24.79
CA LYS D 81 18.15 -66.16 24.57
C LYS D 81 16.84 -66.38 25.29
N SER D 82 16.20 -65.28 25.70
CA SER D 82 14.93 -65.34 26.39
C SER D 82 13.80 -65.63 25.40
N ILE D 83 12.96 -66.61 25.74
CA ILE D 83 11.78 -66.95 24.97
C ILE D 83 10.57 -66.96 25.91
N ALA D 84 9.55 -66.17 25.57
CA ALA D 84 8.39 -66.01 26.45
C ALA D 84 7.37 -67.14 26.28
N GLN D 85 7.44 -67.86 25.16
CA GLN D 85 6.61 -69.04 24.97
C GLN D 85 7.09 -70.20 25.81
N PHE D 86 8.15 -69.99 26.58
CA PHE D 86 8.91 -71.10 27.11
C PHE D 86 9.06 -70.98 28.63
N LYS D 87 8.58 -69.87 29.22
CA LYS D 87 8.85 -69.49 30.62
C LYS D 87 10.36 -69.43 30.84
N LEU D 88 11.07 -69.01 29.80
CA LEU D 88 12.52 -69.10 29.70
C LEU D 88 13.09 -67.70 29.52
N ARG D 89 13.90 -67.29 30.48
CA ARG D 89 14.61 -66.02 30.44
C ARG D 89 15.99 -66.24 29.83
N GLU D 90 16.87 -65.26 29.95
CA GLU D 90 18.26 -65.42 29.53
C GLU D 90 19.16 -65.56 30.75
N GLY D 91 20.13 -66.45 30.65
CA GLY D 91 21.12 -66.67 31.68
C GLY D 91 20.78 -67.76 32.67
N GLN D 92 19.51 -68.14 32.79
CA GLN D 92 19.16 -69.25 33.66
C GLN D 92 19.69 -70.55 33.08
N PRO D 93 20.41 -71.36 33.85
CA PRO D 93 21.00 -72.58 33.30
C PRO D 93 19.92 -73.63 33.05
N ILE D 94 19.86 -74.13 31.81
CA ILE D 94 18.74 -74.95 31.37
C ILE D 94 19.20 -76.23 30.71
N GLY D 95 20.45 -76.62 30.93
CA GLY D 95 20.93 -77.87 30.37
C GLY D 95 22.31 -78.19 30.91
N CYS D 96 22.68 -79.46 30.79
CA CYS D 96 23.99 -79.89 31.24
C CYS D 96 24.48 -81.05 30.39
N HIS D 97 25.74 -80.97 29.94
CA HIS D 97 26.29 -82.03 29.10
C HIS D 97 27.70 -82.36 29.54
N VAL D 98 28.09 -83.60 29.28
CA VAL D 98 29.40 -84.13 29.63
C VAL D 98 30.07 -84.63 28.36
N THR D 99 31.30 -84.20 28.12
CA THR D 99 32.08 -84.67 26.99
C THR D 99 33.14 -85.65 27.49
N LEU D 100 33.06 -86.88 27.02
CA LEU D 100 33.99 -87.95 27.41
C LEU D 100 34.91 -88.25 26.24
N ARG D 101 36.20 -88.08 26.45
CA ARG D 101 37.23 -88.42 25.48
C ARG D 101 38.32 -89.21 26.19
N GLY D 102 39.16 -89.88 25.40
CA GLY D 102 40.22 -90.68 25.97
C GLY D 102 39.69 -91.97 26.57
N ASP D 103 40.47 -92.52 27.52
CA ASP D 103 40.08 -93.78 28.16
C ASP D 103 38.74 -93.67 28.88
N ARG D 104 38.41 -92.47 29.35
CA ARG D 104 37.13 -92.28 30.05
C ARG D 104 35.96 -92.53 29.11
N MET D 105 36.06 -92.08 27.86
CA MET D 105 35.03 -92.37 26.87
C MET D 105 34.87 -93.87 26.66
N TRP D 106 35.98 -94.60 26.55
CA TRP D 106 35.92 -96.04 26.33
C TRP D 106 35.27 -96.75 27.51
N GLU D 107 35.64 -96.38 28.73
CA GLU D 107 35.06 -97.08 29.88
C GLU D 107 33.60 -96.70 30.09
N PHE D 108 33.22 -95.44 29.82
CA PHE D 108 31.80 -95.10 29.87
C PHE D 108 31.02 -95.87 28.82
N ALA D 109 31.58 -96.01 27.62
CA ALA D 109 30.90 -96.79 26.58
C ALA D 109 30.74 -98.24 27.01
N ASP D 110 31.80 -98.82 27.57
CA ASP D 110 31.72 -100.22 27.99
C ASP D 110 30.68 -100.40 29.09
N ARG D 111 30.67 -99.50 30.07
CA ARG D 111 29.70 -99.62 31.16
C ARG D 111 28.28 -99.42 30.66
N LEU D 112 28.06 -98.46 29.75
CA LEU D 112 26.75 -98.26 29.18
C LEU D 112 26.28 -99.51 28.44
N LEU D 113 27.16 -100.05 27.57
CA LEU D 113 26.79 -101.20 26.75
C LEU D 113 26.51 -102.43 27.60
N THR D 114 27.35 -102.69 28.60
CA THR D 114 27.18 -103.90 29.40
C THR D 114 26.06 -103.78 30.42
N LEU D 115 25.80 -102.59 30.96
CA LEU D 115 24.92 -102.46 32.11
C LEU D 115 23.67 -101.63 31.84
N ALA D 116 23.80 -100.44 31.25
CA ALA D 116 22.73 -99.46 31.32
C ALA D 116 21.56 -99.78 30.40
N LEU D 117 21.79 -99.77 29.09
CA LEU D 117 20.67 -99.92 28.17
C LEU D 117 20.04 -101.32 28.18
N PRO D 118 20.76 -102.41 28.47
CA PRO D 118 20.09 -103.72 28.50
C PRO D 118 18.93 -103.80 29.49
N ARG D 119 18.96 -103.05 30.59
CA ARG D 119 17.92 -103.17 31.62
C ARG D 119 16.81 -102.14 31.45
N ILE D 120 16.52 -101.77 30.22
CA ILE D 120 15.32 -100.99 29.89
C ILE D 120 14.12 -101.92 29.91
N ARG D 121 12.98 -101.40 30.38
CA ARG D 121 11.73 -102.15 30.31
C ARG D 121 11.43 -102.55 28.87
N ASP D 122 11.06 -103.82 28.69
CA ASP D 122 10.78 -104.42 27.36
C ASP D 122 11.75 -103.92 26.30
N PHE D 123 13.04 -104.10 26.57
CA PHE D 123 14.07 -103.59 25.67
C PHE D 123 14.03 -104.32 24.34
N ARG D 124 14.15 -103.54 23.25
CA ARG D 124 14.07 -104.08 21.90
C ARG D 124 15.22 -103.62 21.01
N GLY D 125 16.37 -103.28 21.58
CA GLY D 125 17.47 -102.75 20.80
C GLY D 125 17.32 -101.27 20.53
N LEU D 126 18.30 -100.75 19.80
CA LEU D 126 18.33 -99.34 19.40
C LEU D 126 18.26 -99.22 17.89
N ASN D 127 17.66 -98.13 17.43
CA ASN D 127 17.49 -97.91 16.00
C ASN D 127 18.82 -97.57 15.34
N SER D 128 18.99 -98.02 14.10
CA SER D 128 20.17 -97.71 13.31
C SER D 128 19.91 -96.62 12.27
N ASN D 129 18.72 -96.02 12.29
CA ASN D 129 18.36 -94.94 11.37
C ASN D 129 18.52 -93.57 12.01
N GLN D 130 19.14 -93.49 13.18
CA GLN D 130 19.33 -92.23 13.90
C GLN D 130 20.68 -91.60 13.60
N PHE D 131 21.20 -91.80 12.39
CA PHE D 131 22.49 -91.26 12.00
C PHE D 131 22.33 -89.88 11.39
N ASP D 132 23.27 -88.99 11.71
CA ASP D 132 23.15 -87.59 11.31
C ASP D 132 23.58 -87.33 9.88
N GLY D 133 24.22 -88.30 9.21
CA GLY D 133 24.71 -88.12 7.87
C GLY D 133 26.22 -88.00 7.76
N LYS D 134 26.94 -88.10 8.88
CA LYS D 134 28.40 -88.08 8.85
C LYS D 134 28.99 -89.09 9.82
N GLY D 135 28.31 -90.21 10.04
CA GLY D 135 28.84 -91.27 10.86
C GLY D 135 28.66 -91.10 12.36
N ASN D 136 28.01 -90.03 12.80
CA ASN D 136 27.80 -89.77 14.21
C ASN D 136 26.37 -90.13 14.58
N TYR D 137 26.21 -90.90 15.66
CA TYR D 137 24.94 -91.54 15.97
C TYR D 137 24.46 -91.13 17.36
N THR D 138 23.23 -90.65 17.44
CA THR D 138 22.66 -90.13 18.67
C THR D 138 21.38 -90.86 19.01
N PHE D 139 21.12 -91.02 20.31
CA PHE D 139 19.87 -91.62 20.76
C PHE D 139 19.49 -91.01 22.10
N GLY D 140 18.22 -91.17 22.47
CA GLY D 140 17.68 -90.56 23.67
C GLY D 140 17.09 -91.58 24.63
N LEU D 141 17.28 -91.33 25.93
CA LEU D 141 16.70 -92.15 26.99
C LEU D 141 15.71 -91.31 27.78
N SER D 142 14.47 -91.76 27.85
CA SER D 142 13.42 -91.06 28.59
C SER D 142 13.56 -91.20 30.10
N GLU D 143 14.46 -92.06 30.56
CA GLU D 143 14.67 -92.31 31.98
C GLU D 143 16.16 -92.21 32.27
N GLN D 144 16.51 -92.20 33.55
CA GLN D 144 17.91 -92.24 33.96
C GLN D 144 18.21 -93.31 35.00
N VAL D 145 17.25 -94.20 35.30
CA VAL D 145 17.40 -95.10 36.43
C VAL D 145 18.06 -96.41 36.06
N MET D 146 18.40 -96.63 34.78
CA MET D 146 19.10 -97.86 34.41
C MET D 146 20.51 -97.91 34.95
N PHE D 147 21.15 -96.78 35.19
CA PHE D 147 22.56 -96.75 35.55
C PHE D 147 22.70 -97.28 36.97
N LEU D 148 23.01 -98.57 37.09
CA LEU D 148 23.02 -99.26 38.38
C LEU D 148 24.11 -98.78 39.32
N GLU D 149 25.09 -98.01 38.83
CA GLU D 149 26.15 -97.52 39.68
C GLU D 149 25.67 -96.45 40.65
N ILE D 150 24.45 -95.97 40.50
CA ILE D 150 23.87 -95.01 41.43
C ILE D 150 22.87 -95.74 42.33
N ASP D 151 22.53 -95.10 43.45
CA ASP D 151 21.57 -95.66 44.39
C ASP D 151 20.16 -95.56 43.81
N GLN D 152 19.17 -96.05 44.56
CA GLN D 152 17.81 -96.12 44.03
C GLN D 152 16.79 -95.38 44.88
N ASP D 153 16.90 -95.45 46.21
CA ASP D 153 15.90 -94.89 47.11
C ASP D 153 16.16 -93.42 47.45
N LYS D 154 16.92 -92.71 46.61
CA LYS D 154 17.20 -91.31 46.90
C LYS D 154 17.17 -90.43 45.66
N ILE D 155 16.42 -90.82 44.62
CA ILE D 155 16.27 -89.98 43.43
C ILE D 155 15.25 -88.90 43.68
N ASP D 156 15.54 -87.67 43.24
CA ASP D 156 14.59 -86.58 43.42
C ASP D 156 13.42 -86.69 42.45
N ARG D 157 13.70 -86.66 41.14
CA ARG D 157 12.65 -86.67 40.14
C ARG D 157 13.13 -87.36 38.87
N ILE D 158 12.17 -87.66 38.00
CA ILE D 158 12.45 -88.39 36.76
C ILE D 158 13.15 -87.48 35.76
N ARG D 159 14.15 -88.03 35.06
CA ARG D 159 14.87 -87.27 34.05
C ARG D 159 15.47 -88.23 33.03
N GLY D 160 15.75 -87.70 31.84
CA GLY D 160 16.35 -88.47 30.77
C GLY D 160 17.60 -87.81 30.21
N MET D 161 18.11 -88.31 29.09
CA MET D 161 19.36 -87.80 28.53
C MET D 161 19.42 -88.12 27.05
N ASP D 162 20.45 -87.58 26.40
CA ASP D 162 20.80 -87.88 25.01
C ASP D 162 22.25 -88.33 24.96
N ILE D 163 22.49 -89.51 24.41
CA ILE D 163 23.84 -90.05 24.25
C ILE D 163 24.21 -89.93 22.78
N THR D 164 25.32 -89.24 22.52
CA THR D 164 25.80 -88.98 21.17
C THR D 164 27.19 -89.56 20.99
N PHE D 165 27.37 -90.38 19.97
CA PHE D 165 28.67 -90.93 19.61
C PHE D 165 29.18 -90.16 18.40
N VAL D 166 30.27 -89.42 18.59
CA VAL D 166 30.93 -88.68 17.51
C VAL D 166 32.14 -89.49 17.09
N THR D 167 32.12 -89.98 15.85
CA THR D 167 33.14 -90.88 15.32
C THR D 167 33.82 -90.24 14.12
N THR D 168 35.07 -90.63 13.88
CA THR D 168 35.80 -90.13 12.73
C THR D 168 35.48 -90.95 11.49
N ALA D 169 34.19 -91.11 11.20
CA ALA D 169 33.73 -91.88 10.05
C ALA D 169 33.17 -90.90 9.02
N GLN D 170 33.75 -90.93 7.81
CA GLN D 170 33.35 -89.97 6.79
C GLN D 170 31.91 -90.17 6.37
N THR D 171 31.47 -91.41 6.20
CA THR D 171 30.15 -91.73 5.70
C THR D 171 29.35 -92.49 6.75
N ASN D 172 28.03 -92.53 6.54
CA ASN D 172 27.13 -93.16 7.50
C ASN D 172 27.36 -94.67 7.57
N GLU D 173 27.66 -95.30 6.43
CA GLU D 173 27.79 -96.75 6.40
C GLU D 173 28.94 -97.23 7.28
N GLU D 174 30.10 -96.58 7.19
CA GLU D 174 31.23 -97.03 7.99
C GLU D 174 31.09 -96.65 9.45
N GLY D 175 30.38 -95.56 9.75
CA GLY D 175 30.06 -95.28 11.14
C GLY D 175 29.14 -96.32 11.75
N LYS D 176 28.12 -96.74 10.99
CA LYS D 176 27.24 -97.82 11.46
C LYS D 176 28.02 -99.09 11.67
N ALA D 177 28.94 -99.41 10.74
CA ALA D 177 29.79 -100.58 10.91
C ALA D 177 30.65 -100.46 12.15
N LEU D 178 31.22 -99.28 12.40
CA LEU D 178 32.07 -99.08 13.57
C LEU D 178 31.29 -99.34 14.86
N LEU D 179 30.11 -98.72 14.99
CA LEU D 179 29.33 -98.90 16.21
C LEU D 179 28.85 -100.35 16.36
N LYS D 180 28.43 -100.97 15.26
CA LYS D 180 27.97 -102.36 15.34
C LYS D 180 29.11 -103.29 15.78
N HIS D 181 30.29 -103.14 15.17
CA HIS D 181 31.41 -104.00 15.55
C HIS D 181 31.93 -103.70 16.94
N LEU D 182 31.80 -102.45 17.42
CA LEU D 182 32.03 -102.20 18.84
C LEU D 182 31.00 -102.92 19.69
N GLY D 183 29.79 -103.09 19.17
CA GLY D 183 28.76 -103.88 19.82
C GLY D 183 27.60 -103.06 20.33
N PHE D 184 26.54 -102.99 19.54
CA PHE D 184 25.35 -102.21 19.84
C PHE D 184 24.12 -103.05 19.59
N PRO D 185 23.09 -102.91 20.43
CA PRO D 185 21.79 -103.51 20.11
C PRO D 185 21.13 -102.76 18.98
N PHE D 186 21.12 -103.37 17.79
CA PHE D 186 20.56 -102.76 16.59
C PHE D 186 19.47 -103.65 16.04
N LYS D 187 18.26 -103.11 15.92
CA LYS D 187 17.12 -103.84 15.39
C LYS D 187 17.04 -103.65 13.88
N ALA D 188 15.92 -104.05 13.28
CA ALA D 188 15.67 -103.91 11.85
C ALA D 188 14.32 -103.25 11.60
N LYS D 189 13.88 -102.40 12.53
CA LYS D 189 12.62 -101.70 12.44
C LYS D 189 12.89 -100.19 12.38
N ASP D 190 11.89 -99.43 11.96
CA ASP D 190 12.02 -97.98 11.85
C ASP D 190 12.05 -97.31 13.23
N SER E 2 -3.88 -34.94 -71.67
CA SER E 2 -5.33 -34.79 -71.77
C SER E 2 -5.88 -35.66 -72.90
N ARG E 3 -6.40 -36.83 -72.54
CA ARG E 3 -6.94 -37.75 -73.53
C ARG E 3 -8.11 -37.13 -74.27
N ILE E 4 -9.05 -36.52 -73.54
CA ILE E 4 -10.15 -35.82 -74.17
C ILE E 4 -9.66 -34.55 -74.86
N GLY E 5 -8.77 -33.81 -74.20
CA GLY E 5 -8.29 -32.56 -74.78
C GLY E 5 -7.58 -32.77 -76.09
N ARG E 6 -6.69 -33.77 -76.17
CA ARG E 6 -6.04 -34.09 -77.43
C ARG E 6 -7.02 -34.68 -78.44
N LEU E 7 -8.16 -35.17 -77.98
CA LEU E 7 -9.20 -35.63 -78.89
C LEU E 7 -9.87 -34.43 -79.54
N PRO E 8 -9.84 -34.31 -80.88
CA PRO E 8 -10.38 -33.11 -81.53
C PRO E 8 -11.90 -33.05 -81.53
N ILE E 9 -12.45 -32.05 -82.21
CA ILE E 9 -13.87 -31.76 -82.20
C ILE E 9 -14.47 -32.15 -83.54
N ALA E 10 -15.40 -33.10 -83.52
CA ALA E 10 -16.12 -33.51 -84.73
C ALA E 10 -17.13 -32.42 -85.08
N VAL E 11 -16.79 -31.61 -86.07
CA VAL E 11 -17.66 -30.51 -86.49
C VAL E 11 -18.74 -31.06 -87.41
N PRO E 12 -20.01 -30.75 -87.18
CA PRO E 12 -21.08 -31.24 -88.05
C PRO E 12 -21.16 -30.41 -89.32
N SER E 13 -22.05 -30.83 -90.22
CA SER E 13 -22.17 -30.21 -91.53
C SER E 13 -23.01 -28.94 -91.46
N GLY E 14 -22.62 -27.94 -92.25
CA GLY E 14 -23.39 -26.72 -92.36
C GLY E 14 -23.29 -25.78 -91.19
N VAL E 15 -22.26 -25.90 -90.36
CA VAL E 15 -22.08 -25.05 -89.19
C VAL E 15 -20.86 -24.17 -89.43
N GLU E 16 -21.03 -22.86 -89.27
CA GLU E 16 -19.92 -21.92 -89.39
C GLU E 16 -19.28 -21.75 -88.03
N VAL E 17 -18.01 -22.10 -87.93
CA VAL E 17 -17.22 -21.91 -86.71
C VAL E 17 -16.17 -20.85 -87.01
N LYS E 18 -16.35 -19.66 -86.45
CA LYS E 18 -15.40 -18.57 -86.58
C LYS E 18 -14.54 -18.50 -85.33
N LEU E 19 -13.23 -18.67 -85.50
CA LEU E 19 -12.27 -18.57 -84.40
C LEU E 19 -11.58 -17.21 -84.52
N ASP E 20 -12.23 -16.19 -83.97
CA ASP E 20 -11.68 -14.83 -84.00
C ASP E 20 -10.63 -14.71 -82.89
N GLY E 21 -9.48 -15.34 -83.15
CA GLY E 21 -8.43 -15.38 -82.14
C GLY E 21 -8.90 -16.11 -80.90
N GLN E 22 -9.14 -15.33 -79.84
CA GLN E 22 -9.62 -15.87 -78.58
C GLN E 22 -11.14 -15.93 -78.49
N TYR E 23 -11.87 -15.49 -79.52
CA TYR E 23 -13.32 -15.47 -79.51
C TYR E 23 -13.88 -16.62 -80.35
N VAL E 24 -15.00 -17.19 -79.89
CA VAL E 24 -15.67 -18.28 -80.58
C VAL E 24 -17.03 -17.80 -81.05
N GLU E 25 -17.29 -17.91 -82.35
CA GLU E 25 -18.61 -17.73 -82.93
C GLU E 25 -19.04 -19.03 -83.57
N VAL E 26 -20.25 -19.49 -83.24
CA VAL E 26 -20.81 -20.69 -83.84
C VAL E 26 -22.18 -20.33 -84.40
N LYS E 27 -22.40 -20.62 -85.69
CA LYS E 27 -23.64 -20.29 -86.34
C LYS E 27 -24.20 -21.50 -87.08
N GLY E 28 -25.47 -21.80 -86.80
CA GLY E 28 -26.17 -22.88 -87.43
C GLY E 28 -27.66 -22.61 -87.50
N PRO E 29 -28.46 -23.64 -87.80
CA PRO E 29 -29.91 -23.44 -87.94
C PRO E 29 -30.67 -23.34 -86.63
N LYS E 30 -30.02 -23.14 -85.49
CA LYS E 30 -30.73 -23.05 -84.21
C LYS E 30 -30.44 -21.79 -83.41
N GLY E 31 -29.20 -21.32 -83.36
CA GLY E 31 -28.92 -20.15 -82.56
C GLY E 31 -27.45 -19.77 -82.62
N THR E 32 -27.11 -18.73 -81.87
CA THR E 32 -25.77 -18.16 -81.81
C THR E 32 -25.25 -18.20 -80.38
N LEU E 33 -23.95 -18.47 -80.23
CA LEU E 33 -23.33 -18.62 -78.93
C LEU E 33 -22.03 -17.83 -78.86
N ASN E 34 -21.68 -17.39 -77.65
CA ASN E 34 -20.55 -16.50 -77.44
C ASN E 34 -19.69 -17.01 -76.29
N PHE E 35 -18.37 -17.02 -76.50
CA PHE E 35 -17.42 -17.31 -75.43
C PHE E 35 -16.03 -16.91 -75.91
N THR E 36 -15.32 -16.16 -75.07
CA THR E 36 -13.92 -15.82 -75.34
C THR E 36 -13.04 -16.96 -74.85
N VAL E 37 -12.41 -17.67 -75.79
CA VAL E 37 -11.50 -18.75 -75.42
C VAL E 37 -10.39 -18.20 -74.53
N ARG E 38 -10.15 -18.87 -73.41
CA ARG E 38 -9.21 -18.37 -72.42
C ARG E 38 -7.81 -18.27 -73.03
N GLU E 39 -7.04 -17.29 -72.54
CA GLU E 39 -5.78 -16.94 -73.19
C GLU E 39 -4.78 -18.08 -73.30
N PRO E 40 -4.49 -18.87 -72.25
CA PRO E 40 -3.37 -19.80 -72.38
C PRO E 40 -3.76 -21.11 -73.03
N ILE E 41 -4.55 -21.03 -74.10
CA ILE E 41 -4.93 -22.18 -74.91
C ILE E 41 -5.00 -21.72 -76.36
N THR E 42 -4.33 -22.43 -77.25
CA THR E 42 -4.36 -22.12 -78.67
C THR E 42 -5.35 -23.04 -79.39
N VAL E 43 -6.05 -22.47 -80.36
CA VAL E 43 -7.06 -23.19 -81.13
C VAL E 43 -6.76 -23.01 -82.60
N SER E 44 -6.88 -24.11 -83.37
CA SER E 44 -6.67 -24.10 -84.80
C SER E 44 -7.79 -24.88 -85.47
N LYS E 45 -7.95 -24.66 -86.78
CA LYS E 45 -9.07 -25.27 -87.50
C LYS E 45 -8.73 -26.63 -88.11
N ASN E 46 -7.50 -27.10 -87.99
CA ASN E 46 -7.10 -28.43 -88.44
C ASN E 46 -7.51 -28.66 -89.90
N ASP E 47 -6.93 -27.83 -90.77
CA ASP E 47 -7.28 -27.80 -92.19
C ASP E 47 -8.77 -27.50 -92.38
N GLU E 48 -9.31 -26.59 -91.57
CA GLU E 48 -10.63 -25.98 -91.70
C GLU E 48 -11.78 -26.94 -91.47
N GLY E 49 -11.52 -28.21 -91.14
CA GLY E 49 -12.59 -29.17 -91.00
C GLY E 49 -12.82 -29.67 -89.59
N ALA E 50 -12.05 -29.17 -88.63
CA ALA E 50 -12.13 -29.66 -87.26
C ALA E 50 -11.57 -28.59 -86.33
N ILE E 51 -11.26 -28.97 -85.09
CA ILE E 51 -10.64 -28.08 -84.11
C ILE E 51 -9.48 -28.82 -83.47
N LEU E 52 -8.31 -28.18 -83.42
CA LEU E 52 -7.19 -28.64 -82.62
C LEU E 52 -7.00 -27.67 -81.47
N VAL E 53 -7.08 -28.19 -80.25
CA VAL E 53 -6.95 -27.39 -79.03
C VAL E 53 -5.69 -27.83 -78.31
N GLU E 54 -4.80 -26.88 -78.03
CA GLU E 54 -3.47 -27.20 -77.54
C GLU E 54 -3.24 -26.56 -76.18
N ARG E 55 -2.22 -27.06 -75.48
CA ARG E 55 -1.83 -26.55 -74.18
C ARG E 55 -0.36 -26.16 -74.20
N PRO E 56 -0.01 -24.94 -73.79
CA PRO E 56 1.39 -24.50 -73.87
C PRO E 56 2.37 -25.34 -73.06
N ASP E 57 1.97 -25.84 -71.90
CA ASP E 57 2.91 -26.49 -71.00
C ASP E 57 2.21 -27.63 -70.26
N ASP E 58 3.02 -28.55 -69.75
CA ASP E 58 2.54 -29.73 -69.05
C ASP E 58 2.28 -29.48 -67.57
N GLU E 59 2.03 -28.22 -67.19
CA GLU E 59 1.55 -27.94 -65.84
C GLU E 59 0.05 -28.19 -65.75
N ARG E 60 -0.43 -28.24 -64.50
CA ARG E 60 -1.75 -28.82 -64.21
C ARG E 60 -2.88 -27.94 -64.72
N GLU E 61 -2.76 -26.63 -64.51
CA GLU E 61 -3.81 -25.70 -64.92
C GLU E 61 -4.03 -25.74 -66.44
N ASN E 62 -2.95 -25.96 -67.18
CA ASN E 62 -3.05 -26.02 -68.64
C ASN E 62 -3.93 -27.18 -69.09
N ARG E 63 -3.76 -28.36 -68.47
CA ARG E 63 -4.62 -29.50 -68.83
C ARG E 63 -6.05 -29.30 -68.34
N SER E 64 -6.22 -28.69 -67.16
CA SER E 64 -7.55 -28.31 -66.71
C SER E 64 -8.29 -27.55 -67.81
N LEU E 65 -7.73 -26.41 -68.21
CA LEU E 65 -8.39 -25.58 -69.21
C LEU E 65 -8.41 -26.25 -70.58
N HIS E 66 -7.43 -27.13 -70.86
CA HIS E 66 -7.39 -27.84 -72.13
C HIS E 66 -8.62 -28.72 -72.31
N GLY E 67 -8.88 -29.59 -71.34
CA GLY E 67 -10.07 -30.42 -71.40
C GLY E 67 -11.35 -29.60 -71.38
N LEU E 68 -11.37 -28.56 -70.53
CA LEU E 68 -12.57 -27.75 -70.44
C LEU E 68 -12.90 -27.10 -71.78
N THR E 69 -11.92 -26.47 -72.42
CA THR E 69 -12.14 -25.81 -73.71
C THR E 69 -12.50 -26.82 -74.80
N ARG E 70 -11.80 -27.96 -74.84
CA ARG E 70 -12.12 -28.97 -75.84
C ARG E 70 -13.59 -29.34 -75.80
N THR E 71 -14.06 -29.86 -74.66
CA THR E 71 -15.43 -30.31 -74.66
C THR E 71 -16.41 -29.15 -74.56
N LEU E 72 -15.93 -27.94 -74.25
CA LEU E 72 -16.78 -26.76 -74.35
C LEU E 72 -17.13 -26.48 -75.80
N ILE E 73 -16.12 -26.50 -76.68
CA ILE E 73 -16.37 -26.30 -78.10
C ILE E 73 -17.25 -27.41 -78.65
N ASN E 74 -16.97 -28.66 -78.26
CA ASN E 74 -17.82 -29.76 -78.70
C ASN E 74 -19.26 -29.57 -78.23
N ASN E 75 -19.45 -29.19 -76.96
CA ASN E 75 -20.78 -28.95 -76.42
C ASN E 75 -21.49 -27.87 -77.21
N MET E 76 -20.77 -26.79 -77.53
CA MET E 76 -21.41 -25.63 -78.12
C MET E 76 -21.82 -25.90 -79.56
N VAL E 77 -20.94 -26.54 -80.34
CA VAL E 77 -21.29 -26.89 -81.72
C VAL E 77 -22.42 -27.92 -81.75
N ILE E 78 -22.34 -28.95 -80.91
CA ILE E 78 -23.39 -29.96 -80.94
C ILE E 78 -24.69 -29.39 -80.43
N GLY E 79 -24.63 -28.33 -79.60
CA GLY E 79 -25.86 -27.65 -79.21
C GLY E 79 -26.47 -26.87 -80.35
N VAL E 80 -25.64 -26.19 -81.13
CA VAL E 80 -26.20 -25.48 -82.27
C VAL E 80 -26.76 -26.46 -83.30
N THR E 81 -26.39 -27.74 -83.24
CA THR E 81 -26.95 -28.67 -84.22
C THR E 81 -28.00 -29.65 -83.68
N GLU E 82 -28.09 -29.89 -82.37
CA GLU E 82 -28.96 -30.97 -81.87
C GLU E 82 -29.92 -30.58 -80.76
N GLY E 83 -29.50 -29.73 -79.82
CA GLY E 83 -30.28 -29.48 -78.62
C GLY E 83 -30.23 -30.65 -77.65
N TYR E 84 -30.66 -30.41 -76.41
CA TYR E 84 -30.49 -31.40 -75.34
C TYR E 84 -31.81 -31.64 -74.62
N GLU E 85 -31.73 -32.36 -73.50
CA GLU E 85 -32.85 -32.59 -72.59
C GLU E 85 -32.40 -33.23 -71.27
N LYS E 86 -32.96 -32.76 -70.15
CA LYS E 86 -32.78 -33.36 -68.84
C LYS E 86 -34.12 -33.41 -68.14
N LYS E 87 -34.53 -34.60 -67.70
CA LYS E 87 -35.92 -34.86 -67.38
C LYS E 87 -36.17 -34.96 -65.87
N LEU E 88 -37.32 -34.46 -65.44
CA LEU E 88 -37.82 -34.55 -64.07
C LEU E 88 -39.22 -35.15 -64.08
N GLU E 89 -39.61 -35.70 -62.93
CA GLU E 89 -40.95 -36.23 -62.76
C GLU E 89 -41.51 -35.83 -61.40
N ILE E 90 -42.83 -35.79 -61.32
CA ILE E 90 -43.54 -35.36 -60.12
C ILE E 90 -44.29 -36.56 -59.55
N GLN E 91 -44.28 -36.70 -58.23
CA GLN E 91 -45.02 -37.75 -57.56
C GLN E 91 -45.81 -37.14 -56.41
N GLY E 92 -46.97 -37.74 -56.10
CA GLY E 92 -47.78 -37.26 -55.01
C GLY E 92 -49.18 -36.87 -55.44
N VAL E 93 -50.16 -37.10 -54.57
CA VAL E 93 -51.55 -36.81 -54.92
C VAL E 93 -51.74 -35.31 -55.07
N GLY E 94 -52.52 -34.92 -56.08
CA GLY E 94 -52.85 -33.54 -56.30
C GLY E 94 -51.77 -32.71 -56.97
N TYR E 95 -50.63 -33.31 -57.31
CA TYR E 95 -49.50 -32.57 -57.87
C TYR E 95 -49.53 -32.66 -59.38
N ARG E 96 -49.52 -31.51 -60.05
CA ARG E 96 -49.59 -31.44 -61.50
C ARG E 96 -48.67 -30.34 -62.00
N VAL E 97 -48.22 -30.51 -63.25
CA VAL E 97 -47.42 -29.50 -63.95
C VAL E 97 -48.08 -29.22 -65.29
N LEU E 98 -48.25 -27.95 -65.62
CA LEU E 98 -48.86 -27.55 -66.89
C LEU E 98 -48.01 -26.45 -67.52
N SER E 99 -48.31 -26.17 -68.78
CA SER E 99 -47.54 -25.23 -69.59
C SER E 99 -48.30 -23.93 -69.77
N LYS E 100 -47.64 -22.82 -69.48
CA LYS E 100 -48.12 -21.49 -69.86
C LYS E 100 -47.36 -20.97 -71.08
N GLY E 101 -47.01 -21.87 -71.98
CA GLY E 101 -46.29 -21.53 -73.18
C GLY E 101 -45.12 -22.48 -73.39
N PRO E 102 -44.22 -22.14 -74.32
CA PRO E 102 -42.97 -22.90 -74.45
C PRO E 102 -41.87 -22.40 -73.53
N LYS E 103 -42.12 -21.32 -72.78
CA LYS E 103 -41.09 -20.65 -72.00
C LYS E 103 -41.45 -20.62 -70.51
N GLN E 104 -42.50 -21.33 -70.10
CA GLN E 104 -43.10 -21.15 -68.79
C GLN E 104 -43.54 -22.51 -68.25
N LEU E 105 -43.67 -22.59 -66.92
CA LEU E 105 -44.25 -23.75 -66.27
C LEU E 105 -45.15 -23.28 -65.15
N GLU E 106 -46.21 -24.04 -64.86
CA GLU E 106 -47.07 -23.75 -63.72
C GLU E 106 -47.27 -25.04 -62.93
N PHE E 107 -47.03 -24.96 -61.63
CA PHE E 107 -47.02 -26.13 -60.77
C PHE E 107 -48.14 -26.01 -59.73
N ASN E 108 -48.81 -27.13 -59.47
CA ASN E 108 -49.66 -27.26 -58.29
C ASN E 108 -49.01 -28.30 -57.39
N LEU E 109 -48.02 -27.86 -56.63
CA LEU E 109 -47.28 -28.75 -55.73
C LEU E 109 -47.81 -28.66 -54.30
N GLY E 110 -49.12 -28.81 -54.13
CA GLY E 110 -49.71 -28.86 -52.81
C GLY E 110 -49.56 -27.60 -52.00
N PHE E 111 -49.21 -26.48 -52.62
CA PHE E 111 -49.11 -25.22 -51.90
C PHE E 111 -50.48 -24.57 -51.80
N SER E 112 -50.50 -23.35 -51.29
CA SER E 112 -51.75 -22.59 -51.26
C SER E 112 -52.12 -22.10 -52.65
N HIS E 113 -51.13 -21.76 -53.47
CA HIS E 113 -51.35 -21.27 -54.82
C HIS E 113 -50.34 -21.88 -55.78
N PRO E 114 -50.68 -21.96 -57.06
CA PRO E 114 -49.73 -22.49 -58.05
C PRO E 114 -48.47 -21.64 -58.14
N VAL E 115 -47.37 -22.28 -58.51
CA VAL E 115 -46.08 -21.62 -58.66
C VAL E 115 -45.79 -21.45 -60.14
N ILE E 116 -45.45 -20.23 -60.55
CA ILE E 116 -45.13 -19.89 -61.93
C ILE E 116 -43.61 -19.85 -62.08
N VAL E 117 -43.09 -20.59 -63.05
CA VAL E 117 -41.66 -20.72 -63.28
C VAL E 117 -41.34 -20.17 -64.66
N ASP E 118 -40.43 -19.19 -64.70
CA ASP E 118 -39.96 -18.60 -65.93
C ASP E 118 -38.65 -19.29 -66.38
N ALA E 119 -38.17 -18.90 -67.54
CA ALA E 119 -36.93 -19.43 -68.09
C ALA E 119 -36.19 -18.31 -68.81
N PRO E 120 -34.87 -18.43 -68.95
CA PRO E 120 -34.14 -17.55 -69.85
C PRO E 120 -34.48 -17.86 -71.30
N GLU E 121 -34.07 -17.01 -72.24
CA GLU E 121 -34.33 -17.30 -73.64
C GLU E 121 -33.53 -18.52 -74.10
N GLY E 122 -32.41 -18.81 -73.44
CA GLY E 122 -31.60 -19.96 -73.78
C GLY E 122 -32.08 -21.29 -73.26
N ILE E 123 -33.11 -21.30 -72.42
CA ILE E 123 -33.70 -22.52 -71.88
C ILE E 123 -35.18 -22.51 -72.22
N THR E 124 -35.67 -23.63 -72.75
CA THR E 124 -37.09 -23.79 -72.99
C THR E 124 -37.57 -25.08 -72.34
N PHE E 125 -38.79 -25.05 -71.83
CA PHE E 125 -39.38 -26.19 -71.15
C PHE E 125 -40.12 -27.07 -72.13
N ALA E 126 -40.33 -28.32 -71.73
CA ALA E 126 -41.16 -29.25 -72.49
C ALA E 126 -41.84 -30.19 -71.50
N VAL E 127 -43.03 -29.80 -71.07
CA VAL E 127 -43.83 -30.63 -70.17
C VAL E 127 -44.68 -31.57 -71.03
N GLU E 128 -44.41 -32.87 -70.91
CA GLU E 128 -45.11 -33.87 -71.71
C GLU E 128 -46.25 -34.54 -70.95
N ASN E 129 -46.26 -34.48 -69.62
CA ASN E 129 -47.28 -35.09 -68.80
C ASN E 129 -47.49 -34.23 -67.57
N PRO E 130 -48.72 -34.17 -67.06
CA PRO E 130 -48.93 -33.51 -65.76
C PRO E 130 -48.09 -34.10 -64.64
N THR E 131 -47.41 -35.22 -64.87
CA THR E 131 -46.49 -35.81 -63.90
C THR E 131 -45.12 -36.11 -64.51
N LYS E 132 -44.80 -35.53 -65.66
CA LYS E 132 -43.48 -35.70 -66.26
C LYS E 132 -43.14 -34.49 -67.12
N PHE E 133 -41.90 -34.03 -67.03
CA PHE E 133 -41.50 -32.84 -67.75
C PHE E 133 -39.98 -32.87 -67.89
N SER E 134 -39.44 -31.88 -68.59
CA SER E 134 -38.02 -31.83 -68.84
C SER E 134 -37.60 -30.38 -69.06
N VAL E 135 -36.31 -30.14 -68.92
CA VAL E 135 -35.71 -28.84 -69.22
C VAL E 135 -34.63 -29.06 -70.28
N GLN E 136 -34.67 -28.26 -71.33
CA GLN E 136 -33.69 -28.33 -72.40
C GLN E 136 -33.13 -26.93 -72.64
N GLY E 137 -32.27 -26.84 -73.65
CA GLY E 137 -31.66 -25.58 -74.04
C GLY E 137 -30.59 -25.83 -75.08
N ILE E 138 -29.53 -25.04 -75.05
CA ILE E 138 -28.35 -25.30 -75.87
C ILE E 138 -27.11 -25.17 -74.99
N ASP E 139 -27.32 -25.26 -73.67
CA ASP E 139 -26.26 -25.18 -72.68
C ASP E 139 -26.36 -26.40 -71.77
N LYS E 140 -25.40 -26.56 -70.87
CA LYS E 140 -25.41 -27.80 -70.10
C LYS E 140 -25.20 -27.58 -68.61
N GLN E 141 -24.71 -26.41 -68.20
CA GLN E 141 -24.71 -26.07 -66.78
C GLN E 141 -26.01 -25.37 -66.38
N VAL E 142 -26.50 -24.49 -67.24
CA VAL E 142 -27.70 -23.72 -66.91
C VAL E 142 -28.93 -24.62 -66.92
N VAL E 143 -28.93 -25.64 -67.78
CA VAL E 143 -29.95 -26.68 -67.71
C VAL E 143 -29.93 -27.36 -66.35
N GLY E 144 -28.73 -27.69 -65.87
CA GLY E 144 -28.60 -28.33 -64.57
C GLY E 144 -29.14 -27.46 -63.45
N GLU E 145 -28.78 -26.17 -63.46
CA GLU E 145 -29.24 -25.29 -62.39
C GLU E 145 -30.74 -25.06 -62.46
N THR E 146 -31.32 -24.96 -63.67
CA THR E 146 -32.76 -24.81 -63.78
C THR E 146 -33.49 -26.04 -63.23
N ALA E 147 -33.02 -27.24 -63.60
CA ALA E 147 -33.64 -28.45 -63.09
C ALA E 147 -33.47 -28.56 -61.58
N ALA E 148 -32.31 -28.15 -61.07
CA ALA E 148 -32.05 -28.20 -59.63
C ALA E 148 -32.99 -27.28 -58.87
N ASN E 149 -33.21 -26.07 -59.39
CA ASN E 149 -34.15 -25.15 -58.73
C ASN E 149 -35.58 -25.66 -58.82
N ILE E 150 -35.96 -26.26 -59.95
CA ILE E 150 -37.31 -26.81 -60.07
C ILE E 150 -37.52 -27.92 -59.05
N ARG E 151 -36.52 -28.80 -58.89
CA ARG E 151 -36.60 -29.82 -57.86
C ARG E 151 -36.64 -29.20 -56.46
N LYS E 152 -35.85 -28.16 -56.24
CA LYS E 152 -35.79 -27.49 -54.94
C LYS E 152 -37.12 -26.86 -54.56
N ILE E 153 -37.97 -26.53 -55.53
CA ILE E 153 -39.27 -25.95 -55.21
C ILE E 153 -40.03 -26.84 -54.23
N ARG E 154 -40.05 -28.15 -54.48
CA ARG E 154 -40.59 -29.11 -53.52
C ARG E 154 -39.81 -30.42 -53.67
N LYS E 155 -38.77 -30.58 -52.87
CA LYS E 155 -37.93 -31.76 -52.96
C LYS E 155 -38.63 -32.95 -52.32
N PRO E 156 -38.28 -34.18 -52.72
CA PRO E 156 -39.05 -35.35 -52.27
C PRO E 156 -39.03 -35.53 -50.76
N GLU E 157 -40.23 -35.58 -50.17
CA GLU E 157 -40.36 -35.97 -48.78
C GLU E 157 -39.99 -37.44 -48.62
N PRO E 158 -39.38 -37.84 -47.49
CA PRO E 158 -38.94 -39.23 -47.34
C PRO E 158 -40.00 -40.15 -46.78
N TYR E 159 -41.24 -39.66 -46.67
CA TYR E 159 -42.30 -40.42 -46.03
C TYR E 159 -43.33 -40.98 -47.01
N LYS E 160 -43.54 -40.32 -48.15
CA LYS E 160 -44.33 -40.89 -49.23
C LYS E 160 -43.72 -40.67 -50.61
N GLY E 161 -42.59 -39.96 -50.69
CA GLY E 161 -41.97 -39.66 -51.96
C GLY E 161 -42.55 -38.48 -52.70
N LYS E 162 -43.47 -37.74 -52.09
CA LYS E 162 -44.13 -36.64 -52.78
C LYS E 162 -43.14 -35.54 -53.12
N GLY E 163 -43.27 -34.98 -54.31
CA GLY E 163 -42.51 -33.84 -54.75
C GLY E 163 -41.96 -34.00 -56.14
N VAL E 164 -41.07 -33.09 -56.50
CA VAL E 164 -40.36 -33.11 -57.77
C VAL E 164 -39.06 -33.88 -57.59
N ARG E 165 -38.72 -34.72 -58.56
CA ARG E 165 -37.53 -35.54 -58.48
C ARG E 165 -36.94 -35.67 -59.87
N TYR E 166 -35.69 -36.09 -59.93
CA TYR E 166 -35.06 -36.39 -61.20
C TYR E 166 -35.63 -37.67 -61.78
N GLU E 167 -35.64 -37.75 -63.11
CA GLU E 167 -36.39 -38.80 -63.80
C GLU E 167 -36.02 -40.19 -63.30
N GLY E 168 -34.75 -40.39 -62.96
CA GLY E 168 -34.32 -41.64 -62.37
C GLY E 168 -33.66 -41.45 -61.02
N GLU E 169 -34.18 -40.52 -60.22
CA GLU E 169 -33.58 -40.22 -58.92
C GLU E 169 -33.75 -41.40 -57.96
N ASN E 170 -32.71 -41.63 -57.17
CA ASN E 170 -32.75 -42.65 -56.12
C ASN E 170 -33.11 -41.95 -54.81
N VAL E 171 -34.38 -41.58 -54.71
CA VAL E 171 -34.87 -40.89 -53.51
C VAL E 171 -34.74 -41.83 -52.32
N ARG E 172 -33.86 -41.48 -51.39
CA ARG E 172 -33.62 -42.32 -50.22
C ARG E 172 -34.76 -42.10 -49.24
N ARG E 173 -35.59 -43.12 -49.06
CA ARG E 173 -36.84 -43.04 -48.33
C ARG E 173 -36.69 -43.70 -46.97
N LYS E 174 -37.65 -43.40 -46.09
CA LYS E 174 -37.71 -44.01 -44.77
C LYS E 174 -39.17 -44.27 -44.41
N VAL E 175 -39.39 -45.30 -43.60
CA VAL E 175 -40.71 -45.67 -43.14
C VAL E 175 -40.95 -44.96 -41.81
N GLY E 176 -42.10 -44.29 -41.70
CA GLY E 176 -42.38 -43.42 -40.59
C GLY E 176 -43.26 -44.08 -39.55
N LYS E 177 -44.57 -43.81 -39.61
CA LYS E 177 -45.51 -44.42 -38.69
C LYS E 177 -45.63 -45.92 -38.97
N ALA E 178 -44.61 -46.69 -38.59
CA ALA E 178 -44.59 -48.12 -38.86
C ALA E 178 -45.66 -48.85 -38.05
N THR F 2 28.34 24.44 -40.41
CA THR F 2 26.89 24.37 -40.28
C THR F 2 26.27 23.62 -41.44
N THR F 3 25.55 22.54 -41.12
CA THR F 3 24.88 21.74 -42.14
C THR F 3 23.78 22.55 -42.82
N TYR F 4 23.62 22.31 -44.12
CA TYR F 4 22.62 23.01 -44.90
C TYR F 4 21.21 22.79 -44.36
N SER F 5 20.41 23.85 -44.38
CA SER F 5 19.01 23.78 -43.99
C SER F 5 18.20 24.56 -45.03
N PRO F 6 17.12 23.98 -45.56
CA PRO F 6 16.29 24.72 -46.53
C PRO F 6 15.57 25.89 -45.88
N LYS F 7 15.29 26.90 -46.70
CA LYS F 7 14.67 28.14 -46.24
C LYS F 7 13.27 28.27 -46.85
N ALA F 8 12.25 27.88 -46.08
CA ALA F 8 10.85 28.19 -46.41
C ALA F 8 10.45 27.69 -47.78
N GLY F 9 10.53 28.56 -48.79
CA GLY F 9 10.16 28.19 -50.14
C GLY F 9 11.33 28.06 -51.08
N GLU F 10 12.51 27.77 -50.52
CA GLU F 10 13.71 27.64 -51.34
C GLU F 10 13.63 26.45 -52.29
N VAL F 11 13.24 25.29 -51.77
CA VAL F 11 13.18 24.08 -52.57
C VAL F 11 11.88 24.07 -53.36
N GLN F 12 11.99 23.95 -54.68
CA GLN F 12 10.82 23.92 -55.54
C GLN F 12 10.10 22.59 -55.43
N ARG F 13 8.77 22.63 -55.43
CA ARG F 13 7.94 21.46 -55.25
C ARG F 13 7.29 21.10 -56.59
N LYS F 14 7.53 19.88 -57.05
CA LYS F 14 7.07 19.42 -58.35
C LYS F 14 5.74 18.69 -58.24
N TRP F 15 5.09 18.50 -59.39
CA TRP F 15 3.86 17.73 -59.48
C TRP F 15 4.14 16.44 -60.21
N TYR F 16 3.62 15.34 -59.68
CA TYR F 16 3.79 14.02 -60.28
C TYR F 16 2.44 13.35 -60.39
N VAL F 17 2.32 12.46 -61.38
CA VAL F 17 1.13 11.63 -61.54
C VAL F 17 1.58 10.18 -61.62
N ILE F 18 1.07 9.36 -60.71
CA ILE F 18 1.31 7.92 -60.70
C ILE F 18 0.07 7.24 -61.25
N ASP F 19 0.27 6.31 -62.19
CA ASP F 19 -0.82 5.49 -62.71
C ASP F 19 -0.88 4.23 -61.85
N ALA F 20 -1.90 4.14 -61.01
CA ALA F 20 -2.01 3.07 -60.02
C ALA F 20 -2.62 1.81 -60.60
N GLU F 21 -2.75 1.71 -61.93
CA GLU F 21 -3.25 0.51 -62.57
C GLU F 21 -2.35 -0.68 -62.29
N ASP F 22 -2.88 -1.71 -61.62
CA ASP F 22 -2.17 -2.95 -61.33
C ASP F 22 -0.97 -2.76 -60.40
N ILE F 23 -0.92 -1.64 -59.68
CA ILE F 23 0.13 -1.38 -58.72
C ILE F 23 -0.37 -1.77 -57.34
N VAL F 24 0.44 -2.55 -56.61
CA VAL F 24 0.07 -2.98 -55.27
C VAL F 24 -0.13 -1.76 -54.38
N LEU F 25 -1.10 -1.86 -53.47
CA LEU F 25 -1.44 -0.72 -52.61
C LEU F 25 -0.25 -0.30 -51.76
N GLY F 26 0.49 -1.27 -51.22
CA GLY F 26 1.62 -0.93 -50.37
C GLY F 26 2.75 -0.26 -51.12
N ARG F 27 3.07 -0.74 -52.32
CA ARG F 27 4.11 -0.12 -53.14
C ARG F 27 3.74 1.32 -53.47
N LEU F 28 2.49 1.54 -53.91
CA LEU F 28 2.03 2.87 -54.23
C LEU F 28 2.09 3.77 -53.00
N ALA F 29 1.70 3.25 -51.84
CA ALA F 29 1.67 4.08 -50.63
C ALA F 29 3.08 4.44 -50.18
N THR F 30 4.02 3.50 -50.23
CA THR F 30 5.39 3.81 -49.86
C THR F 30 5.99 4.85 -50.80
N THR F 31 5.78 4.66 -52.11
CA THR F 31 6.32 5.60 -53.09
C THR F 31 5.70 6.99 -52.91
N ALA F 32 4.39 7.05 -52.70
CA ALA F 32 3.71 8.32 -52.53
C ALA F 32 4.17 9.02 -51.27
N ALA F 33 4.31 8.29 -50.16
CA ALA F 33 4.78 8.90 -48.92
C ALA F 33 6.21 9.40 -49.06
N ASN F 34 7.06 8.66 -49.77
CA ASN F 34 8.42 9.13 -50.02
C ASN F 34 8.42 10.41 -50.84
N LEU F 35 7.60 10.47 -51.89
CA LEU F 35 7.57 11.65 -52.74
C LEU F 35 6.99 12.85 -52.01
N LEU F 36 5.95 12.64 -51.19
CA LEU F 36 5.24 13.74 -50.55
C LEU F 36 6.13 14.47 -49.56
N ARG F 37 7.07 13.76 -48.94
CA ARG F 37 7.95 14.33 -47.94
C ARG F 37 9.32 14.70 -48.48
N GLY F 38 9.54 14.57 -49.77
CA GLY F 38 10.81 14.97 -50.37
C GLY F 38 11.98 14.14 -49.90
N LYS F 39 11.77 12.85 -49.70
CA LYS F 39 12.84 11.98 -49.23
C LYS F 39 13.82 11.58 -50.34
N HIS F 40 13.49 11.88 -51.59
CA HIS F 40 14.34 11.59 -52.73
C HIS F 40 15.27 12.75 -53.09
N LYS F 41 15.19 13.86 -52.37
CA LYS F 41 15.94 15.09 -52.66
C LYS F 41 17.12 15.23 -51.72
N PRO F 42 18.27 15.70 -52.22
CA PRO F 42 19.40 15.99 -51.33
C PRO F 42 19.14 17.13 -50.36
N GLN F 43 18.15 17.99 -50.64
CA GLN F 43 17.81 19.10 -49.76
C GLN F 43 16.75 18.72 -48.73
N TYR F 44 16.64 17.44 -48.40
CA TYR F 44 15.61 16.98 -47.48
C TYR F 44 15.79 17.59 -46.10
N ALA F 45 14.67 17.93 -45.45
CA ALA F 45 14.66 18.40 -44.10
C ALA F 45 13.36 17.92 -43.47
N PRO F 46 13.41 17.30 -42.29
CA PRO F 46 12.17 16.81 -41.67
C PRO F 46 11.22 17.91 -41.24
N HIS F 47 11.72 19.11 -40.95
CA HIS F 47 10.89 20.19 -40.43
C HIS F 47 10.39 21.14 -41.49
N ILE F 48 10.94 21.09 -42.69
CA ILE F 48 10.54 21.95 -43.80
C ILE F 48 9.95 21.08 -44.89
N ASP F 49 8.78 21.46 -45.39
CA ASP F 49 8.12 20.71 -46.45
C ASP F 49 8.87 20.90 -47.76
N THR F 50 9.69 19.91 -48.11
CA THR F 50 10.43 19.89 -49.37
C THR F 50 9.89 18.86 -50.35
N GLY F 51 8.70 18.33 -50.09
CA GLY F 51 8.16 17.27 -50.92
C GLY F 51 7.44 17.79 -52.15
N ASP F 52 6.95 16.85 -52.93
CA ASP F 52 6.27 17.13 -54.20
C ASP F 52 4.79 16.78 -54.09
N PHE F 53 4.04 17.20 -55.10
CA PHE F 53 2.63 16.88 -55.20
C PHE F 53 2.47 15.59 -56.00
N VAL F 54 1.71 14.65 -55.46
CA VAL F 54 1.54 13.33 -56.06
C VAL F 54 0.08 13.16 -56.44
N VAL F 55 -0.17 12.99 -57.74
CA VAL F 55 -1.50 12.66 -58.25
C VAL F 55 -1.51 11.19 -58.59
N VAL F 56 -2.53 10.47 -58.12
CA VAL F 56 -2.68 9.05 -58.34
C VAL F 56 -3.97 8.82 -59.10
N VAL F 57 -3.86 8.33 -60.33
CA VAL F 57 -5.01 8.02 -61.15
C VAL F 57 -5.16 6.50 -61.20
N ASN F 58 -6.34 6.06 -61.66
CA ASN F 58 -6.68 4.63 -61.70
C ASN F 58 -6.60 4.00 -60.31
N ALA F 59 -7.01 4.77 -59.30
CA ALA F 59 -6.98 4.27 -57.93
C ALA F 59 -8.00 3.19 -57.67
N SER F 60 -8.95 2.98 -58.57
CA SER F 60 -9.90 1.88 -58.44
C SER F 60 -9.34 0.57 -58.96
N LYS F 61 -8.20 0.60 -59.67
CA LYS F 61 -7.58 -0.58 -60.25
C LYS F 61 -6.35 -1.02 -59.46
N ILE F 62 -6.24 -0.59 -58.21
CA ILE F 62 -5.11 -0.98 -57.37
C ILE F 62 -5.13 -2.48 -57.15
N ALA F 63 -3.96 -3.10 -57.24
CA ALA F 63 -3.83 -4.55 -57.14
C ALA F 63 -3.70 -5.00 -55.68
N LEU F 64 -4.39 -6.07 -55.34
CA LEU F 64 -4.33 -6.67 -54.01
C LEU F 64 -4.10 -8.17 -54.17
N THR F 65 -3.17 -8.71 -53.37
CA THR F 65 -2.79 -10.11 -53.47
C THR F 65 -3.52 -10.93 -52.40
N GLY F 66 -3.60 -12.24 -52.66
CA GLY F 66 -4.29 -13.11 -51.73
C GLY F 66 -5.77 -12.83 -51.72
N LYS F 67 -6.35 -12.88 -50.52
CA LYS F 67 -7.78 -12.64 -50.32
C LYS F 67 -8.03 -11.27 -49.69
N LYS F 68 -7.15 -10.30 -49.95
CA LYS F 68 -7.23 -9.01 -49.29
C LYS F 68 -8.46 -8.22 -49.69
N ALA F 69 -8.92 -8.37 -50.94
CA ALA F 69 -10.04 -7.55 -51.41
C ALA F 69 -11.28 -7.74 -50.56
N THR F 70 -11.42 -8.86 -49.88
CA THR F 70 -12.51 -9.11 -48.97
C THR F 70 -12.09 -9.25 -47.51
N ASP F 71 -10.95 -9.89 -47.24
CA ASP F 71 -10.55 -10.21 -45.89
C ASP F 71 -9.78 -9.10 -45.19
N SER F 72 -9.25 -8.12 -45.94
CA SER F 72 -8.49 -7.03 -45.35
C SER F 72 -9.46 -5.90 -45.02
N LEU F 73 -9.61 -5.62 -43.73
CA LEU F 73 -10.66 -4.74 -43.25
C LEU F 73 -10.10 -3.40 -42.78
N ARG F 74 -10.88 -2.36 -43.03
CA ARG F 74 -10.62 -1.01 -42.55
C ARG F 74 -11.72 -0.63 -41.57
N TYR F 75 -11.33 -0.09 -40.42
CA TYR F 75 -12.23 0.21 -39.33
C TYR F 75 -12.30 1.71 -39.06
N ASP F 76 -13.48 2.16 -38.63
CA ASP F 76 -13.67 3.51 -38.15
C ASP F 76 -14.55 3.46 -36.90
N HIS F 77 -14.37 4.45 -36.03
CA HIS F 77 -15.17 4.52 -34.81
C HIS F 77 -15.55 5.98 -34.55
N SER F 78 -16.83 6.21 -34.27
CA SER F 78 -17.33 7.54 -33.98
C SER F 78 -17.06 7.99 -32.54
N GLY F 79 -16.67 7.06 -31.66
CA GLY F 79 -16.42 7.36 -30.27
C GLY F 79 -17.55 7.00 -29.34
N ARG F 80 -18.75 6.83 -29.85
CA ARG F 80 -19.85 6.47 -28.98
C ARG F 80 -20.08 4.97 -29.03
N PRO F 81 -20.55 4.36 -27.93
CA PRO F 81 -20.51 2.90 -27.81
C PRO F 81 -21.31 2.22 -28.92
N GLY F 82 -20.78 1.10 -29.40
CA GLY F 82 -21.36 0.44 -30.56
C GLY F 82 -21.28 1.26 -31.82
N GLY F 83 -20.25 2.09 -31.97
CA GLY F 83 -20.12 2.98 -33.10
C GLY F 83 -19.00 2.59 -34.03
N LEU F 84 -18.69 1.31 -34.10
CA LEU F 84 -17.65 0.81 -34.98
C LEU F 84 -18.24 0.41 -36.32
N ARG F 85 -17.65 0.91 -37.40
CA ARG F 85 -17.96 0.44 -38.74
C ARG F 85 -16.74 -0.22 -39.34
N VAL F 86 -16.99 -1.28 -40.10
CA VAL F 86 -15.96 -2.03 -40.79
C VAL F 86 -16.32 -2.11 -42.27
N THR F 87 -15.31 -1.99 -43.12
CA THR F 87 -15.49 -2.26 -44.54
C THR F 87 -14.27 -3.02 -45.02
N SER F 88 -14.32 -3.52 -46.24
CA SER F 88 -13.14 -4.16 -46.80
C SER F 88 -12.42 -3.20 -47.72
N ILE F 89 -11.15 -3.51 -48.00
CA ILE F 89 -10.36 -2.64 -48.86
C ILE F 89 -10.86 -2.70 -50.30
N GLY F 90 -11.41 -3.83 -50.72
CA GLY F 90 -12.01 -3.90 -52.04
C GLY F 90 -13.20 -2.97 -52.18
N GLU F 91 -14.10 -3.00 -51.20
CA GLU F 91 -15.25 -2.10 -51.22
C GLU F 91 -14.82 -0.64 -51.07
N MET F 92 -13.80 -0.37 -50.27
CA MET F 92 -13.28 0.99 -50.19
C MET F 92 -12.75 1.45 -51.54
N LEU F 93 -11.97 0.61 -52.22
CA LEU F 93 -11.41 0.99 -53.51
C LEU F 93 -12.50 1.21 -54.55
N ALA F 94 -13.54 0.37 -54.53
CA ALA F 94 -14.64 0.55 -55.47
C ALA F 94 -15.46 1.80 -55.16
N LYS F 95 -15.68 2.08 -53.87
CA LYS F 95 -16.57 3.14 -53.42
C LYS F 95 -15.84 4.46 -53.21
N ASN F 96 -14.80 4.45 -52.39
CA ASN F 96 -14.08 5.66 -51.99
C ASN F 96 -12.58 5.41 -52.15
N PRO F 97 -12.10 5.31 -53.39
CA PRO F 97 -10.67 5.01 -53.59
C PRO F 97 -9.75 6.05 -53.00
N ARG F 98 -10.18 7.32 -52.99
CA ARG F 98 -9.37 8.37 -52.39
C ARG F 98 -9.15 8.11 -50.91
N ARG F 99 -10.20 7.73 -50.19
CA ARG F 99 -10.06 7.44 -48.76
C ARG F 99 -9.14 6.26 -48.52
N ALA F 100 -9.24 5.21 -49.35
CA ALA F 100 -8.39 4.05 -49.19
C ALA F 100 -6.92 4.41 -49.38
N VAL F 101 -6.62 5.10 -50.48
CA VAL F 101 -5.23 5.47 -50.75
C VAL F 101 -4.71 6.42 -49.70
N GLU F 102 -5.54 7.36 -49.25
CA GLU F 102 -5.11 8.32 -48.24
C GLU F 102 -4.85 7.64 -46.90
N ARG F 103 -5.69 6.67 -46.52
CA ARG F 103 -5.42 5.92 -45.29
C ARG F 103 -4.10 5.16 -45.40
N ALA F 104 -3.89 4.49 -46.53
CA ALA F 104 -2.66 3.71 -46.71
C ALA F 104 -1.44 4.63 -46.64
N VAL F 105 -1.53 5.81 -47.24
CA VAL F 105 -0.39 6.73 -47.23
C VAL F 105 -0.18 7.31 -45.83
N TRP F 106 -1.26 7.71 -45.17
CA TRP F 106 -1.13 8.34 -43.86
C TRP F 106 -0.55 7.39 -42.84
N GLY F 107 -0.88 6.10 -42.93
CA GLY F 107 -0.27 5.14 -42.02
C GLY F 107 1.23 5.03 -42.19
N MET F 108 1.76 5.54 -43.30
CA MET F 108 3.16 5.38 -43.65
C MET F 108 3.98 6.67 -43.48
N MET F 109 3.40 7.70 -42.89
CA MET F 109 4.09 8.96 -42.66
C MET F 109 4.25 9.20 -41.17
N PRO F 110 5.20 10.07 -40.78
CA PRO F 110 5.33 10.42 -39.36
C PRO F 110 4.05 11.09 -38.87
N LYS F 111 3.72 10.86 -37.61
CA LYS F 111 2.48 11.36 -37.05
C LYS F 111 2.74 12.77 -36.54
N ASN F 112 2.48 13.75 -37.41
CA ASN F 112 2.95 15.11 -37.23
C ASN F 112 1.88 16.10 -37.63
N LYS F 113 2.15 17.38 -37.34
CA LYS F 113 1.41 18.46 -37.97
C LYS F 113 1.85 18.66 -39.42
N LEU F 114 3.17 18.60 -39.65
CA LEU F 114 3.69 18.75 -41.00
C LEU F 114 3.24 17.62 -41.91
N SER F 115 3.11 16.41 -41.39
CA SER F 115 2.62 15.32 -42.21
C SER F 115 1.15 15.51 -42.57
N ARG F 116 0.35 16.04 -41.65
CA ARG F 116 -1.03 16.37 -41.98
C ARG F 116 -1.10 17.44 -43.06
N GLN F 117 -0.15 18.39 -43.05
CA GLN F 117 -0.11 19.37 -44.13
C GLN F 117 0.34 18.74 -45.44
N GLN F 118 1.31 17.83 -45.40
CA GLN F 118 1.87 17.24 -46.60
C GLN F 118 0.94 16.23 -47.25
N LEU F 119 0.06 15.60 -46.47
CA LEU F 119 -0.93 14.69 -47.03
C LEU F 119 -1.95 15.42 -47.90
N LYS F 120 -2.12 16.73 -47.72
CA LYS F 120 -3.02 17.49 -48.57
C LYS F 120 -2.49 17.61 -50.00
N LYS F 121 -1.23 17.27 -50.24
CA LYS F 121 -0.65 17.30 -51.58
C LYS F 121 -0.92 16.02 -52.37
N LEU F 122 -1.49 15.00 -51.74
CA LEU F 122 -1.79 13.74 -52.41
C LEU F 122 -3.21 13.80 -52.95
N LYS F 123 -3.32 13.90 -54.27
CA LYS F 123 -4.62 13.95 -54.95
C LYS F 123 -4.89 12.57 -55.55
N VAL F 124 -6.01 11.96 -55.20
CA VAL F 124 -6.31 10.58 -55.56
C VAL F 124 -7.59 10.55 -56.38
N TYR F 125 -7.55 9.83 -57.49
CA TYR F 125 -8.70 9.69 -58.38
C TYR F 125 -8.84 8.25 -58.81
N GLY F 126 -10.05 7.70 -58.68
CA GLY F 126 -10.29 6.33 -59.08
C GLY F 126 -10.31 6.11 -60.58
N GLY F 127 -10.61 7.15 -61.35
CA GLY F 127 -10.62 7.06 -62.79
C GLY F 127 -9.25 7.37 -63.38
N PRO F 128 -9.12 7.20 -64.70
CA PRO F 128 -7.84 7.46 -65.36
C PRO F 128 -7.53 8.92 -65.59
N GLU F 129 -8.46 9.83 -65.31
CA GLU F 129 -8.26 11.25 -65.57
C GLU F 129 -8.25 12.03 -64.27
N HIS F 130 -7.57 13.17 -64.29
CA HIS F 130 -7.47 14.08 -63.17
C HIS F 130 -7.70 15.50 -63.65
N PRO F 131 -8.12 16.41 -62.77
CA PRO F 131 -8.38 17.80 -63.17
C PRO F 131 -7.18 18.74 -63.08
N HIS F 132 -5.97 18.25 -62.88
CA HIS F 132 -4.81 19.09 -62.58
C HIS F 132 -3.90 19.28 -63.78
N ALA F 133 -4.45 19.39 -64.98
CA ALA F 133 -3.63 19.63 -66.16
C ALA F 133 -2.96 21.00 -66.14
N ALA F 134 -3.50 21.95 -65.36
CA ALA F 134 -2.88 23.27 -65.26
C ALA F 134 -1.56 23.21 -64.51
N GLN F 135 -1.39 22.21 -63.64
CA GLN F 135 -0.16 22.05 -62.89
C GLN F 135 0.86 21.16 -63.61
N ASN F 136 0.47 20.54 -64.71
CA ASN F 136 1.35 19.73 -65.53
C ASN F 136 2.08 18.65 -64.72
N PRO F 137 1.37 17.70 -64.13
CA PRO F 137 2.04 16.64 -63.39
C PRO F 137 2.85 15.77 -64.31
N GLN F 138 4.04 15.43 -63.87
CA GLN F 138 4.81 14.60 -64.79
C GLN F 138 4.72 13.13 -64.39
N PRO F 139 4.75 12.23 -65.36
CA PRO F 139 4.64 10.80 -65.04
C PRO F 139 5.76 10.33 -64.14
N TYR F 140 5.43 9.43 -63.22
CA TYR F 140 6.41 8.85 -62.30
C TYR F 140 6.26 7.34 -62.36
N GLU F 141 7.38 6.65 -62.53
CA GLU F 141 7.41 5.19 -62.60
C GLU F 141 8.05 4.66 -61.33
N ILE F 142 7.35 3.78 -60.62
CA ILE F 142 7.90 3.14 -59.44
C ILE F 142 8.95 2.13 -59.90
N THR F 143 10.20 2.33 -59.48
CA THR F 143 11.31 1.53 -59.95
C THR F 143 12.25 1.24 -58.78
N GLN F 144 13.02 0.17 -58.92
CA GLN F 144 13.98 -0.26 -57.91
C GLN F 144 15.40 -0.12 -58.46
N ILE F 145 16.32 0.26 -57.58
CA ILE F 145 17.74 0.36 -57.92
C ILE F 145 18.42 -0.96 -57.57
N ALA F 146 19.16 -1.52 -58.51
CA ALA F 146 19.76 -2.83 -58.32
C ALA F 146 20.91 -2.78 -57.33
N GLN F 147 21.04 -3.84 -56.55
CA GLN F 147 22.10 -4.07 -55.55
C GLN F 147 22.17 -3.00 -54.44
N MET G 1 -61.00 2.47 -16.70
CA MET G 1 -59.84 1.59 -16.76
C MET G 1 -59.77 0.72 -15.51
N ILE G 2 -59.57 -0.59 -15.73
CA ILE G 2 -59.46 -1.58 -14.66
C ILE G 2 -58.03 -2.08 -14.66
N GLN G 3 -57.36 -1.97 -13.52
CA GLN G 3 -56.00 -2.48 -13.37
C GLN G 3 -55.97 -3.51 -12.26
N GLN G 4 -54.79 -4.07 -12.03
CA GLN G 4 -54.61 -5.02 -10.94
C GLN G 4 -54.94 -4.35 -9.61
N GLU G 5 -55.60 -5.11 -8.73
CA GLU G 5 -56.11 -4.73 -7.41
C GLU G 5 -57.39 -3.91 -7.48
N THR G 6 -57.90 -3.60 -8.66
CA THR G 6 -59.21 -2.97 -8.75
C THR G 6 -60.29 -3.95 -8.32
N ARG G 7 -61.21 -3.49 -7.48
CA ARG G 7 -62.34 -4.30 -7.04
C ARG G 7 -63.59 -3.87 -7.80
N LEU G 8 -64.22 -4.83 -8.47
CA LEU G 8 -65.40 -4.61 -9.29
C LEU G 8 -66.59 -5.30 -8.67
N LYS G 9 -67.77 -4.73 -8.92
CA LYS G 9 -69.03 -5.36 -8.62
C LYS G 9 -69.37 -6.39 -9.69
N VAL G 10 -70.25 -7.32 -9.34
CA VAL G 10 -70.59 -8.44 -10.22
C VAL G 10 -72.00 -8.22 -10.74
N ALA G 11 -72.14 -8.18 -12.07
CA ALA G 11 -73.44 -8.01 -12.71
C ALA G 11 -74.10 -9.34 -13.02
N ASP G 12 -73.66 -10.41 -12.38
CA ASP G 12 -74.20 -11.75 -12.58
C ASP G 12 -75.02 -12.18 -11.37
N ASN G 13 -75.74 -13.28 -11.52
CA ASN G 13 -76.39 -13.95 -10.41
C ASN G 13 -75.64 -15.21 -9.99
N THR G 14 -74.33 -15.22 -10.24
CA THR G 14 -73.46 -16.34 -9.88
C THR G 14 -73.26 -16.48 -8.38
N GLY G 15 -73.69 -15.52 -7.59
CA GLY G 15 -73.47 -15.53 -6.16
C GLY G 15 -72.26 -14.73 -5.70
N ALA G 16 -71.33 -14.44 -6.60
CA ALA G 16 -70.23 -13.56 -6.28
C ALA G 16 -70.73 -12.13 -6.12
N LYS G 17 -70.10 -11.38 -5.21
CA LYS G 17 -70.49 -10.01 -4.95
C LYS G 17 -69.39 -9.00 -5.24
N GLU G 18 -68.12 -9.38 -5.10
CA GLU G 18 -67.00 -8.49 -5.39
C GLU G 18 -65.87 -9.32 -5.97
N LEU G 19 -65.18 -8.74 -6.96
CA LEU G 19 -64.00 -9.36 -7.54
C LEU G 19 -62.82 -8.42 -7.39
N LEU G 20 -61.63 -8.98 -7.16
CA LEU G 20 -60.38 -8.23 -7.19
C LEU G 20 -59.63 -8.63 -8.45
N CYS G 21 -59.29 -7.64 -9.28
CA CYS G 21 -58.57 -7.90 -10.51
C CYS G 21 -57.14 -8.34 -10.19
N ILE G 22 -56.80 -9.56 -10.61
CA ILE G 22 -55.46 -10.10 -10.47
C ILE G 22 -54.60 -9.76 -11.67
N ARG G 23 -55.19 -9.84 -12.86
CA ARG G 23 -54.46 -9.67 -14.11
C ARG G 23 -55.41 -9.17 -15.18
N VAL G 24 -54.92 -8.30 -16.05
CA VAL G 24 -55.64 -7.90 -17.25
C VAL G 24 -55.07 -8.71 -18.41
N LEU G 25 -55.89 -9.53 -19.03
CA LEU G 25 -55.43 -10.40 -20.11
C LEU G 25 -55.39 -9.65 -21.42
N GLY G 26 -54.47 -10.04 -22.30
CA GLY G 26 -54.42 -9.48 -23.63
C GLY G 26 -53.04 -9.17 -24.15
N GLY G 27 -52.02 -9.40 -23.34
CA GLY G 27 -50.65 -9.15 -23.77
C GLY G 27 -49.77 -8.83 -22.58
N SER G 28 -48.47 -8.89 -22.82
CA SER G 28 -47.50 -8.60 -21.78
C SER G 28 -47.47 -7.11 -21.48
N LYS G 29 -47.26 -6.78 -20.20
CA LYS G 29 -47.21 -5.41 -19.70
C LYS G 29 -48.53 -4.67 -19.87
N ARG G 30 -49.61 -5.39 -20.18
CA ARG G 30 -50.90 -4.74 -20.40
C ARG G 30 -51.41 -4.14 -19.11
N ARG G 31 -51.80 -2.87 -19.16
CA ARG G 31 -52.09 -2.12 -17.94
C ARG G 31 -53.56 -2.16 -17.56
N TYR G 32 -54.44 -1.69 -18.46
CA TYR G 32 -55.83 -1.43 -18.12
C TYR G 32 -56.78 -2.28 -18.95
N ALA G 33 -57.91 -2.59 -18.36
CA ALA G 33 -59.01 -3.27 -19.03
C ALA G 33 -60.19 -2.32 -19.13
N TYR G 34 -60.81 -2.29 -20.31
CA TYR G 34 -61.95 -1.45 -20.59
C TYR G 34 -63.15 -2.33 -20.92
N LEU G 35 -64.23 -1.71 -21.39
CA LEU G 35 -65.44 -2.45 -21.70
C LEU G 35 -65.17 -3.54 -22.74
N GLY G 36 -65.55 -4.76 -22.41
CA GLY G 36 -65.33 -5.90 -23.26
C GLY G 36 -64.03 -6.65 -23.02
N ASP G 37 -63.16 -6.11 -22.18
CA ASP G 37 -61.86 -6.74 -21.92
C ASP G 37 -61.98 -7.78 -20.81
N THR G 38 -61.30 -8.90 -21.01
CA THR G 38 -61.35 -10.02 -20.07
C THR G 38 -60.22 -9.90 -19.06
N ILE G 39 -60.53 -10.19 -17.80
CA ILE G 39 -59.59 -10.10 -16.69
C ILE G 39 -59.65 -11.38 -15.89
N VAL G 40 -58.55 -11.68 -15.20
CA VAL G 40 -58.53 -12.71 -14.17
C VAL G 40 -58.85 -12.02 -12.85
N CYS G 41 -59.69 -12.65 -12.04
CA CYS G 41 -60.16 -12.05 -10.81
C CYS G 41 -60.16 -13.09 -9.70
N THR G 42 -60.18 -12.61 -8.46
CA THR G 42 -60.43 -13.44 -7.30
C THR G 42 -61.70 -12.97 -6.61
N VAL G 43 -62.50 -13.91 -6.13
CA VAL G 43 -63.77 -13.59 -5.50
C VAL G 43 -63.50 -13.12 -4.07
N LYS G 44 -63.67 -11.83 -3.83
CA LYS G 44 -63.50 -11.27 -2.49
C LYS G 44 -64.76 -11.40 -1.65
N ASP G 45 -65.93 -11.52 -2.29
CA ASP G 45 -67.20 -11.59 -1.58
C ASP G 45 -68.12 -12.53 -2.36
N ALA G 46 -68.81 -13.41 -1.64
CA ALA G 46 -69.72 -14.36 -2.26
C ALA G 46 -70.93 -14.55 -1.39
N ILE G 47 -72.05 -14.89 -2.02
CA ILE G 47 -73.25 -15.27 -1.28
C ILE G 47 -73.00 -16.59 -0.55
N PRO G 48 -73.31 -16.71 0.74
CA PRO G 48 -73.00 -17.96 1.46
C PRO G 48 -73.60 -19.19 0.83
N GLY G 49 -74.85 -19.12 0.35
CA GLY G 49 -75.39 -20.21 -0.42
C GLY G 49 -75.25 -19.97 -1.91
N GLY G 50 -74.19 -20.52 -2.50
CA GLY G 50 -73.91 -20.25 -3.90
C GLY G 50 -72.83 -21.16 -4.43
N ASN G 51 -72.75 -21.23 -5.76
CA ASN G 51 -71.81 -22.11 -6.44
C ASN G 51 -70.41 -21.51 -6.58
N VAL G 52 -70.26 -20.21 -6.37
CA VAL G 52 -68.96 -19.55 -6.43
C VAL G 52 -68.57 -19.17 -5.01
N LYS G 53 -67.39 -19.60 -4.59
CA LYS G 53 -66.94 -19.43 -3.21
C LYS G 53 -65.83 -18.39 -3.13
N LYS G 54 -65.77 -17.75 -1.96
CA LYS G 54 -64.77 -16.71 -1.72
C LYS G 54 -63.37 -17.28 -1.86
N GLY G 55 -62.48 -16.51 -2.50
CA GLY G 55 -61.13 -16.95 -2.76
C GLY G 55 -60.95 -17.75 -4.03
N GLU G 56 -61.95 -17.79 -4.90
CA GLU G 56 -61.86 -18.53 -6.15
C GLU G 56 -61.29 -17.64 -7.25
N VAL G 57 -60.40 -18.20 -8.05
CA VAL G 57 -59.80 -17.48 -9.17
C VAL G 57 -60.63 -17.77 -10.42
N VAL G 58 -61.28 -16.73 -10.94
CA VAL G 58 -62.21 -16.85 -12.06
C VAL G 58 -61.77 -15.90 -13.17
N LYS G 59 -62.44 -16.01 -14.31
CA LYS G 59 -62.27 -15.08 -15.41
C LYS G 59 -63.55 -14.29 -15.61
N ALA G 60 -63.42 -12.99 -15.82
CA ALA G 60 -64.57 -12.11 -15.98
C ALA G 60 -64.36 -11.23 -17.20
N VAL G 61 -65.47 -10.72 -17.74
CA VAL G 61 -65.45 -9.71 -18.79
C VAL G 61 -65.97 -8.42 -18.20
N VAL G 62 -65.30 -7.31 -18.52
CA VAL G 62 -65.59 -6.03 -17.91
C VAL G 62 -66.76 -5.38 -18.62
N VAL G 63 -67.77 -4.98 -17.86
CA VAL G 63 -68.82 -4.09 -18.33
C VAL G 63 -68.91 -2.93 -17.34
N ARG G 64 -69.52 -1.83 -17.79
CA ARG G 64 -69.81 -0.73 -16.89
C ARG G 64 -68.54 -0.20 -16.22
N THR G 65 -67.72 0.49 -17.01
CA THR G 65 -66.60 1.22 -16.40
C THR G 65 -67.04 2.60 -15.93
N VAL G 66 -66.41 3.06 -14.85
CA VAL G 66 -66.69 4.41 -14.35
C VAL G 66 -66.07 5.46 -15.26
N LYS G 67 -64.89 5.17 -15.81
CA LYS G 67 -64.07 6.22 -16.43
C LYS G 67 -64.75 6.89 -17.62
N SER G 68 -64.77 6.21 -18.76
CA SER G 68 -65.47 6.62 -19.97
C SER G 68 -65.11 5.65 -21.08
N HIS G 69 -65.89 5.60 -22.15
CA HIS G 69 -65.46 4.87 -23.34
C HIS G 69 -65.75 5.70 -24.56
N ARG G 70 -64.73 5.94 -25.37
CA ARG G 70 -64.88 6.63 -26.64
C ARG G 70 -65.41 5.67 -27.70
N ARG G 71 -66.29 6.18 -28.54
CA ARG G 71 -66.81 5.44 -29.67
C ARG G 71 -66.38 6.12 -30.97
N PRO G 72 -66.30 5.38 -32.07
CA PRO G 72 -65.79 5.98 -33.32
C PRO G 72 -66.58 7.20 -33.79
N ASP G 73 -67.86 7.28 -33.45
CA ASP G 73 -68.68 8.43 -33.84
C ASP G 73 -68.44 9.64 -32.95
N GLY G 74 -67.44 9.62 -32.08
CA GLY G 74 -67.09 10.77 -31.26
C GLY G 74 -67.86 10.92 -29.98
N SER G 75 -68.72 9.96 -29.64
CA SER G 75 -69.51 10.01 -28.42
C SER G 75 -68.86 9.16 -27.34
N TYR G 76 -69.25 9.42 -26.09
CA TYR G 76 -68.70 8.73 -24.94
C TYR G 76 -69.83 8.17 -24.09
N ILE G 77 -69.58 6.99 -23.51
CA ILE G 77 -70.50 6.36 -22.57
C ILE G 77 -69.79 6.25 -21.22
N LYS G 78 -70.58 6.38 -20.15
CA LYS G 78 -70.03 6.41 -18.81
C LYS G 78 -71.02 5.80 -17.85
N PHE G 79 -70.52 5.06 -16.87
CA PHE G 79 -71.34 4.43 -15.84
C PHE G 79 -70.90 4.92 -14.47
N ASP G 80 -71.60 4.43 -13.43
CA ASP G 80 -71.35 4.86 -12.06
C ASP G 80 -70.57 3.85 -11.25
N GLU G 81 -70.39 2.63 -11.74
CA GLU G 81 -69.71 1.57 -11.02
C GLU G 81 -68.93 0.75 -12.03
N ASN G 82 -67.91 0.04 -11.55
CA ASN G 82 -67.23 -0.97 -12.35
C ASN G 82 -67.90 -2.31 -12.15
N ALA G 83 -68.17 -3.02 -13.23
CA ALA G 83 -68.88 -4.29 -13.16
C ALA G 83 -68.19 -5.35 -14.03
N ALA G 84 -68.42 -6.60 -13.68
CA ALA G 84 -67.86 -7.69 -14.45
C ALA G 84 -68.85 -8.85 -14.47
N VAL G 85 -68.74 -9.67 -15.51
CA VAL G 85 -69.56 -10.86 -15.67
C VAL G 85 -68.63 -12.06 -15.75
N LEU G 86 -68.85 -13.04 -14.87
CA LEU G 86 -67.98 -14.21 -14.78
C LEU G 86 -68.14 -15.09 -16.02
N LEU G 87 -67.04 -15.73 -16.41
CA LEU G 87 -67.00 -16.58 -17.60
C LEU G 87 -66.65 -18.01 -17.22
N LYS G 88 -66.95 -18.94 -18.12
CA LYS G 88 -66.72 -20.37 -17.94
C LYS G 88 -65.46 -20.86 -18.64
N GLY G 89 -64.61 -19.95 -19.11
CA GLY G 89 -63.39 -20.34 -19.80
C GLY G 89 -63.51 -20.45 -21.30
N ASP G 90 -64.72 -20.34 -21.86
CA ASP G 90 -64.91 -20.32 -23.31
C ASP G 90 -65.47 -19.00 -23.80
N GLY G 91 -65.71 -18.05 -22.91
CA GLY G 91 -66.39 -16.82 -23.28
C GLY G 91 -67.88 -16.83 -23.01
N GLU G 92 -68.37 -17.80 -22.24
CA GLU G 92 -69.78 -17.95 -21.95
C GLU G 92 -70.04 -17.68 -20.47
N PRO G 93 -71.08 -16.92 -20.14
CA PRO G 93 -71.32 -16.55 -18.73
C PRO G 93 -71.56 -17.77 -17.86
N ARG G 94 -71.01 -17.72 -16.64
CA ARG G 94 -71.33 -18.74 -15.65
C ARG G 94 -72.78 -18.64 -15.19
N GLY G 95 -73.25 -17.42 -14.98
CA GLY G 95 -74.60 -17.20 -14.50
C GLY G 95 -75.63 -17.32 -15.60
N THR G 96 -76.87 -17.02 -15.22
CA THR G 96 -78.00 -17.09 -16.15
C THR G 96 -78.81 -15.81 -16.19
N ARG G 97 -78.42 -14.78 -15.44
CA ARG G 97 -79.07 -13.47 -15.48
C ARG G 97 -78.01 -12.38 -15.47
N ILE G 98 -78.27 -11.32 -16.22
CA ILE G 98 -77.39 -10.16 -16.29
C ILE G 98 -78.16 -8.97 -15.72
N PHE G 99 -77.55 -8.27 -14.76
CA PHE G 99 -78.17 -7.17 -14.07
C PHE G 99 -77.56 -5.85 -14.51
N GLY G 100 -78.39 -4.81 -14.56
CA GLY G 100 -77.93 -3.49 -14.91
C GLY G 100 -77.72 -3.31 -16.40
N PRO G 101 -77.50 -2.07 -16.83
CA PRO G 101 -77.20 -1.84 -18.25
C PRO G 101 -75.85 -2.40 -18.64
N ILE G 102 -75.71 -2.73 -19.92
CA ILE G 102 -74.53 -3.38 -20.45
C ILE G 102 -74.01 -2.57 -21.63
N ALA G 103 -72.70 -2.41 -21.69
CA ALA G 103 -72.09 -1.64 -22.77
C ALA G 103 -72.30 -2.34 -24.11
N ARG G 104 -72.62 -1.55 -25.14
CA ARG G 104 -72.71 -2.07 -26.49
C ARG G 104 -71.37 -2.62 -26.97
N GLU G 105 -70.27 -2.25 -26.31
CA GLU G 105 -68.95 -2.75 -26.63
C GLU G 105 -68.85 -4.26 -26.45
N LEU G 106 -69.77 -4.85 -25.68
CA LEU G 106 -69.80 -6.30 -25.55
C LEU G 106 -70.30 -6.96 -26.83
N ARG G 107 -71.10 -6.26 -27.62
CA ARG G 107 -71.64 -6.78 -28.87
C ARG G 107 -70.70 -6.50 -30.04
N GLU G 108 -69.42 -6.75 -29.83
CA GLU G 108 -68.44 -6.69 -30.93
C GLU G 108 -68.04 -8.09 -31.37
N LYS G 109 -69.03 -8.86 -31.85
CA LYS G 109 -68.88 -10.20 -32.40
C LYS G 109 -68.47 -11.22 -31.33
N LYS G 110 -68.36 -10.82 -30.07
CA LYS G 110 -67.71 -11.65 -29.06
C LYS G 110 -68.67 -12.22 -28.02
N PHE G 111 -69.43 -11.36 -27.34
CA PHE G 111 -70.20 -11.78 -26.16
C PHE G 111 -71.69 -11.61 -26.48
N MET G 112 -72.29 -12.68 -27.00
CA MET G 112 -73.67 -12.67 -27.47
C MET G 112 -74.68 -13.05 -26.39
N ARG G 113 -74.33 -14.01 -25.54
CA ARG G 113 -75.22 -14.41 -24.45
C ARG G 113 -75.41 -13.26 -23.46
N ILE G 114 -74.33 -12.54 -23.14
CA ILE G 114 -74.43 -11.42 -22.22
C ILE G 114 -75.32 -10.32 -22.80
N VAL G 115 -75.23 -10.12 -24.12
CA VAL G 115 -76.06 -9.10 -24.75
C VAL G 115 -77.53 -9.52 -24.76
N SER G 116 -77.80 -10.78 -25.06
CA SER G 116 -79.18 -11.26 -25.09
C SER G 116 -79.81 -11.22 -23.70
N LEU G 117 -79.04 -11.57 -22.67
CA LEU G 117 -79.55 -11.55 -21.31
C LEU G 117 -79.57 -10.17 -20.68
N ALA G 118 -78.94 -9.18 -21.31
CA ALA G 118 -78.88 -7.86 -20.72
C ALA G 118 -80.26 -7.19 -20.72
N PRO G 119 -80.62 -6.49 -19.64
CA PRO G 119 -81.88 -5.74 -19.67
C PRO G 119 -81.83 -4.54 -20.58
N GLU G 120 -80.75 -3.77 -20.52
CA GLU G 120 -80.51 -2.67 -21.44
C GLU G 120 -79.09 -2.77 -21.96
N VAL G 121 -78.93 -2.60 -23.28
CA VAL G 121 -77.62 -2.48 -23.90
C VAL G 121 -77.46 -1.04 -24.37
N ILE G 122 -76.42 -0.38 -23.91
CA ILE G 122 -76.19 1.02 -24.26
C ILE G 122 -74.86 1.17 -24.97
N ALA H 2 60.07 42.28 13.46
CA ALA H 2 59.44 42.88 12.29
C ALA H 2 58.37 41.96 11.70
N ILE H 3 57.97 40.95 12.47
CA ILE H 3 57.04 39.95 11.95
C ILE H 3 55.65 40.55 11.75
N GLU H 4 55.22 41.45 12.65
CA GLU H 4 53.89 42.07 12.59
C GLU H 4 52.79 41.03 12.77
N LEU H 5 51.59 41.48 13.17
CA LEU H 5 50.56 40.54 13.55
C LEU H 5 49.88 39.85 12.37
N HIS H 6 49.91 40.45 11.18
CA HIS H 6 49.22 39.85 10.05
C HIS H 6 50.04 38.78 9.33
N ASP H 7 51.31 38.59 9.69
CA ASP H 7 52.09 37.49 9.13
C ASP H 7 52.24 36.33 10.11
N LEU H 8 51.40 36.27 11.14
CA LEU H 8 51.30 35.09 11.99
C LEU H 8 50.23 34.16 11.41
N LYS H 9 50.64 32.98 10.97
CA LYS H 9 49.72 31.97 10.47
C LYS H 9 50.06 30.63 11.09
N PRO H 10 49.07 29.75 11.23
CA PRO H 10 49.31 28.46 11.89
C PRO H 10 50.11 27.53 10.97
N ALA H 11 50.59 26.45 11.57
CA ALA H 11 51.24 25.41 10.80
C ALA H 11 50.23 24.74 9.87
N PRO H 12 50.66 24.30 8.69
CA PRO H 12 49.75 23.55 7.81
C PRO H 12 49.27 22.27 8.49
N GLY H 13 47.96 22.10 8.54
CA GLY H 13 47.35 20.97 9.20
C GLY H 13 47.03 21.17 10.66
N ALA H 14 47.44 22.30 11.25
CA ALA H 14 47.17 22.54 12.66
C ALA H 14 45.70 22.79 12.93
N HIS H 15 45.06 23.59 12.07
CA HIS H 15 43.66 23.99 12.25
C HIS H 15 42.82 23.28 11.20
N LYS H 16 42.39 22.06 11.52
CA LYS H 16 41.49 21.33 10.64
C LYS H 16 40.11 21.99 10.65
N ALA H 17 39.53 22.12 9.46
CA ALA H 17 38.22 22.76 9.36
C ALA H 17 37.13 21.88 9.95
N LYS H 18 36.16 22.52 10.59
CA LYS H 18 35.00 21.82 11.10
C LYS H 18 34.16 21.29 9.94
N THR H 19 33.65 20.07 10.10
CA THR H 19 32.72 19.50 9.13
C THR H 19 31.31 19.79 9.61
N ARG H 20 30.60 20.64 8.87
CA ARG H 20 29.26 21.07 9.24
C ARG H 20 28.25 20.17 8.56
N VAL H 21 27.45 19.48 9.35
CA VAL H 21 26.60 18.39 8.90
C VAL H 21 25.20 18.93 8.62
N GLY H 22 24.51 18.27 7.71
CA GLY H 22 23.15 18.67 7.37
C GLY H 22 23.04 20.02 6.69
N ARG H 23 23.92 20.31 5.74
CA ARG H 23 23.95 21.59 5.03
C ARG H 23 23.94 21.37 3.52
N GLY H 24 23.04 20.52 3.04
CA GLY H 24 22.92 20.23 1.63
C GLY H 24 23.60 18.92 1.26
N GLU H 25 23.21 18.38 0.10
CA GLU H 25 23.72 17.08 -0.31
C GLU H 25 25.03 17.12 -1.08
N GLY H 26 25.68 18.27 -1.14
CA GLY H 26 27.07 18.26 -1.58
C GLY H 26 28.03 17.88 -0.48
N SER H 27 27.52 17.68 0.72
CA SER H 27 28.29 17.30 1.90
C SER H 27 27.43 16.30 2.66
N LYS H 28 27.72 16.11 3.95
CA LYS H 28 26.92 15.20 4.75
C LYS H 28 25.53 15.79 5.02
N GLY H 29 24.68 15.82 3.99
CA GLY H 29 23.38 16.44 4.08
C GLY H 29 22.26 15.45 4.35
N LYS H 30 21.07 16.02 4.55
CA LYS H 30 19.85 15.27 4.91
C LYS H 30 20.07 14.48 6.18
N THR H 31 20.29 13.16 6.06
CA THR H 31 20.39 12.29 7.22
C THR H 31 21.65 12.56 8.04
N ALA H 32 22.61 13.33 7.53
CA ALA H 32 23.77 13.77 8.28
C ALA H 32 24.65 12.61 8.73
N GLY H 33 24.80 11.59 7.89
CA GLY H 33 25.62 10.44 8.23
C GLY H 33 24.94 9.38 9.07
N ARG H 34 23.63 9.47 9.27
CA ARG H 34 22.93 8.58 10.18
C ARG H 34 22.21 7.42 9.50
N GLY H 35 22.02 7.47 8.18
CA GLY H 35 21.20 6.49 7.52
C GLY H 35 19.71 6.81 7.67
N THR H 36 18.89 5.78 7.49
CA THR H 36 17.44 5.94 7.49
C THR H 36 16.81 5.06 8.57
N LYS H 37 15.88 5.64 9.33
CA LYS H 37 15.06 4.94 10.32
C LYS H 37 15.88 4.33 11.46
N GLY H 38 15.19 3.69 12.40
CA GLY H 38 15.84 2.95 13.45
C GLY H 38 16.18 3.79 14.67
N THR H 39 16.88 3.13 15.61
CA THR H 39 17.39 3.83 16.78
C THR H 39 18.47 4.83 16.40
N GLY H 40 19.43 4.40 15.57
CA GLY H 40 20.57 5.23 15.23
C GLY H 40 20.21 6.50 14.48
N ALA H 41 19.03 6.54 13.88
CA ALA H 41 18.57 7.76 13.24
C ALA H 41 18.28 8.87 14.25
N ARG H 42 18.09 8.53 15.51
CA ARG H 42 17.67 9.62 16.38
C ARG H 42 18.49 9.79 17.66
N LYS H 43 18.88 8.71 18.34
CA LYS H 43 19.65 9.02 19.54
C LYS H 43 21.07 8.46 19.62
N ASN H 44 21.20 7.17 19.95
CA ASN H 44 22.46 6.45 20.15
C ASN H 44 22.14 5.08 20.73
N VAL H 45 23.13 4.23 20.92
CA VAL H 45 22.96 2.95 21.59
C VAL H 45 23.97 2.86 22.73
N PRO H 46 23.55 2.51 23.95
CA PRO H 46 24.51 2.35 25.05
C PRO H 46 25.51 1.24 24.77
N GLU H 47 26.73 1.42 25.27
CA GLU H 47 27.79 0.46 25.02
C GLU H 47 27.66 -0.81 25.86
N PHE H 48 26.94 -0.75 26.99
CA PHE H 48 26.68 -1.96 27.76
C PHE H 48 25.59 -2.82 27.15
N PHE H 49 24.86 -2.28 26.18
CA PHE H 49 23.74 -2.97 25.56
C PHE H 49 24.22 -3.88 24.44
N ALA H 50 23.77 -5.13 24.45
CA ALA H 50 24.14 -6.10 23.43
C ALA H 50 22.94 -6.59 22.63
N GLY H 51 21.86 -5.81 22.59
CA GLY H 51 20.69 -6.17 21.83
C GLY H 51 19.65 -6.98 22.56
N GLY H 52 19.94 -7.40 23.80
CA GLY H 52 19.07 -8.26 24.58
C GLY H 52 19.74 -9.54 25.01
N GLN H 53 20.71 -10.01 24.24
CA GLN H 53 21.57 -11.10 24.67
C GLN H 53 22.37 -10.68 25.91
N MET H 54 22.60 -11.64 26.80
CA MET H 54 23.40 -11.39 28.00
C MET H 54 24.77 -10.83 27.60
N PRO H 55 25.09 -9.60 27.98
CA PRO H 55 26.29 -8.95 27.46
C PRO H 55 27.59 -9.54 27.99
N ILE H 56 28.71 -9.04 27.46
CA ILE H 56 30.02 -9.56 27.83
C ILE H 56 30.30 -9.30 29.31
N HIS H 57 29.97 -8.12 29.80
CA HIS H 57 30.19 -7.74 31.19
C HIS H 57 29.20 -8.38 32.14
N MET H 58 28.41 -9.34 31.68
CA MET H 58 27.52 -10.10 32.54
C MET H 58 27.59 -11.61 32.30
N GLN H 59 28.12 -12.05 31.17
CA GLN H 59 28.34 -13.47 30.94
C GLN H 59 29.71 -13.93 31.44
N ALA H 60 30.65 -13.00 31.61
CA ALA H 60 31.96 -13.32 32.16
C ALA H 60 31.90 -13.37 33.68
N PRO H 61 32.54 -14.36 34.30
CA PRO H 61 32.58 -14.40 35.76
C PRO H 61 33.39 -13.23 36.31
N LYS H 62 33.00 -12.77 37.48
CA LYS H 62 33.74 -11.70 38.12
C LYS H 62 35.10 -12.20 38.58
N LEU H 63 36.15 -11.46 38.22
CA LEU H 63 37.42 -11.65 38.88
C LEU H 63 37.25 -11.36 40.36
N GLY H 64 37.47 -12.35 41.20
CA GLY H 64 37.20 -12.16 42.61
C GLY H 64 38.36 -11.50 43.31
N GLY H 65 38.83 -12.12 44.38
CA GLY H 65 39.94 -11.57 45.11
C GLY H 65 39.54 -10.38 45.96
N PHE H 66 40.55 -9.65 46.39
CA PHE H 66 40.38 -8.52 47.29
C PHE H 66 41.53 -7.55 47.07
N HIS H 67 41.37 -6.35 47.60
CA HIS H 67 42.41 -5.33 47.55
C HIS H 67 43.02 -5.17 48.93
N ASN H 68 44.35 -5.13 48.99
CA ASN H 68 45.03 -4.86 50.24
C ASN H 68 44.86 -3.38 50.57
N PRO H 69 44.19 -3.03 51.68
CA PRO H 69 43.98 -1.60 51.97
C PRO H 69 45.25 -0.86 52.33
N PHE H 70 46.31 -1.56 52.72
CA PHE H 70 47.54 -0.93 53.19
C PHE H 70 48.73 -1.27 52.30
N ARG H 71 48.48 -1.77 51.10
CA ARG H 71 49.57 -2.02 50.16
C ARG H 71 50.24 -0.72 49.77
N THR H 72 51.57 -0.73 49.79
CA THR H 72 52.37 0.40 49.32
C THR H 72 53.26 -0.07 48.17
N GLU H 73 53.25 0.69 47.09
CA GLU H 73 54.08 0.40 45.94
C GLU H 73 55.47 1.01 46.11
N TYR H 74 56.46 0.38 45.49
CA TYR H 74 57.81 0.88 45.44
C TYR H 74 58.05 1.59 44.12
N GLN H 75 58.75 2.72 44.16
CA GLN H 75 59.32 3.28 42.95
C GLN H 75 60.59 2.54 42.62
N VAL H 76 60.54 1.69 41.60
CA VAL H 76 61.62 0.75 41.31
C VAL H 76 62.63 1.42 40.37
N VAL H 77 63.90 1.18 40.62
CA VAL H 77 64.98 1.60 39.74
C VAL H 77 65.82 0.36 39.43
N ASN H 78 66.30 0.29 38.19
CA ASN H 78 67.08 -0.86 37.75
C ASN H 78 68.56 -0.48 37.67
N LEU H 79 69.41 -1.51 37.65
CA LEU H 79 70.85 -1.27 37.72
C LEU H 79 71.38 -0.61 36.46
N ASP H 80 70.73 -0.83 35.31
CA ASP H 80 71.11 -0.12 34.10
C ASP H 80 70.89 1.39 34.25
N LYS H 81 69.76 1.78 34.84
CA LYS H 81 69.50 3.19 35.08
C LYS H 81 70.51 3.78 36.04
N VAL H 82 70.85 3.05 37.11
CA VAL H 82 71.82 3.53 38.08
C VAL H 82 73.20 3.66 37.44
N GLU H 83 73.55 2.74 36.55
CA GLU H 83 74.82 2.84 35.84
C GLU H 83 74.83 4.03 34.88
N ALA H 84 73.72 4.29 34.20
CA ALA H 84 73.67 5.37 33.22
C ALA H 84 73.70 6.74 33.90
N LEU H 85 72.90 6.91 34.95
CA LEU H 85 72.80 8.21 35.60
C LEU H 85 73.94 8.47 36.58
N PHE H 86 74.62 7.43 37.05
CA PHE H 86 75.74 7.56 37.98
C PHE H 86 76.92 6.74 37.45
N PRO H 87 77.52 7.18 36.34
CA PRO H 87 78.58 6.38 35.71
C PRO H 87 79.95 6.55 36.35
N LYS H 88 80.27 7.78 36.79
CA LYS H 88 81.64 8.12 37.19
C LYS H 88 81.90 7.62 38.60
N GLY H 89 81.96 6.29 38.72
CA GLY H 89 82.29 5.65 39.98
C GLY H 89 81.38 6.11 41.09
N GLY H 90 80.07 6.16 40.80
CA GLY H 90 79.11 6.72 41.72
C GLY H 90 79.23 6.10 43.10
N LYS H 91 79.72 6.90 44.06
CA LYS H 91 80.09 6.34 45.35
C LYS H 91 78.85 5.96 46.16
N ILE H 92 78.06 6.94 46.55
CA ILE H 92 76.87 6.71 47.37
C ILE H 92 75.68 7.31 46.64
N THR H 93 74.66 6.48 46.40
CA THR H 93 73.43 6.97 45.81
C THR H 93 72.29 6.84 46.82
N VAL H 94 71.69 7.99 47.14
CA VAL H 94 70.61 8.05 48.11
C VAL H 94 69.31 8.30 47.34
N ASP H 95 68.19 8.23 48.05
CA ASP H 95 66.90 8.47 47.42
C ASP H 95 66.80 9.89 46.88
N ASP H 96 67.48 10.83 47.52
CA ASP H 96 67.51 12.19 47.01
C ASP H 96 68.18 12.27 45.64
N LEU H 97 69.27 11.51 45.44
CA LEU H 97 69.98 11.55 44.17
C LEU H 97 69.12 10.99 43.02
N VAL H 98 68.52 9.81 43.22
CA VAL H 98 67.69 9.23 42.18
C VAL H 98 66.45 10.09 41.95
N SER H 99 65.86 10.62 43.02
CA SER H 99 64.72 11.52 42.87
C SER H 99 65.13 12.80 42.15
N VAL H 100 66.40 13.19 42.24
CA VAL H 100 66.90 14.28 41.41
C VAL H 100 66.94 13.85 39.95
N GLY H 101 67.45 12.64 39.68
CA GLY H 101 67.36 12.16 38.31
C GLY H 101 65.94 11.79 37.90
N ALA H 102 65.45 10.63 38.32
CA ALA H 102 64.02 10.30 38.18
C ALA H 102 63.72 9.08 39.06
N VAL H 103 63.08 9.30 40.21
CA VAL H 103 62.44 8.20 40.91
C VAL H 103 61.08 8.59 41.48
N ARG H 104 60.62 9.82 41.19
CA ARG H 104 59.33 10.27 41.68
C ARG H 104 59.26 10.31 43.21
N ASP H 105 59.89 11.32 43.81
CA ASP H 105 60.11 11.42 45.26
C ASP H 105 58.86 11.27 46.12
N ASN H 106 59.07 11.14 47.43
CA ASN H 106 58.04 10.88 48.44
C ASN H 106 57.50 9.45 48.33
N GLU H 107 58.33 8.51 47.89
CA GLU H 107 57.93 7.11 47.73
C GLU H 107 59.08 6.21 48.12
N LEU H 108 58.78 4.92 48.27
CA LEU H 108 59.80 3.92 48.54
C LEU H 108 60.50 3.49 47.24
N VAL H 109 61.80 3.21 47.36
CA VAL H 109 62.71 3.22 46.21
C VAL H 109 63.45 1.89 46.03
N LYS H 110 62.75 0.76 46.18
CA LYS H 110 63.33 -0.54 45.85
C LYS H 110 64.13 -0.50 44.55
N VAL H 111 65.31 -1.11 44.57
CA VAL H 111 66.20 -1.16 43.41
C VAL H 111 66.21 -2.59 42.88
N LEU H 112 65.98 -2.74 41.57
CA LEU H 112 65.88 -4.04 40.93
C LEU H 112 67.10 -4.30 40.07
N GLY H 113 67.19 -5.52 39.54
CA GLY H 113 68.44 -6.02 39.02
C GLY H 113 68.51 -6.46 37.58
N THR H 114 67.89 -5.74 36.65
CA THR H 114 68.15 -5.95 35.23
C THR H 114 69.26 -5.00 34.80
N GLY H 115 70.30 -5.55 34.19
CA GLY H 115 71.50 -4.81 33.87
C GLY H 115 72.73 -5.47 34.46
N GLU H 116 73.89 -4.94 34.08
CA GLU H 116 75.17 -5.52 34.45
C GLU H 116 75.87 -4.82 35.60
N LEU H 117 75.86 -3.48 35.63
CA LEU H 117 76.41 -2.68 36.73
C LEU H 117 77.92 -2.97 36.92
N THR H 118 78.69 -2.55 35.92
CA THR H 118 80.14 -2.64 36.03
C THR H 118 80.73 -1.69 37.07
N VAL H 119 80.06 -0.58 37.36
CA VAL H 119 80.56 0.41 38.30
C VAL H 119 80.24 -0.04 39.72
N LYS H 120 80.89 0.61 40.68
CA LYS H 120 80.73 0.30 42.10
C LYS H 120 79.89 1.39 42.77
N VAL H 121 78.78 1.00 43.38
CA VAL H 121 77.83 1.93 43.97
C VAL H 121 77.48 1.49 45.38
N ASP H 122 77.10 2.45 46.22
CA ASP H 122 76.61 2.20 47.57
C ASP H 122 75.22 2.82 47.67
N LEU H 123 74.19 1.98 47.52
CA LEU H 123 72.81 2.44 47.47
C LEU H 123 72.14 2.24 48.81
N VAL H 124 71.88 3.33 49.52
CA VAL H 124 71.02 3.30 50.70
C VAL H 124 69.60 3.60 50.24
N VAL H 125 68.77 2.55 50.18
CA VAL H 125 67.42 2.64 49.66
C VAL H 125 66.51 1.72 50.47
N ASP H 126 65.21 1.86 50.27
CA ASP H 126 64.23 0.96 50.87
C ASP H 126 64.10 -0.27 49.99
N ALA H 127 64.50 -1.43 50.51
CA ALA H 127 64.33 -2.73 49.84
C ALA H 127 65.13 -2.87 48.55
N TRP H 128 65.40 -4.11 48.16
CA TRP H 128 66.10 -4.44 46.93
C TRP H 128 65.79 -5.88 46.60
N SER H 129 66.02 -6.24 45.34
CA SER H 129 65.88 -7.63 44.94
C SER H 129 67.16 -8.40 45.23
N LYS H 130 67.04 -9.72 45.34
CA LYS H 130 68.20 -10.55 45.60
C LYS H 130 69.21 -10.45 44.47
N SER H 131 68.73 -10.43 43.22
CA SER H 131 69.62 -10.29 42.08
C SER H 131 70.33 -8.96 42.07
N ALA H 132 69.61 -7.87 42.39
CA ALA H 132 70.24 -6.56 42.43
C ALA H 132 71.29 -6.49 43.53
N GLN H 133 70.99 -7.05 44.71
CA GLN H 133 71.97 -7.08 45.78
C GLN H 133 73.21 -7.87 45.39
N GLU H 134 73.01 -9.04 44.76
CA GLU H 134 74.13 -9.86 44.33
C GLU H 134 75.00 -9.10 43.33
N LYS H 135 74.38 -8.46 42.34
CA LYS H 135 75.14 -7.72 41.33
C LYS H 135 75.88 -6.55 41.95
N ILE H 136 75.23 -5.83 42.86
CA ILE H 136 75.87 -4.69 43.51
C ILE H 136 77.08 -5.14 44.32
N GLU H 137 76.91 -6.21 45.11
CA GLU H 137 78.00 -6.70 45.93
C GLU H 137 79.16 -7.22 45.08
N LYS H 138 78.84 -7.92 43.97
CA LYS H 138 79.91 -8.42 43.11
C LYS H 138 80.65 -7.27 42.42
N ALA H 139 79.93 -6.21 42.06
CA ALA H 139 80.59 -5.05 41.47
C ALA H 139 81.50 -4.33 42.45
N GLY H 140 81.34 -4.57 43.75
CA GLY H 140 82.18 -3.96 44.76
C GLY H 140 81.45 -3.08 45.75
N GLY H 141 80.15 -2.85 45.60
CA GLY H 141 79.41 -1.95 46.46
C GLY H 141 78.51 -2.68 47.44
N SER H 142 77.48 -1.96 47.89
CA SER H 142 76.60 -2.48 48.93
C SER H 142 75.24 -1.82 48.84
N VAL H 143 74.32 -2.29 49.68
CA VAL H 143 73.02 -1.66 49.88
C VAL H 143 72.78 -1.52 51.37
N THR H 144 71.92 -0.57 51.74
CA THR H 144 71.63 -0.27 53.12
C THR H 144 70.17 0.16 53.23
N LYS H 145 69.66 0.15 54.46
CA LYS H 145 68.27 0.49 54.79
C LYS H 145 67.31 -0.57 54.27
N MET I 1 -7.32 -51.52 -9.09
CA MET I 1 -6.42 -50.49 -8.59
C MET I 1 -5.10 -51.07 -8.14
N LEU I 2 -4.00 -50.50 -8.62
CA LEU I 2 -2.68 -50.92 -8.15
C LEU I 2 -2.20 -49.97 -7.06
N ILE I 3 -2.14 -50.48 -5.84
CA ILE I 3 -1.61 -49.74 -4.69
C ILE I 3 -0.63 -50.67 -4.00
N PRO I 4 0.58 -50.22 -3.65
CA PRO I 4 1.54 -51.11 -3.00
C PRO I 4 1.03 -51.59 -1.65
N ARG I 5 1.43 -52.80 -1.27
CA ARG I 5 1.10 -53.32 0.05
C ARG I 5 1.53 -52.34 1.14
N ARG I 6 2.71 -51.75 0.99
CA ARG I 6 3.22 -50.76 1.92
C ARG I 6 4.39 -50.05 1.27
N VAL I 7 4.65 -48.82 1.70
CA VAL I 7 5.77 -48.04 1.22
C VAL I 7 6.60 -47.58 2.43
N LYS I 8 7.90 -47.43 2.21
CA LYS I 8 8.79 -47.00 3.29
C LYS I 8 8.45 -45.59 3.77
N TYR I 9 8.19 -44.68 2.84
CA TYR I 9 7.89 -43.30 3.16
C TYR I 9 6.65 -42.88 2.39
N ARG I 10 5.62 -42.44 3.11
CA ARG I 10 4.36 -42.07 2.47
C ARG I 10 4.38 -40.66 1.89
N LYS I 11 5.23 -39.79 2.42
CA LYS I 11 5.40 -38.44 1.89
C LYS I 11 6.77 -38.37 1.22
N GLN I 12 6.79 -38.21 -0.10
CA GLN I 12 8.00 -38.26 -0.89
C GLN I 12 8.05 -37.04 -1.82
N HIS I 13 9.26 -36.66 -2.21
CA HIS I 13 9.40 -35.61 -3.21
C HIS I 13 8.82 -36.07 -4.55
N HIS I 14 8.45 -35.10 -5.37
CA HIS I 14 7.95 -35.38 -6.71
C HIS I 14 9.02 -36.13 -7.51
N PRO I 15 8.65 -37.21 -8.20
CA PRO I 15 9.64 -37.90 -9.04
C PRO I 15 10.15 -36.98 -10.14
N LYS I 16 11.42 -37.15 -10.49
CA LYS I 16 11.99 -36.36 -11.57
C LYS I 16 11.30 -36.69 -12.89
N ARG I 17 10.99 -35.64 -13.66
CA ARG I 17 10.41 -35.79 -14.99
C ARG I 17 11.41 -35.41 -16.07
N THR I 18 12.69 -35.68 -15.82
CA THR I 18 13.77 -35.33 -16.72
C THR I 18 14.49 -36.58 -17.20
N GLY I 19 14.72 -36.68 -18.50
CA GLY I 19 15.54 -37.73 -19.04
C GLY I 19 14.74 -38.77 -19.81
N ALA I 20 15.42 -39.45 -20.72
CA ALA I 20 14.82 -40.58 -21.41
C ALA I 20 14.71 -41.77 -20.47
N ALA I 21 14.03 -42.81 -20.95
CA ALA I 21 13.75 -43.97 -20.10
C ALA I 21 15.04 -44.63 -19.64
N LYS I 22 15.11 -44.90 -18.34
CA LYS I 22 16.30 -45.53 -17.76
C LYS I 22 16.38 -47.00 -18.13
N GLY I 23 15.25 -47.70 -18.11
CA GLY I 23 15.19 -49.09 -18.48
C GLY I 23 13.81 -49.44 -18.97
N GLY I 24 13.65 -50.68 -19.43
CA GLY I 24 12.37 -51.13 -19.94
C GLY I 24 11.96 -50.46 -21.23
N THR I 25 12.90 -50.26 -22.15
CA THR I 25 12.61 -49.64 -23.45
C THR I 25 12.37 -50.67 -24.54
N GLN I 26 12.52 -51.95 -24.24
CA GLN I 26 12.36 -53.02 -25.22
C GLN I 26 11.33 -54.03 -24.71
N LEU I 27 10.59 -54.62 -25.64
CA LEU I 27 9.58 -55.60 -25.28
C LEU I 27 10.23 -56.80 -24.62
N ALA I 28 9.67 -57.23 -23.49
CA ALA I 28 10.22 -58.35 -22.75
C ALA I 28 9.21 -59.41 -22.37
N PHE I 29 7.91 -59.14 -22.49
CA PHE I 29 6.88 -60.09 -22.11
C PHE I 29 5.98 -60.48 -23.27
N GLY I 30 5.46 -59.50 -24.02
CA GLY I 30 4.48 -59.76 -25.05
C GLY I 30 5.05 -59.69 -26.45
N ASP I 31 4.14 -59.69 -27.43
CA ASP I 31 4.49 -59.57 -28.83
C ASP I 31 4.24 -58.19 -29.40
N TYR I 32 3.43 -57.39 -28.72
CA TYR I 32 3.19 -56.00 -29.10
C TYR I 32 3.19 -55.17 -27.82
N GLY I 33 3.43 -53.88 -27.97
CA GLY I 33 3.53 -53.02 -26.80
C GLY I 33 3.02 -51.62 -27.06
N ILE I 34 2.72 -50.94 -25.97
CA ILE I 34 2.51 -49.49 -25.96
C ILE I 34 3.77 -48.86 -25.43
N GLN I 35 4.42 -48.03 -26.24
CA GLN I 35 5.64 -47.35 -25.85
C GLN I 35 5.34 -45.87 -25.68
N ALA I 36 5.68 -45.33 -24.52
CA ALA I 36 5.47 -43.92 -24.27
C ALA I 36 6.52 -43.10 -25.02
N THR I 37 6.05 -42.13 -25.80
CA THR I 37 6.92 -41.19 -26.49
C THR I 37 7.05 -39.87 -25.74
N GLU I 38 6.38 -39.73 -24.60
CA GLU I 38 6.44 -38.55 -23.77
C GLU I 38 6.53 -38.97 -22.31
N GLY I 39 7.09 -38.08 -21.49
CA GLY I 39 7.14 -38.32 -20.06
C GLY I 39 5.90 -37.84 -19.35
N GLY I 40 5.79 -38.21 -18.09
CA GLY I 40 4.67 -37.75 -17.29
C GLY I 40 4.46 -38.66 -16.09
N TYR I 41 3.35 -38.41 -15.41
CA TYR I 41 2.94 -39.19 -14.26
C TYR I 41 1.70 -40.00 -14.65
N LEU I 42 1.80 -41.32 -14.56
CA LEU I 42 0.72 -42.21 -14.95
C LEU I 42 0.06 -42.74 -13.68
N THR I 43 -1.16 -42.29 -13.41
CA THR I 43 -1.83 -42.68 -12.18
C THR I 43 -2.35 -44.11 -12.30
N ASN I 44 -2.79 -44.66 -11.16
CA ASN I 44 -3.30 -46.02 -11.15
C ASN I 44 -4.66 -46.12 -11.84
N ARG I 45 -5.45 -45.04 -11.80
CA ARG I 45 -6.74 -45.08 -12.48
C ARG I 45 -6.59 -45.07 -13.99
N GLN I 46 -5.61 -44.32 -14.52
CA GLN I 46 -5.35 -44.36 -15.95
C GLN I 46 -4.83 -45.72 -16.38
N ILE I 47 -3.94 -46.31 -15.58
CA ILE I 47 -3.46 -47.66 -15.85
C ILE I 47 -4.62 -48.64 -15.90
N GLU I 48 -5.54 -48.51 -14.94
CA GLU I 48 -6.69 -49.41 -14.90
C GLU I 48 -7.60 -49.21 -16.10
N ALA I 49 -7.84 -47.97 -16.50
CA ALA I 49 -8.68 -47.70 -17.66
C ALA I 49 -8.08 -48.28 -18.93
N ALA I 50 -6.77 -48.10 -19.12
CA ALA I 50 -6.10 -48.69 -20.28
C ALA I 50 -6.17 -50.21 -20.25
N ARG I 51 -5.95 -50.80 -19.08
CA ARG I 51 -6.01 -52.26 -18.96
C ARG I 51 -7.40 -52.78 -19.30
N ILE I 52 -8.44 -52.10 -18.81
CA ILE I 52 -9.80 -52.50 -19.14
C ILE I 52 -10.05 -52.39 -20.63
N ALA I 53 -9.59 -51.32 -21.26
CA ALA I 53 -9.79 -51.16 -22.70
C ALA I 53 -9.16 -52.32 -23.47
N MET I 54 -7.87 -52.59 -23.22
CA MET I 54 -7.19 -53.69 -23.91
C MET I 54 -7.90 -55.02 -23.65
N THR I 55 -8.15 -55.33 -22.38
CA THR I 55 -8.69 -56.64 -22.01
C THR I 55 -10.08 -56.84 -22.59
N ARG I 56 -10.89 -55.78 -22.63
CA ARG I 56 -12.22 -55.91 -23.19
C ARG I 56 -12.20 -56.08 -24.70
N TYR I 57 -11.28 -55.39 -25.39
CA TYR I 57 -11.21 -55.60 -26.84
C TYR I 57 -10.70 -56.98 -27.19
N ILE I 58 -9.59 -57.42 -26.58
CA ILE I 58 -8.99 -58.70 -26.98
C ILE I 58 -9.79 -59.90 -26.52
N LYS I 59 -10.74 -59.71 -25.60
CA LYS I 59 -11.64 -60.76 -25.13
C LYS I 59 -10.90 -61.89 -24.41
N ARG I 60 -10.90 -63.07 -25.02
CA ARG I 60 -10.44 -64.29 -24.38
C ARG I 60 -9.03 -64.70 -24.77
N GLY I 61 -8.46 -64.09 -25.81
CA GLY I 61 -7.18 -64.53 -26.33
C GLY I 61 -6.01 -63.72 -25.78
N GLY I 62 -4.97 -64.44 -25.38
CA GLY I 62 -3.72 -63.81 -25.03
C GLY I 62 -3.71 -63.21 -23.64
N LYS I 63 -2.57 -62.60 -23.32
CA LYS I 63 -2.29 -62.06 -22.00
C LYS I 63 -1.89 -60.60 -22.12
N VAL I 64 -2.13 -59.83 -21.06
CA VAL I 64 -1.77 -58.42 -21.01
C VAL I 64 -0.83 -58.21 -19.81
N TRP I 65 0.27 -57.51 -20.05
CA TRP I 65 1.24 -57.18 -19.02
C TRP I 65 1.23 -55.67 -18.78
N ILE I 66 1.26 -55.29 -17.51
CA ILE I 66 1.49 -53.90 -17.11
C ILE I 66 2.93 -53.80 -16.64
N ASN I 67 3.77 -53.14 -17.43
CA ASN I 67 5.20 -53.06 -17.10
C ASN I 67 5.49 -51.99 -16.06
N VAL I 68 4.54 -51.09 -15.78
CA VAL I 68 4.76 -49.95 -14.90
C VAL I 68 3.83 -50.07 -13.71
N TYR I 69 4.38 -49.88 -12.51
CA TYR I 69 3.60 -49.96 -11.30
C TYR I 69 3.53 -48.58 -10.64
N PRO I 70 2.35 -48.14 -10.21
CA PRO I 70 2.19 -46.83 -9.53
C PRO I 70 2.47 -46.89 -8.03
N ASP I 71 3.75 -46.90 -7.68
CA ASP I 71 4.18 -47.00 -6.29
C ASP I 71 4.74 -45.69 -5.74
N ARG I 72 4.44 -44.57 -6.38
CA ARG I 72 4.94 -43.27 -5.93
C ARG I 72 3.80 -42.46 -5.35
N PRO I 73 3.77 -42.22 -4.04
CA PRO I 73 2.64 -41.49 -3.44
C PRO I 73 2.77 -40.00 -3.64
N MET I 74 1.69 -39.37 -4.09
CA MET I 74 1.64 -37.92 -4.27
C MET I 74 0.66 -37.36 -3.25
N THR I 75 1.12 -36.42 -2.45
CA THR I 75 0.32 -35.89 -1.35
C THR I 75 -0.62 -34.78 -1.83
N LYS I 76 -1.60 -34.48 -0.99
CA LYS I 76 -2.60 -33.46 -1.32
C LYS I 76 -2.74 -32.51 -0.13
N HIS I 77 -2.66 -31.22 -0.40
CA HIS I 77 -2.84 -30.22 0.63
C HIS I 77 -4.28 -30.23 1.12
N PRO I 78 -4.51 -29.99 2.41
CA PRO I 78 -5.89 -29.86 2.90
C PRO I 78 -6.64 -28.81 2.12
N ALA I 79 -7.86 -29.14 1.72
CA ALA I 79 -8.61 -28.28 0.81
C ALA I 79 -9.00 -26.98 1.48
N GLU I 80 -8.95 -25.89 0.71
CA GLU I 80 -9.34 -24.54 1.15
C GLU I 80 -8.45 -24.00 2.28
N SER I 81 -7.28 -24.59 2.47
CA SER I 81 -6.38 -24.19 3.54
C SER I 81 -5.22 -23.37 2.98
N ARG I 82 -4.68 -22.49 3.81
CA ARG I 82 -3.52 -21.71 3.44
C ARG I 82 -2.28 -22.61 3.38
N MET I 83 -1.15 -22.01 3.03
CA MET I 83 0.08 -22.77 2.84
C MET I 83 0.83 -22.92 4.17
N GLY I 84 1.53 -24.04 4.28
CA GLY I 84 2.22 -24.39 5.51
C GLY I 84 1.48 -25.44 6.31
N SER I 85 1.85 -25.53 7.58
CA SER I 85 1.31 -26.52 8.51
C SER I 85 1.56 -27.94 8.02
N GLY I 86 2.75 -28.19 7.49
CA GLY I 86 3.17 -29.53 7.14
C GLY I 86 2.74 -29.97 5.75
N LYS I 87 3.17 -31.17 5.39
CA LYS I 87 2.83 -31.78 4.11
C LYS I 87 1.51 -32.53 4.22
N GLY I 88 0.83 -32.66 3.07
CA GLY I 88 -0.44 -33.33 3.02
C GLY I 88 -0.31 -34.84 3.04
N THR I 89 -1.45 -35.50 3.08
CA THR I 89 -1.49 -36.96 3.06
C THR I 89 -1.53 -37.47 1.62
N PRO I 90 -1.05 -38.69 1.37
CA PRO I 90 -1.10 -39.23 0.01
C PRO I 90 -2.52 -39.34 -0.51
N GLU I 91 -2.69 -39.00 -1.78
CA GLU I 91 -3.98 -39.05 -2.46
C GLU I 91 -3.93 -39.83 -3.77
N TRP I 92 -2.82 -39.75 -4.50
CA TRP I 92 -2.69 -40.40 -5.79
C TRP I 92 -1.42 -41.25 -5.81
N TRP I 93 -1.49 -42.36 -6.55
CA TRP I 93 -0.34 -43.24 -6.75
C TRP I 93 0.03 -43.22 -8.23
N ILE I 94 1.29 -42.92 -8.53
CA ILE I 94 1.73 -42.69 -9.90
C ILE I 94 2.94 -43.54 -10.21
N ALA I 95 3.13 -43.78 -11.51
CA ALA I 95 4.37 -44.28 -12.08
C ALA I 95 5.01 -43.16 -12.88
N ASN I 96 6.33 -43.03 -12.77
CA ASN I 96 7.06 -41.98 -13.46
C ASN I 96 7.48 -42.49 -14.82
N ILE I 97 6.85 -41.97 -15.87
CA ILE I 97 7.03 -42.45 -17.22
C ILE I 97 7.95 -41.51 -17.99
N LYS I 98 8.87 -42.08 -18.74
CA LYS I 98 9.83 -41.35 -19.55
C LYS I 98 9.75 -41.83 -21.00
N PRO I 99 10.10 -40.97 -21.95
CA PRO I 99 9.94 -41.32 -23.37
C PRO I 99 10.73 -42.58 -23.73
N GLY I 100 10.04 -43.53 -24.35
CA GLY I 100 10.63 -44.80 -24.71
C GLY I 100 10.32 -45.93 -23.77
N ARG I 101 9.48 -45.72 -22.78
CA ARG I 101 9.12 -46.76 -21.81
C ARG I 101 7.95 -47.57 -22.34
N VAL I 102 8.11 -48.89 -22.38
CA VAL I 102 7.04 -49.78 -22.77
C VAL I 102 6.07 -49.86 -21.59
N LEU I 103 4.86 -49.36 -21.78
CA LEU I 103 3.89 -49.31 -20.69
C LEU I 103 3.13 -50.63 -20.56
N PHE I 104 2.55 -51.12 -21.66
CA PHE I 104 1.76 -52.33 -21.66
C PHE I 104 2.26 -53.27 -22.73
N GLU I 105 2.14 -54.56 -22.46
CA GLU I 105 2.47 -55.62 -23.41
C GLU I 105 1.24 -56.47 -23.68
N LEU I 106 1.19 -57.00 -24.90
CA LEU I 106 0.05 -57.77 -25.37
C LEU I 106 0.57 -58.91 -26.23
N SER I 107 0.00 -60.10 -26.05
CA SER I 107 0.45 -61.29 -26.76
C SER I 107 -0.75 -62.17 -27.07
N GLY I 108 -0.50 -63.22 -27.85
CA GLY I 108 -1.53 -64.19 -28.17
C GLY I 108 -2.71 -63.64 -28.94
N VAL I 109 -2.49 -62.65 -29.78
CA VAL I 109 -3.56 -61.95 -30.51
C VAL I 109 -2.96 -61.39 -31.81
N PRO I 110 -3.63 -61.56 -32.95
CA PRO I 110 -3.06 -61.07 -34.21
C PRO I 110 -2.93 -59.55 -34.24
N GLU I 111 -2.20 -59.07 -35.25
CA GLU I 111 -1.67 -57.71 -35.22
C GLU I 111 -2.76 -56.64 -35.36
N ASP I 112 -3.82 -56.89 -36.13
CA ASP I 112 -4.82 -55.85 -36.33
C ASP I 112 -5.68 -55.65 -35.08
N VAL I 113 -6.12 -56.74 -34.46
CA VAL I 113 -6.91 -56.63 -33.23
C VAL I 113 -6.04 -56.11 -32.09
N ALA I 114 -4.76 -56.51 -32.07
CA ALA I 114 -3.84 -55.94 -31.10
C ALA I 114 -3.69 -54.44 -31.31
N ARG I 115 -3.55 -54.00 -32.57
CA ARG I 115 -3.45 -52.57 -32.85
C ARG I 115 -4.68 -51.81 -32.39
N GLU I 116 -5.87 -52.36 -32.66
CA GLU I 116 -7.08 -51.67 -32.25
C GLU I 116 -7.22 -51.61 -30.73
N ALA I 117 -6.92 -52.72 -30.04
CA ALA I 117 -7.00 -52.74 -28.59
C ALA I 117 -6.05 -51.74 -27.97
N MET I 118 -4.83 -51.66 -28.51
CA MET I 118 -3.85 -50.73 -27.94
C MET I 118 -4.14 -49.28 -28.34
N ARG I 119 -4.79 -49.05 -29.48
CA ARG I 119 -5.31 -47.71 -29.76
C ARG I 119 -6.35 -47.31 -28.72
N LEU I 120 -7.26 -48.21 -28.40
CA LEU I 120 -8.26 -47.94 -27.37
C LEU I 120 -7.60 -47.65 -26.02
N ALA I 121 -6.58 -48.43 -25.67
CA ALA I 121 -5.90 -48.22 -24.40
C ALA I 121 -5.10 -46.93 -24.38
N ILE I 122 -4.45 -46.58 -25.50
CA ILE I 122 -3.67 -45.36 -25.59
C ILE I 122 -4.56 -44.13 -25.46
N HIS I 123 -5.78 -44.19 -25.98
CA HIS I 123 -6.64 -43.02 -25.82
C HIS I 123 -7.04 -42.76 -24.36
N LYS I 124 -6.56 -43.55 -23.40
CA LYS I 124 -6.84 -43.32 -21.99
C LYS I 124 -5.68 -42.68 -21.24
N LEU I 125 -4.46 -42.77 -21.77
CA LEU I 125 -3.27 -42.28 -21.10
C LEU I 125 -3.11 -40.78 -21.25
N PRO I 126 -2.48 -40.10 -20.28
CA PRO I 126 -2.32 -38.65 -20.36
C PRO I 126 -1.13 -38.18 -21.19
N MET I 127 -0.26 -39.08 -21.63
CA MET I 127 0.87 -38.73 -22.46
C MET I 127 0.71 -39.37 -23.84
N LYS I 128 1.59 -39.00 -24.75
CA LYS I 128 1.59 -39.59 -26.08
C LYS I 128 2.22 -40.97 -26.05
N ALA I 129 1.65 -41.89 -26.81
CA ALA I 129 2.12 -43.26 -26.84
C ALA I 129 1.94 -43.81 -28.25
N ARG I 130 2.66 -44.89 -28.53
CA ARG I 130 2.64 -45.48 -29.87
C ARG I 130 2.61 -47.00 -29.76
N PHE I 131 2.11 -47.62 -30.82
CA PHE I 131 2.11 -49.08 -30.95
C PHE I 131 3.46 -49.55 -31.47
N ILE I 132 4.05 -50.53 -30.79
CA ILE I 132 5.31 -51.12 -31.21
C ILE I 132 5.15 -52.63 -31.29
N SER I 133 6.01 -53.25 -32.08
CA SER I 133 5.99 -54.69 -32.28
C SER I 133 7.43 -55.19 -32.36
N ARG I 134 7.57 -56.51 -32.46
CA ARG I 134 8.90 -57.11 -32.53
C ARG I 134 9.38 -57.24 -33.97
N GLU I 135 9.48 -56.11 -34.67
CA GLU I 135 9.89 -56.07 -36.08
C GLU I 135 9.00 -56.98 -36.92
N GLY I 136 7.72 -57.02 -36.60
CA GLY I 136 6.78 -57.89 -37.29
C GLY I 136 6.55 -59.18 -36.53
N PRO J 2 -57.62 42.29 -17.31
CA PRO J 2 -57.17 41.91 -18.66
C PRO J 2 -56.39 40.60 -18.67
N LYS J 3 -55.40 40.51 -19.56
CA LYS J 3 -54.62 39.29 -19.69
C LYS J 3 -53.75 39.08 -18.45
N PRO J 4 -53.56 37.84 -18.02
CA PRO J 4 -52.60 37.56 -16.94
C PRO J 4 -51.17 37.84 -17.39
N THR J 5 -50.24 37.73 -16.44
CA THR J 5 -48.87 38.17 -16.63
C THR J 5 -47.88 37.04 -16.83
N LYS J 6 -48.35 35.81 -17.06
CA LYS J 6 -47.49 34.72 -17.50
C LYS J 6 -46.43 34.35 -16.48
N GLY J 7 -45.44 35.22 -16.30
CA GLY J 7 -44.31 34.92 -15.45
C GLY J 7 -44.55 35.29 -14.00
N PRO J 8 -43.49 35.23 -13.19
CA PRO J 8 -43.62 35.57 -11.77
C PRO J 8 -44.17 36.96 -11.56
N ARG J 9 -45.00 37.12 -10.53
CA ARG J 9 -45.79 38.31 -10.31
C ARG J 9 -44.99 39.39 -9.57
N LEU J 10 -45.50 40.61 -9.62
CA LEU J 10 -44.88 41.72 -8.91
C LEU J 10 -45.09 41.57 -7.40
N GLY J 11 -44.06 41.90 -6.63
CA GLY J 11 -44.20 41.96 -5.19
C GLY J 11 -44.07 40.64 -4.48
N GLY J 12 -43.73 39.56 -5.19
CA GLY J 12 -43.53 38.27 -4.55
C GLY J 12 -44.78 37.45 -4.33
N SER J 13 -45.92 37.90 -4.83
CA SER J 13 -47.17 37.16 -4.70
C SER J 13 -48.21 37.72 -5.64
N PRO J 14 -49.06 36.87 -6.23
CA PRO J 14 -50.14 37.39 -7.09
C PRO J 14 -51.10 38.33 -6.39
N ALA J 15 -51.38 38.11 -5.11
CA ALA J 15 -52.22 39.03 -4.36
C ALA J 15 -51.56 40.40 -4.26
N HIS J 16 -50.26 40.42 -3.98
CA HIS J 16 -49.57 41.69 -3.89
C HIS J 16 -49.50 42.38 -5.25
N GLU J 17 -49.36 41.64 -6.34
CA GLU J 17 -49.41 42.28 -7.65
C GLU J 17 -50.80 42.86 -7.93
N ARG J 18 -51.86 42.13 -7.59
CA ARG J 18 -53.21 42.66 -7.72
C ARG J 18 -53.33 44.01 -7.01
N ILE J 19 -52.87 44.05 -5.76
CA ILE J 19 -52.93 45.27 -4.97
C ILE J 19 -52.05 46.36 -5.57
N ILE J 20 -50.84 46.00 -6.01
CA ILE J 20 -49.91 46.98 -6.57
C ILE J 20 -50.49 47.62 -7.82
N LEU J 21 -51.07 46.80 -8.70
CA LEU J 21 -51.63 47.35 -9.93
C LEU J 21 -52.84 48.23 -9.63
N ARG J 22 -53.69 47.83 -8.69
CA ARG J 22 -54.81 48.69 -8.32
C ARG J 22 -54.34 50.04 -7.78
N ASN J 23 -53.36 50.01 -6.87
CA ASN J 23 -52.85 51.23 -6.28
C ASN J 23 -52.16 52.09 -7.32
N LEU J 24 -51.41 51.47 -8.24
CA LEU J 24 -50.69 52.21 -9.27
C LEU J 24 -51.65 52.89 -10.24
N ALA J 25 -52.72 52.19 -10.63
CA ALA J 25 -53.73 52.81 -11.47
C ALA J 25 -54.43 53.96 -10.75
N SER J 26 -54.74 53.77 -9.46
CA SER J 26 -55.36 54.84 -8.69
C SER J 26 -54.45 56.07 -8.60
N GLN J 27 -53.15 55.85 -8.38
CA GLN J 27 -52.21 56.95 -8.28
C GLN J 27 -52.03 57.65 -9.64
N LEU J 28 -52.01 56.88 -10.72
CA LEU J 28 -51.95 57.47 -12.05
C LEU J 28 -53.16 58.34 -12.33
N PHE J 29 -54.35 57.89 -11.91
CA PHE J 29 -55.54 58.72 -12.09
C PHE J 29 -55.53 59.94 -11.19
N GLU J 30 -54.99 59.81 -9.97
CA GLU J 30 -54.95 60.92 -9.04
C GLU J 30 -54.00 62.02 -9.50
N HIS J 31 -52.83 61.64 -10.02
CA HIS J 31 -51.81 62.62 -10.37
C HIS J 31 -51.74 62.92 -11.86
N GLY J 32 -52.26 62.04 -12.71
CA GLY J 32 -52.18 62.20 -14.14
C GLY J 32 -50.96 61.54 -14.75
N ARG J 33 -49.84 61.48 -14.02
CA ARG J 33 -48.64 60.80 -14.48
C ARG J 33 -47.94 60.19 -13.28
N VAL J 34 -47.18 59.13 -13.54
CA VAL J 34 -46.53 58.37 -12.49
C VAL J 34 -45.22 57.78 -13.03
N VAL J 35 -44.18 57.87 -12.22
CA VAL J 35 -42.86 57.31 -12.53
C VAL J 35 -42.76 55.99 -11.77
N THR J 36 -42.82 54.87 -12.48
CA THR J 36 -43.16 53.63 -11.80
C THR J 36 -42.40 52.40 -12.31
N THR J 37 -41.21 52.58 -12.89
CA THR J 37 -40.38 51.54 -13.50
C THR J 37 -41.09 50.96 -14.73
N VAL J 38 -40.32 50.44 -15.68
CA VAL J 38 -40.89 50.14 -17.00
C VAL J 38 -41.93 49.04 -16.92
N THR J 39 -41.62 47.95 -16.19
CA THR J 39 -42.50 46.80 -16.17
C THR J 39 -43.83 47.10 -15.50
N LYS J 40 -43.82 47.86 -14.40
CA LYS J 40 -45.07 48.21 -13.73
C LYS J 40 -45.94 49.10 -14.61
N ALA J 41 -45.34 50.07 -15.30
CA ALA J 41 -46.10 50.93 -16.19
C ALA J 41 -46.72 50.13 -17.33
N LYS J 42 -45.93 49.29 -17.98
CA LYS J 42 -46.43 48.46 -19.07
C LYS J 42 -47.45 47.43 -18.61
N ARG J 43 -47.42 47.05 -17.33
CA ARG J 43 -48.37 46.09 -16.79
C ARG J 43 -49.66 46.75 -16.31
N VAL J 44 -49.60 48.00 -15.87
CA VAL J 44 -50.81 48.69 -15.42
C VAL J 44 -51.50 49.46 -16.54
N ARG J 45 -50.85 49.62 -17.70
CA ARG J 45 -51.52 50.27 -18.82
C ARG J 45 -52.86 49.62 -19.20
N PRO J 46 -52.95 48.29 -19.38
CA PRO J 46 -54.26 47.72 -19.77
C PRO J 46 -55.36 47.93 -18.75
N LEU J 47 -55.07 47.70 -17.46
CA LEU J 47 -56.10 47.86 -16.43
C LEU J 47 -56.58 49.30 -16.34
N ALA J 48 -55.65 50.26 -16.37
CA ALA J 48 -56.02 51.66 -16.32
C ALA J 48 -56.84 52.05 -17.54
N GLU J 49 -56.50 51.51 -18.71
CA GLU J 49 -57.26 51.84 -19.91
C GLU J 49 -58.67 51.25 -19.85
N LYS J 50 -58.82 50.04 -19.32
CA LYS J 50 -60.16 49.48 -19.12
C LYS J 50 -60.97 50.34 -18.16
N LEU J 51 -60.34 50.82 -17.09
CA LEU J 51 -61.04 51.67 -16.13
C LEU J 51 -61.48 52.98 -16.77
N ILE J 52 -60.61 53.60 -17.56
CA ILE J 52 -60.97 54.85 -18.25
C ILE J 52 -62.10 54.61 -19.24
N ASN J 53 -62.04 53.49 -19.97
CA ASN J 53 -63.09 53.18 -20.93
C ASN J 53 -64.43 53.00 -20.23
N ARG J 54 -64.44 52.34 -19.08
CA ARG J 54 -65.66 52.24 -18.29
C ARG J 54 -66.13 53.63 -17.83
N ALA J 55 -65.19 54.49 -17.42
CA ALA J 55 -65.52 55.83 -16.95
C ALA J 55 -65.97 56.76 -18.07
N LYS J 56 -65.81 56.36 -19.33
CA LYS J 56 -66.23 57.22 -20.43
C LYS J 56 -67.74 57.47 -20.41
N THR J 57 -68.52 56.47 -20.02
CA THR J 57 -69.97 56.59 -19.92
C THR J 57 -70.35 56.70 -18.44
N ASP J 58 -71.11 57.74 -18.11
CA ASP J 58 -71.37 58.13 -16.72
C ASP J 58 -72.74 57.60 -16.28
N THR J 59 -72.73 56.50 -15.53
CA THR J 59 -73.93 56.00 -14.87
C THR J 59 -73.55 55.57 -13.46
N VAL J 60 -74.57 55.36 -12.61
CA VAL J 60 -74.33 54.94 -11.24
C VAL J 60 -73.79 53.51 -11.20
N ALA J 61 -74.32 52.63 -12.06
CA ALA J 61 -73.79 51.27 -12.14
C ALA J 61 -72.34 51.27 -12.60
N ASN J 62 -72.01 52.12 -13.57
CA ASN J 62 -70.63 52.23 -14.03
C ASN J 62 -69.71 52.74 -12.93
N ARG J 63 -70.17 53.73 -12.16
CA ARG J 63 -69.36 54.25 -11.08
C ARG J 63 -69.17 53.22 -9.98
N ARG J 64 -70.20 52.43 -9.68
CA ARG J 64 -70.04 51.34 -8.70
C ARG J 64 -69.06 50.29 -9.20
N PHE J 65 -69.15 49.92 -10.48
CA PHE J 65 -68.23 48.93 -11.02
C PHE J 65 -66.78 49.43 -10.99
N VAL J 66 -66.58 50.71 -11.33
CA VAL J 66 -65.24 51.27 -11.23
C VAL J 66 -64.79 51.33 -9.77
N ASN J 67 -65.73 51.60 -8.86
CA ASN J 67 -65.41 51.62 -7.44
C ASN J 67 -65.09 50.24 -6.88
N ARG J 68 -65.41 49.17 -7.60
CA ARG J 68 -64.87 47.87 -7.23
C ARG J 68 -63.35 47.90 -7.24
N THR J 69 -62.76 48.35 -8.34
CA THR J 69 -61.37 48.72 -8.39
C THR J 69 -61.20 50.06 -7.70
N ILE J 70 -59.99 50.61 -7.71
CA ILE J 70 -59.77 51.98 -7.25
C ILE J 70 -60.10 52.08 -5.77
N THR J 71 -61.38 52.01 -5.43
CA THR J 71 -61.95 52.06 -4.08
C THR J 71 -61.81 53.41 -3.41
N ASP J 72 -61.26 54.42 -4.10
CA ASP J 72 -61.19 55.78 -3.58
C ASP J 72 -62.17 56.64 -4.39
N ARG J 73 -63.15 57.21 -3.70
CA ARG J 73 -64.22 57.92 -4.38
C ARG J 73 -63.78 59.26 -4.94
N GLY J 74 -62.73 59.87 -4.39
CA GLY J 74 -62.14 61.02 -5.04
C GLY J 74 -61.53 60.67 -6.39
N ILE J 75 -60.88 59.51 -6.46
CA ILE J 75 -60.33 59.05 -7.72
C ILE J 75 -61.44 58.70 -8.69
N VAL J 76 -62.53 58.11 -8.19
CA VAL J 76 -63.68 57.81 -9.04
C VAL J 76 -64.29 59.09 -9.59
N HIS J 77 -64.38 60.12 -8.75
CA HIS J 77 -64.90 61.41 -9.18
C HIS J 77 -64.01 62.01 -10.27
N ILE J 78 -62.69 61.96 -10.07
CA ILE J 78 -61.77 62.47 -11.08
C ILE J 78 -61.93 61.70 -12.38
N LEU J 79 -62.05 60.38 -12.28
CA LEU J 79 -62.10 59.52 -13.45
C LEU J 79 -63.39 59.70 -14.23
N PHE J 80 -64.52 59.92 -13.54
CA PHE J 80 -65.80 60.09 -14.21
C PHE J 80 -66.15 61.54 -14.51
N THR J 81 -65.35 62.50 -14.05
CA THR J 81 -65.62 63.91 -14.25
C THR J 81 -64.58 64.60 -15.11
N GLU J 82 -63.31 64.19 -15.01
CA GLU J 82 -62.23 64.83 -15.75
C GLU J 82 -61.60 63.92 -16.79
N ILE J 83 -61.14 62.74 -16.40
CA ILE J 83 -60.44 61.86 -17.35
C ILE J 83 -61.43 61.29 -18.36
N GLY J 84 -62.58 60.82 -17.89
CA GLY J 84 -63.55 60.16 -18.74
C GLY J 84 -64.11 61.02 -19.86
N PRO J 85 -64.56 62.23 -19.53
CA PRO J 85 -65.00 63.15 -20.60
C PRO J 85 -63.90 63.56 -21.55
N ARG J 86 -62.64 63.48 -21.13
CA ARG J 86 -61.53 63.89 -21.98
C ARG J 86 -61.32 62.96 -23.18
N MET J 87 -61.83 61.73 -23.11
CA MET J 87 -61.62 60.73 -24.14
C MET J 87 -62.92 60.37 -24.86
N GLU J 88 -63.80 61.35 -25.08
CA GLU J 88 -65.10 61.04 -25.69
C GLU J 88 -64.94 60.50 -27.10
N GLY J 89 -64.08 61.09 -27.90
CA GLY J 89 -63.81 60.61 -29.24
C GLY J 89 -62.62 59.69 -29.36
N ARG J 90 -61.91 59.42 -28.28
CA ARG J 90 -60.76 58.53 -28.32
C ARG J 90 -61.21 57.09 -28.20
N ASP J 91 -60.89 56.28 -29.21
CA ASP J 91 -61.22 54.86 -29.20
C ASP J 91 -59.97 54.10 -28.81
N GLY J 92 -59.75 53.98 -27.50
CA GLY J 92 -58.58 53.32 -26.97
C GLY J 92 -57.40 54.26 -26.82
N GLY J 93 -56.34 53.71 -26.25
CA GLY J 93 -55.09 54.45 -26.10
C GLY J 93 -55.18 55.69 -25.23
N TYR J 94 -55.74 55.54 -24.04
CA TYR J 94 -55.91 56.67 -23.14
C TYR J 94 -54.64 56.99 -22.34
N THR J 95 -53.64 56.13 -22.37
CA THR J 95 -52.40 56.36 -21.66
C THR J 95 -51.22 56.13 -22.59
N ARG J 96 -50.06 56.66 -22.19
CA ARG J 96 -48.81 56.41 -22.90
C ARG J 96 -47.70 56.20 -21.89
N VAL J 97 -46.69 55.42 -22.28
CA VAL J 97 -45.55 55.09 -21.44
C VAL J 97 -44.28 55.56 -22.15
N THR J 98 -43.40 56.24 -21.42
CA THR J 98 -42.14 56.73 -21.96
C THR J 98 -41.01 56.33 -21.03
N ARG J 99 -39.97 55.71 -21.59
CA ARG J 99 -38.80 55.37 -20.80
C ARG J 99 -38.07 56.62 -20.37
N ILE J 100 -37.49 56.59 -19.17
CA ILE J 100 -37.00 57.79 -18.51
C ILE J 100 -35.53 57.69 -18.16
N GLY J 101 -35.03 56.46 -18.01
CA GLY J 101 -33.67 56.24 -17.59
C GLY J 101 -33.60 55.02 -16.70
N ILE J 102 -32.60 54.99 -15.83
CA ILE J 102 -32.43 53.90 -14.87
C ILE J 102 -32.26 54.48 -13.47
N ARG J 103 -32.58 53.67 -12.47
CA ARG J 103 -32.33 54.03 -11.09
C ARG J 103 -30.88 53.70 -10.71
N LYS J 104 -30.26 54.60 -9.96
CA LYS J 104 -28.87 54.40 -9.56
C LYS J 104 -28.72 53.19 -8.66
N GLY J 105 -29.66 52.98 -7.73
CA GLY J 105 -29.47 51.98 -6.70
C GLY J 105 -29.47 50.56 -7.21
N ASP J 106 -30.33 50.24 -8.17
CA ASP J 106 -30.46 48.86 -8.62
C ASP J 106 -30.55 48.71 -10.13
N ASN J 107 -30.30 49.77 -10.90
CA ASN J 107 -30.30 49.73 -12.36
C ASN J 107 -31.69 49.43 -12.93
N ALA J 108 -32.74 49.72 -12.17
CA ALA J 108 -34.09 49.44 -12.63
C ALA J 108 -34.50 50.43 -13.71
N PRO J 109 -34.86 49.98 -14.92
CA PRO J 109 -35.28 50.93 -15.96
C PRO J 109 -36.63 51.56 -15.59
N MET J 110 -36.63 52.87 -15.45
CA MET J 110 -37.80 53.64 -15.06
C MET J 110 -38.56 54.12 -16.29
N ALA J 111 -39.81 54.52 -16.05
CA ALA J 111 -40.66 55.03 -17.10
C ALA J 111 -41.69 55.95 -16.49
N VAL J 112 -42.31 56.77 -17.34
CA VAL J 112 -43.43 57.61 -16.95
C VAL J 112 -44.65 57.13 -17.70
N ILE J 113 -45.71 56.79 -16.97
CA ILE J 113 -47.01 56.52 -17.58
C ILE J 113 -47.93 57.68 -17.24
N GLU J 114 -48.51 58.28 -18.27
CA GLU J 114 -49.39 59.42 -18.10
C GLU J 114 -50.69 59.16 -18.85
N VAL J 115 -51.74 59.84 -18.41
CA VAL J 115 -53.01 59.81 -19.11
C VAL J 115 -53.01 60.90 -20.17
N ILE J 116 -53.49 60.58 -21.36
CA ILE J 116 -53.45 61.53 -22.47
C ILE J 116 -54.16 62.81 -22.06
N SER J 117 -53.46 63.93 -22.20
CA SER J 117 -53.92 65.19 -21.63
C SER J 117 -54.69 66.06 -22.60
N ASP J 118 -54.51 65.87 -23.91
CA ASP J 118 -55.15 66.71 -24.91
C ASP J 118 -56.41 66.03 -25.46
N LYS J 119 -57.41 66.86 -25.79
CA LYS J 119 -58.64 66.36 -26.35
C LYS J 119 -58.43 65.89 -27.78
N VAL J 120 -59.16 64.84 -28.17
CA VAL J 120 -59.00 64.26 -29.50
C VAL J 120 -59.51 65.20 -30.57
N ALA J 121 -60.62 65.89 -30.32
CA ALA J 121 -61.26 66.74 -31.31
C ALA J 121 -60.39 67.92 -31.69
N ALA K 2 54.36 -64.13 1.32
CA ALA K 2 52.95 -64.37 1.04
C ALA K 2 52.11 -64.19 2.30
N SER K 3 51.43 -63.05 2.41
CA SER K 3 50.59 -62.74 3.57
C SER K 3 49.28 -62.12 3.07
N THR K 4 48.29 -62.96 2.81
CA THR K 4 46.96 -62.48 2.49
C THR K 4 46.23 -62.09 3.77
N LEU K 5 45.55 -60.94 3.74
CA LEU K 5 44.86 -60.45 4.93
C LEU K 5 43.80 -61.41 5.43
N THR K 6 43.16 -62.16 4.53
CA THR K 6 42.16 -63.14 4.92
C THR K 6 42.83 -64.46 5.30
N VAL K 7 42.30 -65.11 6.33
CA VAL K 7 42.78 -66.45 6.71
C VAL K 7 42.23 -67.43 5.68
N ARG K 8 43.14 -68.13 5.00
CA ARG K 8 42.72 -69.07 3.96
C ARG K 8 41.90 -70.21 4.56
N LYS K 9 40.75 -70.49 3.94
CA LYS K 9 39.88 -71.56 4.40
C LYS K 9 40.54 -72.91 4.14
N SER K 10 39.91 -73.99 4.60
CA SER K 10 40.42 -75.35 4.43
C SER K 10 41.69 -75.60 5.23
N LEU K 11 42.18 -74.57 5.93
CA LEU K 11 43.26 -74.76 6.88
C LEU K 11 42.79 -75.64 8.02
N SER K 12 43.73 -76.36 8.64
CA SER K 12 43.36 -77.20 9.77
C SER K 12 42.94 -76.32 10.96
N ASP K 13 42.26 -76.95 11.92
CA ASP K 13 41.69 -76.21 13.04
C ASP K 13 42.78 -75.52 13.87
N ARG K 14 43.85 -76.25 14.18
CA ARG K 14 44.96 -75.64 14.91
C ARG K 14 45.59 -74.53 14.09
N ALA K 15 45.74 -74.74 12.79
CA ALA K 15 46.32 -73.71 11.93
C ALA K 15 45.44 -72.47 11.88
N LYS K 16 44.12 -72.65 11.74
CA LYS K 16 43.22 -71.51 11.70
C LYS K 16 43.25 -70.73 13.03
N ALA K 17 43.20 -71.45 14.15
CA ALA K 17 43.22 -70.80 15.45
C ALA K 17 44.53 -70.05 15.66
N ARG K 18 45.66 -70.66 15.32
CA ARG K 18 46.95 -70.00 15.50
C ARG K 18 47.11 -68.82 14.56
N ALA K 19 46.55 -68.91 13.34
CA ALA K 19 46.59 -67.76 12.44
C ALA K 19 45.78 -66.60 12.99
N ARG K 20 44.60 -66.86 13.55
CA ARG K 20 43.83 -65.79 14.16
C ARG K 20 44.58 -65.18 15.35
N ARG K 21 45.18 -66.02 16.19
CA ARG K 21 45.93 -65.51 17.34
C ARG K 21 47.13 -64.68 16.89
N GLN K 22 47.83 -65.11 15.84
CA GLN K 22 48.97 -64.37 15.33
C GLN K 22 48.54 -63.02 14.74
N ALA K 23 47.43 -63.01 14.01
CA ALA K 23 46.95 -61.76 13.43
C ALA K 23 46.49 -60.80 14.52
N ARG K 24 45.93 -61.33 15.62
CA ARG K 24 45.55 -60.47 16.73
C ARG K 24 46.76 -59.96 17.50
N GLY K 25 47.81 -60.77 17.61
CA GLY K 25 49.03 -60.30 18.25
C GLY K 25 49.73 -59.24 17.45
N ARG K 26 49.71 -59.35 16.12
CA ARG K 26 50.37 -58.39 15.25
C ARG K 26 49.68 -57.04 15.19
N LYS K 27 48.49 -56.91 15.78
CA LYS K 27 47.76 -55.65 15.75
C LYS K 27 48.51 -54.53 16.46
N LYS K 28 49.20 -54.86 17.56
CA LYS K 28 49.91 -53.86 18.36
C LYS K 28 51.42 -53.97 18.27
N ILE K 29 51.95 -54.98 17.57
CA ILE K 29 53.38 -55.25 17.52
C ILE K 29 53.88 -54.98 16.11
N PHE K 30 54.92 -54.15 15.99
CA PHE K 30 55.47 -53.79 14.70
C PHE K 30 56.95 -53.48 14.90
N GLY K 31 57.79 -54.01 14.01
CA GLY K 31 59.23 -53.83 14.16
C GLY K 31 59.81 -52.65 13.41
N THR K 32 60.42 -51.73 14.14
CA THR K 32 61.15 -50.60 13.56
C THR K 32 62.64 -50.79 13.80
N VAL K 33 63.44 -49.85 13.28
CA VAL K 33 64.88 -49.93 13.47
C VAL K 33 65.23 -49.72 14.93
N GLU K 34 64.52 -48.82 15.62
CA GLU K 34 64.76 -48.61 17.04
C GLU K 34 64.45 -49.87 17.85
N ARG K 35 63.29 -50.48 17.60
CA ARG K 35 62.85 -51.68 18.32
C ARG K 35 62.32 -52.69 17.32
N PRO K 36 63.20 -53.53 16.77
CA PRO K 36 62.74 -54.55 15.82
C PRO K 36 61.95 -55.64 16.52
N ARG K 37 61.16 -56.38 15.73
CA ARG K 37 60.24 -57.37 16.26
C ARG K 37 60.92 -58.73 16.32
N MET K 38 60.84 -59.37 17.49
CA MET K 38 61.41 -60.71 17.68
C MET K 38 60.29 -61.73 17.57
N VAL K 39 60.22 -62.41 16.43
CA VAL K 39 59.18 -63.40 16.14
C VAL K 39 59.75 -64.78 16.36
N VAL K 40 59.07 -65.59 17.17
CA VAL K 40 59.45 -66.96 17.44
C VAL K 40 58.39 -67.86 16.83
N THR K 41 58.76 -68.57 15.76
CA THR K 41 57.91 -69.59 15.15
C THR K 41 58.18 -70.91 15.85
N ARG K 42 57.18 -71.43 16.55
CA ARG K 42 57.31 -72.65 17.33
C ARG K 42 56.50 -73.75 16.67
N SER K 43 57.19 -74.79 16.21
CA SER K 43 56.57 -75.97 15.65
C SER K 43 56.73 -77.12 16.62
N SER K 44 56.29 -78.32 16.21
CA SER K 44 56.36 -79.48 17.08
C SER K 44 57.79 -79.93 17.35
N LYS K 45 58.74 -79.49 16.53
CA LYS K 45 60.12 -79.93 16.65
C LYS K 45 61.11 -78.80 16.93
N HIS K 46 60.92 -77.63 16.34
CA HIS K 46 61.95 -76.61 16.31
C HIS K 46 61.38 -75.25 16.69
N VAL K 47 62.28 -74.35 17.06
CA VAL K 47 61.95 -72.94 17.26
C VAL K 47 62.82 -72.12 16.33
N PHE K 48 62.19 -71.26 15.53
CA PHE K 48 62.88 -70.41 14.57
C PHE K 48 62.62 -68.96 14.93
N VAL K 49 63.67 -68.24 15.29
CA VAL K 49 63.56 -66.86 15.75
C VAL K 49 64.10 -65.94 14.67
N GLN K 50 63.34 -64.89 14.36
CA GLN K 50 63.84 -63.84 13.47
C GLN K 50 63.55 -62.48 14.07
N VAL K 51 64.54 -61.60 14.03
CA VAL K 51 64.37 -60.20 14.41
C VAL K 51 64.21 -59.41 13.12
N ILE K 52 63.07 -58.73 12.98
CA ILE K 52 62.63 -58.17 11.72
C ILE K 52 62.37 -56.68 11.88
N ASP K 53 62.86 -55.90 10.93
CA ASP K 53 62.48 -54.50 10.76
C ASP K 53 61.27 -54.47 9.84
N ASP K 54 60.07 -54.39 10.43
CA ASP K 54 58.85 -54.51 9.66
C ASP K 54 58.61 -53.34 8.73
N VAL K 55 59.34 -52.24 8.87
CA VAL K 55 59.22 -51.14 7.93
C VAL K 55 59.76 -51.56 6.56
N ALA K 56 60.97 -52.14 6.55
CA ALA K 56 61.56 -52.64 5.32
C ALA K 56 61.19 -54.09 5.03
N GLY K 57 60.61 -54.80 5.99
CA GLY K 57 60.20 -56.17 5.76
C GLY K 57 61.34 -57.16 5.62
N ASN K 58 62.49 -56.87 6.23
CA ASN K 58 63.67 -57.71 6.09
C ASN K 58 64.16 -58.12 7.48
N THR K 59 64.61 -59.36 7.58
CA THR K 59 65.11 -59.91 8.83
C THR K 59 66.53 -59.43 9.10
N LEU K 60 66.78 -58.95 10.31
CA LEU K 60 68.11 -58.47 10.67
C LEU K 60 69.02 -59.63 11.07
N VAL K 61 68.65 -60.36 12.12
CA VAL K 61 69.34 -61.58 12.54
C VAL K 61 68.30 -62.65 12.79
N SER K 62 68.77 -63.91 12.83
CA SER K 62 67.88 -65.02 13.07
C SER K 62 68.67 -66.16 13.70
N ALA K 63 67.93 -67.10 14.28
CA ALA K 63 68.51 -68.28 14.91
C ALA K 63 67.48 -69.39 14.88
N SER K 64 67.93 -70.60 15.17
CA SER K 64 67.05 -71.76 15.14
C SER K 64 67.70 -72.91 15.87
N THR K 65 66.92 -73.98 16.06
CA THR K 65 67.46 -75.26 16.46
C THR K 65 67.93 -76.09 15.27
N MET K 66 67.86 -75.53 14.07
CA MET K 66 68.34 -76.19 12.87
C MET K 66 69.80 -75.92 12.58
N GLU K 67 70.45 -75.04 13.34
CA GLU K 67 71.84 -74.69 13.06
C GLU K 67 72.76 -75.86 13.37
N ALA K 68 73.96 -75.82 12.79
CA ALA K 68 74.90 -76.94 12.88
C ALA K 68 75.33 -77.20 14.33
N GLU K 69 75.62 -76.15 15.09
CA GLU K 69 76.13 -76.29 16.45
C GLU K 69 75.03 -76.50 17.48
N LEU K 70 73.79 -76.79 17.05
CA LEU K 70 72.69 -77.01 17.98
C LEU K 70 71.93 -78.29 17.69
N ARG K 71 72.19 -78.95 16.55
CA ARG K 71 71.61 -80.27 16.31
C ARG K 71 72.18 -81.29 17.29
N GLU K 72 73.49 -81.24 17.53
CA GLU K 72 74.16 -82.22 18.38
C GLU K 72 74.08 -81.90 19.86
N MET K 73 73.71 -80.67 20.22
CA MET K 73 73.67 -80.27 21.62
C MET K 73 72.60 -81.06 22.36
N SER K 74 72.99 -81.68 23.47
CA SER K 74 72.08 -82.52 24.23
C SER K 74 71.30 -81.67 25.23
N GLY K 75 69.98 -81.72 25.12
CA GLY K 75 69.13 -80.93 26.00
C GLY K 75 67.68 -81.22 25.70
N ASP K 76 66.81 -80.53 26.43
CA ASP K 76 65.38 -80.67 26.23
C ASP K 76 64.88 -79.60 25.26
N LYS K 77 63.62 -79.75 24.85
CA LYS K 77 63.01 -78.75 23.97
C LYS K 77 63.08 -77.36 24.59
N THR K 78 62.76 -77.25 25.88
CA THR K 78 62.89 -75.97 26.57
C THR K 78 64.35 -75.57 26.72
N ALA K 79 65.25 -76.53 26.96
CA ALA K 79 66.67 -76.22 27.03
C ALA K 79 67.21 -75.78 25.68
N LYS K 80 66.78 -76.43 24.61
CA LYS K 80 67.19 -76.01 23.27
C LYS K 80 66.66 -74.63 22.96
N ALA K 81 65.42 -74.33 23.36
CA ALA K 81 64.88 -72.99 23.17
C ALA K 81 65.67 -71.96 23.96
N ALA K 82 66.11 -72.31 25.17
CA ALA K 82 66.93 -71.39 25.96
C ALA K 82 68.26 -71.13 25.27
N ARG K 83 68.88 -72.17 24.70
CA ARG K 83 70.12 -71.96 23.97
C ARG K 83 69.89 -71.08 22.75
N VAL K 84 68.76 -71.28 22.07
CA VAL K 84 68.43 -70.43 20.92
C VAL K 84 68.24 -68.99 21.36
N GLY K 85 67.61 -68.77 22.51
CA GLY K 85 67.46 -67.42 23.02
C GLY K 85 68.80 -66.77 23.33
N THR K 86 69.71 -67.52 23.93
CA THR K 86 71.06 -67.00 24.16
C THR K 86 71.73 -66.62 22.85
N ILE K 87 71.63 -67.50 21.84
CA ILE K 87 72.27 -67.25 20.55
C ILE K 87 71.69 -66.02 19.87
N ILE K 88 70.35 -65.89 19.89
CA ILE K 88 69.72 -64.76 19.23
C ILE K 88 70.05 -63.45 19.95
N GLY K 89 70.16 -63.49 21.28
CA GLY K 89 70.62 -62.31 21.99
C GLY K 89 72.04 -61.94 21.64
N GLU K 90 72.92 -62.93 21.54
CA GLU K 90 74.31 -62.67 21.14
C GLU K 90 74.38 -62.06 19.74
N ARG K 91 73.59 -62.58 18.81
CA ARG K 91 73.59 -62.06 17.45
C ARG K 91 72.99 -60.66 17.38
N ALA K 92 71.97 -60.40 18.19
CA ALA K 92 71.41 -59.04 18.25
C ALA K 92 72.43 -58.05 18.79
N LYS K 93 73.17 -58.43 19.83
CA LYS K 93 74.23 -57.55 20.32
C LYS K 93 75.33 -57.39 19.29
N ALA K 94 75.60 -58.43 18.50
CA ALA K 94 76.60 -58.33 17.45
C ALA K 94 76.17 -57.34 16.36
N ALA K 95 74.87 -57.34 16.03
CA ALA K 95 74.37 -56.44 15.01
C ALA K 95 73.96 -55.08 15.57
N GLY K 96 73.97 -54.89 16.89
CA GLY K 96 73.58 -53.64 17.47
C GLY K 96 72.09 -53.41 17.45
N ILE K 97 71.35 -54.23 18.19
CA ILE K 97 69.89 -54.15 18.23
C ILE K 97 69.40 -53.49 19.51
N THR K 98 70.09 -53.74 20.63
CA THR K 98 69.77 -53.21 21.96
C THR K 98 68.43 -53.70 22.45
N LYS K 99 67.33 -53.23 21.85
CA LYS K 99 66.00 -53.54 22.34
C LYS K 99 65.14 -54.11 21.22
N VAL K 100 64.29 -55.07 21.56
CA VAL K 100 63.36 -55.69 20.63
C VAL K 100 61.96 -55.66 21.25
N VAL K 101 60.97 -55.86 20.40
CA VAL K 101 59.59 -56.13 20.83
C VAL K 101 59.29 -57.58 20.50
N PHE K 102 58.87 -58.34 21.50
CA PHE K 102 58.71 -59.78 21.36
C PHE K 102 57.36 -60.11 20.76
N ASP K 103 57.36 -61.05 19.82
CA ASP K 103 56.15 -61.53 19.16
C ASP K 103 56.07 -63.03 19.32
N LYS K 104 55.06 -63.50 20.02
CA LYS K 104 54.88 -64.93 20.27
C LYS K 104 54.21 -65.66 19.12
N ALA K 105 53.82 -64.94 18.06
CA ALA K 105 53.36 -65.53 16.81
C ALA K 105 52.17 -66.47 17.01
N GLY K 106 51.19 -66.00 17.79
CA GLY K 106 49.97 -66.76 17.99
C GLY K 106 50.04 -67.85 19.02
N ASN K 107 51.19 -68.05 19.65
CA ASN K 107 51.34 -69.03 20.72
C ASN K 107 51.25 -68.33 22.07
N GLN K 108 51.12 -69.13 23.11
CA GLN K 108 51.09 -68.59 24.47
C GLN K 108 52.52 -68.33 24.95
N TYR K 109 52.71 -67.21 25.66
CA TYR K 109 54.01 -66.95 26.26
C TYR K 109 54.19 -67.90 27.43
N HIS K 110 54.68 -69.09 27.15
CA HIS K 110 54.73 -70.16 28.13
C HIS K 110 55.65 -71.26 27.63
N GLY K 111 56.50 -71.75 28.53
CA GLY K 111 57.37 -72.86 28.19
C GLY K 111 58.54 -72.52 27.28
N ARG K 112 58.55 -73.12 26.10
CA ARG K 112 59.70 -72.97 25.19
C ARG K 112 59.87 -71.52 24.76
N ILE K 113 58.78 -70.85 24.41
CA ILE K 113 58.84 -69.45 24.01
C ILE K 113 59.29 -68.57 25.16
N ALA K 114 58.74 -68.82 26.37
CA ALA K 114 59.14 -68.05 27.53
C ALA K 114 60.61 -68.27 27.86
N ALA K 115 61.09 -69.51 27.75
CA ALA K 115 62.50 -69.80 28.00
C ALA K 115 63.38 -69.08 26.99
N LEU K 116 62.99 -69.09 25.72
CA LEU K 116 63.73 -68.35 24.70
C LEU K 116 63.79 -66.86 25.03
N ALA K 117 62.66 -66.28 25.43
CA ALA K 117 62.63 -64.86 25.73
C ALA K 117 63.49 -64.53 26.94
N ASP K 118 63.43 -65.35 27.99
CA ASP K 118 64.23 -65.10 29.18
C ASP K 118 65.72 -65.24 28.89
N ALA K 119 66.10 -66.22 28.07
CA ALA K 119 67.49 -66.35 27.68
C ALA K 119 67.97 -65.15 26.87
N ALA K 120 67.13 -64.67 25.94
CA ALA K 120 67.48 -63.48 25.19
C ALA K 120 67.62 -62.26 26.10
N ARG K 121 66.78 -62.18 27.13
CA ARG K 121 66.91 -61.11 28.11
C ARG K 121 68.23 -61.22 28.87
N GLU K 122 68.62 -62.44 29.25
CA GLU K 122 69.91 -62.63 29.90
C GLU K 122 71.05 -62.17 28.99
N ALA K 123 70.93 -62.43 27.69
CA ALA K 123 71.98 -62.05 26.75
C ALA K 123 72.18 -60.55 26.68
N GLY K 124 71.18 -59.75 27.04
CA GLY K 124 71.35 -58.31 27.05
C GLY K 124 70.32 -57.53 26.25
N LEU K 125 69.15 -58.11 26.01
CA LEU K 125 68.11 -57.48 25.22
C LEU K 125 67.15 -56.72 26.12
N ASP K 126 66.86 -55.46 25.75
CA ASP K 126 66.05 -54.58 26.57
C ASP K 126 64.57 -54.80 26.23
N PHE K 127 64.03 -55.89 26.75
CA PHE K 127 62.60 -56.14 26.67
C PHE K 127 62.16 -57.09 27.79
N SER L 2 -59.55 30.36 -37.69
CA SER L 2 -60.06 31.71 -37.87
C SER L 2 -61.51 31.68 -38.34
N ASN L 3 -61.90 32.69 -39.12
CA ASN L 3 -63.19 32.65 -39.78
C ASN L 3 -63.24 31.62 -40.89
N ILE L 4 -62.09 31.26 -41.46
CA ILE L 4 -62.04 30.19 -42.45
C ILE L 4 -62.33 28.85 -41.80
N ILE L 5 -61.84 28.64 -40.57
CA ILE L 5 -62.17 27.45 -39.81
C ILE L 5 -63.66 27.38 -39.54
N ASP L 6 -64.26 28.50 -39.15
CA ASP L 6 -65.69 28.53 -38.87
C ASP L 6 -66.50 28.24 -40.14
N GLU L 7 -66.09 28.81 -41.28
CA GLU L 7 -66.86 28.61 -42.50
C GLU L 7 -66.70 27.18 -43.01
N ILE L 8 -65.55 26.56 -42.76
CA ILE L 8 -65.40 25.13 -43.05
C ILE L 8 -66.31 24.31 -42.15
N ASP L 9 -66.40 24.68 -40.87
CA ASP L 9 -67.22 23.93 -39.93
C ASP L 9 -68.71 24.10 -40.21
N LYS L 10 -69.10 25.21 -40.84
CA LYS L 10 -70.52 25.45 -41.11
C LYS L 10 -71.13 24.35 -41.97
N ALA L 11 -70.30 23.62 -42.72
CA ALA L 11 -70.81 22.56 -43.58
C ALA L 11 -71.14 21.29 -42.81
N SER L 12 -70.66 21.15 -41.57
CA SER L 12 -70.96 19.99 -40.74
C SER L 12 -72.03 20.26 -39.70
N MET L 13 -72.54 21.49 -39.62
CA MET L 13 -73.54 21.84 -38.64
C MET L 13 -74.94 21.45 -39.12
N ARG L 14 -75.84 21.27 -38.16
CA ARG L 14 -77.26 21.09 -38.44
C ARG L 14 -78.04 22.35 -38.10
N ASP L 15 -79.32 22.34 -38.48
CA ASP L 15 -80.21 23.46 -38.20
C ASP L 15 -81.49 23.05 -37.50
N ASP L 16 -81.67 21.76 -37.20
CA ASP L 16 -82.87 21.26 -36.54
C ASP L 16 -82.70 21.11 -35.03
N ILE L 17 -81.61 21.62 -34.48
CA ILE L 17 -81.33 21.48 -33.04
C ILE L 17 -82.31 22.34 -32.26
N PRO L 18 -82.99 21.81 -31.25
CA PRO L 18 -83.91 22.62 -30.44
C PRO L 18 -83.14 23.48 -29.44
N GLU L 19 -83.89 24.37 -28.80
CA GLU L 19 -83.34 25.25 -27.77
C GLU L 19 -83.50 24.56 -26.42
N PHE L 20 -82.39 24.03 -25.88
CA PHE L 20 -82.41 23.41 -24.57
C PHE L 20 -81.14 23.76 -23.81
N ARG L 21 -81.25 23.82 -22.50
CA ARG L 21 -80.17 24.10 -21.57
C ARG L 21 -79.85 22.88 -20.74
N PRO L 22 -78.72 22.88 -20.04
CA PRO L 22 -78.54 21.89 -18.97
C PRO L 22 -79.65 22.03 -17.92
N GLY L 23 -80.18 20.89 -17.49
CA GLY L 23 -81.33 20.82 -16.62
C GLY L 23 -82.61 20.41 -17.32
N ASP L 24 -82.70 20.67 -18.62
CA ASP L 24 -83.87 20.26 -19.39
C ASP L 24 -83.92 18.74 -19.51
N SER L 25 -85.14 18.20 -19.55
CA SER L 25 -85.33 16.80 -19.84
C SER L 25 -85.39 16.62 -21.35
N VAL L 26 -84.64 15.65 -21.86
CA VAL L 26 -84.36 15.56 -23.28
C VAL L 26 -84.42 14.10 -23.72
N LYS L 27 -85.05 13.87 -24.88
CA LYS L 27 -85.05 12.57 -25.54
C LYS L 27 -84.11 12.67 -26.75
N VAL L 28 -83.08 11.83 -26.78
CA VAL L 28 -82.14 11.78 -27.88
C VAL L 28 -82.42 10.51 -28.67
N HIS L 29 -82.87 10.68 -29.90
CA HIS L 29 -83.12 9.55 -30.81
C HIS L 29 -81.81 9.32 -31.54
N VAL L 30 -81.13 8.22 -31.23
CA VAL L 30 -79.82 7.90 -31.77
C VAL L 30 -79.96 6.70 -32.69
N LYS L 31 -79.54 6.84 -33.95
CA LYS L 31 -79.58 5.70 -34.84
C LYS L 31 -78.39 4.77 -34.59
N VAL L 32 -78.70 3.50 -34.35
CA VAL L 32 -77.73 2.45 -34.10
C VAL L 32 -77.77 1.49 -35.28
N VAL L 33 -76.59 1.15 -35.79
CA VAL L 33 -76.46 0.16 -36.86
C VAL L 33 -76.18 -1.19 -36.21
N GLU L 34 -76.98 -2.20 -36.56
CA GLU L 34 -77.01 -3.47 -35.85
C GLU L 34 -77.22 -4.56 -36.91
N GLY L 35 -76.17 -5.34 -37.17
CA GLY L 35 -76.22 -6.26 -38.29
C GLY L 35 -76.36 -5.49 -39.58
N SER L 36 -77.30 -5.92 -40.44
CA SER L 36 -77.65 -5.15 -41.62
C SER L 36 -78.68 -4.06 -41.31
N ARG L 37 -79.33 -4.13 -40.15
CA ARG L 37 -80.43 -3.24 -39.83
C ARG L 37 -79.93 -1.91 -39.30
N THR L 38 -80.76 -0.89 -39.45
CA THR L 38 -80.59 0.38 -38.78
C THR L 38 -81.84 0.66 -37.93
N ARG L 39 -81.62 0.99 -36.66
CA ARG L 39 -82.73 1.25 -35.76
C ARG L 39 -82.48 2.59 -35.08
N VAL L 40 -83.51 3.11 -34.43
CA VAL L 40 -83.39 4.33 -33.64
C VAL L 40 -83.71 3.97 -32.19
N GLN L 41 -82.73 4.17 -31.31
CA GLN L 41 -82.86 3.90 -29.89
C GLN L 41 -82.89 5.22 -29.15
N VAL L 42 -83.80 5.36 -28.19
CA VAL L 42 -84.03 6.63 -27.51
C VAL L 42 -83.32 6.62 -26.17
N PHE L 43 -82.47 7.61 -25.95
CA PHE L 43 -81.81 7.86 -24.67
C PHE L 43 -82.48 9.07 -24.03
N SER L 44 -83.21 8.85 -22.96
CA SER L 44 -83.98 9.90 -22.31
C SER L 44 -83.34 10.24 -20.97
N GLY L 45 -83.19 11.53 -20.68
CA GLY L 45 -82.61 11.91 -19.42
C GLY L 45 -82.42 13.40 -19.30
N ILE L 46 -81.69 13.79 -18.25
CA ILE L 46 -81.47 15.18 -17.90
C ILE L 46 -80.16 15.64 -18.52
N VAL L 47 -80.20 16.79 -19.21
CA VAL L 47 -78.98 17.40 -19.72
C VAL L 47 -78.21 17.99 -18.55
N ILE L 48 -77.00 17.51 -18.33
CA ILE L 48 -76.18 17.94 -17.20
C ILE L 48 -74.97 18.74 -17.62
N SER L 49 -74.74 18.93 -18.91
CA SER L 49 -73.65 19.78 -19.36
C SER L 49 -73.89 20.20 -20.80
N ARG L 50 -73.24 21.28 -21.20
CA ARG L 50 -73.16 21.69 -22.60
C ARG L 50 -71.79 22.33 -22.80
N THR L 51 -70.88 21.60 -23.43
CA THR L 51 -69.55 22.11 -23.76
C THR L 51 -69.62 22.70 -25.16
N GLY L 52 -69.46 24.02 -25.25
CA GLY L 52 -69.86 24.76 -26.43
C GLY L 52 -68.78 24.89 -27.49
N GLY L 53 -69.18 25.53 -28.59
CA GLY L 53 -68.29 25.95 -29.65
C GLY L 53 -68.46 25.23 -30.98
N GLY L 54 -69.19 25.87 -31.90
CA GLY L 54 -69.22 25.44 -33.29
C GLY L 54 -69.59 23.98 -33.46
N VAL L 55 -68.83 23.29 -34.32
CA VAL L 55 -69.04 21.87 -34.56
C VAL L 55 -68.45 21.02 -33.46
N GLN L 56 -67.76 21.62 -32.49
CA GLN L 56 -67.28 20.94 -31.32
C GLN L 56 -68.27 20.98 -30.16
N GLU L 57 -69.44 21.59 -30.37
CA GLU L 57 -70.50 21.58 -29.38
C GLU L 57 -70.86 20.15 -29.00
N SER L 58 -70.98 19.90 -27.70
CA SER L 58 -71.40 18.59 -27.21
C SER L 58 -72.18 18.77 -25.92
N PHE L 59 -73.01 17.79 -25.62
CA PHE L 59 -73.85 17.82 -24.43
C PHE L 59 -73.91 16.44 -23.81
N THR L 60 -74.08 16.40 -22.49
CA THR L 60 -74.13 15.15 -21.75
C THR L 60 -75.52 14.95 -21.17
N VAL L 61 -76.08 13.76 -21.37
CA VAL L 61 -77.40 13.40 -20.87
C VAL L 61 -77.23 12.26 -19.88
N ARG L 62 -77.83 12.41 -18.70
CA ARG L 62 -77.75 11.42 -17.64
C ARG L 62 -79.11 10.76 -17.46
N LYS L 63 -79.11 9.44 -17.36
CA LYS L 63 -80.30 8.62 -17.25
C LYS L 63 -80.13 7.64 -16.11
N LEU L 64 -81.25 7.29 -15.47
CA LEU L 64 -81.26 6.38 -14.33
C LEU L 64 -81.94 5.09 -14.79
N SER L 65 -81.14 4.06 -15.11
CA SER L 65 -81.66 2.84 -15.71
C SER L 65 -81.29 1.64 -14.85
N PHE L 66 -82.30 0.84 -14.50
CA PHE L 66 -82.11 -0.42 -13.76
C PHE L 66 -81.21 -0.23 -12.53
N GLY L 67 -81.47 0.85 -11.80
CA GLY L 67 -80.75 1.12 -10.58
C GLY L 67 -79.31 1.58 -10.75
N THR L 68 -78.93 2.09 -11.91
CA THR L 68 -77.59 2.62 -12.11
C THR L 68 -77.66 3.81 -13.06
N GLY L 69 -76.77 4.77 -12.85
CA GLY L 69 -76.72 5.95 -13.68
C GLY L 69 -75.83 5.75 -14.89
N VAL L 70 -76.31 6.22 -16.05
CA VAL L 70 -75.58 6.15 -17.30
C VAL L 70 -75.58 7.55 -17.91
N GLU L 71 -74.40 8.06 -18.22
CA GLU L 71 -74.26 9.36 -18.88
C GLU L 71 -73.66 9.16 -20.27
N ARG L 72 -74.22 9.88 -21.24
CA ARG L 72 -73.78 9.81 -22.63
C ARG L 72 -73.46 11.22 -23.11
N THR L 73 -72.29 11.37 -23.73
CA THR L 73 -71.85 12.65 -24.28
C THR L 73 -71.99 12.60 -25.79
N PHE L 74 -72.86 13.43 -26.34
CA PHE L 74 -73.07 13.46 -27.78
C PHE L 74 -72.49 14.76 -28.34
N PRO L 75 -71.73 14.71 -29.42
CA PRO L 75 -71.52 15.94 -30.21
C PRO L 75 -72.84 16.44 -30.76
N LEU L 76 -73.12 17.72 -30.53
CA LEU L 76 -74.43 18.27 -30.85
C LEU L 76 -74.77 18.10 -32.33
N HIS L 77 -73.77 18.15 -33.21
CA HIS L 77 -73.98 18.08 -34.65
C HIS L 77 -73.60 16.72 -35.22
N SER L 78 -73.55 15.71 -34.38
CA SER L 78 -73.22 14.37 -34.85
C SER L 78 -74.30 13.85 -35.78
N PRO L 79 -73.93 13.14 -36.85
CA PRO L 79 -74.95 12.55 -37.73
C PRO L 79 -75.71 11.40 -37.10
N ILE L 80 -75.24 10.84 -35.97
CA ILE L 80 -75.90 9.71 -35.35
C ILE L 80 -77.18 10.08 -34.62
N ILE L 81 -77.54 11.36 -34.61
CA ILE L 81 -78.72 11.83 -33.88
C ILE L 81 -79.81 12.15 -34.89
N ASP L 82 -80.84 11.31 -34.93
CA ASP L 82 -81.96 11.55 -35.83
C ASP L 82 -82.74 12.80 -35.43
N LYS L 83 -83.11 12.90 -34.16
CA LYS L 83 -83.65 14.15 -33.65
C LYS L 83 -83.44 14.20 -32.13
N ILE L 84 -83.62 15.41 -31.59
CA ILE L 84 -83.60 15.65 -30.15
C ILE L 84 -84.93 16.29 -29.77
N GLU L 85 -85.59 15.73 -28.77
CA GLU L 85 -86.85 16.26 -28.27
C GLU L 85 -86.65 16.75 -26.84
N VAL L 86 -87.19 17.92 -26.54
CA VAL L 86 -87.16 18.49 -25.20
C VAL L 86 -88.49 18.21 -24.54
N ASP L 87 -88.47 17.51 -23.40
CA ASP L 87 -89.69 17.18 -22.69
C ASP L 87 -90.06 18.26 -21.68
N ARG L 88 -89.21 18.47 -20.68
CA ARG L 88 -89.39 19.50 -19.69
C ARG L 88 -88.29 20.55 -19.81
N HIS L 89 -88.53 21.69 -19.21
CA HIS L 89 -87.54 22.75 -19.09
C HIS L 89 -87.29 22.95 -17.60
N GLY L 90 -86.11 22.51 -17.14
CA GLY L 90 -85.80 22.56 -15.74
C GLY L 90 -85.51 23.96 -15.24
N ALA L 91 -85.45 24.08 -13.92
CA ALA L 91 -85.11 25.34 -13.25
C ALA L 91 -83.87 25.06 -12.40
N VAL L 92 -82.70 25.46 -12.91
CA VAL L 92 -81.43 25.23 -12.25
C VAL L 92 -80.69 26.55 -12.12
N ARG L 93 -79.66 26.55 -11.30
CA ARG L 93 -78.91 27.76 -10.98
C ARG L 93 -77.47 27.72 -11.47
N ARG L 94 -77.10 26.73 -12.28
CA ARG L 94 -75.76 26.60 -12.82
C ARG L 94 -75.81 25.97 -14.21
N ALA L 95 -74.65 25.89 -14.84
CA ALA L 95 -74.51 25.34 -16.18
C ALA L 95 -74.00 23.91 -16.21
N LYS L 96 -73.45 23.41 -15.11
CA LYS L 96 -72.97 22.04 -15.02
C LYS L 96 -73.62 21.38 -13.82
N LEU L 97 -74.50 20.41 -14.09
CA LEU L 97 -75.23 19.72 -13.03
C LEU L 97 -74.52 18.44 -12.58
N TYR L 98 -73.24 18.57 -12.22
CA TYR L 98 -72.48 17.41 -11.78
C TYR L 98 -72.90 16.95 -10.39
N TYR L 99 -73.44 17.85 -9.56
CA TYR L 99 -73.91 17.46 -8.24
C TYR L 99 -75.01 16.42 -8.31
N LEU L 100 -75.74 16.35 -9.42
CA LEU L 100 -76.79 15.34 -9.59
C LEU L 100 -76.22 13.93 -9.59
N ARG L 101 -74.91 13.77 -9.78
CA ARG L 101 -74.30 12.45 -9.69
C ARG L 101 -74.32 11.93 -8.27
N GLY L 102 -74.41 12.83 -7.29
CA GLY L 102 -74.44 12.42 -5.89
C GLY L 102 -75.81 12.50 -5.26
N ARG L 103 -76.87 12.42 -6.07
CA ARG L 103 -78.23 12.56 -5.59
C ARG L 103 -79.12 11.49 -6.21
N ARG L 104 -80.25 11.24 -5.56
CA ARG L 104 -81.29 10.35 -6.08
C ARG L 104 -82.62 10.73 -5.43
N GLY L 105 -83.70 10.30 -6.07
CA GLY L 105 -85.04 10.57 -5.54
C GLY L 105 -85.51 11.99 -5.77
N LYS L 106 -86.25 12.54 -4.80
CA LYS L 106 -86.75 13.91 -4.94
C LYS L 106 -85.60 14.90 -5.03
N ALA L 107 -84.47 14.60 -4.36
CA ALA L 107 -83.29 15.43 -4.45
C ALA L 107 -82.68 15.45 -5.85
N ALA L 108 -83.05 14.51 -6.71
CA ALA L 108 -82.57 14.49 -8.09
C ALA L 108 -83.55 15.13 -9.06
N LYS L 109 -84.80 15.30 -8.68
CA LYS L 109 -85.79 15.91 -9.57
C LYS L 109 -85.55 17.40 -9.67
N ILE L 110 -85.65 17.94 -10.87
CA ILE L 110 -85.50 19.36 -11.13
C ILE L 110 -86.89 19.99 -11.05
N LYS L 111 -86.92 21.30 -10.82
CA LYS L 111 -88.18 22.03 -10.89
C LYS L 111 -88.63 22.13 -12.34
N GLU L 112 -89.77 22.82 -12.53
CA GLU L 112 -90.25 23.16 -13.86
C GLU L 112 -90.16 24.67 -14.05
N ARG L 113 -89.63 25.07 -15.20
CA ARG L 113 -89.48 26.50 -15.49
C ARG L 113 -90.84 27.17 -15.56
N GLY L 114 -90.93 28.37 -14.99
CA GLY L 114 -92.18 29.11 -14.93
C GLY L 114 -93.23 28.51 -14.01
N SER L 115 -92.83 28.07 -12.82
CA SER L 115 -93.76 27.50 -11.85
C SER L 115 -94.09 28.50 -10.75
N ALA M 2 27.08 36.58 17.04
CA ALA M 2 27.27 36.58 15.60
C ALA M 2 26.05 36.01 14.89
N ARG M 3 24.94 36.72 14.96
CA ARG M 3 23.73 36.32 14.25
C ARG M 3 23.80 36.81 12.81
N VAL M 4 23.67 35.88 11.86
CA VAL M 4 23.76 36.18 10.44
C VAL M 4 22.36 36.14 9.85
N LYS M 5 22.10 37.03 8.90
CA LYS M 5 20.84 37.05 8.16
C LYS M 5 21.06 36.41 6.80
N ARG M 6 20.09 35.59 6.38
CA ARG M 6 20.30 34.68 5.27
C ARG M 6 20.14 35.32 3.89
N SER M 7 19.47 36.47 3.80
CA SER M 7 18.99 36.96 2.51
C SER M 7 20.12 37.25 1.54
N VAL M 8 21.18 37.93 2.00
CA VAL M 8 22.22 38.41 1.09
C VAL M 8 22.90 37.23 0.40
N ASN M 9 23.21 36.17 1.14
CA ASN M 9 23.77 34.98 0.53
C ASN M 9 22.72 34.17 -0.22
N ALA M 10 21.48 34.16 0.27
CA ALA M 10 20.47 33.26 -0.26
C ALA M 10 19.95 33.68 -1.63
N LYS M 11 19.86 34.99 -1.91
CA LYS M 11 19.23 35.42 -3.14
C LYS M 11 20.08 35.17 -4.39
N LYS M 12 21.36 34.84 -4.22
CA LYS M 12 22.25 34.69 -5.36
C LYS M 12 21.83 33.52 -6.26
N LYS M 13 21.65 32.33 -5.68
CA LYS M 13 21.24 31.18 -6.47
C LYS M 13 19.84 31.37 -7.03
N ARG M 14 18.96 32.07 -6.30
CA ARG M 14 17.63 32.34 -6.81
C ARG M 14 17.68 33.21 -8.06
N ARG M 15 18.50 34.25 -8.04
CA ARG M 15 18.66 35.09 -9.22
C ARG M 15 19.25 34.29 -10.38
N GLU M 16 20.24 33.44 -10.09
CA GLU M 16 20.82 32.61 -11.14
C GLU M 16 19.77 31.71 -11.79
N VAL M 17 19.01 30.98 -10.97
CA VAL M 17 18.04 30.03 -11.49
C VAL M 17 16.94 30.75 -12.25
N LEU M 18 16.46 31.88 -11.72
CA LEU M 18 15.40 32.61 -12.41
C LEU M 18 15.90 33.28 -13.69
N ASP M 19 17.21 33.53 -13.80
CA ASP M 19 17.75 33.96 -15.08
C ASP M 19 17.83 32.81 -16.07
N GLN M 20 18.16 31.61 -15.60
CA GLN M 20 18.20 30.46 -16.50
C GLN M 20 16.82 30.05 -16.99
N ALA M 21 15.76 30.44 -16.29
CA ALA M 21 14.40 30.07 -16.63
C ALA M 21 13.63 31.22 -17.28
N SER M 22 14.32 32.05 -18.06
CA SER M 22 13.79 33.32 -18.52
C SER M 22 13.11 33.23 -19.88
N GLY M 23 12.52 32.08 -20.19
CA GLY M 23 11.63 32.00 -21.33
C GLY M 23 10.52 31.00 -21.10
N TYR M 24 10.46 30.47 -19.88
CA TYR M 24 9.56 29.38 -19.56
C TYR M 24 8.14 29.88 -19.38
N ARG M 25 7.18 28.97 -19.49
CA ARG M 25 5.77 29.32 -19.50
C ARG M 25 5.17 29.13 -18.13
N GLY M 26 4.57 30.20 -17.59
CA GLY M 26 3.89 30.13 -16.32
C GLY M 26 4.79 30.12 -15.10
N GLN M 27 4.43 29.32 -14.10
CA GLN M 27 5.16 29.29 -12.84
C GLN M 27 6.63 28.95 -13.03
N ARG M 28 6.99 28.30 -14.14
CA ARG M 28 8.37 27.91 -14.38
C ARG M 28 9.28 29.10 -14.60
N SER M 29 8.76 30.26 -14.98
CA SER M 29 9.60 31.44 -15.19
C SER M 29 9.46 32.47 -14.09
N ARG M 30 8.62 32.23 -13.09
CA ARG M 30 8.33 33.21 -12.06
C ARG M 30 8.74 32.77 -10.67
N LEU M 31 8.62 31.48 -10.36
CA LEU M 31 8.83 30.96 -9.00
C LEU M 31 10.12 30.16 -8.97
N TYR M 32 10.92 30.39 -7.93
CA TYR M 32 12.26 29.81 -7.89
C TYR M 32 12.22 28.28 -7.78
N ARG M 33 11.23 27.73 -7.05
CA ARG M 33 11.17 26.29 -6.87
C ARG M 33 10.79 25.57 -8.16
N LYS M 34 9.76 26.08 -8.85
CA LYS M 34 9.36 25.50 -10.12
C LYS M 34 10.45 25.68 -11.17
N ALA M 35 11.05 26.87 -11.20
CA ALA M 35 12.17 27.11 -12.12
C ALA M 35 13.34 26.19 -11.82
N LYS M 36 13.58 25.87 -10.54
CA LYS M 36 14.66 24.96 -10.19
C LYS M 36 14.38 23.54 -10.69
N GLU M 37 13.16 23.06 -10.51
CA GLU M 37 12.80 21.76 -11.06
C GLU M 37 12.96 21.74 -12.58
N GLN M 38 12.49 22.79 -13.25
CA GLN M 38 12.59 22.84 -14.70
C GLN M 38 14.04 22.95 -15.17
N THR M 39 14.90 23.63 -14.41
CA THR M 39 16.30 23.71 -14.82
C THR M 39 17.02 22.39 -14.59
N LEU M 40 16.63 21.62 -13.57
CA LEU M 40 17.13 20.25 -13.45
C LEU M 40 16.79 19.44 -14.70
N HIS M 41 15.52 19.50 -15.11
CA HIS M 41 15.11 18.77 -16.31
C HIS M 41 15.81 19.30 -17.57
N SER M 42 15.98 20.62 -17.65
CA SER M 42 16.65 21.22 -18.81
C SER M 42 18.10 20.78 -18.89
N ALA M 43 18.79 20.71 -17.75
CA ALA M 43 20.18 20.26 -17.76
C ALA M 43 20.28 18.80 -18.20
N THR M 44 19.40 17.95 -17.68
CA THR M 44 19.40 16.56 -18.12
C THR M 44 19.13 16.45 -19.61
N TYR M 45 18.12 17.18 -20.09
CA TYR M 45 17.77 17.15 -21.50
C TYR M 45 18.91 17.64 -22.38
N SER M 46 19.56 18.74 -21.99
CA SER M 46 20.60 19.32 -22.83
C SER M 46 21.85 18.44 -22.85
N PHE M 47 22.21 17.84 -21.71
CA PHE M 47 23.32 16.90 -21.73
C PHE M 47 23.01 15.71 -22.64
N ARG M 48 21.79 15.19 -22.57
CA ARG M 48 21.42 14.05 -23.42
C ARG M 48 21.39 14.44 -24.90
N ASP M 49 20.87 15.63 -25.21
CA ASP M 49 20.77 16.04 -26.60
C ASP M 49 22.10 16.46 -27.19
N ARG M 50 23.06 16.89 -26.37
CA ARG M 50 24.39 17.16 -26.90
C ARG M 50 25.03 15.88 -27.42
N ARG M 51 24.79 14.75 -26.75
CA ARG M 51 25.28 13.46 -27.22
C ARG M 51 24.45 12.92 -28.38
N ALA M 52 23.13 13.13 -28.38
CA ALA M 52 22.28 12.68 -29.47
C ALA M 52 22.40 13.52 -30.73
N LYS M 53 22.99 14.72 -30.63
CA LYS M 53 23.18 15.58 -31.79
C LYS M 53 24.07 14.92 -32.84
N LYS M 54 25.09 14.20 -32.39
CA LYS M 54 25.98 13.49 -33.32
C LYS M 54 25.19 12.51 -34.17
N GLY M 55 24.38 11.67 -33.52
CA GLY M 55 23.60 10.71 -34.25
C GLY M 55 22.53 11.35 -35.12
N ASP M 56 21.92 12.43 -34.64
CA ASP M 56 20.90 13.11 -35.44
C ASP M 56 21.48 13.70 -36.71
N PHE M 57 22.60 14.40 -36.59
CA PHE M 57 23.21 15.00 -37.76
C PHE M 57 23.77 13.94 -38.69
N ARG M 58 24.31 12.84 -38.15
CA ARG M 58 24.75 11.75 -39.02
C ARG M 58 23.59 11.14 -39.78
N SER M 59 22.43 10.99 -39.13
CA SER M 59 21.25 10.48 -39.81
C SER M 59 20.83 11.41 -40.94
N LEU M 60 20.84 12.72 -40.69
CA LEU M 60 20.48 13.67 -41.74
C LEU M 60 21.45 13.61 -42.91
N TRP M 61 22.76 13.55 -42.62
CA TRP M 61 23.74 13.44 -43.67
C TRP M 61 23.54 12.16 -44.48
N ILE M 62 23.28 11.05 -43.80
CA ILE M 62 23.11 9.78 -44.48
C ILE M 62 21.88 9.81 -45.38
N GLN M 63 20.80 10.43 -44.92
CA GLN M 63 19.61 10.56 -45.75
C GLN M 63 19.88 11.40 -46.99
N ARG M 64 20.60 12.52 -46.83
CA ARG M 64 20.87 13.37 -47.98
C ARG M 64 21.81 12.68 -48.98
N ILE M 65 22.82 11.98 -48.47
CA ILE M 65 23.73 11.23 -49.34
C ILE M 65 22.98 10.14 -50.07
N ASN M 66 22.08 9.43 -49.38
CA ASN M 66 21.26 8.40 -50.01
C ASN M 66 20.43 8.99 -51.13
N ALA M 67 19.79 10.13 -50.88
CA ALA M 67 18.94 10.76 -51.89
C ALA M 67 19.77 11.18 -53.10
N ALA M 68 20.96 11.73 -52.87
CA ALA M 68 21.76 12.23 -53.98
C ALA M 68 22.42 11.10 -54.76
N SER M 69 22.75 9.98 -54.12
CA SER M 69 23.35 8.87 -54.83
C SER M 69 22.32 7.96 -55.47
N ARG M 70 21.08 7.99 -55.03
CA ARG M 70 20.04 7.21 -55.69
C ARG M 70 19.58 7.86 -56.98
N ALA M 71 19.79 9.17 -57.12
CA ALA M 71 19.54 9.83 -58.40
C ALA M 71 20.55 9.41 -59.45
N GLN M 72 21.68 8.84 -59.04
CA GLN M 72 22.69 8.32 -59.94
C GLN M 72 22.65 6.79 -60.03
N GLY M 73 21.56 6.18 -59.59
CA GLY M 73 21.40 4.74 -59.66
C GLY M 73 22.31 3.95 -58.74
N MET M 74 22.53 4.44 -57.52
CA MET M 74 23.34 3.74 -56.53
C MET M 74 22.69 3.87 -55.16
N THR M 75 22.64 2.77 -54.43
CA THR M 75 22.14 2.84 -53.06
C THR M 75 23.23 3.34 -52.12
N TYR M 76 22.81 3.81 -50.95
CA TYR M 76 23.76 4.40 -50.00
C TYR M 76 24.80 3.38 -49.55
N ASN M 77 24.36 2.14 -49.27
CA ASN M 77 25.30 1.13 -48.80
C ASN M 77 26.37 0.84 -49.85
N ARG M 78 25.97 0.73 -51.11
CA ARG M 78 26.93 0.49 -52.18
C ARG M 78 27.82 1.71 -52.39
N PHE M 79 27.27 2.91 -52.27
CA PHE M 79 28.07 4.13 -52.41
C PHE M 79 29.14 4.21 -51.33
N ILE M 80 28.77 3.92 -50.07
CA ILE M 80 29.72 3.98 -48.97
C ILE M 80 30.79 2.90 -49.12
N ASN M 81 30.38 1.68 -49.48
CA ASN M 81 31.35 0.62 -49.69
C ASN M 81 32.30 0.95 -50.84
N GLY M 82 31.78 1.56 -51.90
CA GLY M 82 32.63 1.94 -53.02
C GLY M 82 33.61 3.04 -52.66
N LEU M 83 33.17 4.03 -51.88
CA LEU M 83 34.11 5.05 -51.43
C LEU M 83 35.15 4.48 -50.49
N LYS M 84 34.78 3.50 -49.66
CA LYS M 84 35.77 2.83 -48.82
C LYS M 84 36.78 2.07 -49.66
N ASN M 85 36.32 1.36 -50.69
CA ASN M 85 37.23 0.59 -51.54
C ASN M 85 38.10 1.50 -52.40
N ALA M 86 37.60 2.67 -52.76
CA ALA M 86 38.36 3.63 -53.55
C ALA M 86 39.39 4.39 -52.73
N GLY M 87 39.28 4.37 -51.41
CA GLY M 87 40.21 5.04 -50.54
C GLY M 87 39.91 6.49 -50.24
N VAL M 88 38.82 7.03 -50.79
CA VAL M 88 38.46 8.43 -50.57
C VAL M 88 37.76 8.51 -49.22
N GLU M 89 38.44 9.11 -48.24
CA GLU M 89 37.95 9.20 -46.86
C GLU M 89 37.27 10.55 -46.59
N VAL M 90 36.32 10.92 -47.43
CA VAL M 90 35.49 12.08 -47.16
C VAL M 90 34.30 11.65 -46.31
N ASP M 91 34.11 12.30 -45.17
CA ASP M 91 33.10 11.85 -44.23
C ASP M 91 31.71 12.31 -44.66
N ARG M 92 30.69 11.75 -44.00
CA ARG M 92 29.32 11.96 -44.42
C ARG M 92 28.90 13.42 -44.28
N LYS M 93 29.53 14.17 -43.38
CA LYS M 93 29.24 15.60 -43.28
C LYS M 93 29.61 16.34 -44.56
N MET M 94 30.85 16.15 -45.03
CA MET M 94 31.26 16.77 -46.28
C MET M 94 30.60 16.14 -47.50
N LEU M 95 30.29 14.85 -47.46
CA LEU M 95 29.54 14.24 -48.55
C LEU M 95 28.16 14.86 -48.68
N ALA M 96 27.47 15.12 -47.57
CA ALA M 96 26.17 15.78 -47.63
C ALA M 96 26.30 17.23 -48.07
N GLU M 97 27.36 17.92 -47.60
CA GLU M 97 27.60 19.28 -48.05
C GLU M 97 27.81 19.34 -49.56
N LEU M 98 28.53 18.36 -50.11
CA LEU M 98 28.66 18.27 -51.56
C LEU M 98 27.32 17.95 -52.21
N ALA M 99 26.59 16.99 -51.66
CA ALA M 99 25.32 16.56 -52.25
C ALA M 99 24.33 17.71 -52.34
N VAL M 100 24.43 18.69 -51.46
CA VAL M 100 23.57 19.86 -51.54
C VAL M 100 24.19 20.95 -52.42
N SER M 101 25.44 21.34 -52.13
CA SER M 101 26.01 22.55 -52.72
C SER M 101 26.73 22.29 -54.05
N ASP M 102 27.46 21.19 -54.16
CA ASP M 102 28.22 20.87 -55.37
C ASP M 102 27.81 19.47 -55.84
N ILE M 103 26.73 19.40 -56.60
CA ILE M 103 26.19 18.10 -56.98
C ILE M 103 27.03 17.44 -58.07
N ASN M 104 27.75 18.22 -58.86
CA ASN M 104 28.63 17.63 -59.87
C ASN M 104 29.81 16.91 -59.23
N ALA M 105 30.40 17.51 -58.19
CA ALA M 105 31.47 16.82 -57.47
C ALA M 105 30.94 15.55 -56.82
N PHE M 106 29.72 15.60 -56.27
CA PHE M 106 29.13 14.41 -55.68
C PHE M 106 28.91 13.33 -56.74
N ASN M 107 28.46 13.72 -57.94
CA ASN M 107 28.24 12.72 -58.99
C ASN M 107 29.55 12.12 -59.47
N SER M 108 30.61 12.92 -59.51
CA SER M 108 31.92 12.36 -59.83
C SER M 108 32.38 11.39 -58.74
N LEU M 109 32.09 11.70 -57.48
CA LEU M 109 32.39 10.76 -56.41
C LEU M 109 31.55 9.49 -56.54
N VAL M 110 30.31 9.62 -57.03
CA VAL M 110 29.47 8.46 -57.30
C VAL M 110 30.10 7.58 -58.37
N GLU M 111 30.62 8.20 -59.42
CA GLU M 111 31.32 7.44 -60.46
C GLU M 111 32.56 6.74 -59.90
N VAL M 112 33.30 7.43 -59.03
CA VAL M 112 34.46 6.82 -58.38
C VAL M 112 34.05 5.61 -57.57
N ALA M 113 32.95 5.73 -56.82
CA ALA M 113 32.45 4.61 -56.02
C ALA M 113 31.97 3.46 -56.91
N LYS M 114 31.31 3.79 -58.03
CA LYS M 114 30.83 2.77 -58.95
C LYS M 114 31.98 1.97 -59.54
N ALA M 115 33.04 2.67 -59.97
CA ALA M 115 34.18 2.00 -60.57
C ALA M 115 34.93 1.12 -59.57
N SER M 116 34.69 1.32 -58.28
CA SER M 116 35.40 0.61 -57.23
C SER M 116 34.54 -0.43 -56.53
N GLN M 117 33.46 -0.88 -57.16
CA GLN M 117 32.61 -1.89 -56.58
C GLN M 117 33.15 -3.29 -56.91
N PRO M 118 32.87 -4.28 -56.05
CA PRO M 118 33.29 -5.65 -56.37
C PRO M 118 32.71 -6.19 -57.66
N GLN M 119 31.50 -5.75 -58.04
CA GLN M 119 30.84 -6.17 -59.28
C GLN M 119 30.60 -7.68 -59.31
N ASN M 120 30.50 -8.30 -58.14
CA ASN M 120 30.36 -9.75 -58.05
C ASN M 120 29.14 -10.15 -57.25
N MET N 1 37.80 27.13 -56.91
CA MET N 1 38.61 26.04 -56.39
C MET N 1 38.47 25.95 -54.88
N TYR N 2 38.22 24.75 -54.37
CA TYR N 2 38.08 24.54 -52.94
C TYR N 2 38.57 23.14 -52.60
N ALA N 3 38.69 22.87 -51.31
CA ALA N 3 39.22 21.59 -50.86
C ALA N 3 38.49 21.12 -49.61
N ILE N 4 38.31 19.81 -49.54
CA ILE N 4 37.95 19.12 -48.31
C ILE N 4 39.25 18.72 -47.64
N VAL N 5 39.55 19.34 -46.49
CA VAL N 5 40.79 19.11 -45.78
C VAL N 5 40.47 18.54 -44.40
N ARG N 6 41.48 17.95 -43.77
CA ARG N 6 41.36 17.42 -42.43
C ARG N 6 42.29 18.17 -41.49
N SER N 7 41.82 18.39 -40.27
CA SER N 7 42.63 19.07 -39.26
C SER N 7 42.18 18.57 -37.89
N GLY N 8 42.90 17.59 -37.35
CA GLY N 8 42.62 17.07 -36.02
C GLY N 8 41.28 16.38 -35.89
N GLY N 9 41.12 15.25 -36.58
CA GLY N 9 39.90 14.47 -36.43
C GLY N 9 38.64 15.14 -36.91
N ARG N 10 38.76 16.19 -37.71
CA ARG N 10 37.60 16.87 -38.27
C ARG N 10 37.96 17.39 -39.66
N GLN N 11 36.94 17.51 -40.50
CA GLN N 11 37.12 17.88 -41.90
C GLN N 11 36.35 19.16 -42.20
N HIS N 12 36.96 20.03 -43.01
CA HIS N 12 36.38 21.31 -43.37
C HIS N 12 36.49 21.54 -44.86
N LYS N 13 35.52 22.27 -45.39
CA LYS N 13 35.51 22.68 -46.80
C LYS N 13 36.05 24.10 -46.87
N VAL N 14 37.26 24.25 -47.37
CA VAL N 14 37.98 25.51 -47.32
C VAL N 14 38.19 26.05 -48.73
N ALA N 15 38.28 27.36 -48.82
CA ALA N 15 38.68 28.07 -50.03
C ALA N 15 39.69 29.14 -49.62
N VAL N 16 40.38 29.69 -50.61
CA VAL N 16 41.40 30.69 -50.31
C VAL N 16 40.73 31.93 -49.73
N GLY N 17 41.19 32.36 -48.56
CA GLY N 17 40.60 33.48 -47.86
C GLY N 17 39.51 33.13 -46.88
N ASP N 18 39.40 31.86 -46.49
CA ASP N 18 38.32 31.42 -45.62
C ASP N 18 38.79 31.39 -44.17
N VAL N 19 38.01 32.03 -43.30
CA VAL N 19 38.29 32.02 -41.86
C VAL N 19 37.59 30.81 -41.26
N VAL N 20 38.38 29.84 -40.83
CA VAL N 20 37.88 28.54 -40.39
C VAL N 20 38.31 28.28 -38.95
N GLU N 21 37.45 27.60 -38.21
CA GLU N 21 37.71 27.28 -36.81
C GLU N 21 38.22 25.84 -36.74
N ILE N 22 39.34 25.65 -36.05
CA ILE N 22 40.07 24.39 -36.06
C ILE N 22 40.28 23.94 -34.63
N ASP N 23 40.35 22.62 -34.43
CA ASP N 23 40.75 22.10 -33.14
C ASP N 23 42.13 22.64 -32.77
N LYS N 24 42.30 22.97 -31.49
CA LYS N 24 43.42 23.80 -31.08
C LYS N 24 44.76 23.19 -31.46
N VAL N 25 45.63 24.01 -32.04
CA VAL N 25 46.98 23.63 -32.39
C VAL N 25 47.94 24.43 -31.53
N ALA N 26 49.20 23.98 -31.49
CA ALA N 26 50.22 24.58 -30.64
C ALA N 26 50.99 25.71 -31.34
N ASP N 27 50.39 26.39 -32.29
CA ASP N 27 51.09 27.33 -33.15
C ASP N 27 50.64 28.77 -32.89
N GLU N 28 51.60 29.68 -32.94
CA GLU N 28 51.38 31.06 -32.59
C GLU N 28 50.71 31.81 -33.72
N ALA N 29 50.00 32.89 -33.35
CA ALA N 29 49.32 33.72 -34.34
C ALA N 29 50.32 34.30 -35.33
N GLY N 30 49.97 34.26 -36.61
CA GLY N 30 50.85 34.70 -37.67
C GLY N 30 51.74 33.63 -38.25
N SER N 31 51.79 32.45 -37.62
CA SER N 31 52.48 31.31 -38.21
C SER N 31 51.61 30.65 -39.27
N SER N 32 52.26 29.91 -40.17
CA SER N 32 51.59 29.30 -41.31
C SER N 32 51.64 27.80 -41.18
N ILE N 33 50.47 27.17 -41.06
CA ILE N 33 50.34 25.74 -40.92
C ILE N 33 49.79 25.16 -42.21
N GLU N 34 49.80 23.83 -42.30
CA GLU N 34 49.40 23.10 -43.49
C GLU N 34 48.29 22.12 -43.14
N LEU N 35 47.26 22.08 -43.98
CA LEU N 35 46.10 21.21 -43.79
C LEU N 35 46.15 20.07 -44.81
N THR N 36 45.95 18.85 -44.34
CA THR N 36 46.04 17.68 -45.21
C THR N 36 44.78 17.55 -46.06
N PRO N 37 44.90 17.54 -47.39
CA PRO N 37 43.70 17.52 -48.23
C PRO N 37 43.14 16.13 -48.47
N LEU N 38 41.82 16.03 -48.39
CA LEU N 38 41.11 14.81 -48.72
C LEU N 38 40.36 14.88 -50.04
N LEU N 39 40.07 16.08 -50.53
CA LEU N 39 39.47 16.23 -51.85
C LEU N 39 39.77 17.64 -52.35
N VAL N 40 39.93 17.78 -53.67
CA VAL N 40 40.13 19.08 -54.29
C VAL N 40 39.17 19.19 -55.46
N VAL N 41 38.43 20.29 -55.52
CA VAL N 41 37.50 20.55 -56.61
C VAL N 41 37.90 21.86 -57.26
N ASP N 42 38.30 21.80 -58.52
CA ASP N 42 38.67 22.97 -59.31
C ASP N 42 37.63 23.32 -60.36
N GLY N 43 36.45 22.71 -60.30
CA GLY N 43 35.41 22.93 -61.29
C GLY N 43 35.43 21.86 -62.35
N GLU N 44 34.47 20.94 -62.29
CA GLU N 44 34.39 19.78 -63.18
C GLU N 44 35.63 18.91 -63.13
N SER N 45 36.48 19.12 -62.12
CA SER N 45 37.71 18.34 -61.96
C SER N 45 37.87 18.05 -60.48
N VAL N 46 37.66 16.80 -60.08
CA VAL N 46 37.67 16.39 -58.68
C VAL N 46 38.87 15.48 -58.46
N THR N 47 39.79 15.91 -57.61
CA THR N 47 40.96 15.12 -57.25
C THR N 47 40.64 14.30 -56.00
N SER N 48 40.76 12.98 -56.11
CA SER N 48 40.43 12.08 -55.01
C SER N 48 41.49 11.03 -54.71
N ASP N 49 42.42 10.75 -55.62
CA ASP N 49 43.41 9.71 -55.37
C ASP N 49 44.50 10.20 -54.42
N LYS N 50 45.07 9.25 -53.67
CA LYS N 50 46.09 9.59 -52.68
C LYS N 50 47.33 10.17 -53.33
N ASP N 51 47.77 9.56 -54.44
CA ASP N 51 49.01 9.98 -55.09
C ASP N 51 48.91 11.41 -55.60
N ALA N 52 47.73 11.81 -56.06
CA ALA N 52 47.54 13.18 -56.54
C ALA N 52 47.27 14.15 -55.41
N LEU N 53 46.67 13.69 -54.31
CA LEU N 53 46.42 14.58 -53.18
C LEU N 53 47.70 14.84 -52.39
N GLY N 54 48.68 13.94 -52.47
CA GLY N 54 49.96 14.20 -51.83
C GLY N 54 50.66 15.43 -52.40
N LYS N 55 50.48 15.68 -53.70
CA LYS N 55 51.08 16.86 -54.32
C LYS N 55 50.42 18.15 -53.83
N VAL N 56 49.10 18.11 -53.61
CA VAL N 56 48.37 19.33 -53.26
C VAL N 56 48.72 19.76 -51.85
N LYS N 57 49.03 21.05 -51.69
CA LYS N 57 49.29 21.65 -50.39
C LYS N 57 48.22 22.71 -50.13
N VAL N 58 47.52 22.57 -49.00
CA VAL N 58 46.64 23.61 -48.49
C VAL N 58 47.36 24.29 -47.33
N THR N 59 47.59 25.59 -47.48
CA THR N 59 48.35 26.38 -46.52
C THR N 59 47.47 27.46 -45.93
N ALA N 60 47.51 27.58 -44.61
CA ALA N 60 46.66 28.53 -43.90
C ALA N 60 47.49 29.25 -42.84
N GLU N 61 47.01 30.40 -42.39
CA GLU N 61 47.73 31.23 -41.44
C GLU N 61 46.96 31.32 -40.12
N VAL N 62 47.66 31.07 -39.02
CA VAL N 62 47.05 31.04 -37.69
C VAL N 62 46.69 32.46 -37.28
N LEU N 63 45.40 32.69 -37.04
CA LEU N 63 44.91 34.00 -36.66
C LEU N 63 44.96 34.23 -35.15
N GLY N 64 44.51 33.26 -34.37
CA GLY N 64 44.48 33.41 -32.93
C GLY N 64 43.75 32.26 -32.29
N GLU N 65 43.35 32.44 -31.04
CA GLU N 65 42.63 31.43 -30.27
C GLU N 65 41.25 31.95 -29.93
N THR N 66 40.23 31.18 -30.30
CA THR N 66 38.84 31.50 -30.02
C THR N 66 38.31 30.56 -28.93
N LYS N 67 37.08 30.81 -28.50
CA LYS N 67 36.43 30.00 -27.48
C LYS N 67 35.09 29.51 -27.99
N GLY N 68 34.76 28.26 -27.65
CA GLY N 68 33.43 27.75 -27.87
C GLY N 68 32.45 28.33 -26.89
N PRO N 69 31.18 27.96 -27.04
CA PRO N 69 30.16 28.47 -26.11
C PRO N 69 30.38 27.90 -24.72
N LYS N 70 29.95 28.66 -23.72
CA LYS N 70 30.03 28.18 -22.34
C LYS N 70 28.91 27.19 -22.09
N ILE N 71 29.28 25.99 -21.66
CA ILE N 71 28.35 24.89 -21.45
C ILE N 71 28.22 24.65 -19.95
N ARG N 72 26.98 24.68 -19.46
CA ARG N 72 26.64 24.32 -18.08
C ARG N 72 26.19 22.86 -18.08
N ILE N 73 26.90 22.01 -17.36
CA ILE N 73 26.47 20.64 -17.12
C ILE N 73 25.94 20.55 -15.70
N LEU N 74 24.74 19.99 -15.55
CA LEU N 74 24.19 19.72 -14.21
C LEU N 74 23.62 18.30 -14.26
N LYS N 75 24.45 17.33 -13.93
CA LYS N 75 24.03 15.95 -13.91
C LYS N 75 23.12 15.69 -12.73
N TYR N 76 21.96 15.08 -13.00
CA TYR N 76 20.90 14.99 -12.02
C TYR N 76 20.13 13.69 -12.19
N LYS N 77 19.75 13.09 -11.06
CA LYS N 77 18.87 11.93 -11.03
C LYS N 77 17.89 12.11 -9.89
N ASN N 78 16.61 11.84 -10.14
CA ASN N 78 15.60 12.13 -9.13
C ASN N 78 15.63 11.13 -7.99
N LYS N 79 15.11 11.56 -6.84
CA LYS N 79 14.94 10.73 -5.66
C LYS N 79 16.24 10.08 -5.20
N THR N 80 17.36 10.77 -5.38
CA THR N 80 18.65 10.30 -4.87
C THR N 80 19.36 11.40 -4.10
N GLY N 81 19.12 12.65 -4.47
CA GLY N 81 19.89 13.76 -3.96
C GLY N 81 21.11 14.09 -4.76
N TYR N 82 21.42 13.30 -5.78
CA TYR N 82 22.64 13.45 -6.55
C TYR N 82 22.54 14.61 -7.52
N LYS N 83 23.51 15.51 -7.46
CA LYS N 83 23.72 16.54 -8.47
C LYS N 83 25.21 16.68 -8.71
N LYS N 84 25.57 17.10 -9.91
CA LYS N 84 26.97 17.40 -10.20
C LYS N 84 27.03 18.57 -11.18
N ARG N 85 27.60 19.69 -10.73
CA ARG N 85 27.75 20.86 -11.57
C ARG N 85 29.12 20.88 -12.24
N GLN N 86 29.15 21.34 -13.49
CA GLN N 86 30.37 21.40 -14.29
C GLN N 86 30.22 22.47 -15.35
N GLY N 87 31.35 22.92 -15.89
CA GLY N 87 31.35 23.88 -16.97
C GLY N 87 32.33 23.49 -18.05
N HIS N 88 32.17 24.11 -19.22
CA HIS N 88 33.10 23.85 -20.31
C HIS N 88 33.15 25.05 -21.25
N ARG N 89 34.32 25.28 -21.86
CA ARG N 89 34.49 26.33 -22.87
C ARG N 89 35.00 25.82 -24.21
N GLN N 90 35.98 24.91 -24.24
CA GLN N 90 36.48 24.31 -25.48
C GLN N 90 37.07 25.37 -26.43
N LYS N 91 38.24 25.86 -26.06
CA LYS N 91 38.99 26.76 -26.92
C LYS N 91 39.38 26.11 -28.25
N TYR N 92 39.44 26.93 -29.30
CA TYR N 92 39.78 26.55 -30.67
C TYR N 92 40.88 27.47 -31.20
N THR N 93 41.38 27.15 -32.39
CA THR N 93 42.29 28.02 -33.13
C THR N 93 41.60 28.55 -34.37
N GLN N 94 41.53 29.87 -34.50
CA GLN N 94 41.06 30.46 -35.74
C GLN N 94 42.18 30.47 -36.77
N VAL N 95 41.82 30.25 -38.04
CA VAL N 95 42.79 30.02 -39.09
C VAL N 95 42.27 30.66 -40.37
N LYS N 96 43.18 31.21 -41.18
CA LYS N 96 42.81 31.76 -42.47
C LYS N 96 43.57 31.02 -43.56
N VAL N 97 42.84 30.43 -44.50
CA VAL N 97 43.44 29.67 -45.59
C VAL N 97 44.00 30.64 -46.61
N THR N 98 45.32 30.56 -46.85
CA THR N 98 46.00 31.47 -47.75
C THR N 98 46.36 30.84 -49.08
N GLY N 99 46.27 29.53 -49.23
CA GLY N 99 46.56 28.94 -50.52
C GLY N 99 46.18 27.48 -50.70
N ILE N 100 45.73 27.13 -51.90
CA ILE N 100 45.55 25.74 -52.30
C ILE N 100 46.36 25.57 -53.58
N GLU N 101 47.59 25.08 -53.45
CA GLU N 101 48.50 24.94 -54.58
C GLU N 101 48.64 23.47 -54.91
N GLY N 102 48.31 23.11 -56.15
CA GLY N 102 48.32 21.73 -56.59
C GLY N 102 49.68 21.04 -56.53
N MET O 1 21.43 59.31 -8.16
CA MET O 1 22.78 59.76 -8.50
C MET O 1 22.77 61.21 -8.99
N SER O 2 23.93 61.67 -9.44
CA SER O 2 24.11 63.06 -9.89
C SER O 2 23.82 63.19 -11.38
N LYS O 3 22.63 62.76 -11.77
CA LYS O 3 22.14 62.90 -13.14
C LYS O 3 20.91 63.80 -13.15
N THR O 4 20.64 64.39 -14.31
CA THR O 4 19.52 65.29 -14.48
C THR O 4 18.23 64.49 -14.66
N GLU O 5 17.12 65.23 -14.85
CA GLU O 5 15.78 64.69 -15.13
C GLU O 5 15.44 63.51 -14.20
N ARG O 6 15.25 63.85 -12.93
CA ARG O 6 14.68 62.91 -11.98
C ARG O 6 13.35 62.38 -12.51
N PRO O 7 13.05 61.10 -12.29
CA PRO O 7 11.84 60.51 -12.88
C PRO O 7 10.57 61.18 -12.37
N SER O 8 9.59 61.30 -13.25
CA SER O 8 8.33 61.95 -12.92
C SER O 8 7.22 61.26 -13.70
N ARG O 9 5.98 61.48 -13.25
CA ARG O 9 4.84 60.84 -13.89
C ARG O 9 4.62 61.38 -15.30
N ARG O 10 4.84 62.69 -15.50
CA ARG O 10 4.63 63.29 -16.81
C ARG O 10 5.61 62.73 -17.83
N ALA O 11 6.87 62.54 -17.44
CA ALA O 11 7.88 62.06 -18.37
C ALA O 11 7.62 60.61 -18.77
N ALA O 12 6.94 59.84 -17.92
CA ALA O 12 6.66 58.45 -18.23
C ALA O 12 5.33 58.27 -18.95
N LEU O 13 4.36 59.16 -18.70
CA LEU O 13 3.07 59.07 -19.35
C LEU O 13 3.00 59.86 -20.64
N LEU O 14 3.68 61.00 -20.71
CA LEU O 14 3.66 61.84 -21.91
C LEU O 14 5.04 62.01 -22.52
N GLY O 15 6.02 62.46 -21.75
CA GLY O 15 7.37 62.60 -22.25
C GLY O 15 7.54 63.67 -23.31
N ASP O 16 7.35 64.93 -22.92
CA ASP O 16 7.50 66.13 -23.75
C ASP O 16 6.42 66.24 -24.82
N ARG O 17 5.55 65.26 -24.96
CA ARG O 17 4.39 65.40 -25.83
C ARG O 17 3.34 66.27 -25.16
N PRO O 18 2.60 67.06 -25.95
CA PRO O 18 1.52 67.85 -25.36
C PRO O 18 0.42 66.97 -24.81
N GLY O 19 -0.23 67.46 -23.76
CA GLY O 19 -1.28 66.70 -23.10
C GLY O 19 -1.17 66.78 -21.60
N SER O 20 -1.98 66.02 -20.89
CA SER O 20 -1.96 66.04 -19.43
C SER O 20 -2.48 64.72 -18.91
N TYR O 21 -2.68 64.64 -17.59
CA TYR O 21 -3.10 63.40 -16.95
C TYR O 21 -3.72 63.71 -15.61
N ALA O 22 -4.35 62.69 -15.03
CA ALA O 22 -4.86 62.76 -13.67
C ALA O 22 -4.82 61.37 -13.06
N ILE O 23 -4.72 61.34 -11.73
CA ILE O 23 -4.75 60.11 -10.95
C ILE O 23 -5.74 60.30 -9.81
N ALA O 24 -6.64 59.33 -9.64
CA ALA O 24 -7.50 59.23 -8.47
C ALA O 24 -6.99 58.04 -7.66
N ARG O 25 -6.39 58.32 -6.52
CA ARG O 25 -5.79 57.29 -5.69
C ARG O 25 -6.73 56.87 -4.57
N HIS O 26 -6.64 55.61 -4.15
CA HIS O 26 -7.45 55.07 -3.02
C HIS O 26 -8.96 55.20 -3.29
N VAL O 27 -9.40 54.86 -4.50
CA VAL O 27 -10.84 54.84 -4.83
C VAL O 27 -11.40 53.56 -4.20
N ARG O 28 -12.37 53.66 -3.29
CA ARG O 28 -12.84 52.45 -2.55
C ARG O 28 -13.67 51.55 -3.47
N MET O 29 -13.05 51.09 -4.54
CA MET O 29 -13.71 50.15 -5.49
C MET O 29 -12.62 49.21 -5.95
N SER O 30 -12.97 47.98 -6.26
CA SER O 30 -12.03 46.97 -6.71
C SER O 30 -11.41 47.38 -8.05
N ALA O 31 -10.17 46.94 -8.27
CA ALA O 31 -9.48 47.28 -9.51
C ALA O 31 -10.12 46.60 -10.72
N SER O 32 -10.62 45.38 -10.55
CA SER O 32 -11.25 44.69 -11.68
C SER O 32 -12.54 45.37 -12.11
N LYS O 33 -13.36 45.80 -11.15
CA LYS O 33 -14.61 46.48 -11.48
C LYS O 33 -14.35 47.85 -12.10
N CYS O 34 -13.27 48.51 -11.69
CA CYS O 34 -12.88 49.76 -12.35
C CYS O 34 -12.34 49.50 -13.76
N ARG O 35 -11.62 48.38 -13.94
CA ARG O 35 -11.08 48.04 -15.25
C ARG O 35 -12.18 47.69 -16.23
N ARG O 36 -13.28 47.12 -15.75
CA ARG O 36 -14.41 46.81 -16.63
C ARG O 36 -14.93 48.05 -17.36
N VAL O 37 -14.72 49.24 -16.79
CA VAL O 37 -15.19 50.48 -17.38
C VAL O 37 -14.02 51.19 -18.06
N ILE O 38 -12.83 51.05 -17.49
CA ILE O 38 -11.64 51.69 -18.06
C ILE O 38 -11.33 51.10 -19.43
N ASN O 39 -11.58 49.81 -19.63
CA ASN O 39 -11.37 49.22 -20.95
C ASN O 39 -12.29 49.85 -21.99
N LEU O 40 -13.54 50.16 -21.59
CA LEU O 40 -14.42 50.89 -22.49
C LEU O 40 -13.88 52.27 -22.80
N VAL O 41 -13.36 52.96 -21.78
CA VAL O 41 -13.04 54.38 -21.93
C VAL O 41 -11.70 54.64 -22.62
N ARG O 42 -10.82 53.64 -22.71
CA ARG O 42 -9.46 53.87 -23.20
C ARG O 42 -9.46 54.05 -24.72
N GLY O 43 -8.78 55.10 -25.17
CA GLY O 43 -8.67 55.40 -26.58
C GLY O 43 -9.75 56.29 -27.14
N MET O 44 -10.80 56.56 -26.36
CA MET O 44 -11.93 57.34 -26.84
C MET O 44 -11.65 58.83 -26.74
N ASP O 45 -12.43 59.61 -27.48
CA ASP O 45 -12.44 61.06 -27.30
C ASP O 45 -12.96 61.39 -25.91
N ALA O 46 -12.37 62.41 -25.29
CA ALA O 46 -12.59 62.64 -23.87
C ALA O 46 -14.02 63.11 -23.58
N VAL O 47 -14.55 64.00 -24.42
CA VAL O 47 -15.91 64.50 -24.20
C VAL O 47 -16.93 63.39 -24.44
N ASP O 48 -16.73 62.60 -25.50
CA ASP O 48 -17.57 61.43 -25.72
C ASP O 48 -17.49 60.49 -24.53
N ALA O 49 -16.29 60.33 -23.97
CA ALA O 49 -16.11 59.43 -22.84
C ALA O 49 -16.89 59.91 -21.61
N VAL O 50 -16.82 61.21 -21.30
CA VAL O 50 -17.52 61.69 -20.12
C VAL O 50 -19.03 61.62 -20.31
N THR O 51 -19.51 61.97 -21.51
CA THR O 51 -20.95 61.88 -21.75
C THR O 51 -21.43 60.43 -21.68
N MET O 52 -20.65 59.49 -22.22
CA MET O 52 -21.04 58.09 -22.15
C MET O 52 -21.02 57.58 -20.72
N LEU O 53 -19.98 57.94 -19.95
CA LEU O 53 -19.91 57.51 -18.56
C LEU O 53 -21.02 58.11 -17.72
N LYS O 54 -21.59 59.24 -18.15
CA LYS O 54 -22.78 59.76 -17.48
C LYS O 54 -23.95 58.77 -17.56
N PHE O 55 -23.96 57.90 -18.57
CA PHE O 55 -25.05 56.94 -18.76
C PHE O 55 -24.67 55.50 -18.47
N GLN O 56 -23.40 55.21 -18.23
CA GLN O 56 -22.97 53.84 -17.96
C GLN O 56 -23.57 53.36 -16.65
N PRO O 57 -24.24 52.20 -16.64
CA PRO O 57 -24.89 51.73 -15.40
C PRO O 57 -23.94 51.40 -14.27
N GLN O 58 -22.68 51.09 -14.56
CA GLN O 58 -21.76 50.61 -13.54
C GLN O 58 -21.44 51.70 -12.52
N ALA O 59 -21.14 51.26 -11.29
CA ALA O 59 -20.81 52.20 -10.22
C ALA O 59 -19.45 52.85 -10.43
N ALA O 60 -18.52 52.17 -11.10
CA ALA O 60 -17.20 52.71 -11.36
C ALA O 60 -17.20 53.81 -12.41
N ALA O 61 -18.31 54.02 -13.11
CA ALA O 61 -18.37 55.08 -14.11
C ALA O 61 -18.29 56.47 -13.49
N GLU O 62 -18.75 56.64 -12.24
CA GLU O 62 -18.69 57.97 -11.64
C GLU O 62 -17.28 58.34 -11.20
N PRO O 63 -16.50 57.47 -10.55
CA PRO O 63 -15.09 57.82 -10.31
C PRO O 63 -14.32 58.12 -11.58
N ILE O 64 -14.33 57.19 -12.53
CA ILE O 64 -13.50 57.33 -13.74
C ILE O 64 -13.85 58.62 -14.48
N ARG O 65 -15.15 58.90 -14.64
CA ARG O 65 -15.57 60.14 -15.27
C ARG O 65 -14.87 61.34 -14.63
N LYS O 66 -14.92 61.43 -13.30
CA LYS O 66 -14.29 62.55 -12.62
C LYS O 66 -12.83 62.65 -12.99
N VAL O 67 -12.12 61.51 -12.97
CA VAL O 67 -10.71 61.53 -13.31
C VAL O 67 -10.52 62.12 -14.69
N ILE O 68 -11.30 61.64 -15.66
CA ILE O 68 -11.17 62.14 -17.02
C ILE O 68 -11.38 63.64 -17.02
N ALA O 69 -12.45 64.10 -16.37
CA ALA O 69 -12.72 65.53 -16.32
C ALA O 69 -11.53 66.27 -15.74
N SER O 70 -10.98 65.77 -14.63
CA SER O 70 -9.84 66.44 -14.02
C SER O 70 -8.69 66.51 -15.01
N ALA O 71 -8.39 65.40 -15.69
CA ALA O 71 -7.33 65.41 -16.67
C ALA O 71 -7.60 66.48 -17.72
N MET O 72 -8.83 66.52 -18.26
CA MET O 72 -9.17 67.53 -19.23
C MET O 72 -8.92 68.92 -18.67
N ALA O 73 -9.37 69.15 -17.43
CA ALA O 73 -9.19 70.46 -16.83
C ALA O 73 -7.72 70.81 -16.74
N ASN O 74 -6.89 69.82 -16.36
CA ASN O 74 -5.46 70.08 -16.29
C ASN O 74 -4.91 70.47 -17.65
N ALA O 75 -5.35 69.78 -18.70
CA ALA O 75 -4.87 70.11 -20.03
C ALA O 75 -5.36 71.48 -20.47
N GLU O 76 -6.45 71.96 -19.89
CA GLU O 76 -6.96 73.28 -20.25
C GLU O 76 -6.25 74.38 -19.47
N GLN O 77 -5.31 74.01 -18.60
CA GLN O 77 -4.71 74.99 -17.71
C GLN O 77 -3.19 75.04 -17.82
N THR O 78 -2.54 73.91 -18.11
CA THR O 78 -1.10 73.89 -18.29
C THR O 78 -0.68 73.87 -19.76
N GLU O 79 -1.59 73.50 -20.66
CA GLU O 79 -1.28 73.38 -22.08
C GLU O 79 -2.10 74.30 -22.97
N GLY O 80 -3.22 74.82 -22.49
CA GLY O 80 -4.08 75.63 -23.34
C GLY O 80 -4.93 74.85 -24.30
N LEU O 81 -4.93 73.52 -24.22
CA LEU O 81 -5.75 72.71 -25.09
C LEU O 81 -7.22 72.82 -24.69
N ARG O 82 -8.10 72.65 -25.68
CA ARG O 82 -9.53 72.66 -25.42
C ARG O 82 -10.01 71.25 -25.12
N ALA O 83 -11.18 71.15 -24.48
CA ALA O 83 -11.70 69.86 -24.08
C ALA O 83 -12.16 69.02 -25.29
N ASP O 84 -12.67 69.68 -26.33
CA ASP O 84 -13.26 68.95 -27.45
C ASP O 84 -12.23 68.39 -28.43
N ASP O 85 -10.97 68.82 -28.35
CA ASP O 85 -9.92 68.26 -29.20
C ASP O 85 -8.93 67.44 -28.38
N LEU O 86 -9.40 66.82 -27.30
CA LEU O 86 -8.61 65.90 -26.50
C LEU O 86 -9.17 64.49 -26.66
N TYR O 87 -8.28 63.50 -26.61
CA TYR O 87 -8.68 62.11 -26.59
C TYR O 87 -7.94 61.40 -25.47
N ILE O 88 -8.58 60.36 -24.92
CA ILE O 88 -8.02 59.61 -23.81
C ILE O 88 -6.92 58.70 -24.37
N SER O 89 -5.67 59.15 -24.28
CA SER O 89 -4.57 58.41 -24.88
C SER O 89 -4.26 57.14 -24.10
N GLN O 90 -4.19 57.23 -22.77
CA GLN O 90 -3.91 56.07 -21.94
C GLN O 90 -4.86 56.05 -20.75
N ALA O 91 -5.13 54.85 -20.25
CA ALA O 91 -5.99 54.69 -19.10
C ALA O 91 -5.67 53.36 -18.45
N PHE O 92 -5.42 53.36 -17.15
CA PHE O 92 -5.16 52.10 -16.47
C PHE O 92 -5.60 52.19 -15.01
N VAL O 93 -5.74 51.02 -14.40
CA VAL O 93 -6.15 50.88 -13.01
C VAL O 93 -5.13 49.99 -12.30
N ASP O 94 -4.59 50.48 -11.20
CA ASP O 94 -3.72 49.73 -10.31
C ASP O 94 -4.44 49.47 -9.01
N GLU O 95 -3.88 48.55 -8.21
CA GLU O 95 -4.48 48.20 -6.94
C GLU O 95 -4.01 49.14 -5.84
N GLY O 96 -4.91 49.46 -4.91
CA GLY O 96 -4.59 50.24 -3.74
C GLY O 96 -4.51 49.39 -2.49
N ILE O 97 -4.66 50.04 -1.34
CA ILE O 97 -4.67 49.33 -0.07
C ILE O 97 -5.92 48.49 0.04
N THR O 98 -5.77 47.23 0.44
CA THR O 98 -6.89 46.32 0.65
C THR O 98 -7.06 46.07 2.14
N MET O 99 -8.19 46.53 2.68
CA MET O 99 -8.51 46.31 4.08
C MET O 99 -8.96 44.88 4.31
N ARG O 100 -8.61 44.35 5.49
CA ARG O 100 -9.01 43.01 5.88
C ARG O 100 -10.20 43.10 6.83
N ARG O 101 -11.21 42.26 6.61
CA ARG O 101 -12.39 42.21 7.45
C ARG O 101 -12.79 40.76 7.65
N ILE O 102 -13.67 40.54 8.62
CA ILE O 102 -14.11 39.19 8.99
C ILE O 102 -15.62 39.12 8.88
N ARG O 103 -16.11 38.10 8.17
CA ARG O 103 -17.54 37.83 8.12
C ARG O 103 -17.82 36.53 8.86
N PRO O 104 -18.64 36.54 9.91
CA PRO O 104 -18.85 35.31 10.69
C PRO O 104 -19.71 34.31 9.92
N ARG O 105 -19.22 33.08 9.84
CA ARG O 105 -19.89 31.99 9.17
C ARG O 105 -20.50 31.04 10.19
N ALA O 106 -21.05 29.94 9.69
CA ALA O 106 -21.69 28.96 10.55
C ALA O 106 -20.66 28.18 11.35
N LYS O 107 -21.10 27.68 12.50
CA LYS O 107 -20.32 26.75 13.33
C LYS O 107 -19.05 27.41 13.88
N GLY O 108 -19.16 28.66 14.30
CA GLY O 108 -18.05 29.35 14.91
C GLY O 108 -16.94 29.75 13.97
N SER O 109 -17.13 29.59 12.66
CA SER O 109 -16.11 29.91 11.68
C SER O 109 -16.24 31.36 11.23
N ALA O 110 -15.11 31.94 10.86
CA ALA O 110 -15.06 33.29 10.32
C ALA O 110 -14.33 33.26 8.98
N SER O 111 -14.96 33.78 7.95
CA SER O 111 -14.35 33.85 6.64
C SER O 111 -13.77 35.24 6.40
N ARG O 112 -12.78 35.32 5.53
CA ARG O 112 -12.08 36.56 5.30
C ARG O 112 -12.74 37.36 4.18
N ILE O 113 -12.90 38.65 4.40
CA ILE O 113 -13.45 39.57 3.42
C ILE O 113 -12.37 40.59 3.09
N LEU O 114 -12.11 40.78 1.81
CA LEU O 114 -11.11 41.74 1.35
C LEU O 114 -11.81 42.95 0.76
N LYS O 115 -11.57 44.12 1.35
CA LYS O 115 -12.10 45.38 0.83
C LYS O 115 -11.01 46.03 0.00
N ARG O 116 -11.09 45.87 -1.32
CA ARG O 116 -10.05 46.32 -2.22
C ARG O 116 -10.24 47.78 -2.62
N SER O 117 -9.14 48.40 -3.06
CA SER O 117 -9.13 49.77 -3.55
C SER O 117 -8.42 49.82 -4.89
N ALA O 118 -8.42 50.99 -5.50
CA ALA O 118 -7.84 51.14 -6.83
C ALA O 118 -7.32 52.56 -7.02
N HIS O 119 -6.23 52.67 -7.78
CA HIS O 119 -5.74 53.93 -8.32
C HIS O 119 -6.05 53.97 -9.81
N ILE O 120 -6.73 55.02 -10.25
CA ILE O 120 -7.14 55.15 -11.64
C ILE O 120 -6.32 56.28 -12.26
N THR O 121 -5.60 55.97 -13.34
CA THR O 121 -4.79 56.95 -14.04
C THR O 121 -5.31 57.12 -15.46
N VAL O 122 -5.52 58.37 -15.86
CA VAL O 122 -6.00 58.71 -17.20
C VAL O 122 -5.09 59.78 -17.79
N VAL O 123 -4.60 59.53 -19.00
CA VAL O 123 -3.72 60.44 -19.72
C VAL O 123 -4.41 60.86 -21.01
N VAL O 124 -4.59 62.17 -21.18
CA VAL O 124 -5.28 62.75 -22.32
C VAL O 124 -4.29 63.54 -23.18
N GLU O 125 -4.50 63.50 -24.48
CA GLU O 125 -3.67 64.17 -25.47
C GLU O 125 -4.57 64.76 -26.56
N PRO O 126 -4.05 65.72 -27.34
CA PRO O 126 -4.81 66.19 -28.50
C PRO O 126 -5.02 65.10 -29.53
N LYS O 127 -6.14 65.22 -30.27
CA LYS O 127 -6.49 64.20 -31.25
C LYS O 127 -5.47 64.08 -32.37
N GLU O 128 -4.69 65.12 -32.63
CA GLU O 128 -3.67 65.06 -33.67
C GLU O 128 -2.55 64.08 -33.35
N ALA O 129 -2.44 63.65 -32.09
CA ALA O 129 -1.42 62.70 -31.68
C ALA O 129 -1.85 61.26 -31.82
N ARG O 130 -3.07 61.00 -32.30
CA ARG O 130 -3.57 59.63 -32.35
C ARG O 130 -2.82 58.80 -33.39
N GLN O 131 -2.47 59.40 -34.53
CA GLN O 131 -1.77 58.68 -35.58
C GLN O 131 -0.26 58.96 -35.59
N ALA O 132 0.17 60.09 -35.04
CA ALA O 132 1.58 60.43 -35.03
C ALA O 132 2.40 59.45 -34.21
N GLU P 3 -6.34 71.89 65.78
CA GLU P 3 -6.18 71.01 64.62
C GLU P 3 -6.04 71.81 63.33
N LEU P 4 -5.10 71.39 62.48
CA LEU P 4 -4.83 72.06 61.23
C LEU P 4 -6.00 71.88 60.26
N LYS P 5 -5.88 72.48 59.08
CA LYS P 5 -6.81 72.31 57.97
C LYS P 5 -8.24 72.73 58.36
N ILE P 6 -8.38 74.04 58.55
CA ILE P 6 -9.70 74.66 58.62
C ILE P 6 -10.56 74.16 57.48
N ARG P 7 -11.80 73.79 57.79
CA ARG P 7 -12.76 73.35 56.79
C ARG P 7 -13.70 74.51 56.48
N ASP P 8 -13.96 74.73 55.20
CA ASP P 8 -14.76 75.84 54.74
C ASP P 8 -16.00 75.36 54.01
N PRO P 9 -17.13 76.05 54.14
CA PRO P 9 -18.28 75.73 53.30
C PRO P 9 -17.97 75.79 51.82
N ARG P 10 -17.06 76.66 51.42
CA ARG P 10 -16.69 76.82 50.01
C ARG P 10 -15.87 75.66 49.48
N ASP P 11 -15.42 74.74 50.34
CA ASP P 11 -14.82 73.50 49.87
C ASP P 11 -15.87 72.56 49.27
N ILE P 12 -17.14 72.77 49.59
CA ILE P 12 -18.19 71.82 49.21
C ILE P 12 -18.89 72.24 47.93
N ILE P 13 -19.00 73.53 47.67
CA ILE P 13 -19.61 74.04 46.44
C ILE P 13 -18.47 74.35 45.48
N LEU P 14 -18.25 73.48 44.49
CA LEU P 14 -17.12 73.67 43.59
C LEU P 14 -17.42 74.73 42.54
N ALA P 15 -18.42 74.50 41.70
CA ALA P 15 -18.70 75.39 40.58
C ALA P 15 -20.19 75.36 40.29
N PRO P 16 -20.73 76.41 39.68
CA PRO P 16 -22.10 76.35 39.17
C PRO P 16 -22.16 75.57 37.86
N VAL P 17 -23.35 75.10 37.54
CA VAL P 17 -23.62 74.44 36.28
C VAL P 17 -24.39 75.42 35.41
N VAL P 18 -23.81 75.79 34.26
CA VAL P 18 -24.40 76.78 33.38
C VAL P 18 -24.74 76.08 32.06
N SER P 19 -26.03 75.95 31.79
CA SER P 19 -26.51 75.31 30.57
C SER P 19 -27.95 75.75 30.36
N GLU P 20 -28.57 75.25 29.29
CA GLU P 20 -29.94 75.62 28.99
C GLU P 20 -30.90 75.14 30.07
N LYS P 21 -30.71 73.91 30.57
CA LYS P 21 -31.57 73.41 31.63
C LYS P 21 -31.37 74.19 32.92
N SER P 22 -30.12 74.51 33.27
CA SER P 22 -29.87 75.31 34.46
C SER P 22 -30.44 76.72 34.32
N TYR P 23 -30.28 77.34 33.15
CA TYR P 23 -30.82 78.68 32.96
C TYR P 23 -32.35 78.68 32.99
N GLY P 24 -32.98 77.61 32.49
CA GLY P 24 -34.42 77.50 32.62
C GLY P 24 -34.86 77.21 34.04
N LEU P 25 -34.00 76.58 34.84
CA LEU P 25 -34.31 76.37 36.25
C LEU P 25 -34.15 77.66 37.04
N LEU P 26 -33.22 78.53 36.65
CA LEU P 26 -33.03 79.79 37.34
C LEU P 26 -34.29 80.65 37.32
N ASP P 27 -35.19 80.43 36.36
CA ASP P 27 -36.46 81.14 36.37
C ASP P 27 -37.31 80.76 37.58
N GLN P 28 -37.20 79.53 38.10
CA GLN P 28 -37.94 79.11 39.28
C GLN P 28 -37.06 79.09 40.53
N ASN P 29 -36.07 79.99 40.61
CA ASN P 29 -35.24 80.11 41.81
C ASN P 29 -34.56 78.80 42.17
N THR P 30 -33.94 78.15 41.19
CA THR P 30 -33.32 76.85 41.40
C THR P 30 -31.95 76.83 40.76
N TYR P 31 -30.92 76.52 41.54
CA TYR P 31 -29.53 76.65 41.14
C TYR P 31 -28.83 75.31 41.15
N THR P 32 -28.13 74.99 40.07
CA THR P 32 -27.41 73.72 39.97
C THR P 32 -25.93 73.94 40.20
N PHE P 33 -25.37 73.21 41.16
CA PHE P 33 -23.96 73.32 41.50
C PHE P 33 -23.31 71.95 41.37
N VAL P 34 -22.02 71.96 41.05
CA VAL P 34 -21.17 70.79 41.26
C VAL P 34 -20.72 70.83 42.71
N VAL P 35 -20.84 69.70 43.40
CA VAL P 35 -20.47 69.64 44.81
C VAL P 35 -19.47 68.51 45.02
N LYS P 36 -18.83 68.53 46.18
CA LYS P 36 -17.95 67.45 46.56
C LYS P 36 -18.75 66.15 46.60
N PRO P 37 -18.28 65.08 45.97
CA PRO P 37 -19.10 63.87 45.85
C PRO P 37 -19.46 63.23 47.17
N THR P 38 -18.80 63.59 48.26
CA THR P 38 -19.03 63.00 49.57
C THR P 38 -19.90 63.85 50.48
N ALA P 39 -20.56 64.86 49.94
CA ALA P 39 -21.36 65.79 50.74
C ALA P 39 -22.85 65.45 50.61
N ASN P 40 -23.54 65.38 51.74
CA ASN P 40 -24.95 65.05 51.77
C ASN P 40 -25.82 66.29 51.59
N LYS P 41 -27.12 66.07 51.47
CA LYS P 41 -28.05 67.16 51.21
C LYS P 41 -28.08 68.17 52.35
N THR P 42 -28.00 67.69 53.59
CA THR P 42 -28.04 68.60 54.74
C THR P 42 -26.76 69.43 54.82
N GLU P 43 -25.61 68.80 54.60
CA GLU P 43 -24.35 69.52 54.56
C GLU P 43 -24.35 70.57 53.47
N ILE P 44 -24.84 70.21 52.28
CA ILE P 44 -24.91 71.15 51.16
C ILE P 44 -25.85 72.29 51.48
N LYS P 45 -27.00 71.99 52.10
CA LYS P 45 -27.96 73.03 52.47
C LYS P 45 -27.34 74.03 53.43
N ILE P 46 -26.70 73.53 54.49
CA ILE P 46 -26.07 74.40 55.48
C ILE P 46 -24.96 75.22 54.84
N ALA P 47 -24.14 74.60 53.98
CA ALA P 47 -23.04 75.30 53.34
C ALA P 47 -23.54 76.40 52.41
N ILE P 48 -24.62 76.12 51.65
CA ILE P 48 -25.18 77.14 50.76
C ILE P 48 -25.74 78.30 51.57
N GLU P 49 -26.42 78.00 52.68
CA GLU P 49 -26.92 79.07 53.54
C GLU P 49 -25.79 79.91 54.11
N GLN P 50 -24.70 79.26 54.54
CA GLN P 50 -23.55 79.99 55.07
C GLN P 50 -22.90 80.86 54.01
N ILE P 51 -22.71 80.33 52.80
CA ILE P 51 -21.98 81.05 51.77
C ILE P 51 -22.80 82.21 51.22
N PHE P 52 -24.06 81.96 50.87
CA PHE P 52 -24.84 82.92 50.09
C PHE P 52 -25.84 83.71 50.91
N GLY P 53 -25.98 83.41 52.21
CA GLY P 53 -26.89 84.16 53.06
C GLY P 53 -28.33 84.09 52.56
N VAL P 54 -28.78 82.91 52.21
CA VAL P 54 -30.06 82.69 51.57
C VAL P 54 -30.78 81.54 52.25
N LYS P 55 -32.09 81.69 52.44
CA LYS P 55 -32.90 80.60 52.96
C LYS P 55 -33.14 79.58 51.85
N VAL P 56 -32.82 78.32 52.14
CA VAL P 56 -32.91 77.23 51.17
C VAL P 56 -34.11 76.37 51.52
N THR P 57 -35.04 76.22 50.58
CA THR P 57 -36.19 75.36 50.81
C THR P 57 -35.92 73.90 50.45
N SER P 58 -34.99 73.63 49.54
CA SER P 58 -34.75 72.24 49.18
C SER P 58 -33.37 72.08 48.59
N VAL P 59 -32.78 70.90 48.79
CA VAL P 59 -31.57 70.48 48.09
C VAL P 59 -31.79 69.06 47.60
N ASN P 60 -31.73 68.87 46.29
CA ASN P 60 -31.79 67.56 45.66
C ASN P 60 -30.40 67.23 45.14
N THR P 61 -30.08 65.95 45.02
CA THR P 61 -28.77 65.55 44.52
C THR P 61 -28.89 64.47 43.46
N MET P 62 -27.92 64.45 42.55
CA MET P 62 -27.76 63.35 41.61
C MET P 62 -26.29 63.10 41.39
N ASN P 63 -25.97 61.89 40.97
CA ASN P 63 -24.61 61.50 40.61
C ASN P 63 -24.56 61.29 39.10
N ARG P 64 -23.71 62.05 38.43
CA ARG P 64 -23.55 61.99 36.98
C ARG P 64 -22.25 61.26 36.68
N LYS P 65 -22.36 60.09 36.06
CA LYS P 65 -21.19 59.32 35.67
C LYS P 65 -20.42 60.04 34.57
N GLY P 66 -19.09 59.90 34.61
CA GLY P 66 -18.26 60.57 33.63
C GLY P 66 -18.21 59.81 32.31
N LYS P 67 -18.19 60.58 31.22
CA LYS P 67 -18.21 59.98 29.89
C LYS P 67 -16.92 59.22 29.61
N VAL P 68 -17.05 58.15 28.84
CA VAL P 68 -15.95 57.28 28.45
C VAL P 68 -15.74 57.42 26.96
N ARG P 69 -14.49 57.69 26.55
CA ARG P 69 -14.18 57.90 25.14
C ARG P 69 -12.94 57.10 24.77
N ARG P 70 -12.98 56.44 23.62
CA ARG P 70 -11.81 55.72 23.13
C ARG P 70 -10.97 56.66 22.27
N THR P 71 -9.72 56.87 22.69
CA THR P 71 -8.76 57.67 21.95
C THR P 71 -7.50 56.84 21.71
N ARG P 72 -6.50 57.43 21.07
CA ARG P 72 -5.16 56.87 21.21
C ARG P 72 -4.80 56.84 22.68
N THR P 73 -3.93 55.90 23.05
CA THR P 73 -3.67 55.46 24.42
C THR P 73 -4.88 54.76 25.04
N GLY P 74 -5.89 54.44 24.25
CA GLY P 74 -6.97 53.58 24.71
C GLY P 74 -8.19 54.27 25.27
N VAL P 75 -8.85 53.63 26.23
CA VAL P 75 -10.07 54.17 26.81
C VAL P 75 -9.71 55.21 27.87
N GLY P 76 -10.24 56.42 27.71
CA GLY P 76 -10.07 57.49 28.67
C GLY P 76 -11.41 57.80 29.32
N LYS P 77 -11.35 58.16 30.60
CA LYS P 77 -12.54 58.27 31.43
C LYS P 77 -12.56 59.65 32.08
N ARG P 78 -13.65 60.38 31.88
CA ARG P 78 -13.82 61.65 32.56
C ARG P 78 -14.38 61.44 33.96
N PRO P 79 -14.09 62.35 34.89
CA PRO P 79 -14.47 62.13 36.30
C PRO P 79 -15.97 62.10 36.50
N ASP P 80 -16.39 61.31 37.50
CA ASP P 80 -17.77 61.31 37.95
C ASP P 80 -18.00 62.50 38.87
N THR P 81 -19.16 63.12 38.74
CA THR P 81 -19.46 64.31 39.52
C THR P 81 -20.77 64.13 40.28
N LYS P 82 -20.92 64.88 41.37
CA LYS P 82 -22.19 65.01 42.06
C LYS P 82 -22.73 66.40 41.88
N ARG P 83 -24.02 66.49 41.53
CA ARG P 83 -24.67 67.78 41.29
C ARG P 83 -25.78 67.97 42.31
N ALA P 84 -25.79 69.16 42.92
CA ALA P 84 -26.80 69.55 43.88
C ALA P 84 -27.69 70.62 43.25
N ILE P 85 -28.99 70.36 43.25
CA ILE P 85 -29.98 71.27 42.71
C ILE P 85 -30.67 71.92 43.91
N VAL P 86 -30.47 73.21 44.08
CA VAL P 86 -30.85 73.94 45.29
C VAL P 86 -32.03 74.84 44.96
N THR P 87 -33.18 74.55 45.59
CA THR P 87 -34.36 75.39 45.47
C THR P 87 -34.40 76.37 46.63
N VAL P 88 -34.54 77.64 46.30
CA VAL P 88 -34.34 78.76 47.20
C VAL P 88 -35.69 79.41 47.49
N ALA P 89 -35.77 80.11 48.62
CA ALA P 89 -36.99 80.77 49.06
C ALA P 89 -37.51 81.74 47.98
N GLU P 90 -38.73 82.25 48.22
CA GLU P 90 -39.50 82.93 47.19
C GLU P 90 -38.71 84.07 46.55
N GLY P 91 -38.42 85.13 47.31
CA GLY P 91 -37.39 86.04 46.85
C GLY P 91 -36.15 86.02 47.72
N ASP P 92 -35.13 85.27 47.34
CA ASP P 92 -33.84 85.37 48.00
C ASP P 92 -32.70 85.60 47.01
N ARG P 93 -32.67 84.80 45.94
CA ARG P 93 -31.73 84.94 44.83
C ARG P 93 -30.29 84.57 45.19
N ILE P 94 -29.58 83.96 44.25
CA ILE P 94 -28.16 83.68 44.36
C ILE P 94 -27.47 84.31 43.16
N ASP P 95 -26.42 85.08 43.41
CA ASP P 95 -25.65 85.72 42.35
C ASP P 95 -24.43 84.85 42.04
N ILE P 96 -24.53 84.09 40.94
CA ILE P 96 -23.42 83.23 40.52
C ILE P 96 -22.50 83.90 39.51
N PHE P 97 -22.89 85.05 38.98
CA PHE P 97 -22.12 85.76 37.95
C PHE P 97 -21.90 84.87 36.72
N MET Q 1 20.83 69.64 36.66
CA MET Q 1 21.28 70.15 35.37
C MET Q 1 21.70 71.60 35.46
N LYS Q 2 22.65 72.00 34.61
CA LYS Q 2 23.19 73.35 34.59
C LYS Q 2 22.89 73.99 33.25
N SER Q 3 23.47 75.16 33.01
CA SER Q 3 23.17 75.94 31.82
C SER Q 3 24.27 75.80 30.78
N LEU Q 4 24.15 76.58 29.71
CA LEU Q 4 25.15 76.64 28.66
C LEU Q 4 26.04 77.86 28.85
N LYS Q 5 27.12 77.90 28.09
CA LYS Q 5 28.06 79.01 28.13
C LYS Q 5 27.60 80.19 27.28
N ILE Q 6 26.54 80.02 26.49
CA ILE Q 6 25.94 81.08 25.71
C ILE Q 6 24.64 81.47 26.39
N LYS Q 7 24.47 82.75 26.70
CA LYS Q 7 23.28 83.26 27.33
C LYS Q 7 22.56 84.23 26.40
N LYS Q 8 21.31 84.54 26.75
CA LYS Q 8 20.57 85.54 26.02
C LYS Q 8 21.26 86.90 26.11
N GLY Q 9 21.30 87.61 24.98
CA GLY Q 9 21.95 88.90 24.92
C GLY Q 9 23.42 88.86 24.56
N ASP Q 10 24.01 87.69 24.40
CA ASP Q 10 25.40 87.58 23.99
C ASP Q 10 25.54 87.88 22.51
N ARG Q 11 26.71 88.39 22.13
CA ARG Q 11 27.04 88.65 20.73
C ARG Q 11 27.91 87.49 20.25
N VAL Q 12 27.38 86.70 19.32
CA VAL Q 12 28.04 85.49 18.87
C VAL Q 12 28.28 85.58 17.36
N LYS Q 13 29.22 84.78 16.90
CA LYS Q 13 29.51 84.60 15.48
C LYS Q 13 29.23 83.15 15.11
N VAL Q 14 28.48 82.96 14.04
CA VAL Q 14 28.15 81.61 13.59
C VAL Q 14 29.37 80.99 12.92
N ILE Q 15 29.72 79.78 13.36
CA ILE Q 15 30.90 79.09 12.85
C ILE Q 15 30.53 77.84 12.06
N ALA Q 16 29.25 77.64 11.78
CA ALA Q 16 28.81 76.48 11.01
C ALA Q 16 27.38 76.71 10.53
N GLY Q 17 27.13 76.35 9.27
CA GLY Q 17 25.81 76.42 8.70
C GLY Q 17 25.76 77.32 7.48
N ASN Q 18 24.54 77.53 7.00
CA ASN Q 18 24.32 78.38 5.84
C ASN Q 18 24.79 79.81 6.09
N ASP Q 19 24.73 80.26 7.34
CA ASP Q 19 25.06 81.63 7.70
C ASP Q 19 26.35 81.69 8.50
N LYS Q 20 27.31 80.86 8.11
CA LYS Q 20 28.65 80.90 8.68
C LYS Q 20 29.27 82.27 8.46
N GLY Q 21 29.89 82.82 9.51
CA GLY Q 21 30.49 84.13 9.47
C GLY Q 21 29.57 85.26 9.86
N ALA Q 22 28.28 85.00 10.08
CA ALA Q 22 27.36 86.02 10.52
C ALA Q 22 27.54 86.28 12.02
N ILE Q 23 27.27 87.51 12.42
CA ILE Q 23 27.39 87.93 13.82
C ILE Q 23 26.03 88.46 14.27
N GLY Q 24 25.60 88.03 15.44
CA GLY Q 24 24.30 88.47 15.93
C GLY Q 24 24.15 88.32 17.42
N GLU Q 25 23.16 89.02 17.95
CA GLU Q 25 22.81 88.94 19.36
C GLU Q 25 21.93 87.71 19.60
N VAL Q 26 22.24 86.97 20.66
CA VAL Q 26 21.43 85.80 21.01
C VAL Q 26 20.09 86.28 21.55
N LEU Q 27 19.01 85.92 20.84
CA LEU Q 27 17.68 86.40 21.18
C LEU Q 27 17.00 85.50 22.21
N SER Q 28 17.20 84.19 22.12
CA SER Q 28 16.62 83.27 23.09
C SER Q 28 17.42 81.98 23.07
N VAL Q 29 17.42 81.29 24.22
CA VAL Q 29 18.19 80.07 24.40
C VAL Q 29 17.25 78.95 24.81
N ASP Q 30 17.59 77.72 24.38
CA ASP Q 30 16.83 76.51 24.70
C ASP Q 30 17.80 75.54 25.36
N PRO Q 31 18.02 75.67 26.67
CA PRO Q 31 19.08 74.88 27.32
C PRO Q 31 18.87 73.38 27.23
N ALA Q 32 17.61 72.92 27.22
CA ALA Q 32 17.36 71.48 27.22
C ALA Q 32 17.86 70.83 25.94
N ARG Q 33 17.52 71.41 24.79
CA ARG Q 33 17.86 70.83 23.50
C ARG Q 33 19.10 71.45 22.87
N GLU Q 34 19.84 72.28 23.61
CA GLU Q 34 21.15 72.80 23.14
C GLU Q 34 21.00 73.50 21.79
N ARG Q 35 19.99 74.36 21.66
CA ARG Q 35 19.78 75.13 20.41
C ARG Q 35 19.49 76.58 20.79
N VAL Q 36 20.06 77.51 20.03
CA VAL Q 36 19.89 78.96 20.36
C VAL Q 36 19.30 79.67 19.14
N VAL Q 37 18.61 80.78 19.36
CA VAL Q 37 18.12 81.62 18.24
C VAL Q 37 19.05 82.83 18.17
N VAL Q 38 19.69 83.06 17.03
CA VAL Q 38 20.63 84.15 16.81
C VAL Q 38 20.00 85.16 15.88
N GLU Q 39 20.13 86.44 16.20
CA GLU Q 39 19.41 87.48 15.50
C GLU Q 39 19.83 87.52 14.04
N GLY Q 40 18.84 87.51 13.14
CA GLY Q 40 19.09 87.67 11.72
C GLY Q 40 19.87 86.55 11.08
N VAL Q 41 19.76 85.32 11.59
CA VAL Q 41 20.54 84.25 11.01
C VAL Q 41 19.63 83.27 10.28
N ASN Q 42 18.79 82.54 11.01
CA ASN Q 42 18.06 81.42 10.42
C ASN Q 42 16.64 81.87 10.15
N ILE Q 43 16.47 82.59 9.04
CA ILE Q 43 15.21 83.21 8.67
C ILE Q 43 14.36 82.19 7.92
N ARG Q 44 13.35 81.65 8.60
CA ARG Q 44 12.42 80.68 8.02
C ARG Q 44 11.01 81.08 8.43
N LYS Q 45 10.06 80.18 8.25
CA LYS Q 45 8.66 80.44 8.60
C LYS Q 45 8.32 79.82 9.95
N HIS Q 46 7.20 80.28 10.51
CA HIS Q 46 6.68 79.79 11.77
C HIS Q 46 5.26 79.25 11.55
N HIS Q 47 4.75 78.55 12.55
CA HIS Q 47 3.38 78.05 12.54
C HIS Q 47 3.04 77.23 11.28
N GLY Q 62 -0.86 84.94 6.15
CA GLY Q 62 -1.03 85.43 7.50
C GLY Q 62 -0.20 84.67 8.51
N ILE Q 63 1.09 84.53 8.21
CA ILE Q 63 2.00 83.75 9.04
C ILE Q 63 3.31 84.52 9.17
N ILE Q 64 3.83 84.56 10.40
CA ILE Q 64 5.03 85.33 10.71
C ILE Q 64 6.26 84.58 10.24
N SER Q 65 7.13 85.27 9.50
CA SER Q 65 8.43 84.73 9.10
C SER Q 65 9.47 85.27 10.07
N SER Q 66 10.19 84.37 10.74
CA SER Q 66 11.03 84.75 11.87
C SER Q 66 12.28 83.87 11.89
N GLU Q 67 13.11 84.07 12.91
CA GLU Q 67 14.37 83.35 13.05
C GLU Q 67 14.13 81.92 13.52
N ALA Q 68 15.04 81.03 13.14
CA ALA Q 68 15.01 79.64 13.54
C ALA Q 68 16.19 79.29 14.43
N PRO Q 69 16.05 78.29 15.30
CA PRO Q 69 17.15 77.96 16.23
C PRO Q 69 18.20 77.06 15.60
N ILE Q 70 19.46 77.39 15.81
CA ILE Q 70 20.57 76.53 15.44
C ILE Q 70 21.19 75.97 16.71
N HIS Q 71 22.06 74.97 16.53
CA HIS Q 71 22.72 74.35 17.66
C HIS Q 71 23.65 75.34 18.36
N VAL Q 72 23.72 75.23 19.68
CA VAL Q 72 24.55 76.15 20.46
C VAL Q 72 26.03 75.95 20.17
N SER Q 73 26.42 74.77 19.67
CA SER Q 73 27.80 74.48 19.32
C SER Q 73 28.19 75.07 17.96
N ASN Q 74 27.25 75.61 17.20
CA ASN Q 74 27.54 76.23 15.93
C ASN Q 74 27.86 77.71 16.04
N VAL Q 75 27.77 78.28 17.24
CA VAL Q 75 28.09 79.68 17.47
C VAL Q 75 29.24 79.76 18.45
N GLN Q 76 29.98 80.87 18.37
CA GLN Q 76 31.07 81.11 19.30
C GLN Q 76 31.06 82.57 19.71
N LEU Q 77 31.31 82.84 20.99
CA LEU Q 77 31.37 84.21 21.45
C LEU Q 77 32.49 84.95 20.74
N VAL Q 78 32.25 86.22 20.44
CA VAL Q 78 33.13 87.03 19.59
C VAL Q 78 33.56 88.26 20.36
N THR Q 79 34.81 88.68 20.13
CA THR Q 79 35.37 89.85 20.79
C THR Q 79 36.21 90.63 19.80
N LYS Q 80 36.32 91.94 20.04
CA LYS Q 80 37.05 92.85 19.16
C LYS Q 80 38.41 93.13 19.78
N ILE Q 81 39.47 92.61 19.16
CA ILE Q 81 40.80 92.73 19.73
C ILE Q 81 41.53 93.93 19.12
N ASP Q 82 41.74 93.91 17.81
CA ASP Q 82 42.49 94.95 17.10
C ASP Q 82 41.74 95.39 15.86
N GLY Q 83 40.45 95.70 16.03
CA GLY Q 83 39.62 96.16 14.94
C GLY Q 83 38.88 95.08 14.19
N LYS Q 84 39.05 93.82 14.56
CA LYS Q 84 38.36 92.71 13.92
C LYS Q 84 37.65 91.87 14.96
N ASP Q 85 36.56 91.23 14.53
CA ASP Q 85 35.82 90.31 15.38
C ASP Q 85 36.47 88.94 15.30
N VAL Q 86 36.93 88.43 16.45
CA VAL Q 86 37.59 87.14 16.53
C VAL Q 86 36.85 86.29 17.56
N VAL Q 87 36.68 85.01 17.24
CA VAL Q 87 35.88 84.11 18.06
C VAL Q 87 36.75 83.51 19.15
N THR Q 88 36.20 83.47 20.37
CA THR Q 88 36.94 83.05 21.54
C THR Q 88 36.16 81.99 22.30
N ARG Q 89 36.89 81.18 23.05
CA ARG Q 89 36.27 80.31 24.04
C ARG Q 89 36.20 81.06 25.37
N VAL Q 90 35.63 80.42 26.40
CA VAL Q 90 35.39 81.08 27.67
C VAL Q 90 35.95 80.25 28.81
N GLY Q 91 36.26 80.94 29.90
CA GLY Q 91 36.58 80.29 31.16
C GLY Q 91 35.78 80.90 32.28
N TYR Q 92 35.93 80.32 33.46
CA TYR Q 92 35.22 80.78 34.65
C TYR Q 92 36.19 80.95 35.81
N ARG Q 93 36.04 82.06 36.53
CA ARG Q 93 36.84 82.34 37.71
C ARG Q 93 35.92 82.55 38.91
N ARG Q 94 36.29 81.99 40.05
CA ARG Q 94 35.45 82.07 41.23
C ARG Q 94 35.72 83.37 42.00
N VAL Q 95 34.65 84.06 42.36
CA VAL Q 95 34.72 85.31 43.09
C VAL Q 95 33.84 85.22 44.32
N ASP Q 96 34.18 86.03 45.32
CA ASP Q 96 33.43 86.10 46.57
C ASP Q 96 32.25 87.04 46.40
N VAL Q 97 31.07 86.60 46.83
CA VAL Q 97 29.85 87.38 46.77
C VAL Q 97 29.06 87.15 48.06
N THR Q 98 28.02 87.96 48.23
CA THR Q 98 27.11 87.85 49.37
C THR Q 98 25.75 87.40 48.85
N LYS Q 99 25.38 86.16 49.16
CA LYS Q 99 24.11 85.62 48.74
C LYS Q 99 23.07 85.81 49.83
N ARG Q 100 21.84 86.08 49.41
CA ARG Q 100 20.75 86.42 50.30
C ARG Q 100 19.74 85.29 50.35
N ARG Q 101 19.33 84.92 51.55
CA ARG Q 101 18.34 83.87 51.77
C ARG Q 101 16.94 84.44 51.50
N PRO Q 102 15.92 83.57 51.41
CA PRO Q 102 14.55 84.09 51.25
C PRO Q 102 14.09 84.99 52.39
N ASP Q 103 14.60 84.79 53.61
CA ASP Q 103 14.21 85.64 54.73
C ASP Q 103 14.89 87.00 54.70
N GLY Q 104 15.89 87.20 53.84
CA GLY Q 104 16.63 88.44 53.78
C GLY Q 104 18.02 88.38 54.37
N SER Q 105 18.37 87.31 55.06
CA SER Q 105 19.70 87.20 55.66
C SER Q 105 20.77 87.02 54.59
N GLU Q 106 21.94 87.62 54.85
CA GLU Q 106 23.05 87.59 53.92
C GLU Q 106 24.14 86.66 54.45
N TYR Q 107 24.85 86.01 53.53
CA TYR Q 107 26.00 85.21 53.92
C TYR Q 107 26.98 85.14 52.77
N ALA Q 108 28.24 84.94 53.14
CA ALA Q 108 29.33 84.88 52.17
C ALA Q 108 29.29 83.57 51.40
N ALA Q 109 29.53 83.65 50.10
CA ALA Q 109 29.56 82.47 49.25
C ALA Q 109 30.41 82.79 48.01
N GLN Q 110 30.52 81.80 47.13
CA GLN Q 110 31.32 81.92 45.92
C GLN Q 110 30.43 81.83 44.69
N ARG Q 111 30.90 82.43 43.60
CA ARG Q 111 30.18 82.41 42.33
C ARG Q 111 31.19 82.33 41.20
N SER Q 112 30.72 81.91 40.03
CA SER Q 112 31.57 81.82 38.86
C SER Q 112 31.27 82.97 37.91
N VAL Q 113 32.31 83.72 37.54
CA VAL Q 113 32.22 84.80 36.57
C VAL Q 113 32.87 84.33 35.29
N ARG Q 114 32.19 84.52 34.17
CA ARG Q 114 32.69 84.10 32.87
C ARG Q 114 33.62 85.17 32.30
N TYR Q 115 34.81 84.75 31.89
CA TYR Q 115 35.73 85.61 31.17
C TYR Q 115 35.99 85.03 29.79
N LEU Q 116 36.28 85.90 28.84
CA LEU Q 116 36.63 85.48 27.49
C LEU Q 116 38.14 85.29 27.40
N LYS Q 117 38.55 84.16 26.84
CA LYS Q 117 39.93 84.03 26.43
C LYS Q 117 40.20 84.89 25.21
N LYS Q 118 41.47 84.97 24.82
CA LYS Q 118 41.91 85.81 23.71
C LYS Q 118 41.72 87.29 24.03
N GLU Q 119 41.23 87.59 25.23
CA GLU Q 119 41.23 88.94 25.76
C GLU Q 119 41.61 88.94 27.24
N GLU Q 120 42.10 87.81 27.75
CA GLU Q 120 42.51 87.65 29.13
C GLU Q 120 41.45 88.13 30.13
N ASP R 3 23.62 -64.95 -46.56
CA ASP R 3 24.20 -64.09 -47.58
C ASP R 3 25.08 -63.02 -46.95
N ILE R 4 26.08 -62.55 -47.69
CA ILE R 4 27.05 -61.58 -47.20
C ILE R 4 26.66 -60.21 -47.73
N ILE R 5 26.49 -59.25 -46.84
CA ILE R 5 26.15 -57.88 -47.22
C ILE R 5 27.41 -57.04 -47.17
N HIS R 6 27.74 -56.39 -48.28
CA HIS R 6 28.94 -55.57 -48.39
C HIS R 6 28.62 -54.15 -47.98
N LEU R 7 29.37 -53.63 -47.01
CA LEU R 7 29.19 -52.26 -46.52
C LEU R 7 30.46 -51.47 -46.75
N LYS R 8 30.34 -50.33 -47.44
CA LYS R 8 31.45 -49.41 -47.58
C LYS R 8 31.66 -48.64 -46.29
N ALA R 9 32.90 -48.59 -45.83
CA ALA R 9 33.25 -47.87 -44.62
C ALA R 9 34.45 -46.98 -44.91
N GLU R 10 34.58 -45.91 -44.13
CA GLU R 10 35.80 -45.12 -44.20
C GLU R 10 36.25 -44.74 -42.80
N GLN R 11 37.55 -44.50 -42.67
CA GLN R 11 38.20 -44.41 -41.37
C GLN R 11 37.62 -43.28 -40.53
N ARG R 12 37.54 -43.54 -39.23
CA ARG R 12 37.06 -42.58 -38.24
C ARG R 12 38.24 -42.16 -37.38
N THR R 13 38.48 -40.86 -37.29
CA THR R 13 39.58 -40.32 -36.51
C THR R 13 39.17 -39.26 -35.50
N GLU R 14 37.94 -38.77 -35.55
CA GLU R 14 37.43 -37.81 -34.58
C GLU R 14 36.53 -38.54 -33.60
N PHE R 15 36.87 -38.49 -32.32
CA PHE R 15 36.13 -39.18 -31.27
C PHE R 15 35.47 -38.18 -30.34
N GLY R 16 34.36 -38.61 -29.75
CA GLY R 16 33.61 -37.79 -28.82
C GLY R 16 32.15 -37.69 -29.23
N LYS R 17 31.37 -37.08 -28.33
CA LYS R 17 29.96 -36.88 -28.61
C LYS R 17 29.76 -35.90 -29.76
N GLY R 18 30.59 -34.87 -29.85
CA GLY R 18 30.47 -33.92 -30.95
C GLY R 18 30.79 -34.54 -32.30
N ALA R 19 31.87 -35.33 -32.36
CA ALA R 19 32.24 -35.97 -33.62
C ALA R 19 31.17 -36.98 -34.04
N ALA R 20 30.66 -37.76 -33.11
CA ALA R 20 29.58 -38.69 -33.42
C ALA R 20 28.33 -37.95 -33.87
N ARG R 21 28.04 -36.80 -33.25
CA ARG R 21 26.88 -36.00 -33.68
C ARG R 21 27.05 -35.50 -35.10
N ARG R 22 28.25 -35.01 -35.45
CA ARG R 22 28.51 -34.59 -36.81
C ARG R 22 28.38 -35.75 -37.79
N ILE R 23 28.91 -36.91 -37.43
CA ILE R 23 28.83 -38.08 -38.28
C ILE R 23 27.38 -38.48 -38.54
N ARG R 24 26.58 -38.51 -37.47
CA ARG R 24 25.17 -38.87 -37.63
C ARG R 24 24.36 -37.80 -38.34
N ARG R 25 24.80 -36.55 -38.28
CA ARG R 25 24.19 -35.50 -39.09
C ARG R 25 24.57 -35.59 -40.55
N ASP R 26 25.69 -36.25 -40.86
CA ASP R 26 26.09 -36.50 -42.24
C ASP R 26 25.53 -37.81 -42.78
N ASP R 27 24.44 -38.30 -42.21
CA ASP R 27 23.82 -39.58 -42.59
C ASP R 27 24.85 -40.72 -42.59
N LYS R 28 25.53 -40.91 -41.47
CA LYS R 28 26.46 -42.00 -41.30
C LYS R 28 26.29 -42.60 -39.92
N VAL R 29 26.99 -43.72 -39.68
CA VAL R 29 26.88 -44.48 -38.46
C VAL R 29 28.29 -44.77 -37.94
N PRO R 30 28.63 -44.41 -36.71
CA PRO R 30 29.92 -44.84 -36.15
C PRO R 30 29.91 -46.31 -35.78
N ALA R 31 31.07 -46.94 -35.96
CA ALA R 31 31.20 -48.35 -35.67
C ALA R 31 32.61 -48.63 -35.22
N VAL R 32 32.74 -49.61 -34.33
CA VAL R 32 34.04 -50.10 -33.91
C VAL R 32 34.10 -51.60 -34.21
N MET R 33 35.17 -52.01 -34.87
CA MET R 33 35.36 -53.39 -35.31
C MET R 33 36.52 -53.98 -34.53
N TYR R 34 36.22 -54.95 -33.68
CA TYR R 34 37.23 -55.62 -32.87
C TYR R 34 37.15 -57.12 -33.07
N GLY R 35 38.24 -57.80 -32.79
CA GLY R 35 38.36 -59.22 -33.04
C GLY R 35 39.36 -59.87 -32.11
N HIS R 36 40.18 -60.75 -32.69
CA HIS R 36 41.13 -61.55 -31.92
C HIS R 36 42.59 -61.26 -32.22
N ASP R 37 42.94 -60.98 -33.48
CA ASP R 37 44.33 -60.80 -33.86
C ASP R 37 44.58 -59.40 -34.44
N HIS R 38 43.90 -58.39 -33.91
CA HIS R 38 44.15 -57.02 -34.33
C HIS R 38 43.59 -56.06 -33.28
N ASP R 39 44.05 -54.82 -33.36
CA ASP R 39 43.53 -53.77 -32.50
C ASP R 39 42.16 -53.32 -33.00
N PRO R 40 41.34 -52.73 -32.13
CA PRO R 40 40.05 -52.21 -32.60
C PRO R 40 40.23 -51.15 -33.67
N ILE R 41 39.39 -51.22 -34.70
CA ILE R 41 39.42 -50.31 -35.83
C ILE R 41 38.13 -49.49 -35.80
N HIS R 42 38.28 -48.17 -35.83
CA HIS R 42 37.13 -47.28 -35.77
C HIS R 42 36.79 -46.80 -37.17
N VAL R 43 35.56 -47.07 -37.60
CA VAL R 43 35.11 -46.74 -38.96
C VAL R 43 33.77 -46.02 -38.87
N THR R 44 33.38 -45.43 -39.99
CA THR R 44 32.06 -44.88 -40.15
C THR R 44 31.44 -45.41 -41.44
N LEU R 45 30.17 -45.78 -41.35
CA LEU R 45 29.45 -46.50 -42.39
C LEU R 45 28.31 -45.65 -42.92
N ASP R 46 27.85 -45.96 -44.13
CA ASP R 46 26.67 -45.30 -44.67
C ASP R 46 25.46 -45.62 -43.81
N GLY R 47 24.67 -44.60 -43.51
CA GLY R 47 23.54 -44.78 -42.60
C GLY R 47 22.47 -45.69 -43.16
N HIS R 48 22.03 -45.42 -44.40
CA HIS R 48 20.92 -46.17 -44.97
C HIS R 48 21.33 -47.59 -45.35
N ALA R 49 22.54 -47.75 -45.89
CA ALA R 49 23.03 -49.09 -46.19
C ALA R 49 23.16 -49.92 -44.92
N THR R 50 23.66 -49.32 -43.84
CA THR R 50 23.74 -50.02 -42.56
C THR R 50 22.34 -50.37 -42.05
N LEU R 51 21.38 -49.46 -42.22
CA LEU R 51 20.02 -49.74 -41.78
C LEU R 51 19.45 -50.96 -42.52
N LEU R 52 19.64 -50.99 -43.84
CA LEU R 52 19.14 -52.13 -44.62
C LEU R 52 19.86 -53.42 -44.24
N ALA R 53 21.17 -53.35 -44.03
CA ALA R 53 21.94 -54.53 -43.65
C ALA R 53 21.55 -55.04 -42.26
N LEU R 54 21.22 -54.14 -41.35
CA LEU R 54 20.83 -54.52 -39.99
C LEU R 54 19.33 -54.73 -39.84
N ARG R 55 18.56 -54.62 -40.93
CA ARG R 55 17.18 -55.06 -40.90
C ARG R 55 17.08 -56.49 -40.40
N THR R 56 17.87 -57.38 -40.98
CA THR R 56 18.00 -58.73 -40.46
C THR R 56 18.85 -58.75 -39.21
N GLU R 57 18.77 -59.85 -38.47
CA GLU R 57 19.55 -60.03 -37.25
C GLU R 57 20.55 -61.16 -37.46
N ASN R 58 21.76 -60.96 -36.94
CA ASN R 58 22.93 -61.80 -37.18
C ASN R 58 23.26 -61.90 -38.67
N PRO R 59 23.46 -60.78 -39.37
CA PRO R 59 23.90 -60.87 -40.77
C PRO R 59 25.42 -60.82 -40.90
N LEU R 60 25.91 -61.52 -41.91
CA LEU R 60 27.35 -61.55 -42.17
C LEU R 60 27.70 -60.35 -43.03
N LEU R 61 28.48 -59.43 -42.47
CA LEU R 61 28.84 -58.20 -43.16
C LEU R 61 30.29 -58.25 -43.63
N SER R 62 30.52 -57.71 -44.82
CA SER R 62 31.86 -57.54 -45.36
C SER R 62 32.15 -56.04 -45.37
N ILE R 63 32.98 -55.60 -44.44
CA ILE R 63 33.34 -54.20 -44.31
C ILE R 63 34.45 -53.92 -45.31
N GLU R 64 34.23 -52.92 -46.18
CA GLU R 64 35.12 -52.57 -47.27
C GLU R 64 35.69 -51.20 -46.99
N ILE R 65 36.99 -51.13 -46.69
CA ILE R 65 37.70 -49.87 -46.50
C ILE R 65 38.65 -49.70 -47.68
N GLU R 66 38.65 -48.51 -48.28
CA GLU R 66 39.32 -48.29 -49.55
C GLU R 66 40.78 -48.71 -49.50
N GLY R 67 41.52 -48.22 -48.51
CA GLY R 67 42.94 -48.55 -48.42
C GLY R 67 43.20 -50.00 -48.10
N GLN R 68 42.44 -50.56 -47.15
CA GLN R 68 42.72 -51.89 -46.63
C GLN R 68 41.93 -52.96 -47.37
N LYS R 69 42.12 -54.21 -46.96
CA LYS R 69 41.42 -55.36 -47.49
C LYS R 69 40.05 -55.50 -46.84
N PRO R 70 39.14 -56.24 -47.47
CA PRO R 70 37.83 -56.48 -46.85
C PRO R 70 37.96 -57.27 -45.56
N MET R 71 37.00 -57.10 -44.66
CA MET R 71 37.00 -57.84 -43.41
C MET R 71 35.61 -58.37 -43.09
N LEU R 72 35.55 -59.63 -42.68
CA LEU R 72 34.28 -60.25 -42.30
C LEU R 72 33.93 -59.89 -40.87
N ALA R 73 32.64 -59.65 -40.63
CA ALA R 73 32.21 -59.23 -39.30
C ALA R 73 30.76 -59.62 -39.06
N LEU R 74 30.40 -59.68 -37.78
CA LEU R 74 29.03 -59.82 -37.31
C LEU R 74 28.69 -58.65 -36.41
N PRO R 75 27.56 -57.96 -36.63
CA PRO R 75 27.19 -56.89 -35.70
C PRO R 75 26.74 -57.43 -34.36
N LYS R 76 27.57 -57.26 -33.34
CA LYS R 76 27.28 -57.85 -32.03
C LYS R 76 26.40 -56.93 -31.18
N ASP R 77 26.65 -55.63 -31.20
CA ASP R 77 25.82 -54.67 -30.48
C ASP R 77 25.36 -53.60 -31.46
N VAL R 78 24.06 -53.33 -31.48
CA VAL R 78 23.50 -52.30 -32.33
C VAL R 78 22.78 -51.31 -31.43
N GLN R 79 23.37 -50.13 -31.24
CA GLN R 79 22.71 -49.04 -30.54
C GLN R 79 21.82 -48.32 -31.54
N ARG R 80 20.51 -48.54 -31.41
CA ARG R 80 19.49 -47.86 -32.18
C ARG R 80 18.83 -46.79 -31.35
N ASP R 81 18.27 -45.79 -32.02
CA ASP R 81 17.40 -44.84 -31.33
C ASP R 81 16.16 -45.57 -30.84
N VAL R 82 15.71 -45.22 -29.63
CA VAL R 82 14.60 -45.94 -29.03
C VAL R 82 13.28 -45.55 -29.69
N LEU R 83 13.06 -44.25 -29.90
CA LEU R 83 11.80 -43.79 -30.47
C LEU R 83 11.79 -43.91 -31.99
N LYS R 84 12.72 -43.23 -32.66
CA LYS R 84 12.95 -43.50 -34.06
C LYS R 84 13.65 -44.85 -34.21
N GLY R 85 13.97 -45.22 -35.45
CA GLY R 85 14.61 -46.49 -35.67
C GLY R 85 16.07 -46.44 -36.04
N PHE R 86 16.66 -45.25 -36.11
CA PHE R 86 17.99 -45.08 -36.67
C PHE R 86 19.05 -45.81 -35.84
N VAL R 87 20.01 -46.41 -36.54
CA VAL R 87 21.13 -47.07 -35.87
C VAL R 87 22.13 -46.01 -35.44
N ARG R 88 22.48 -46.02 -34.15
CA ARG R 88 23.39 -45.02 -33.61
C ARG R 88 24.82 -45.49 -33.51
N HIS R 89 25.06 -46.77 -33.25
CA HIS R 89 26.44 -47.26 -33.19
C HIS R 89 26.45 -48.75 -33.46
N VAL R 90 27.50 -49.22 -34.13
CA VAL R 90 27.62 -50.64 -34.45
C VAL R 90 28.92 -51.20 -33.89
N ASP R 91 28.79 -52.26 -33.09
CA ASP R 91 29.92 -53.10 -32.68
C ASP R 91 30.04 -54.22 -33.71
N LEU R 92 31.21 -54.36 -34.30
CA LEU R 92 31.46 -55.36 -35.34
C LEU R 92 32.52 -56.32 -34.85
N LEU R 93 32.12 -57.56 -34.57
CA LEU R 93 33.02 -58.60 -34.12
C LEU R 93 33.54 -59.33 -35.35
N THR R 94 34.83 -59.19 -35.62
CA THR R 94 35.42 -59.82 -36.80
C THR R 94 35.44 -61.33 -36.64
N VAL R 95 35.21 -62.03 -37.76
CA VAL R 95 35.03 -63.48 -37.76
C VAL R 95 35.93 -64.10 -38.82
N ARG R 96 36.26 -65.37 -38.61
CA ARG R 96 37.02 -66.16 -39.56
C ARG R 96 36.08 -67.13 -40.28
N ARG R 97 36.42 -67.43 -41.53
CA ARG R 97 35.62 -68.35 -42.32
C ARG R 97 35.62 -69.76 -41.75
N GLY R 98 36.77 -70.27 -41.33
CA GLY R 98 36.84 -71.57 -40.71
C GLY R 98 36.80 -71.52 -39.19
N GLU R 99 35.70 -71.03 -38.63
CA GLU R 99 35.60 -70.90 -37.17
C GLU R 99 34.15 -70.70 -36.81
N LYS R 100 33.77 -71.27 -35.67
CA LYS R 100 32.41 -71.15 -35.17
C LYS R 100 32.12 -69.72 -34.72
N VAL R 101 30.83 -69.43 -34.55
CA VAL R 101 30.39 -68.15 -33.99
C VAL R 101 29.24 -68.39 -33.01
N ASP R 102 29.28 -67.70 -31.87
CA ASP R 102 28.14 -67.67 -30.97
C ASP R 102 27.24 -66.50 -31.32
N VAL R 103 25.94 -66.77 -31.38
CA VAL R 103 24.96 -65.78 -31.82
C VAL R 103 23.68 -65.99 -31.02
N ASN R 104 22.71 -65.10 -31.22
CA ASN R 104 21.39 -65.20 -30.63
C ASN R 104 20.37 -65.36 -31.73
N VAL R 105 19.77 -66.54 -31.81
CA VAL R 105 18.78 -66.85 -32.84
C VAL R 105 17.39 -66.62 -32.25
N ALA R 106 16.45 -66.25 -33.12
CA ALA R 106 15.16 -65.73 -32.66
C ALA R 106 14.14 -66.84 -32.44
N LEU R 107 13.10 -66.51 -31.67
CA LEU R 107 12.05 -67.45 -31.28
C LEU R 107 10.69 -66.97 -31.77
N ARG R 108 9.85 -67.92 -32.19
CA ARG R 108 8.47 -67.65 -32.55
C ARG R 108 7.65 -68.90 -32.27
N ILE R 109 6.34 -68.72 -32.12
CA ILE R 109 5.38 -69.81 -31.95
C ILE R 109 4.51 -69.88 -33.20
N THR R 110 4.40 -71.07 -33.77
CA THR R 110 3.58 -71.29 -34.96
C THR R 110 2.60 -72.44 -34.74
N GLY R 111 2.33 -72.77 -33.48
CA GLY R 111 1.37 -73.80 -33.13
C GLY R 111 -0.03 -73.25 -33.00
N GLU R 112 -1.01 -74.15 -33.02
CA GLU R 112 -2.42 -73.80 -32.94
C GLU R 112 -3.11 -74.70 -31.93
N SER R 113 -3.23 -74.22 -30.69
CA SER R 113 -3.86 -74.97 -29.61
C SER R 113 -5.38 -74.83 -29.69
N ALA R 114 -6.05 -75.42 -28.70
CA ALA R 114 -7.50 -75.29 -28.61
C ALA R 114 -7.87 -73.82 -28.40
N PRO R 115 -9.04 -73.39 -28.89
CA PRO R 115 -9.38 -71.96 -28.86
C PRO R 115 -9.33 -71.34 -27.47
N GLY R 116 -9.71 -72.07 -26.43
CA GLY R 116 -9.66 -71.50 -25.09
C GLY R 116 -8.25 -71.19 -24.63
N THR R 117 -7.37 -72.18 -24.71
CA THR R 117 -6.00 -72.07 -24.23
C THR R 117 -5.14 -71.30 -25.23
N ILE R 118 -4.12 -70.61 -24.72
CA ILE R 118 -3.25 -69.78 -25.55
C ILE R 118 -1.78 -70.09 -25.23
N ALA R 119 -0.91 -69.92 -26.21
CA ALA R 119 0.52 -70.14 -26.03
C ALA R 119 1.29 -68.81 -25.98
N MET R 120 2.40 -68.83 -25.23
CA MET R 120 3.26 -67.68 -25.00
C MET R 120 4.71 -68.07 -25.20
N THR R 121 5.52 -67.06 -25.49
CA THR R 121 6.98 -67.18 -25.60
C THR R 121 7.62 -66.41 -24.46
N GLU R 122 8.54 -67.05 -23.75
CA GLU R 122 9.12 -66.49 -22.53
C GLU R 122 10.51 -65.90 -22.73
N PHE R 123 11.02 -65.88 -23.96
CA PHE R 123 12.34 -65.32 -24.23
C PHE R 123 12.32 -64.57 -25.55
N ASN R 124 13.36 -63.74 -25.75
CA ASN R 124 13.51 -62.97 -26.99
C ASN R 124 14.40 -63.69 -27.99
N GLU R 125 15.67 -63.90 -27.63
CA GLU R 125 16.66 -64.56 -28.47
C GLU R 125 17.41 -65.57 -27.59
N ILE R 126 17.91 -66.63 -28.20
CA ILE R 126 18.57 -67.70 -27.47
C ILE R 126 19.98 -67.90 -27.99
N GLU R 127 20.88 -68.32 -27.10
CA GLU R 127 22.29 -68.50 -27.39
C GLU R 127 22.51 -69.78 -28.21
N VAL R 128 23.24 -69.66 -29.30
CA VAL R 128 23.48 -70.76 -30.23
C VAL R 128 24.89 -70.67 -30.79
N GLN R 129 25.60 -71.79 -30.80
CA GLN R 129 26.90 -71.91 -31.47
C GLN R 129 26.66 -72.48 -32.86
N ALA R 130 27.06 -71.73 -33.90
CA ALA R 130 26.77 -72.11 -35.28
C ALA R 130 27.98 -71.76 -36.14
N ASP R 131 27.80 -71.81 -37.45
CA ASP R 131 28.85 -71.56 -38.43
C ASP R 131 28.57 -70.28 -39.20
N LEU R 132 29.59 -69.82 -39.94
CA LEU R 132 29.51 -68.54 -40.62
C LEU R 132 28.51 -68.57 -41.77
N LEU R 133 28.74 -69.44 -42.76
CA LEU R 133 27.90 -69.46 -43.95
C LEU R 133 26.55 -70.09 -43.70
N ASN R 134 26.29 -70.59 -42.49
CA ASN R 134 24.98 -71.12 -42.10
C ASN R 134 24.58 -70.47 -40.78
N ILE R 135 23.88 -69.34 -40.88
CA ILE R 135 23.28 -68.69 -39.71
C ILE R 135 21.76 -68.91 -39.79
N PRO R 136 21.19 -69.71 -38.90
CA PRO R 136 19.73 -69.93 -38.94
C PRO R 136 18.97 -68.62 -38.76
N GLU R 137 17.90 -68.46 -39.53
CA GLU R 137 17.07 -67.26 -39.42
C GLU R 137 16.35 -67.23 -38.07
N VAL R 138 15.65 -68.32 -37.74
CA VAL R 138 14.91 -68.43 -36.49
C VAL R 138 14.93 -69.89 -36.07
N ILE R 139 14.42 -70.17 -34.87
CA ILE R 139 14.13 -71.52 -34.43
C ILE R 139 12.65 -71.58 -34.08
N GLU R 140 11.92 -72.47 -34.76
CA GLU R 140 10.47 -72.59 -34.60
C GLU R 140 10.15 -73.62 -33.55
N ILE R 141 9.13 -73.33 -32.74
CA ILE R 141 8.53 -74.29 -31.83
C ILE R 141 7.04 -74.37 -32.15
N ASP R 142 6.61 -75.52 -32.68
CA ASP R 142 5.24 -75.74 -33.10
C ASP R 142 4.49 -76.45 -31.97
N VAL R 143 3.45 -75.80 -31.46
CA VAL R 143 2.66 -76.32 -30.35
C VAL R 143 1.22 -76.37 -30.81
N THR R 144 0.82 -77.49 -31.41
CA THR R 144 -0.52 -77.67 -31.96
C THR R 144 -1.25 -78.72 -31.14
N GLY R 145 -2.30 -78.30 -30.45
CA GLY R 145 -3.08 -79.21 -29.63
C GLY R 145 -2.47 -79.57 -28.29
N LEU R 146 -1.40 -78.89 -27.89
CA LEU R 146 -0.79 -79.11 -26.59
C LEU R 146 -1.26 -78.01 -25.65
N GLU R 147 -1.89 -78.39 -24.54
CA GLU R 147 -2.64 -77.45 -23.72
C GLU R 147 -2.36 -77.73 -22.25
N ALA R 148 -3.21 -77.18 -21.38
CA ALA R 148 -3.16 -77.36 -19.93
C ALA R 148 -1.84 -76.76 -19.43
N GLY R 149 -1.13 -77.43 -18.53
CA GLY R 149 0.08 -76.86 -17.96
C GLY R 149 1.36 -77.39 -18.59
N THR R 150 1.31 -77.66 -19.89
CA THR R 150 2.50 -78.11 -20.60
C THR R 150 3.52 -76.99 -20.69
N THR R 151 4.79 -77.33 -20.50
CA THR R 151 5.89 -76.38 -20.56
C THR R 151 6.94 -76.88 -21.54
N ILE R 152 7.65 -75.95 -22.15
CA ILE R 152 8.68 -76.26 -23.14
C ILE R 152 9.98 -75.63 -22.68
N TYR R 153 10.98 -76.46 -22.40
CA TYR R 153 12.31 -75.99 -22.04
C TYR R 153 13.23 -76.08 -23.26
N LEU R 154 14.45 -75.59 -23.09
CA LEU R 154 15.38 -75.41 -24.20
C LEU R 154 16.19 -76.66 -24.51
N GLY R 155 15.93 -77.77 -23.83
CA GLY R 155 16.70 -78.99 -24.04
C GLY R 155 16.26 -79.88 -25.18
N ASP R 156 15.01 -79.76 -25.64
CA ASP R 156 14.49 -80.60 -26.71
C ASP R 156 13.82 -79.71 -27.77
N LEU R 157 14.62 -79.23 -28.72
CA LEU R 157 14.12 -78.45 -29.84
C LEU R 157 14.74 -78.98 -31.12
N LYS R 158 13.98 -78.93 -32.21
CA LYS R 158 14.45 -79.43 -33.51
C LYS R 158 15.47 -78.45 -34.07
N LEU R 159 16.70 -78.58 -33.59
CA LEU R 159 17.79 -77.71 -33.98
C LEU R 159 18.33 -78.08 -35.37
N PRO R 160 18.73 -77.08 -36.16
CA PRO R 160 19.32 -77.38 -37.47
C PRO R 160 20.74 -77.92 -37.32
N GLU R 161 21.27 -78.40 -38.43
CA GLU R 161 22.59 -79.01 -38.43
C GLU R 161 23.68 -77.97 -38.24
N GLY R 162 24.72 -78.33 -37.49
CA GLY R 162 25.84 -77.46 -37.25
C GLY R 162 25.64 -76.42 -36.18
N THR R 163 24.47 -76.40 -35.54
CA THR R 163 24.14 -75.40 -34.52
C THR R 163 23.90 -76.11 -33.19
N SER R 164 24.92 -76.18 -32.35
CA SER R 164 24.78 -76.77 -31.04
C SER R 164 24.10 -75.81 -30.08
N LEU R 165 23.92 -76.25 -28.84
CA LEU R 165 23.22 -75.49 -27.82
C LEU R 165 24.20 -75.13 -26.70
N LEU R 166 24.21 -73.85 -26.32
CA LEU R 166 25.16 -73.34 -25.34
C LEU R 166 24.52 -72.92 -24.02
N GLY R 167 23.41 -72.19 -24.05
CA GLY R 167 22.81 -71.70 -22.84
C GLY R 167 22.25 -72.80 -21.97
N ASP R 168 21.95 -72.44 -20.72
CA ASP R 168 21.41 -73.40 -19.76
C ASP R 168 20.10 -73.96 -20.26
N ALA R 169 20.03 -75.29 -20.37
CA ALA R 169 18.85 -75.99 -20.86
C ALA R 169 17.84 -76.27 -19.75
N GLU R 170 17.89 -75.51 -18.66
CA GLU R 170 17.00 -75.72 -17.52
C GLU R 170 16.06 -74.52 -17.31
N ASP R 171 15.71 -73.84 -18.39
CA ASP R 171 14.76 -72.73 -18.32
C ASP R 171 13.80 -72.84 -19.49
N VAL R 172 12.58 -72.33 -19.29
CA VAL R 172 11.53 -72.51 -20.29
C VAL R 172 11.59 -71.39 -21.33
N ALA R 173 11.16 -71.72 -22.54
CA ALA R 173 11.09 -70.77 -23.65
C ALA R 173 9.68 -70.57 -24.17
N ALA R 174 8.79 -71.55 -23.99
CA ALA R 174 7.41 -71.43 -24.39
C ALA R 174 6.52 -72.00 -23.29
N THR R 175 5.30 -71.47 -23.19
CA THR R 175 4.35 -71.89 -22.17
C THR R 175 2.94 -71.86 -22.74
N VAL R 176 2.25 -72.99 -22.67
CA VAL R 176 0.84 -73.09 -23.02
C VAL R 176 0.03 -73.17 -21.73
N ALA R 177 -1.11 -72.50 -21.71
CA ALA R 177 -1.93 -72.47 -20.51
C ALA R 177 -3.36 -72.09 -20.89
N PHE R 178 -4.26 -72.22 -19.90
CA PHE R 178 -5.64 -71.80 -20.03
C PHE R 178 -5.72 -70.31 -20.40
N PRO R 179 -6.90 -69.83 -20.82
CA PRO R 179 -7.05 -68.39 -21.05
C PRO R 179 -6.88 -67.59 -19.77
N GLU R 180 -6.88 -66.26 -19.89
CA GLU R 180 -6.66 -65.37 -18.75
C GLU R 180 -7.96 -65.24 -17.95
N THR R 181 -7.88 -65.61 -16.67
CA THR R 181 -9.02 -65.53 -15.78
C THR R 181 -8.74 -64.57 -14.63
N ALA S 7 -6.99 -26.36 11.73
CA ALA S 7 -6.15 -27.01 10.72
C ALA S 7 -5.31 -28.13 11.33
N SER S 8 -4.01 -28.08 11.09
CA SER S 8 -3.10 -29.10 11.58
C SER S 8 -1.75 -28.44 11.87
N SER S 9 -0.72 -29.26 12.05
CA SER S 9 0.60 -28.77 12.40
C SER S 9 1.66 -29.76 11.94
N SER S 10 2.89 -29.29 11.90
CA SER S 10 4.03 -30.13 11.54
C SER S 10 4.59 -30.79 12.80
N ARG S 11 4.70 -32.10 12.74
CA ARG S 11 5.22 -32.97 13.80
C ARG S 11 6.70 -33.27 13.65
N ASN S 12 7.36 -32.69 12.65
CA ASN S 12 8.80 -32.66 12.48
C ASN S 12 9.30 -31.25 12.75
N GLY S 13 10.57 -31.00 12.49
CA GLY S 13 11.09 -29.66 12.58
C GLY S 13 12.39 -29.54 13.33
N ARG S 14 12.88 -30.65 13.87
CA ARG S 14 14.09 -30.66 14.68
C ARG S 14 15.26 -31.20 13.87
N ASP S 15 16.34 -30.44 13.82
CA ASP S 15 17.61 -30.91 13.28
C ASP S 15 18.71 -30.48 14.23
N SER S 16 19.74 -31.33 14.34
CA SER S 16 20.86 -31.00 15.19
C SER S 16 21.77 -29.97 14.52
N ASN S 17 22.62 -29.35 15.33
CA ASN S 17 23.54 -28.34 14.82
C ASN S 17 24.58 -28.98 13.91
N ALA S 18 25.12 -28.17 13.00
CA ALA S 18 26.14 -28.65 12.09
C ALA S 18 27.41 -28.99 12.86
N GLN S 19 28.03 -30.13 12.50
CA GLN S 19 29.19 -30.63 13.22
C GLN S 19 30.50 -30.38 12.49
N ARG S 20 30.45 -30.06 11.20
CA ARG S 20 31.62 -29.66 10.43
C ARG S 20 32.72 -30.73 10.46
N LEU S 21 32.33 -31.96 10.11
CA LEU S 21 33.25 -33.07 10.04
C LEU S 21 34.00 -33.03 8.71
N GLY S 22 34.72 -34.09 8.40
CA GLY S 22 35.37 -34.23 7.10
C GLY S 22 36.88 -34.05 7.19
N VAL S 23 37.51 -34.15 6.03
CA VAL S 23 38.96 -34.06 5.94
C VAL S 23 39.37 -32.60 6.05
N LYS S 24 40.28 -32.31 6.98
CA LYS S 24 40.80 -30.97 7.17
C LYS S 24 42.13 -30.73 6.47
N ARG S 25 42.96 -31.77 6.35
CA ARG S 25 44.22 -31.69 5.62
C ARG S 25 44.23 -32.79 4.57
N PHE S 26 44.41 -32.40 3.31
CA PHE S 26 44.39 -33.33 2.20
C PHE S 26 45.80 -33.79 1.86
N GLY S 27 45.89 -34.76 0.97
CA GLY S 27 47.15 -35.41 0.64
C GLY S 27 48.25 -34.46 0.23
N GLY S 28 49.44 -34.64 0.79
CA GLY S 28 50.59 -33.82 0.48
C GLY S 28 50.65 -32.50 1.21
N GLN S 29 49.72 -32.23 2.11
CA GLN S 29 49.71 -30.97 2.83
C GLN S 29 50.64 -31.04 4.04
N LEU S 30 51.48 -30.02 4.20
CA LEU S 30 52.44 -29.99 5.30
C LEU S 30 51.73 -29.63 6.60
N VAL S 31 51.93 -30.46 7.64
CA VAL S 31 51.27 -30.27 8.92
C VAL S 31 52.30 -30.32 10.03
N ASN S 32 51.93 -29.71 11.16
CA ASN S 32 52.70 -29.82 12.39
C ASN S 32 52.22 -31.02 13.19
N ALA S 33 53.03 -31.41 14.18
CA ALA S 33 52.63 -32.46 15.08
C ALA S 33 51.44 -32.01 15.91
N GLY S 34 50.41 -32.84 15.98
CA GLY S 34 49.19 -32.50 16.68
C GLY S 34 48.10 -31.90 15.83
N GLU S 35 48.37 -31.62 14.56
CA GLU S 35 47.36 -31.05 13.69
C GLU S 35 46.31 -32.09 13.34
N ILE S 36 45.05 -31.67 13.33
CA ILE S 36 43.94 -32.56 13.03
C ILE S 36 43.82 -32.72 11.52
N ILE S 37 43.78 -33.97 11.08
CA ILE S 37 43.70 -34.29 9.66
C ILE S 37 42.27 -34.53 9.21
N VAL S 38 41.46 -35.17 10.04
CA VAL S 38 40.06 -35.43 9.70
C VAL S 38 39.22 -35.62 10.96
N ARG S 39 38.09 -34.91 11.05
CA ARG S 39 37.05 -35.21 12.01
C ARG S 39 36.13 -36.27 11.39
N GLN S 40 35.78 -37.30 12.16
CA GLN S 40 34.95 -38.36 11.62
C GLN S 40 34.24 -39.10 12.74
N ARG S 41 33.10 -39.70 12.41
CA ARG S 41 32.43 -40.66 13.26
C ARG S 41 32.83 -42.06 12.81
N GLY S 42 33.29 -42.87 13.75
CA GLY S 42 33.84 -44.17 13.41
C GLY S 42 35.16 -44.00 12.67
N THR S 43 35.72 -45.14 12.28
CA THR S 43 36.96 -45.14 11.49
C THR S 43 36.64 -45.41 10.02
N HIS S 44 36.12 -44.39 9.34
CA HIS S 44 36.13 -44.43 7.87
C HIS S 44 37.56 -44.38 7.36
N PHE S 45 38.39 -43.55 7.98
CA PHE S 45 39.83 -43.57 7.80
C PHE S 45 40.47 -44.17 9.04
N HIS S 46 41.48 -44.96 8.85
CA HIS S 46 42.17 -45.51 10.00
C HIS S 46 43.49 -44.77 10.22
N PRO S 47 44.00 -44.73 11.45
CA PRO S 47 45.32 -44.11 11.67
C PRO S 47 46.42 -44.96 11.07
N GLY S 48 47.31 -44.32 10.32
CA GLY S 48 48.43 -44.98 9.70
C GLY S 48 49.73 -44.70 10.43
N ASP S 49 50.76 -44.35 9.68
CA ASP S 49 52.09 -44.10 10.24
C ASP S 49 52.23 -42.62 10.53
N GLY S 50 52.51 -42.29 11.79
CA GLY S 50 52.58 -40.91 12.19
C GLY S 50 51.25 -40.23 12.38
N VAL S 51 50.18 -41.00 12.51
CA VAL S 51 48.84 -40.47 12.72
C VAL S 51 48.21 -41.17 13.91
N GLY S 52 47.66 -40.39 14.84
CA GLY S 52 46.96 -40.93 15.97
C GLY S 52 45.46 -40.74 15.88
N ARG S 53 44.71 -41.53 16.63
CA ARG S 53 43.25 -41.50 16.62
C ARG S 53 42.75 -41.01 17.97
N GLY S 54 41.81 -40.06 17.95
CA GLY S 54 41.31 -39.45 19.15
C GLY S 54 40.10 -40.18 19.72
N GLY S 55 39.61 -39.66 20.86
CA GLY S 55 38.47 -40.27 21.51
C GLY S 55 37.22 -40.25 20.66
N ASP S 56 36.99 -39.14 19.94
CA ASP S 56 35.89 -39.03 19.00
C ASP S 56 36.28 -39.47 17.60
N ASP S 57 37.28 -40.34 17.48
CA ASP S 57 37.82 -40.87 16.23
C ASP S 57 38.51 -39.82 15.37
N THR S 58 38.81 -38.65 15.93
CA THR S 58 39.59 -37.65 15.21
C THR S 58 40.98 -38.19 14.91
N LEU S 59 41.44 -37.98 13.68
CA LEU S 59 42.77 -38.38 13.27
C LEU S 59 43.67 -37.15 13.24
N PHE S 60 44.78 -37.23 13.96
CA PHE S 60 45.68 -36.09 14.12
C PHE S 60 47.11 -36.53 13.80
N ALA S 61 47.93 -35.54 13.45
CA ALA S 61 49.33 -35.82 13.13
C ALA S 61 50.12 -36.06 14.40
N LEU S 62 50.85 -37.18 14.43
CA LEU S 62 51.74 -37.49 15.54
C LEU S 62 53.13 -36.88 15.37
N ARG S 63 53.41 -36.30 14.21
CA ARG S 63 54.72 -35.74 13.91
C ARG S 63 54.57 -34.78 12.74
N ASP S 64 55.65 -34.05 12.46
CA ASP S 64 55.67 -33.14 11.33
C ASP S 64 55.89 -33.91 10.04
N GLY S 65 55.34 -33.39 8.96
CA GLY S 65 55.50 -34.03 7.67
C GLY S 65 54.34 -33.70 6.75
N ASN S 66 54.13 -34.58 5.77
CA ASN S 66 53.15 -34.39 4.73
C ASN S 66 52.07 -35.47 4.83
N VAL S 67 50.81 -35.05 4.71
CA VAL S 67 49.70 -35.98 4.77
C VAL S 67 49.65 -36.81 3.49
N GLU S 68 49.42 -38.10 3.63
CA GLU S 68 49.10 -38.94 2.48
C GLU S 68 48.00 -39.93 2.86
N PHE S 69 47.16 -40.25 1.90
CA PHE S 69 46.08 -41.21 2.10
C PHE S 69 46.44 -42.50 1.36
N GLY S 70 46.23 -43.63 2.01
CA GLY S 70 46.59 -44.89 1.39
C GLY S 70 45.86 -46.09 1.94
N THR S 71 46.42 -47.27 1.70
CA THR S 71 45.86 -48.52 2.19
C THR S 71 46.95 -49.30 2.90
N ARG S 72 46.63 -49.83 4.08
CA ARG S 72 47.52 -50.73 4.81
C ARG S 72 46.73 -52.00 5.11
N ARG S 73 47.22 -53.13 4.62
CA ARG S 73 46.45 -54.36 4.59
C ARG S 73 45.07 -54.09 3.98
N GLY S 74 44.01 -54.34 4.75
CA GLY S 74 42.67 -54.09 4.25
C GLY S 74 42.09 -52.76 4.67
N ARG S 75 42.84 -51.92 5.37
CA ARG S 75 42.32 -50.71 5.98
C ARG S 75 42.70 -49.49 5.17
N ARG S 76 41.78 -48.53 5.10
CA ARG S 76 42.04 -47.26 4.44
C ARG S 76 42.57 -46.28 5.48
N VAL S 77 43.81 -45.84 5.30
CA VAL S 77 44.58 -45.19 6.36
C VAL S 77 45.04 -43.81 5.91
N VAL S 78 45.35 -42.97 6.90
CA VAL S 78 46.02 -41.70 6.71
C VAL S 78 47.39 -41.79 7.36
N ASN S 79 48.43 -41.45 6.61
CA ASN S 79 49.78 -41.39 7.12
C ASN S 79 50.29 -39.95 7.07
N VAL S 80 51.29 -39.67 7.89
CA VAL S 80 52.04 -38.42 7.81
C VAL S 80 53.48 -38.81 7.58
N THR S 81 53.95 -38.70 6.35
CA THR S 81 55.32 -39.04 6.01
C THR S 81 56.26 -37.92 6.46
N PRO S 82 57.33 -38.24 7.19
CA PRO S 82 58.25 -37.19 7.65
C PRO S 82 58.85 -36.43 6.48
N VAL S 83 59.01 -35.12 6.66
CA VAL S 83 59.51 -34.26 5.60
C VAL S 83 61.01 -34.45 5.45
N GLU S 84 61.46 -34.66 4.22
CA GLU S 84 62.87 -34.91 3.93
C GLU S 84 63.69 -33.64 4.13
N ALA T 2 -4.72 12.79 70.05
CA ALA T 2 -3.69 13.73 69.64
C ALA T 2 -2.38 13.01 69.37
N ALA T 3 -1.45 13.70 68.73
CA ALA T 3 -0.12 13.16 68.48
C ALA T 3 0.97 14.18 68.77
N VAL T 4 0.66 15.24 69.52
CA VAL T 4 1.63 16.24 69.92
C VAL T 4 1.55 16.40 71.43
N CYS T 5 2.70 16.28 72.10
CA CYS T 5 2.75 16.41 73.54
C CYS T 5 2.77 17.88 73.93
N ASP T 6 1.85 18.28 74.81
CA ASP T 6 1.83 19.65 75.29
C ASP T 6 3.03 19.98 76.17
N ILE T 7 3.73 18.96 76.67
CA ILE T 7 5.02 19.10 77.32
C ILE T 7 6.07 18.44 76.45
N CYS T 8 7.12 19.18 76.12
CA CYS T 8 8.27 18.74 75.33
C CYS T 8 8.00 18.75 73.83
N ALA T 9 6.77 19.04 73.38
CA ALA T 9 6.48 19.26 71.96
C ALA T 9 6.87 18.08 71.08
N LYS T 10 6.64 16.86 71.57
CA LYS T 10 6.95 15.68 70.79
C LYS T 10 5.90 15.49 69.70
N ARG T 11 6.36 15.23 68.48
CA ARG T 11 5.53 15.21 67.28
C ARG T 11 5.79 13.93 66.49
N PRO T 12 4.88 13.55 65.61
CA PRO T 12 5.07 12.31 64.85
C PRO T 12 6.27 12.35 63.93
N GLY T 13 6.85 11.18 63.70
CA GLY T 13 7.91 11.00 62.73
C GLY T 13 7.34 10.34 61.48
N PHE T 14 8.04 10.49 60.37
CA PHE T 14 7.56 9.97 59.09
C PHE T 14 8.61 9.06 58.48
N GLY T 15 8.19 7.88 58.05
CA GLY T 15 9.08 6.89 57.51
C GLY T 15 8.37 5.96 56.56
N HIS T 16 8.85 4.73 56.45
CA HIS T 16 8.41 3.82 55.41
C HIS T 16 7.90 2.51 55.99
N ASN T 17 6.80 2.04 55.40
CA ASN T 17 6.48 0.62 55.36
C ASN T 17 7.43 -0.05 54.39
N VAL T 18 8.18 -1.04 54.89
CA VAL T 18 9.14 -1.79 54.09
C VAL T 18 8.73 -3.26 54.10
N PRO T 19 8.00 -3.73 53.09
CA PRO T 19 7.55 -5.12 53.08
C PRO T 19 8.64 -6.09 52.66
N TRP T 20 8.26 -7.37 52.49
CA TRP T 20 9.19 -8.38 52.01
C TRP T 20 9.76 -8.02 50.64
N SER T 21 8.97 -7.39 49.78
CA SER T 21 9.43 -6.97 48.47
C SER T 21 10.10 -5.61 48.48
N LYS T 22 10.14 -4.94 49.64
CA LYS T 22 10.77 -3.64 49.84
C LYS T 22 10.09 -2.53 49.05
N LYS T 23 8.83 -2.71 48.66
CA LYS T 23 8.06 -1.65 48.01
C LYS T 23 7.65 -0.65 49.08
N LYS T 24 8.42 0.40 49.25
CA LYS T 24 8.25 1.32 50.37
C LYS T 24 6.96 2.11 50.22
N THR T 25 6.29 2.35 51.35
CA THR T 25 5.11 3.20 51.38
C THR T 25 5.27 4.20 52.52
N ASN T 26 4.68 5.38 52.38
CA ASN T 26 4.84 6.39 53.42
C ASN T 26 3.92 6.11 54.59
N ARG T 27 4.46 6.21 55.81
CA ARG T 27 3.70 5.99 57.02
C ARG T 27 4.24 6.88 58.13
N ARG T 28 3.56 6.81 59.28
CA ARG T 28 3.77 7.72 60.39
C ARG T 28 4.04 6.94 61.67
N TRP T 29 4.79 7.55 62.57
CA TRP T 29 4.99 7.06 63.93
C TRP T 29 4.48 8.14 64.87
N SER T 30 3.45 7.84 65.57
CA SER T 30 2.96 8.88 66.46
C SER T 30 3.41 8.62 67.89
N PRO T 31 3.65 9.67 68.66
CA PRO T 31 3.99 9.48 70.08
C PRO T 31 2.80 8.95 70.86
N ASN T 32 3.10 8.23 71.94
CA ASN T 32 2.06 7.62 72.76
C ASN T 32 1.48 8.71 73.66
N ILE T 33 0.55 9.48 73.07
CA ILE T 33 -0.06 10.62 73.75
C ILE T 33 -1.27 10.16 74.54
N GLN T 34 -1.32 10.52 75.81
CA GLN T 34 -2.44 10.26 76.70
C GLN T 34 -3.02 11.58 77.16
N ARG T 35 -4.35 11.62 77.30
CA ARG T 35 -5.07 12.80 77.78
C ARG T 35 -5.34 12.60 79.26
N VAL T 36 -4.68 13.40 80.11
CA VAL T 36 -4.77 13.22 81.55
C VAL T 36 -5.17 14.53 82.21
N ARG T 37 -5.78 14.40 83.39
CA ARG T 37 -6.12 15.57 84.20
C ARG T 37 -4.91 16.03 84.99
N VAL T 38 -4.61 17.32 84.91
CA VAL T 38 -3.49 17.92 85.63
C VAL T 38 -4.03 19.05 86.49
N VAL T 39 -3.34 19.27 87.61
CA VAL T 39 -3.59 20.41 88.49
C VAL T 39 -2.29 21.17 88.66
N GLU T 40 -2.08 22.19 87.82
CA GLU T 40 -0.84 22.96 87.85
C GLU T 40 -1.13 24.37 88.33
N ASN T 41 -0.42 24.79 89.39
CA ASN T 41 -0.63 26.09 90.03
C ASN T 41 -2.07 26.30 90.45
N GLY T 42 -2.75 25.24 90.88
CA GLY T 42 -4.13 25.31 91.27
C GLY T 42 -5.12 25.27 90.13
N THR T 43 -4.66 25.16 88.88
CA THR T 43 -5.55 25.13 87.73
C THR T 43 -5.76 23.69 87.30
N HIS T 44 -7.03 23.28 87.23
CA HIS T 44 -7.41 21.94 86.83
C HIS T 44 -7.74 21.94 85.35
N LYS T 45 -7.12 21.03 84.60
CA LYS T 45 -7.37 20.99 83.16
C LYS T 45 -6.96 19.63 82.61
N ARG T 46 -7.22 19.45 81.32
CA ARG T 46 -6.75 18.30 80.56
C ARG T 46 -5.48 18.66 79.80
N MET T 47 -4.59 17.68 79.67
CA MET T 47 -3.36 17.86 78.92
C MET T 47 -3.08 16.60 78.11
N ASN T 48 -2.65 16.79 76.87
CA ASN T 48 -2.19 15.70 76.01
C ASN T 48 -0.69 15.58 76.20
N VAL T 49 -0.26 14.60 76.97
CA VAL T 49 1.14 14.44 77.32
C VAL T 49 1.60 13.06 76.87
N CYS T 50 2.89 12.96 76.53
CA CYS T 50 3.44 11.67 76.14
C CYS T 50 3.75 10.83 77.38
N THR T 51 3.86 9.51 77.16
CA THR T 51 4.21 8.63 78.25
C THR T 51 5.65 8.82 78.73
N SER T 52 6.50 9.43 77.91
CA SER T 52 7.87 9.73 78.36
C SER T 52 7.88 10.85 79.39
N CYS T 53 7.02 11.85 79.21
CA CYS T 53 6.89 12.90 80.22
C CYS T 53 6.03 12.46 81.40
N LEU T 54 5.22 11.41 81.21
CA LEU T 54 4.51 10.81 82.33
C LEU T 54 5.46 10.00 83.20
N LYS T 55 6.36 9.25 82.57
CA LYS T 55 7.35 8.46 83.30
C LYS T 55 8.38 9.35 83.99
N ALA T 56 8.81 10.42 83.31
CA ALA T 56 9.78 11.34 83.88
C ALA T 56 9.20 12.20 85.00
N GLY T 57 7.89 12.18 85.21
CA GLY T 57 7.28 13.03 86.20
C GLY T 57 7.28 14.50 85.86
N ARG T 58 7.19 14.83 84.58
CA ARG T 58 7.22 16.22 84.13
C ARG T 58 5.85 16.89 84.17
N VAL T 59 4.81 16.17 84.57
CA VAL T 59 3.44 16.68 84.58
C VAL T 59 2.83 16.42 85.95
N SER T 60 2.17 17.42 86.50
CA SER T 60 1.62 17.37 87.86
C SER T 60 0.17 16.90 87.80
N ARG T 61 -0.08 15.68 88.22
CA ARG T 61 -1.43 15.13 88.25
C ARG T 61 -2.07 15.31 89.61
N LYS U 3 1.62 85.96 44.80
CA LYS U 3 2.60 85.09 45.44
C LYS U 3 2.90 85.55 46.86
N LEU U 4 2.30 84.88 47.83
CA LEU U 4 2.65 85.10 49.23
C LEU U 4 4.04 84.55 49.51
N SER U 5 4.67 85.09 50.55
CA SER U 5 5.98 84.62 50.99
C SER U 5 5.84 83.99 52.38
N ALA U 6 6.45 82.82 52.55
CA ALA U 6 6.44 82.19 53.87
C ALA U 6 7.18 83.02 54.90
N ALA U 7 8.16 83.81 54.48
CA ALA U 7 8.89 84.67 55.40
C ALA U 7 7.99 85.74 56.00
N GLU U 8 7.13 86.35 55.18
CA GLU U 8 6.17 87.32 55.70
C GLU U 8 5.14 86.65 56.60
N LEU U 9 4.56 85.53 56.13
CA LEU U 9 3.54 84.84 56.91
C LEU U 9 4.07 84.36 58.25
N ARG U 10 5.38 84.08 58.33
CA ARG U 10 5.99 83.68 59.59
C ARG U 10 6.01 84.80 60.61
N GLN U 11 5.83 86.05 60.18
CA GLN U 11 5.73 87.17 61.10
C GLN U 11 4.31 87.41 61.61
N LEU U 12 3.31 86.94 60.88
CA LEU U 12 1.92 87.06 61.28
C LEU U 12 1.62 86.12 62.45
N SER U 13 0.55 86.44 63.18
CA SER U 13 0.12 85.60 64.29
C SER U 13 -0.88 84.56 63.81
N GLY U 14 -1.32 83.69 64.73
CA GLY U 14 -2.16 82.58 64.34
C GLY U 14 -3.53 83.01 63.82
N GLU U 15 -4.17 83.95 64.52
CA GLU U 15 -5.54 84.32 64.14
C GLU U 15 -5.56 85.04 62.80
N GLU U 16 -4.60 85.94 62.56
CA GLU U 16 -4.53 86.59 61.26
C GLU U 16 -4.10 85.62 60.17
N LEU U 17 -3.28 84.63 60.51
CA LEU U 17 -2.93 83.59 59.53
C LEU U 17 -4.16 82.79 59.12
N ARG U 18 -5.04 82.46 60.08
CA ARG U 18 -6.25 81.73 59.74
C ARG U 18 -7.26 82.61 59.01
N ASN U 19 -7.31 83.90 59.33
CA ASN U 19 -8.10 84.82 58.52
C ASN U 19 -7.59 84.85 57.10
N LYS U 20 -6.27 84.78 56.93
CA LYS U 20 -5.68 84.69 55.60
C LYS U 20 -6.10 83.40 54.89
N VAL U 21 -6.11 82.28 55.62
CA VAL U 21 -6.57 81.01 55.05
C VAL U 21 -7.99 81.15 54.53
N ARG U 22 -8.89 81.71 55.36
CA ARG U 22 -10.29 81.83 54.96
C ARG U 22 -10.46 82.80 53.79
N GLU U 23 -9.72 83.90 53.79
CA GLU U 23 -9.78 84.84 52.66
C GLU U 23 -9.31 84.18 51.38
N LEU U 24 -8.24 83.38 51.46
CA LEU U 24 -7.75 82.69 50.28
C LEU U 24 -8.76 81.66 49.79
N LYS U 25 -9.43 80.95 50.72
CA LYS U 25 -10.46 80.01 50.31
C LYS U 25 -11.61 80.72 49.61
N GLU U 26 -12.02 81.88 50.12
CA GLU U 26 -13.08 82.65 49.47
C GLU U 26 -12.65 83.12 48.09
N GLU U 27 -11.40 83.56 47.95
CA GLU U 27 -10.92 84.00 46.65
C GLU U 27 -10.87 82.83 45.67
N LEU U 28 -10.45 81.65 46.12
CA LEU U 28 -10.45 80.47 45.27
C LEU U 28 -11.87 80.10 44.84
N PHE U 29 -12.83 80.22 45.75
CA PHE U 29 -14.23 79.99 45.42
C PHE U 29 -14.69 80.93 44.32
N GLY U 30 -14.39 82.22 44.47
CA GLY U 30 -14.78 83.19 43.46
C GLY U 30 -14.11 82.93 42.12
N LEU U 31 -12.83 82.56 42.15
CA LEU U 31 -12.11 82.26 40.92
C LEU U 31 -12.72 81.06 40.21
N ARG U 32 -13.07 80.02 40.95
CA ARG U 32 -13.68 78.84 40.34
C ARG U 32 -15.04 79.17 39.74
N PHE U 33 -15.82 80.02 40.41
CA PHE U 33 -17.11 80.42 39.84
C PHE U 33 -16.91 81.23 38.56
N GLN U 34 -15.95 82.15 38.54
CA GLN U 34 -15.66 82.89 37.31
C GLN U 34 -15.20 81.96 36.21
N SER U 35 -14.37 80.97 36.53
CA SER U 35 -13.93 80.00 35.54
C SER U 35 -15.10 79.22 34.97
N ALA U 36 -16.05 78.82 35.82
CA ALA U 36 -17.21 78.08 35.35
C ALA U 36 -18.08 78.93 34.44
N THR U 37 -18.25 80.22 34.78
CA THR U 37 -19.20 81.05 34.05
C THR U 37 -18.60 81.75 32.83
N GLY U 38 -17.34 81.50 32.48
CA GLY U 38 -16.74 82.06 31.28
C GLY U 38 -15.85 83.25 31.50
N GLN U 39 -15.80 83.80 32.71
CA GLN U 39 -14.87 84.86 33.08
C GLN U 39 -13.50 84.28 33.40
N LEU U 40 -12.69 85.01 34.16
CA LEU U 40 -11.34 84.59 34.55
C LEU U 40 -10.38 84.52 33.38
N GLU U 41 -10.02 85.69 32.83
CA GLU U 41 -8.86 85.77 31.96
C GLU U 41 -7.59 85.32 32.67
N ASN U 42 -7.49 85.60 33.97
CA ASN U 42 -6.28 85.34 34.75
C ASN U 42 -6.35 83.93 35.32
N THR U 43 -5.87 82.95 34.55
CA THR U 43 -5.95 81.55 34.98
C THR U 43 -4.78 81.12 35.86
N ALA U 44 -3.73 81.94 35.97
CA ALA U 44 -2.61 81.58 36.84
C ALA U 44 -2.94 81.81 38.31
N ARG U 45 -3.75 82.81 38.62
CA ARG U 45 -4.15 83.05 40.00
C ARG U 45 -4.94 81.89 40.55
N LEU U 46 -5.61 81.12 39.69
CA LEU U 46 -6.38 79.97 40.12
C LEU U 46 -5.50 78.93 40.82
N ARG U 47 -4.30 78.71 40.31
CA ARG U 47 -3.33 77.82 40.96
C ARG U 47 -2.53 78.53 42.05
N GLU U 48 -2.24 79.83 41.86
CA GLU U 48 -1.43 80.55 42.83
C GLU U 48 -2.16 80.71 44.17
N VAL U 49 -3.48 80.86 44.15
CA VAL U 49 -4.20 80.99 45.42
C VAL U 49 -4.12 79.69 46.21
N ARG U 50 -4.16 78.54 45.52
CA ARG U 50 -4.02 77.26 46.21
C ARG U 50 -2.61 77.08 46.74
N LYS U 51 -1.60 77.54 45.99
CA LYS U 51 -0.25 77.53 46.52
C LYS U 51 -0.11 78.43 47.74
N ASP U 52 -0.81 79.58 47.76
CA ASP U 52 -0.81 80.44 48.93
C ASP U 52 -1.45 79.76 50.14
N ILE U 53 -2.56 79.04 49.92
CA ILE U 53 -3.18 78.28 50.99
C ILE U 53 -2.20 77.25 51.54
N ALA U 54 -1.47 76.58 50.65
CA ALA U 54 -0.46 75.62 51.08
C ALA U 54 0.63 76.30 51.91
N ARG U 55 1.05 77.50 51.50
CA ARG U 55 2.08 78.22 52.25
C ARG U 55 1.61 78.54 53.66
N VAL U 56 0.38 79.05 53.79
CA VAL U 56 -0.14 79.40 55.11
C VAL U 56 -0.28 78.15 55.98
N TYR U 57 -0.72 77.05 55.38
CA TYR U 57 -0.81 75.80 56.13
C TYR U 57 0.56 75.32 56.58
N THR U 58 1.58 75.48 55.73
CA THR U 58 2.94 75.10 56.13
C THR U 58 3.40 75.92 57.32
N VAL U 59 3.15 77.22 57.31
CA VAL U 59 3.56 78.07 58.44
C VAL U 59 2.83 77.66 59.71
N LEU U 60 1.50 77.48 59.60
CA LEU U 60 0.71 77.10 60.77
C LEU U 60 1.15 75.76 61.33
N GLN U 61 1.44 74.78 60.46
CA GLN U 61 1.81 73.47 60.96
C GLN U 61 3.23 73.45 61.52
N GLU U 62 4.14 74.24 60.96
CA GLU U 62 5.47 74.31 61.55
C GLU U 62 5.44 75.03 62.90
N ARG U 63 4.46 75.90 63.11
CA ARG U 63 4.26 76.43 64.46
C ARG U 63 3.65 75.39 65.38
N ASN U 64 2.69 74.61 64.88
CA ASN U 64 2.05 73.58 65.70
C ASN U 64 3.04 72.49 66.09
N LEU U 65 3.88 72.05 65.16
CA LEU U 65 4.80 70.95 65.39
C LEU U 65 6.14 71.42 65.96
N ASN U 66 6.26 72.71 66.28
CA ASN U 66 7.44 73.30 66.90
C ASN U 66 8.67 73.26 65.99
N ILE U 67 8.48 73.09 64.68
CA ILE U 67 9.59 73.19 63.74
C ILE U 67 10.22 74.58 63.85
N VAL U 68 9.38 75.61 63.96
CA VAL U 68 9.82 76.98 64.22
C VAL U 68 9.01 77.49 65.40
N ASP U 69 9.67 78.28 66.27
CA ASP U 69 9.02 78.76 67.48
C ASP U 69 7.74 79.53 67.17
N ASP U 70 6.71 79.28 67.97
CA ASP U 70 5.41 79.89 67.77
C ASP U 70 5.30 81.16 68.60
N PRO U 71 5.10 82.34 67.98
CA PRO U 71 4.94 83.63 68.67
C PRO U 71 3.90 83.59 69.79
N MET V 1 56.11 -21.61 -30.01
CA MET V 1 55.88 -20.23 -29.59
C MET V 1 55.56 -19.35 -30.80
N SER V 2 54.27 -19.25 -31.13
CA SER V 2 53.83 -18.46 -32.27
C SER V 2 53.28 -17.10 -31.86
N LYS V 3 53.40 -16.72 -30.58
CA LYS V 3 53.03 -15.39 -30.09
C LYS V 3 51.56 -15.09 -30.38
N LEU V 4 50.70 -15.84 -29.68
CA LEU V 4 49.26 -15.64 -29.69
C LEU V 4 48.90 -14.16 -29.63
N LYS V 5 47.96 -13.76 -30.47
CA LYS V 5 47.43 -12.39 -30.50
C LYS V 5 45.97 -12.46 -30.07
N ILE V 6 45.67 -11.92 -28.89
CA ILE V 6 44.36 -12.06 -28.27
C ILE V 6 43.72 -10.68 -28.20
N THR V 7 42.51 -10.56 -28.74
CA THR V 7 41.78 -9.30 -28.71
C THR V 7 40.39 -9.51 -28.13
N GLN V 8 39.94 -8.55 -27.32
CA GLN V 8 38.65 -8.64 -26.66
C GLN V 8 37.56 -8.06 -27.55
N ILE V 9 36.50 -8.84 -27.77
CA ILE V 9 35.42 -8.44 -28.64
C ILE V 9 34.11 -8.21 -27.90
N LYS V 10 33.89 -8.85 -26.76
CA LYS V 10 32.71 -8.64 -25.95
C LYS V 10 33.11 -8.05 -24.61
N SER V 11 32.14 -7.45 -23.93
CA SER V 11 32.38 -6.83 -22.65
C SER V 11 32.43 -7.86 -21.53
N GLY V 12 32.96 -7.44 -20.39
CA GLY V 12 32.94 -8.24 -19.19
C GLY V 12 31.70 -8.08 -18.34
N ILE V 13 30.81 -7.14 -18.68
CA ILE V 13 29.60 -6.95 -17.90
C ILE V 13 28.71 -8.18 -18.02
N ALA V 14 28.18 -8.64 -16.89
CA ALA V 14 27.25 -9.75 -16.76
C ALA V 14 27.88 -11.10 -17.04
N THR V 15 29.20 -11.18 -17.08
CA THR V 15 29.88 -12.46 -17.19
C THR V 15 30.28 -12.95 -15.80
N LYS V 16 30.67 -14.22 -15.73
CA LYS V 16 31.05 -14.81 -14.45
C LYS V 16 32.34 -14.15 -13.95
N PRO V 17 32.50 -14.02 -12.62
CA PRO V 17 33.71 -13.36 -12.10
C PRO V 17 34.97 -14.06 -12.52
N ASN V 18 34.93 -15.37 -12.67
CA ASN V 18 36.02 -16.13 -13.26
C ASN V 18 36.43 -15.56 -14.61
N HIS V 19 35.46 -15.27 -15.48
CA HIS V 19 35.77 -14.71 -16.80
C HIS V 19 36.40 -13.33 -16.69
N ARG V 20 35.93 -12.51 -15.75
CA ARG V 20 36.49 -11.16 -15.62
C ARG V 20 37.92 -11.20 -15.10
N GLU V 21 38.21 -12.07 -14.14
CA GLU V 21 39.60 -12.22 -13.71
C GLU V 21 40.47 -12.85 -14.79
N THR V 22 39.90 -13.70 -15.63
CA THR V 22 40.65 -14.23 -16.76
C THR V 22 41.00 -13.13 -17.75
N LEU V 23 40.06 -12.22 -18.01
CA LEU V 23 40.33 -11.09 -18.89
C LEU V 23 41.39 -10.17 -18.30
N ARG V 24 41.32 -9.93 -16.99
CA ARG V 24 42.33 -9.11 -16.32
C ARG V 24 43.71 -9.77 -16.40
N SER V 25 43.76 -11.09 -16.20
CA SER V 25 45.03 -11.81 -16.23
C SER V 25 45.67 -11.79 -17.61
N LEU V 26 44.87 -11.71 -18.66
CA LEU V 26 45.40 -11.64 -20.02
C LEU V 26 45.93 -10.26 -20.36
N GLY V 27 45.71 -9.27 -19.51
CA GLY V 27 46.08 -7.90 -19.81
C GLY V 27 45.08 -7.15 -20.67
N LEU V 28 43.87 -7.69 -20.83
CA LEU V 28 42.84 -7.03 -21.63
C LEU V 28 42.01 -6.11 -20.73
N LYS V 29 41.83 -4.87 -21.18
CA LYS V 29 41.14 -3.84 -20.40
C LYS V 29 39.83 -3.37 -21.03
N ARG V 30 39.75 -3.33 -22.35
CA ARG V 30 38.58 -2.80 -23.05
C ARG V 30 38.24 -3.72 -24.20
N ILE V 31 37.01 -3.58 -24.71
CA ILE V 31 36.66 -4.23 -25.96
C ILE V 31 37.52 -3.64 -27.07
N GLY V 32 38.13 -4.52 -27.87
CA GLY V 32 39.03 -4.10 -28.91
C GLY V 32 40.48 -3.98 -28.49
N ASP V 33 40.78 -4.13 -27.21
CA ASP V 33 42.16 -4.10 -26.76
C ASP V 33 42.84 -5.43 -27.09
N THR V 34 44.12 -5.36 -27.45
CA THR V 34 44.85 -6.52 -27.95
C THR V 34 46.11 -6.72 -27.13
N VAL V 35 46.47 -7.99 -26.91
CA VAL V 35 47.69 -8.36 -26.22
C VAL V 35 48.39 -9.44 -27.02
N ILE V 36 49.72 -9.48 -26.90
CA ILE V 36 50.54 -10.54 -27.49
C ILE V 36 51.08 -11.38 -26.34
N LYS V 37 50.77 -12.67 -26.37
CA LYS V 37 51.24 -13.61 -25.37
C LYS V 37 52.10 -14.67 -26.05
N GLU V 38 52.99 -15.29 -25.27
CA GLU V 38 53.71 -16.45 -25.77
C GLU V 38 52.77 -17.64 -25.88
N ASP V 39 53.07 -18.52 -26.83
CA ASP V 39 52.27 -19.73 -27.04
C ASP V 39 52.64 -20.73 -25.95
N ARG V 40 51.95 -20.61 -24.81
CA ARG V 40 52.14 -21.47 -23.66
C ARG V 40 50.79 -21.99 -23.21
N PRO V 41 50.75 -23.17 -22.58
CA PRO V 41 49.46 -23.78 -22.24
C PRO V 41 48.59 -22.95 -21.30
N GLU V 42 49.18 -22.16 -20.40
CA GLU V 42 48.37 -21.37 -19.48
C GLU V 42 47.61 -20.26 -20.22
N PHE V 43 48.26 -19.61 -21.18
CA PHE V 43 47.59 -18.56 -21.94
C PHE V 43 46.52 -19.14 -22.86
N ARG V 44 46.76 -20.33 -23.41
CA ARG V 44 45.74 -21.00 -24.20
C ARG V 44 44.55 -21.42 -23.34
N GLY V 45 44.82 -21.85 -22.11
CA GLY V 45 43.73 -22.13 -21.19
C GLY V 45 42.93 -20.90 -20.84
N MET V 46 43.60 -19.77 -20.64
CA MET V 46 42.89 -18.51 -20.44
C MET V 46 42.04 -18.16 -21.64
N VAL V 47 42.58 -18.35 -22.85
CA VAL V 47 41.85 -18.02 -24.07
C VAL V 47 40.61 -18.88 -24.20
N ARG V 48 40.73 -20.17 -23.92
CA ARG V 48 39.58 -21.07 -24.05
C ARG V 48 38.63 -20.99 -22.88
N THR V 49 39.02 -20.35 -21.77
CA THR V 49 38.07 -20.06 -20.71
C THR V 49 37.10 -18.97 -21.12
N VAL V 50 37.58 -17.98 -21.87
CA VAL V 50 36.77 -16.83 -22.25
C VAL V 50 36.64 -16.74 -23.76
N ARG V 51 36.58 -17.89 -24.43
CA ARG V 51 36.53 -17.90 -25.89
C ARG V 51 35.29 -17.16 -26.43
N HIS V 52 34.22 -17.08 -25.63
CA HIS V 52 33.06 -16.32 -26.07
C HIS V 52 33.28 -14.82 -25.98
N LEU V 53 34.38 -14.38 -25.36
CA LEU V 53 34.65 -12.96 -25.16
C LEU V 53 35.83 -12.45 -25.97
N VAL V 54 36.67 -13.32 -26.53
CA VAL V 54 37.90 -12.92 -27.19
C VAL V 54 38.01 -13.64 -28.54
N THR V 55 38.92 -13.14 -29.36
CA THR V 55 39.40 -13.83 -30.55
C THR V 55 40.91 -13.96 -30.48
N MET V 56 41.43 -15.06 -31.00
CA MET V 56 42.85 -15.38 -30.96
C MET V 56 43.37 -15.66 -32.36
N GLU V 57 44.59 -15.20 -32.62
CA GLU V 57 45.28 -15.43 -33.88
C GLU V 57 46.75 -15.70 -33.57
N GLU V 58 47.55 -15.87 -34.62
CA GLU V 58 48.99 -16.10 -34.45
C GLU V 58 49.83 -14.93 -34.96
N ALA W 2 -18.30 20.42 -5.15
CA ALA W 2 -16.93 19.93 -5.19
C ALA W 2 -15.94 21.06 -4.95
N VAL W 3 -14.66 20.76 -5.06
CA VAL W 3 -13.61 21.73 -4.77
C VAL W 3 -12.58 21.69 -5.90
N PRO W 4 -12.00 22.82 -6.28
CA PRO W 4 -11.00 22.80 -7.36
C PRO W 4 -9.81 21.91 -7.03
N LYS W 5 -9.47 21.04 -7.97
CA LYS W 5 -8.40 20.06 -7.75
C LYS W 5 -7.02 20.68 -7.80
N ARG W 6 -6.84 21.72 -8.61
CA ARG W 6 -5.55 22.37 -8.80
C ARG W 6 -5.75 23.86 -8.97
N LYS W 7 -4.67 24.62 -8.79
CA LYS W 7 -4.71 26.03 -9.10
C LYS W 7 -4.84 26.23 -10.60
N MET W 8 -5.81 27.03 -11.00
CA MET W 8 -5.99 27.32 -12.42
C MET W 8 -4.81 28.12 -12.95
N SER W 9 -4.37 27.79 -14.16
CA SER W 9 -3.23 28.46 -14.74
C SER W 9 -3.59 29.89 -15.13
N ARG W 10 -2.56 30.72 -15.29
CA ARG W 10 -2.80 32.12 -15.64
C ARG W 10 -3.47 32.25 -16.99
N SER W 11 -3.09 31.39 -17.95
CA SER W 11 -3.70 31.42 -19.26
C SER W 11 -5.19 31.13 -19.19
N ASN W 12 -5.58 30.06 -18.50
CA ASN W 12 -6.98 29.68 -18.42
C ASN W 12 -7.79 30.65 -17.58
N THR W 13 -7.21 31.12 -16.47
CA THR W 13 -7.87 32.11 -15.64
C THR W 13 -8.15 33.38 -16.43
N ARG W 14 -7.17 33.85 -17.20
CA ARG W 14 -7.38 35.05 -17.99
C ARG W 14 -8.32 34.81 -19.15
N HIS W 15 -8.28 33.61 -19.74
CA HIS W 15 -9.23 33.25 -20.79
C HIS W 15 -10.66 33.40 -20.31
N ARG W 16 -10.95 32.89 -19.11
CA ARG W 16 -12.31 33.00 -18.58
C ARG W 16 -12.62 34.42 -18.10
N ARG W 17 -11.64 35.07 -17.45
CA ARG W 17 -11.89 36.36 -16.81
C ARG W 17 -12.07 37.48 -17.82
N SER W 18 -11.43 37.38 -18.99
CA SER W 18 -11.56 38.43 -20.00
C SER W 18 -12.97 38.53 -20.56
N GLN W 19 -13.79 37.49 -20.38
CA GLN W 19 -15.17 37.52 -20.85
C GLN W 19 -16.12 38.15 -19.87
N TRP W 20 -15.66 38.49 -18.66
CA TRP W 20 -16.43 39.33 -17.75
C TRP W 20 -16.19 40.77 -18.15
N LYS W 21 -17.06 41.27 -19.03
CA LYS W 21 -16.89 42.61 -19.58
C LYS W 21 -18.26 43.14 -19.96
N THR W 22 -18.34 44.46 -20.10
CA THR W 22 -19.56 45.13 -20.50
C THR W 22 -19.38 45.73 -21.90
N VAL W 23 -20.43 46.38 -22.37
CA VAL W 23 -20.41 47.11 -23.63
C VAL W 23 -20.65 48.57 -23.31
N ALA W 24 -20.14 49.43 -24.19
CA ALA W 24 -20.33 50.86 -24.03
C ALA W 24 -21.77 51.25 -24.37
N THR W 25 -22.32 52.17 -23.59
CA THR W 25 -23.65 52.70 -23.90
C THR W 25 -23.56 53.55 -25.17
N LYS W 26 -24.58 53.41 -26.04
CA LYS W 26 -24.44 53.90 -27.41
C LYS W 26 -24.76 55.38 -27.56
N LEU W 27 -25.90 55.82 -27.01
CA LEU W 27 -26.28 57.23 -26.96
C LEU W 27 -26.65 57.80 -28.32
N VAL W 28 -27.64 58.69 -28.34
CA VAL W 28 -28.14 59.33 -29.55
C VAL W 28 -28.31 60.82 -29.27
N THR W 29 -28.13 61.63 -30.31
CA THR W 29 -28.25 63.08 -30.18
C THR W 29 -29.72 63.49 -30.08
N CYS W 30 -29.98 64.45 -29.19
CA CYS W 30 -31.34 64.97 -29.03
C CYS W 30 -31.81 65.62 -30.32
N ALA W 31 -33.04 65.29 -30.73
CA ALA W 31 -33.60 65.86 -31.95
C ALA W 31 -34.00 67.31 -31.76
N ASN W 32 -34.11 67.77 -30.52
CA ASN W 32 -34.40 69.17 -30.24
C ASN W 32 -33.21 70.02 -30.65
N PRO W 33 -33.37 70.99 -31.55
CA PRO W 33 -32.23 71.83 -31.93
C PRO W 33 -31.65 72.62 -30.76
N ALA W 34 -32.48 73.03 -29.81
CA ALA W 34 -32.02 73.84 -28.70
C ALA W 34 -31.40 73.03 -27.57
N CYS W 35 -31.37 71.70 -27.68
CA CYS W 35 -30.71 70.86 -26.69
C CYS W 35 -29.46 70.19 -27.25
N GLY W 36 -29.61 69.39 -28.30
CA GLY W 36 -28.46 68.77 -28.94
C GLY W 36 -27.63 67.89 -28.04
N GLU W 37 -28.18 67.41 -26.93
CA GLU W 37 -27.44 66.61 -25.96
C GLU W 37 -27.74 65.13 -26.16
N LYS W 38 -26.78 64.31 -25.74
CA LYS W 38 -26.90 62.86 -25.90
C LYS W 38 -27.90 62.30 -24.90
N HIS W 39 -28.67 61.32 -25.36
CA HIS W 39 -29.59 60.59 -24.49
C HIS W 39 -29.67 59.16 -24.98
N LEU W 40 -30.38 58.33 -24.23
CA LEU W 40 -30.55 56.96 -24.65
C LEU W 40 -31.62 56.86 -25.74
N PRO W 41 -31.49 55.90 -26.65
CA PRO W 41 -32.53 55.71 -27.67
C PRO W 41 -33.83 55.24 -27.03
N HIS W 42 -34.94 55.80 -27.53
CA HIS W 42 -36.29 55.51 -27.01
C HIS W 42 -36.43 55.90 -25.55
N THR W 43 -35.66 56.90 -25.11
CA THR W 43 -35.70 57.41 -23.76
C THR W 43 -35.75 58.93 -23.81
N ALA W 44 -36.49 59.52 -22.87
CA ALA W 44 -36.56 60.97 -22.80
C ALA W 44 -35.18 61.55 -22.50
N CYS W 45 -34.90 62.72 -23.05
CA CYS W 45 -33.59 63.34 -22.87
C CYS W 45 -33.45 63.83 -21.43
N PRO W 46 -32.34 63.51 -20.76
CA PRO W 46 -32.12 64.07 -19.41
C PRO W 46 -32.00 65.58 -19.40
N SER W 47 -31.42 66.17 -20.44
CA SER W 47 -31.07 67.59 -20.41
C SER W 47 -32.30 68.47 -20.60
N CYS W 48 -33.24 68.06 -21.46
CA CYS W 48 -34.42 68.85 -21.73
C CYS W 48 -35.71 68.16 -21.31
N GLY W 49 -35.68 66.88 -20.97
CA GLY W 49 -36.89 66.18 -20.57
C GLY W 49 -37.83 65.87 -21.70
N GLY W 50 -37.37 65.98 -22.95
CA GLY W 50 -38.23 65.88 -24.11
C GLY W 50 -38.12 64.53 -24.82
N TYR W 51 -39.10 64.32 -25.70
CA TYR W 51 -39.17 63.10 -26.50
C TYR W 51 -39.86 63.43 -27.81
N GLY W 52 -39.59 62.62 -28.83
CA GLY W 52 -40.26 62.77 -30.11
C GLY W 52 -39.32 63.22 -31.20
N PRO W 53 -39.82 63.29 -32.42
CA PRO W 53 -39.03 63.82 -33.53
C PRO W 53 -38.97 65.35 -33.47
N ARG W 54 -38.16 65.92 -34.38
CA ARG W 54 -37.97 67.36 -34.39
C ARG W 54 -39.29 68.10 -34.57
N GLY W 55 -40.19 67.56 -35.39
CA GLY W 55 -41.47 68.19 -35.64
C GLY W 55 -42.44 68.20 -34.48
N ASP W 56 -42.66 67.05 -33.85
CA ASP W 56 -43.64 66.90 -32.80
C ASP W 56 -42.94 66.44 -31.52
N ARG W 57 -42.50 67.41 -30.72
CA ARG W 57 -41.87 67.11 -29.44
C ARG W 57 -42.90 67.16 -28.31
N ARG W 58 -42.64 66.37 -27.28
CA ARG W 58 -43.46 66.39 -26.07
C ARG W 58 -42.54 66.37 -24.85
N GLN W 59 -43.04 66.92 -23.75
CA GLN W 59 -42.27 66.98 -22.51
C GLN W 59 -42.66 65.83 -21.62
N VAL W 60 -41.67 65.02 -21.22
CA VAL W 60 -41.89 63.88 -20.36
C VAL W 60 -41.49 64.19 -18.91
N VAL W 61 -40.37 64.88 -18.73
CA VAL W 61 -39.90 65.28 -17.40
C VAL W 61 -39.73 66.79 -17.39
N GLU W 62 -40.23 67.43 -16.33
CA GLU W 62 -40.04 68.87 -16.18
C GLU W 62 -38.58 69.24 -15.99
N ALA W 63 -37.70 68.28 -15.72
CA ALA W 63 -36.27 68.53 -15.65
C ALA W 63 -35.69 68.76 -17.04
N ASP X 7 17.99 -38.32 42.32
CA ASP X 7 17.56 -39.12 43.47
C ASP X 7 17.96 -40.57 43.30
N VAL X 8 17.78 -41.09 42.08
CA VAL X 8 18.12 -42.48 41.81
C VAL X 8 19.60 -42.65 41.46
N ARG X 9 20.23 -41.64 40.86
CA ARG X 9 21.66 -41.66 40.59
C ARG X 9 22.26 -40.39 41.17
N PRO X 10 22.49 -40.35 42.48
CA PRO X 10 22.92 -39.13 43.13
C PRO X 10 24.41 -38.90 42.97
N LYS X 11 24.83 -37.68 43.30
CA LYS X 11 26.24 -37.32 43.33
C LYS X 11 26.82 -37.64 44.69
N ILE X 12 27.95 -38.34 44.69
CA ILE X 12 28.61 -38.81 45.90
C ILE X 12 30.02 -38.27 45.92
N THR X 13 30.46 -37.83 47.11
CA THR X 13 31.80 -37.27 47.28
C THR X 13 32.71 -38.30 47.94
N LEU X 14 33.84 -38.57 47.31
CA LEU X 14 34.85 -39.49 47.80
C LEU X 14 35.94 -38.69 48.50
N ALA X 15 36.12 -38.98 49.79
CA ALA X 15 37.11 -38.31 50.63
C ALA X 15 38.14 -39.33 51.11
N CYS X 16 39.38 -38.86 51.29
CA CYS X 16 40.45 -39.74 51.74
C CYS X 16 40.19 -40.23 53.15
N THR X 17 40.53 -41.49 53.42
CA THR X 17 40.42 -42.04 54.76
C THR X 17 41.57 -41.60 55.67
N GLU X 18 42.56 -40.89 55.13
CA GLU X 18 43.66 -40.37 55.93
C GLU X 18 43.40 -38.93 56.36
N CYS X 19 43.26 -38.01 55.40
CA CYS X 19 43.18 -36.59 55.68
C CYS X 19 41.78 -36.02 55.58
N LYS X 20 40.77 -36.86 55.31
CA LYS X 20 39.38 -36.41 55.20
C LYS X 20 39.23 -35.31 54.14
N GLU X 21 39.97 -35.44 53.05
CA GLU X 21 39.98 -34.45 51.98
C GLU X 21 38.99 -34.88 50.91
N ARG X 22 37.99 -34.03 50.65
CA ARG X 22 36.92 -34.37 49.71
C ARG X 22 37.47 -34.22 48.29
N ASN X 23 38.24 -35.22 47.87
CA ASN X 23 39.00 -35.11 46.64
C ASN X 23 38.12 -35.27 45.41
N TYR X 24 37.22 -36.25 45.37
CA TYR X 24 36.54 -36.58 44.13
C TYR X 24 35.03 -36.52 44.30
N ILE X 25 34.33 -36.34 43.18
CA ILE X 25 32.87 -36.40 43.14
C ILE X 25 32.46 -37.19 41.91
N THR X 26 31.51 -38.12 42.09
CA THR X 26 31.07 -38.99 41.02
C THR X 26 29.59 -39.33 41.26
N LYS X 27 29.08 -40.37 40.61
CA LYS X 27 27.71 -40.79 40.80
C LYS X 27 27.64 -42.30 40.90
N LYS X 28 26.59 -42.78 41.57
CA LYS X 28 26.31 -44.22 41.69
C LYS X 28 24.81 -44.41 41.54
N ASN X 29 24.32 -45.61 41.88
CA ASN X 29 22.91 -45.95 41.66
C ASN X 29 22.09 -46.00 42.93
N ARG X 30 22.69 -46.18 44.11
CA ARG X 30 21.98 -46.10 45.39
C ARG X 30 21.03 -47.27 45.59
N ARG X 31 20.84 -48.07 44.56
CA ARG X 31 20.12 -49.34 44.63
C ARG X 31 20.99 -50.52 44.27
N ASN X 32 21.87 -50.35 43.28
CA ASN X 32 22.88 -51.36 42.99
C ASN X 32 24.00 -51.32 44.02
N ASN X 33 24.30 -50.13 44.56
CA ASN X 33 25.30 -49.95 45.60
C ASN X 33 24.63 -49.22 46.76
N PRO X 34 23.86 -49.93 47.58
CA PRO X 34 23.21 -49.26 48.73
C PRO X 34 24.19 -48.67 49.72
N ASP X 35 25.34 -49.30 49.91
CA ASP X 35 26.30 -48.89 50.93
C ASP X 35 27.37 -47.97 50.34
N ARG X 36 28.13 -47.34 51.24
CA ARG X 36 29.16 -46.40 50.84
C ARG X 36 30.27 -47.11 50.08
N MET X 37 30.80 -46.43 49.07
CA MET X 37 31.77 -47.02 48.16
C MET X 37 33.19 -46.80 48.64
N GLU X 38 33.99 -47.87 48.60
CA GLU X 38 35.44 -47.79 48.77
C GLU X 38 36.08 -47.76 47.40
N MET X 39 37.10 -46.91 47.24
CA MET X 39 37.85 -46.83 46.00
C MET X 39 39.31 -46.57 46.34
N ALA X 40 40.19 -46.83 45.39
CA ALA X 40 41.61 -46.58 45.57
C ALA X 40 42.00 -45.41 44.67
N LYS X 41 41.86 -44.20 45.20
CA LYS X 41 42.08 -43.00 44.41
C LYS X 41 43.40 -42.36 44.80
N PHE X 42 43.74 -41.28 44.12
CA PHE X 42 44.97 -40.55 44.40
C PHE X 42 44.64 -39.30 45.20
N CYS X 43 45.30 -39.13 46.35
CA CYS X 43 45.07 -37.97 47.20
C CYS X 43 46.12 -36.93 46.90
N PRO X 44 45.75 -35.76 46.37
CA PRO X 44 46.76 -34.71 46.13
C PRO X 44 47.43 -34.21 47.40
N ARG X 45 46.78 -34.39 48.55
CA ARG X 45 47.38 -33.95 49.81
C ARG X 45 48.31 -35.02 50.38
N CYS X 46 47.84 -36.27 50.43
CA CYS X 46 48.67 -37.38 50.87
C CYS X 46 49.71 -37.78 49.84
N ARG X 47 49.62 -37.26 48.61
CA ARG X 47 50.64 -37.38 47.56
C ARG X 47 50.82 -38.81 47.08
N LYS X 48 49.86 -39.69 47.35
CA LYS X 48 49.93 -41.07 46.90
C LYS X 48 48.51 -41.60 46.74
N HIS X 49 48.41 -42.88 46.40
CA HIS X 49 47.12 -43.53 46.24
C HIS X 49 46.64 -44.02 47.59
N THR X 50 45.54 -43.46 48.07
CA THR X 50 44.92 -43.85 49.32
C THR X 50 43.50 -44.34 49.06
N ALA X 51 42.94 -44.98 50.08
CA ALA X 51 41.55 -45.41 50.04
C ALA X 51 40.63 -44.21 50.24
N HIS X 52 39.67 -44.05 49.35
CA HIS X 52 38.68 -43.00 49.40
C HIS X 52 37.32 -43.62 49.67
N ARG X 53 36.54 -42.99 50.54
CA ARG X 53 35.25 -43.50 50.94
C ARG X 53 34.20 -42.43 50.70
N GLU X 54 32.98 -42.86 50.40
CA GLU X 54 31.87 -41.94 50.22
C GLU X 54 31.54 -41.27 51.54
N THR X 55 31.33 -39.96 51.49
CA THR X 55 31.07 -39.20 52.70
C THR X 55 29.71 -39.57 53.29
N ARG X 56 29.60 -39.43 54.61
CA ARG X 56 28.37 -39.79 55.32
C ARG X 56 27.89 -38.62 56.19
N MET Y 1 -29.88 29.21 21.99
CA MET Y 1 -30.05 28.34 23.15
C MET Y 1 -29.48 28.99 24.40
N LYS Y 2 -29.64 28.32 25.54
CA LYS Y 2 -29.02 28.76 26.77
C LYS Y 2 -27.53 28.48 26.71
N ARG Y 3 -26.73 29.50 26.98
CA ARG Y 3 -25.28 29.41 26.91
C ARG Y 3 -24.69 29.29 28.31
N THR Y 4 -23.37 29.14 28.37
CA THR Y 4 -22.73 28.84 29.65
C THR Y 4 -22.66 30.06 30.55
N PHE Y 5 -22.46 31.26 29.99
CA PHE Y 5 -22.28 32.46 30.81
C PHE Y 5 -23.63 33.12 31.03
N GLN Y 6 -24.14 33.01 32.26
CA GLN Y 6 -25.30 33.76 32.69
C GLN Y 6 -24.88 34.75 33.76
N PRO Y 7 -24.77 36.04 33.47
CA PRO Y 7 -24.10 36.95 34.40
C PRO Y 7 -24.94 37.25 35.64
N SER Y 8 -24.28 37.18 36.79
CA SER Y 8 -24.84 37.67 38.04
C SER Y 8 -23.71 38.34 38.81
N ASN Y 9 -23.85 39.63 39.06
CA ASN Y 9 -22.76 40.38 39.69
C ASN Y 9 -22.57 39.97 41.14
N ARG Y 10 -23.65 39.66 41.85
CA ARG Y 10 -23.55 39.20 43.23
C ARG Y 10 -22.78 37.88 43.30
N ARG Y 11 -23.15 36.92 42.46
CA ARG Y 11 -22.46 35.64 42.44
C ARG Y 11 -21.01 35.80 41.98
N ARG Y 12 -20.78 36.67 41.01
CA ARG Y 12 -19.42 36.92 40.54
C ARG Y 12 -18.54 37.48 41.66
N ALA Y 13 -19.06 38.45 42.42
CA ALA Y 13 -18.29 39.03 43.51
C ALA Y 13 -18.10 38.05 44.65
N ARG Y 14 -19.08 37.20 44.90
CA ARG Y 14 -18.93 36.19 45.95
C ARG Y 14 -17.93 35.11 45.54
N ASN Y 15 -17.80 34.85 44.24
CA ASN Y 15 -16.93 33.77 43.78
C ASN Y 15 -15.50 34.23 43.53
N HIS Y 16 -15.31 35.40 42.91
CA HIS Y 16 -13.99 35.84 42.48
C HIS Y 16 -13.59 37.19 43.06
N GLY Y 17 -14.35 37.73 43.99
CA GLY Y 17 -14.07 39.05 44.51
C GLY Y 17 -12.80 39.09 45.35
N PHE Y 18 -12.42 40.30 45.73
CA PHE Y 18 -11.20 40.50 46.49
C PHE Y 18 -11.26 39.83 47.86
N ARG Y 19 -12.39 39.96 48.55
CA ARG Y 19 -12.49 39.39 49.89
C ARG Y 19 -12.54 37.86 49.84
N SER Y 20 -13.13 37.29 48.80
CA SER Y 20 -13.11 35.84 48.63
C SER Y 20 -11.68 35.34 48.46
N ARG Y 21 -10.88 36.04 47.66
CA ARG Y 21 -9.48 35.68 47.50
C ARG Y 21 -8.70 35.84 48.79
N MET Y 22 -8.95 36.95 49.52
CA MET Y 22 -8.32 37.13 50.83
C MET Y 22 -8.76 36.11 51.87
N SER Y 23 -9.88 35.41 51.65
CA SER Y 23 -10.37 34.52 52.69
C SER Y 23 -9.48 33.29 52.87
N THR Y 24 -8.69 32.93 51.86
CA THR Y 24 -7.90 31.71 51.90
C THR Y 24 -6.47 31.99 51.45
N ARG Y 25 -5.56 31.11 51.85
CA ARG Y 25 -4.16 31.30 51.52
C ARG Y 25 -3.88 31.05 50.04
N ALA Y 26 -4.66 30.18 49.40
CA ALA Y 26 -4.55 29.99 47.96
C ALA Y 26 -4.97 31.26 47.22
N GLY Y 27 -6.06 31.90 47.63
CA GLY Y 27 -6.47 33.13 47.00
C GLY Y 27 -5.51 34.28 47.28
N ARG Y 28 -4.95 34.32 48.49
CA ARG Y 28 -3.95 35.33 48.80
C ARG Y 28 -2.71 35.16 47.93
N SER Y 29 -2.30 33.91 47.70
CA SER Y 29 -1.17 33.67 46.82
C SER Y 29 -1.51 33.96 45.36
N ILE Y 30 -2.77 33.76 44.97
CA ILE Y 30 -3.21 34.17 43.63
C ILE Y 30 -3.08 35.67 43.47
N LEU Y 31 -3.52 36.43 44.48
CA LEU Y 31 -3.39 37.88 44.42
C LEU Y 31 -1.93 38.31 44.40
N ALA Y 32 -1.09 37.63 45.17
CA ALA Y 32 0.34 37.92 45.14
C ALA Y 32 0.94 37.63 43.77
N ALA Y 33 0.53 36.53 43.14
CA ALA Y 33 1.05 36.18 41.82
C ALA Y 33 0.57 37.15 40.75
N ARG Y 34 -0.66 37.64 40.86
CA ARG Y 34 -1.16 38.63 39.92
C ARG Y 34 -0.49 39.98 40.13
N ARG Y 35 -0.14 40.31 41.37
CA ARG Y 35 0.70 41.49 41.61
C ARG Y 35 2.09 41.32 40.98
N ARG Y 36 2.66 40.12 41.12
CA ARG Y 36 3.98 39.84 40.55
C ARG Y 36 3.97 39.97 39.04
N LYS Y 37 2.94 39.43 38.38
CA LYS Y 37 2.85 39.56 36.94
C LYS Y 37 2.60 41.01 36.52
N GLY Y 38 1.84 41.75 37.30
CA GLY Y 38 1.56 43.13 37.00
C GLY Y 38 0.16 43.39 36.47
N ARG Y 39 -0.81 42.53 36.78
CA ARG Y 39 -2.16 42.72 36.28
C ARG Y 39 -2.76 43.97 36.90
N VAL Y 40 -3.43 44.78 36.06
CA VAL Y 40 -4.16 45.91 36.58
C VAL Y 40 -5.46 45.49 37.25
N ASN Y 41 -5.89 44.25 37.02
CA ASN Y 41 -7.05 43.66 37.69
C ASN Y 41 -6.58 42.48 38.51
N LEU Y 42 -6.62 42.62 39.83
CA LEU Y 42 -6.23 41.52 40.71
C LEU Y 42 -7.35 40.52 40.94
N SER Y 43 -8.60 40.95 40.79
CA SER Y 43 -9.74 40.09 41.06
C SER Y 43 -10.97 40.69 40.39
N ALA Y 44 -12.11 40.05 40.60
CA ALA Y 44 -13.38 40.55 40.10
C ALA Y 44 -14.10 41.35 41.18
N PRO Z 2 31.55 17.19 33.70
CA PRO Z 2 31.38 16.03 34.57
C PRO Z 2 32.28 14.87 34.19
N LYS Z 3 33.03 14.36 35.16
CA LYS Z 3 33.82 13.16 34.92
C LYS Z 3 32.90 12.02 34.54
N MET Z 4 33.32 11.23 33.55
CA MET Z 4 32.54 10.10 33.08
C MET Z 4 32.97 8.86 33.84
N LYS Z 5 32.01 8.21 34.50
CA LYS Z 5 32.26 7.07 35.37
C LYS Z 5 32.55 5.82 34.55
N SER Z 6 33.22 4.87 35.19
CA SER Z 6 33.49 3.58 34.57
C SER Z 6 32.31 2.63 34.79
N HIS Z 7 32.32 1.52 34.07
CA HIS Z 7 31.31 0.49 34.23
C HIS Z 7 31.74 -0.46 35.34
N SER Z 8 30.85 -0.67 36.31
CA SER Z 8 31.23 -1.40 37.52
C SER Z 8 31.43 -2.89 37.24
N GLY Z 9 30.54 -3.49 36.44
CA GLY Z 9 30.74 -4.87 36.04
C GLY Z 9 31.99 -5.06 35.22
N THR Z 10 32.28 -4.13 34.32
CA THR Z 10 33.53 -4.15 33.57
C THR Z 10 34.72 -4.00 34.51
N LYS Z 11 34.61 -3.08 35.49
CA LYS Z 11 35.67 -2.94 36.49
C LYS Z 11 35.95 -4.27 37.17
N LYS Z 12 34.90 -5.02 37.48
CA LYS Z 12 35.05 -6.26 38.24
C LYS Z 12 35.39 -7.48 37.38
N ARG Z 13 35.26 -7.40 36.06
CA ARG Z 13 35.35 -8.61 35.24
C ARG Z 13 36.55 -8.69 34.31
N PHE Z 14 37.16 -7.58 33.92
CA PHE Z 14 38.22 -7.61 32.91
C PHE Z 14 39.49 -6.95 33.42
N LYS Z 15 40.62 -7.57 33.12
CA LYS Z 15 41.94 -7.02 33.35
C LYS Z 15 42.53 -6.50 32.05
N VAL Z 16 43.41 -5.52 32.16
CA VAL Z 16 44.17 -5.01 31.02
C VAL Z 16 45.64 -5.25 31.31
N THR Z 17 46.31 -5.96 30.41
CA THR Z 17 47.70 -6.34 30.62
C THR Z 17 48.62 -5.17 30.30
N GLY Z 18 49.93 -5.40 30.43
CA GLY Z 18 50.89 -4.33 30.19
C GLY Z 18 50.93 -3.89 28.75
N SER Z 19 50.84 -4.84 27.82
CA SER Z 19 50.85 -4.52 26.39
C SER Z 19 49.50 -4.03 25.88
N GLY Z 20 48.46 -4.05 26.70
CA GLY Z 20 47.16 -3.54 26.32
C GLY Z 20 46.11 -4.57 26.01
N LYS Z 21 46.40 -5.86 26.20
CA LYS Z 21 45.40 -6.89 25.99
C LYS Z 21 44.31 -6.83 27.06
N VAL Z 22 43.10 -7.24 26.69
CA VAL Z 22 41.96 -7.28 27.59
C VAL Z 22 41.63 -8.73 27.85
N THR Z 23 41.68 -9.13 29.12
CA THR Z 23 41.54 -10.53 29.50
C THR Z 23 40.41 -10.69 30.52
N ALA Z 24 39.67 -11.78 30.38
CA ALA Z 24 38.58 -12.12 31.28
C ALA Z 24 38.80 -13.50 31.87
N ARG Z 25 38.11 -13.80 32.96
CA ARG Z 25 38.16 -15.13 33.53
C ARG Z 25 37.26 -16.07 32.73
N LYS Z 26 37.74 -17.30 32.54
CA LYS Z 26 37.00 -18.28 31.74
C LYS Z 26 35.68 -18.63 32.41
N ALA Z 27 34.63 -18.73 31.61
CA ALA Z 27 33.26 -18.87 32.10
C ALA Z 27 32.78 -20.32 31.95
N GLY Z 28 32.18 -20.84 33.01
CA GLY Z 28 31.56 -22.15 32.96
C GLY Z 28 32.09 -23.13 33.98
N LYS Z 29 32.76 -22.64 35.02
CA LYS Z 29 33.35 -23.50 36.03
C LYS Z 29 32.87 -23.18 37.44
N ARG Z 30 31.83 -22.36 37.59
CA ARG Z 30 31.40 -21.97 38.92
C ARG Z 30 30.69 -23.11 39.65
N HIS Z 31 29.90 -23.89 38.93
CA HIS Z 31 29.18 -25.01 39.51
C HIS Z 31 28.87 -26.02 38.41
N LEU Z 32 28.14 -27.07 38.77
CA LEU Z 32 27.83 -28.17 37.85
C LEU Z 32 29.10 -28.77 37.27
N ASN Z 33 30.07 -29.03 38.15
CA ASN Z 33 31.41 -29.45 37.74
C ASN Z 33 31.64 -30.95 37.86
N GLU Z 34 30.66 -31.72 38.33
CA GLU Z 34 30.88 -33.16 38.49
C GLU Z 34 30.91 -33.86 37.15
N HIS Z 35 29.97 -33.52 36.26
CA HIS Z 35 29.95 -34.16 34.94
C HIS Z 35 31.09 -33.67 34.07
N LYS Z 36 31.53 -32.42 34.27
CA LYS Z 36 32.67 -31.90 33.54
C LYS Z 36 33.91 -32.70 33.88
N SER Z 37 34.67 -33.08 32.86
CA SER Z 37 35.91 -33.81 33.07
C SER Z 37 37.00 -32.85 33.56
N SER Z 38 38.14 -33.43 33.93
CA SER Z 38 39.28 -32.60 34.29
C SER Z 38 39.81 -31.84 33.09
N ARG Z 39 39.63 -32.38 31.88
CA ARG Z 39 40.04 -31.65 30.68
C ARG Z 39 39.13 -30.45 30.43
N VAL Z 40 37.82 -30.64 30.57
CA VAL Z 40 36.89 -29.53 30.39
C VAL Z 40 37.09 -28.48 31.47
N THR Z 41 37.31 -28.91 32.71
CA THR Z 41 37.54 -27.97 33.80
C THR Z 41 38.86 -27.22 33.60
N ARG Z 42 39.89 -27.91 33.12
CA ARG Z 42 41.16 -27.24 32.83
C ARG Z 42 41.02 -26.24 31.71
N ARG Z 43 40.16 -26.54 30.72
CA ARG Z 43 39.94 -25.59 29.63
C ARG Z 43 39.24 -24.33 30.13
N LEU Z 44 38.46 -24.43 31.20
CA LEU Z 44 37.69 -23.32 31.74
C LEU Z 44 38.34 -22.68 32.96
N THR Z 45 39.62 -22.96 33.22
CA THR Z 45 40.23 -22.61 34.50
C THR Z 45 41.18 -21.43 34.43
N GLY Z 46 41.53 -20.94 33.26
CA GLY Z 46 42.52 -19.89 33.13
C GLY Z 46 41.91 -18.55 32.77
N GLU Z 47 42.59 -17.82 31.90
CA GLU Z 47 42.18 -16.49 31.46
C GLU Z 47 42.10 -16.47 29.94
N THR Z 48 41.20 -15.66 29.40
CA THR Z 48 40.96 -15.58 27.97
C THR Z 48 41.22 -14.16 27.48
N VAL Z 49 42.04 -14.03 26.45
CA VAL Z 49 42.26 -12.76 25.79
C VAL Z 49 41.04 -12.46 24.92
N LEU Z 50 40.52 -11.23 25.02
CA LEU Z 50 39.29 -10.88 24.36
C LEU Z 50 39.50 -10.60 22.88
N SER Z 51 38.45 -10.85 22.10
CA SER Z 51 38.44 -10.55 20.69
C SER Z 51 38.39 -9.04 20.46
N LYS Z 52 38.67 -8.63 19.21
CA LYS Z 52 38.87 -7.22 18.89
C LYS Z 52 37.65 -6.38 19.25
N GLY Z 53 36.47 -6.78 18.80
CA GLY Z 53 35.28 -5.99 19.06
C GLY Z 53 34.92 -5.98 20.54
N GLU Z 54 35.00 -7.14 21.19
CA GLU Z 54 34.71 -7.20 22.62
C GLU Z 54 35.74 -6.41 23.43
N ALA Z 55 37.01 -6.47 23.03
CA ALA Z 55 38.04 -5.71 23.75
C ALA Z 55 37.83 -4.21 23.58
N ALA Z 56 37.45 -3.76 22.38
CA ALA Z 56 37.14 -2.35 22.17
C ALA Z 56 35.93 -1.93 23.00
N LYS Z 57 34.91 -2.79 23.07
CA LYS Z 57 33.75 -2.49 23.90
C LYS Z 57 34.15 -2.40 25.38
N VAL Z 58 35.03 -3.27 25.84
CA VAL Z 58 35.45 -3.24 27.24
C VAL Z 58 36.24 -1.96 27.52
N LYS Z 59 37.18 -1.61 26.64
CA LYS Z 59 37.94 -0.38 26.85
C LYS Z 59 37.06 0.85 26.76
N LYS Z 60 35.95 0.78 26.03
CA LYS Z 60 34.99 1.88 26.04
C LYS Z 60 34.23 1.93 27.36
N LEU Z 61 33.78 0.77 27.86
CA LEU Z 61 33.05 0.73 29.12
C LEU Z 61 33.91 1.17 30.29
N LEU Z 62 35.17 0.73 30.33
CA LEU Z 62 36.12 1.24 31.31
C LEU Z 62 36.39 2.72 31.05
N ALA Z 63 36.40 3.53 32.10
CA ALA Z 63 36.61 4.96 31.90
C ALA Z 63 38.08 5.35 32.02
N GLY Z 64 38.94 4.67 31.26
CA GLY Z 64 40.34 4.74 31.59
C GLY Z 64 40.70 3.98 32.84
N HIS Z 65 39.75 3.27 33.43
CA HIS Z 65 40.05 2.34 34.49
C HIS Z 65 40.97 1.25 33.97
N PRO Z 66 42.02 0.88 34.71
CA PRO Z 66 42.97 -0.13 34.23
C PRO Z 66 42.46 -1.56 34.32
N GLY Z 67 41.17 -1.76 34.53
CA GLY Z 67 40.68 -3.07 34.86
C GLY Z 67 40.94 -3.37 36.32
N ARG Z 68 40.71 -4.62 36.70
CA ARG Z 68 41.00 -5.04 38.06
C ARG Z 68 42.46 -5.47 38.18
N MET AA 1 44.60 -84.74 38.75
CA MET AA 1 43.27 -84.56 39.32
C MET AA 1 43.33 -83.70 40.58
N LYS AA 2 42.16 -83.28 41.06
CA LYS AA 2 42.04 -82.41 42.22
C LYS AA 2 41.64 -83.21 43.45
N GLN AA 3 41.90 -82.65 44.63
CA GLN AA 3 41.50 -83.27 45.88
C GLN AA 3 40.22 -82.65 46.41
N GLY AA 4 39.34 -83.50 46.93
CA GLY AA 4 38.12 -83.04 47.56
C GLY AA 4 37.05 -82.49 46.63
N ILE AA 5 37.02 -82.95 45.38
CA ILE AA 5 35.99 -82.51 44.44
C ILE AA 5 35.15 -83.66 43.89
N HIS AA 6 35.69 -84.90 43.85
CA HIS AA 6 35.07 -86.05 43.21
C HIS AA 6 34.59 -87.06 44.25
N PRO AA 7 33.60 -87.88 43.91
CA PRO AA 7 33.19 -88.96 44.81
C PRO AA 7 34.16 -90.13 44.76
N ASP AA 8 34.06 -90.97 45.78
CA ASP AA 8 35.00 -92.08 45.95
C ASP AA 8 34.84 -93.11 44.84
N TYR AA 9 35.97 -93.58 44.32
CA TYR AA 9 35.98 -94.55 43.22
C TYR AA 9 37.16 -95.48 43.44
N ARG AA 10 36.89 -96.70 43.90
CA ARG AA 10 37.94 -97.64 44.27
C ARG AA 10 37.65 -98.98 43.61
N GLU AA 11 38.46 -99.98 43.97
CA GLU AA 11 38.31 -101.32 43.41
C GLU AA 11 37.01 -101.96 43.90
N THR AA 12 36.38 -102.75 43.03
CA THR AA 12 35.07 -103.31 43.33
C THR AA 12 34.93 -104.68 42.71
N THR AA 13 34.34 -105.61 43.47
CA THR AA 13 33.92 -106.90 42.96
C THR AA 13 32.41 -106.87 42.67
N VAL AA 14 32.02 -107.48 41.56
CA VAL AA 14 30.64 -107.46 41.09
C VAL AA 14 30.17 -108.87 40.82
N VAL AA 15 28.85 -109.04 40.77
CA VAL AA 15 28.22 -110.29 40.37
C VAL AA 15 27.11 -109.97 39.38
N CYS AA 16 27.03 -110.77 38.32
CA CYS AA 16 25.99 -110.64 37.30
C CYS AA 16 24.82 -111.58 37.54
N THR AA 17 24.86 -112.39 38.61
CA THR AA 17 23.84 -113.38 38.93
C THR AA 17 23.66 -114.42 37.83
N CYS AA 18 24.60 -114.48 36.88
CA CYS AA 18 24.58 -115.44 35.79
C CYS AA 18 25.95 -116.06 35.61
N GLY AA 19 26.58 -116.46 36.71
CA GLY AA 19 27.90 -117.04 36.66
C GLY AA 19 29.00 -116.11 36.19
N ASN AA 20 28.78 -114.80 36.26
CA ASN AA 20 29.73 -113.82 35.75
C ASN AA 20 30.13 -112.86 36.85
N THR AA 21 31.43 -112.66 37.01
CA THR AA 21 31.98 -111.66 37.92
C THR AA 21 33.07 -110.90 37.20
N PHE AA 22 33.35 -109.69 37.66
CA PHE AA 22 34.33 -108.84 37.01
C PHE AA 22 35.05 -108.00 38.04
N THR AA 23 36.22 -107.50 37.65
CA THR AA 23 37.04 -106.68 38.53
C THR AA 23 37.00 -105.22 38.10
N THR AA 24 35.83 -104.76 37.67
CA THR AA 24 35.65 -103.36 37.32
C THR AA 24 35.64 -102.53 38.60
N ARG AA 25 35.46 -101.22 38.45
CA ARG AA 25 35.42 -100.32 39.58
C ARG AA 25 34.22 -99.40 39.43
N SER AA 26 33.53 -99.13 40.53
CA SER AA 26 32.29 -98.37 40.49
C SER AA 26 32.21 -97.44 41.69
N THR AA 27 31.31 -96.46 41.58
CA THR AA 27 31.09 -95.38 42.54
C THR AA 27 30.37 -95.82 43.81
N SER AA 28 30.17 -97.11 44.08
CA SER AA 28 29.39 -97.53 45.22
C SER AA 28 30.17 -97.36 46.52
N GLN AA 29 29.49 -97.61 47.64
CA GLN AA 29 30.01 -97.34 48.97
C GLN AA 29 30.07 -98.62 49.79
N SER AA 30 31.27 -98.97 50.26
CA SER AA 30 31.51 -99.96 51.31
C SER AA 30 30.63 -101.20 51.15
N GLY AA 31 30.80 -101.87 50.01
CA GLY AA 31 30.00 -103.05 49.73
C GLY AA 31 30.36 -103.62 48.37
N THR AA 32 29.41 -104.36 47.81
CA THR AA 32 29.58 -105.00 46.51
C THR AA 32 28.39 -104.64 45.63
N LEU AA 33 28.45 -105.10 44.38
CA LEU AA 33 27.41 -104.86 43.38
C LEU AA 33 26.67 -106.16 43.10
N ASN AA 34 25.35 -106.07 42.97
CA ASN AA 34 24.50 -107.22 42.67
C ASN AA 34 23.53 -106.78 41.57
N ALA AA 35 23.92 -107.00 40.32
CA ALA AA 35 23.13 -106.59 39.17
C ALA AA 35 22.22 -107.72 38.72
N ASP AA 36 21.07 -107.34 38.15
CA ASP AA 36 20.11 -108.33 37.70
C ASP AA 36 20.64 -109.14 36.52
N VAL AA 37 21.23 -108.47 35.53
CA VAL AA 37 21.60 -109.12 34.28
C VAL AA 37 22.71 -108.31 33.63
N CYS AA 38 23.53 -108.99 32.83
CA CYS AA 38 24.58 -108.38 32.02
C CYS AA 38 24.20 -108.44 30.54
N SER AA 39 25.13 -108.01 29.69
CA SER AA 39 24.88 -108.07 28.25
C SER AA 39 25.00 -109.50 27.72
N LYS AA 40 26.11 -110.17 28.03
CA LYS AA 40 26.24 -111.57 27.65
C LYS AA 40 25.18 -112.43 28.31
N CYS AA 41 24.70 -112.04 29.48
CA CYS AA 41 23.59 -112.71 30.14
C CYS AA 41 22.23 -112.33 29.54
N HIS AA 42 22.17 -111.27 28.75
CA HIS AA 42 20.91 -110.81 28.20
C HIS AA 42 20.42 -111.76 27.10
N PRO AA 43 19.12 -111.90 26.94
CA PRO AA 43 18.56 -112.71 25.86
C PRO AA 43 18.36 -111.98 24.53
N PHE AA 44 18.92 -110.78 24.35
CA PHE AA 44 18.68 -110.04 23.12
C PHE AA 44 19.52 -110.56 21.97
N TYR AA 45 20.84 -110.47 22.08
CA TYR AA 45 21.73 -110.86 21.00
C TYR AA 45 22.28 -112.27 21.18
N THR AA 46 21.88 -112.99 22.22
CA THR AA 46 22.12 -114.41 22.30
C THR AA 46 20.98 -115.22 21.69
N GLY AA 47 19.89 -114.56 21.30
CA GLY AA 47 18.78 -115.22 20.64
C GLY AA 47 17.92 -116.05 21.55
N LYS AA 48 17.26 -115.41 22.53
CA LYS AA 48 16.40 -116.14 23.45
C LYS AA 48 15.04 -115.46 23.59
N GLN AA 49 14.62 -114.67 22.61
CA GLN AA 49 13.25 -114.18 22.64
C GLN AA 49 12.48 -114.50 21.37
N LYS AA 50 13.10 -114.37 20.19
CA LYS AA 50 12.53 -114.79 18.92
C LYS AA 50 11.09 -114.31 18.73
N ILE AA 51 10.86 -113.04 19.06
CA ILE AA 51 9.51 -112.50 19.06
C ILE AA 51 8.93 -112.46 17.65
N LEU AA 52 9.69 -111.88 16.71
CA LEU AA 52 9.26 -111.68 15.33
C LEU AA 52 7.86 -111.06 15.31
N ASP AA 53 6.84 -111.85 14.98
CA ASP AA 53 5.45 -111.41 15.03
C ASP AA 53 4.57 -112.65 14.91
N ALA AA 54 3.24 -112.43 15.00
CA ALA AA 54 2.25 -113.48 14.85
C ALA AA 54 1.21 -112.98 13.84
N GLY AA 55 1.48 -113.23 12.56
CA GLY AA 55 0.60 -112.75 11.51
C GLY AA 55 0.10 -113.85 10.58
N GLY AA 56 -0.15 -115.03 11.14
CA GLY AA 56 -0.64 -116.15 10.35
C GLY AA 56 -2.15 -116.14 10.16
N ARG AA 57 -2.65 -115.25 9.31
CA ARG AA 57 -4.08 -115.22 8.99
C ARG AA 57 -4.52 -116.56 8.38
N VAL AA 58 -3.83 -116.99 7.34
CA VAL AA 58 -4.11 -118.28 6.74
C VAL AA 58 -3.72 -119.42 7.68
N ALA AA 59 -2.65 -119.22 8.46
CA ALA AA 59 -2.25 -120.23 9.43
C ALA AA 59 -3.33 -120.46 10.47
N ARG AA 60 -3.91 -119.36 10.99
CA ARG AA 60 -5.00 -119.50 11.95
C ARG AA 60 -6.25 -120.06 11.28
N PHE AA 61 -6.51 -119.66 10.04
CA PHE AA 61 -7.61 -120.24 9.26
C PHE AA 61 -7.51 -121.76 9.23
N GLU AA 62 -6.33 -122.26 8.85
CA GLU AA 62 -6.11 -123.70 8.73
C GLU AA 62 -6.07 -124.39 10.09
N ARG AA 63 -5.62 -123.70 11.13
CA ARG AA 63 -5.59 -124.32 12.46
C ARG AA 63 -7.00 -124.47 13.03
N ARG AA 64 -7.87 -123.50 12.80
CA ARG AA 64 -9.21 -123.54 13.38
C ARG AA 64 -10.27 -124.09 12.44
N TYR AA 65 -9.90 -124.44 11.20
CA TYR AA 65 -10.89 -125.04 10.31
C TYR AA 65 -10.41 -126.34 9.69
N GLY AA 66 -9.10 -126.47 9.49
CA GLY AA 66 -8.56 -127.66 8.85
C GLY AA 66 -7.45 -128.33 9.65
N GLY DA 2 -5.28 -16.31 -18.36
CA GLY DA 2 -5.74 -14.97 -18.72
C GLY DA 2 -4.94 -14.37 -19.85
N LYS DA 3 -5.57 -13.46 -20.59
CA LYS DA 3 -4.90 -12.84 -21.74
C LYS DA 3 -3.70 -12.02 -21.31
N THR DA 4 -3.83 -11.26 -20.22
CA THR DA 4 -2.77 -10.35 -19.80
C THR DA 4 -1.51 -11.11 -19.41
N GLY DA 5 -1.65 -12.12 -18.55
CA GLY DA 5 -0.51 -12.90 -18.12
C GLY DA 5 0.13 -13.68 -19.25
N ARG DA 6 -0.70 -14.23 -20.15
CA ARG DA 6 -0.16 -14.99 -21.27
C ARG DA 6 0.60 -14.08 -22.23
N LYS DA 7 0.12 -12.85 -22.44
CA LYS DA 7 0.87 -11.91 -23.27
C LYS DA 7 2.16 -11.47 -22.58
N ARG DA 8 2.13 -11.31 -21.26
CA ARG DA 8 3.35 -10.99 -20.51
C ARG DA 8 4.39 -12.08 -20.66
N ARG DA 9 3.96 -13.35 -20.56
CA ARG DA 9 4.88 -14.46 -20.73
C ARG DA 9 5.27 -14.69 -22.17
N ALA DA 10 4.47 -14.22 -23.12
CA ALA DA 10 4.79 -14.33 -24.54
C ALA DA 10 5.76 -13.26 -25.02
N ARG DA 11 5.80 -12.11 -24.34
CA ARG DA 11 6.72 -11.05 -24.74
C ARG DA 11 8.18 -11.47 -24.68
N ARG DA 12 8.50 -12.51 -23.90
CA ARG DA 12 9.89 -12.93 -23.78
C ARG DA 12 10.41 -13.59 -25.05
N LYS DA 13 9.54 -13.95 -25.98
CA LYS DA 13 9.95 -14.62 -27.21
C LYS DA 13 10.33 -13.64 -28.32
N LYS DA 14 10.35 -12.33 -28.02
CA LYS DA 14 10.76 -11.34 -29.00
C LYS DA 14 12.26 -11.46 -29.28
N GLY DA 15 12.68 -10.83 -30.38
CA GLY DA 15 14.05 -11.01 -30.83
C GLY DA 15 15.10 -10.44 -29.89
N ALA DA 16 14.86 -9.22 -29.40
CA ALA DA 16 15.87 -8.52 -28.60
C ALA DA 16 15.91 -8.98 -27.15
N ASN DA 17 14.87 -9.66 -26.67
CA ASN DA 17 14.94 -10.39 -25.41
C ASN DA 17 15.31 -11.82 -25.73
N HIS DA 18 16.50 -12.24 -25.32
CA HIS DA 18 17.04 -13.52 -25.74
C HIS DA 18 16.43 -14.65 -24.93
N GLY DA 19 15.11 -14.80 -25.07
CA GLY DA 19 14.35 -15.82 -24.40
C GLY DA 19 13.94 -15.50 -22.98
N LYS DA 20 14.28 -14.32 -22.47
CA LYS DA 20 14.03 -13.98 -21.08
C LYS DA 20 13.46 -12.57 -20.99
N ARG DA 21 12.73 -12.33 -19.91
CA ARG DA 21 12.19 -11.01 -19.63
C ARG DA 21 11.92 -10.92 -18.13
N PRO DA 22 11.91 -9.72 -17.56
CA PRO DA 22 11.55 -9.61 -16.13
C PRO DA 22 10.14 -10.12 -15.88
N ASN DA 23 9.98 -10.78 -14.73
CA ASN DA 23 8.69 -11.35 -14.32
C ASN DA 23 8.18 -12.36 -15.35
N ALA DA 24 9.11 -13.12 -15.91
CA ALA DA 24 8.82 -14.18 -16.89
C ALA DA 24 8.22 -13.63 -18.18
N MET EA 1 -26.48 -32.32 -39.33
CA MET EA 1 -25.02 -32.31 -39.38
C MET EA 1 -24.42 -32.26 -37.97
N LYS EA 2 -23.36 -33.06 -37.77
CA LYS EA 2 -22.65 -33.13 -36.51
C LYS EA 2 -21.36 -32.31 -36.63
N VAL EA 3 -21.26 -31.25 -35.84
CA VAL EA 3 -20.12 -30.34 -35.90
C VAL EA 3 -19.21 -30.68 -34.73
N GLN EA 4 -18.10 -31.34 -35.01
CA GLN EA 4 -17.16 -31.76 -33.98
C GLN EA 4 -15.74 -31.50 -34.43
N PRO EA 5 -14.81 -31.35 -33.48
CA PRO EA 5 -13.39 -31.33 -33.86
C PRO EA 5 -12.89 -32.63 -34.44
N SER EA 6 -13.56 -33.74 -34.16
CA SER EA 6 -13.12 -35.06 -34.60
C SER EA 6 -14.21 -35.67 -35.48
N VAL EA 7 -14.04 -35.55 -36.80
CA VAL EA 7 -14.94 -36.16 -37.76
C VAL EA 7 -14.23 -37.33 -38.42
N LYS EA 8 -14.91 -38.46 -38.49
CA LYS EA 8 -14.37 -39.67 -39.09
C LYS EA 8 -15.42 -40.28 -40.01
N LYS EA 9 -15.05 -41.37 -40.65
CA LYS EA 9 -15.99 -42.12 -41.47
C LYS EA 9 -16.72 -43.14 -40.60
N ILE EA 10 -18.05 -43.09 -40.63
CA ILE EA 10 -18.89 -44.04 -39.91
C ILE EA 10 -19.36 -45.15 -40.83
N CYS EA 11 -19.98 -44.79 -41.95
CA CYS EA 11 -20.32 -45.73 -42.99
C CYS EA 11 -19.05 -46.19 -43.72
N ASP EA 12 -19.19 -47.26 -44.50
CA ASP EA 12 -18.21 -47.54 -45.53
C ASP EA 12 -18.40 -46.67 -46.76
N LYS EA 13 -19.56 -46.02 -46.87
CA LYS EA 13 -19.84 -45.06 -47.93
C LYS EA 13 -19.52 -43.63 -47.52
N CYS EA 14 -19.07 -43.41 -46.28
CA CYS EA 14 -18.62 -42.09 -45.88
C CYS EA 14 -17.40 -41.71 -46.71
N LYS EA 15 -17.30 -40.44 -47.07
CA LYS EA 15 -16.13 -39.94 -47.78
C LYS EA 15 -15.71 -38.63 -47.17
N VAL EA 16 -14.44 -38.51 -46.83
CA VAL EA 16 -13.90 -37.34 -46.14
C VAL EA 16 -13.34 -36.38 -47.20
N ILE EA 17 -13.91 -35.18 -47.26
CA ILE EA 17 -13.48 -34.16 -48.21
C ILE EA 17 -13.01 -32.94 -47.44
N ARG EA 18 -12.28 -32.08 -48.12
CA ARG EA 18 -11.97 -30.74 -47.64
C ARG EA 18 -12.64 -29.73 -48.55
N ARG EA 19 -13.52 -28.92 -47.98
CA ARG EA 19 -14.36 -28.01 -48.74
C ARG EA 19 -14.32 -26.64 -48.08
N HIS EA 20 -13.91 -25.63 -48.84
CA HIS EA 20 -13.85 -24.25 -48.37
C HIS EA 20 -13.07 -24.12 -47.07
N GLY EA 21 -12.04 -24.96 -46.90
CA GLY EA 21 -11.19 -24.89 -45.73
C GLY EA 21 -11.69 -25.66 -44.53
N ARG EA 22 -12.66 -26.56 -44.70
CA ARG EA 22 -13.17 -27.37 -43.60
C ARG EA 22 -13.15 -28.84 -43.97
N VAL EA 23 -12.75 -29.68 -43.03
CA VAL EA 23 -12.81 -31.13 -43.22
C VAL EA 23 -14.22 -31.59 -42.91
N MET EA 24 -14.87 -32.21 -43.89
CA MET EA 24 -16.23 -32.70 -43.74
C MET EA 24 -16.29 -34.16 -44.16
N VAL EA 25 -17.35 -34.85 -43.74
CA VAL EA 25 -17.65 -36.20 -44.16
C VAL EA 25 -19.02 -36.19 -44.83
N ILE EA 26 -19.08 -36.71 -46.05
CA ILE EA 26 -20.34 -36.82 -46.78
C ILE EA 26 -20.62 -38.29 -47.00
N CYS EA 27 -21.77 -38.75 -46.51
CA CYS EA 27 -22.32 -40.07 -46.78
C CYS EA 27 -23.67 -39.90 -47.45
N ASP EA 28 -24.14 -40.98 -48.08
CA ASP EA 28 -25.52 -40.99 -48.54
C ASP EA 28 -26.49 -41.09 -47.37
N ASN EA 29 -26.05 -41.63 -46.25
CA ASN EA 29 -26.84 -41.59 -45.02
C ASN EA 29 -26.73 -40.21 -44.40
N PRO EA 30 -27.83 -39.46 -44.27
CA PRO EA 30 -27.73 -38.10 -43.72
C PRO EA 30 -27.26 -38.06 -42.28
N ARG EA 31 -27.34 -39.17 -41.55
CA ARG EA 31 -26.84 -39.21 -40.17
C ARG EA 31 -25.34 -38.98 -40.11
N HIS EA 32 -24.60 -39.53 -41.08
CA HIS EA 32 -23.15 -39.50 -41.06
C HIS EA 32 -22.57 -38.19 -41.58
N LYS EA 33 -23.39 -37.19 -41.85
CA LYS EA 33 -22.87 -35.89 -42.29
C LYS EA 33 -22.15 -35.22 -41.13
N GLN EA 34 -20.88 -34.92 -41.32
CA GLN EA 34 -20.06 -34.31 -40.27
C GLN EA 34 -19.34 -33.08 -40.80
N ARG EA 35 -19.03 -32.18 -39.87
CA ARG EA 35 -18.30 -30.95 -40.14
C ARG EA 35 -17.29 -30.74 -39.02
N GLN EA 36 -16.15 -30.15 -39.35
CA GLN EA 36 -15.14 -29.83 -38.36
C GLN EA 36 -15.28 -28.37 -37.93
N GLY EA 37 -15.68 -28.16 -36.68
CA GLY EA 37 -15.85 -26.83 -36.14
C GLY EA 37 -16.00 -26.85 -34.63
#